data_7DMD
#
_entry.id   7DMD
#
_entity_poly.entity_id   1
_entity_poly.type   'polypeptide(L)'
_entity_poly.pdbx_seq_one_letter_code
;TERDASNWSTDKLKTLFLAVQVQNEEGKCEVTEVSKLDGEASINNRKGKLIFFYEWSVKLNWTGTSKSGVQYKGHVEIPN
LSDENSVDEVEISVSLAKDEPDTNLVALMKEEGVKLLREAMGIYISTLKTEFTQG
;
_entity_poly.pdbx_strand_id   A
#
# COMPACT_ATOMS: atom_id res chain seq x y z
N THR A 1 7.97 -23.45 10.71
CA THR A 1 7.20 -22.22 10.83
C THR A 1 8.12 -21.03 11.09
N GLU A 2 8.38 -20.25 10.05
CA GLU A 2 9.25 -19.08 10.18
C GLU A 2 8.42 -17.80 10.20
N ARG A 3 8.86 -16.83 10.99
CA ARG A 3 8.14 -15.56 11.09
C ARG A 3 8.64 -14.56 10.06
N ASP A 4 7.75 -13.67 9.64
CA ASP A 4 8.12 -12.65 8.66
C ASP A 4 8.44 -11.36 9.40
N ALA A 5 9.41 -10.61 8.90
CA ALA A 5 9.76 -9.35 9.55
C ALA A 5 8.64 -8.34 9.37
N SER A 6 7.66 -8.40 10.26
CA SER A 6 6.51 -7.50 10.20
C SER A 6 6.91 -6.06 10.50
N ASN A 7 7.75 -5.87 11.51
CA ASN A 7 8.18 -4.53 11.89
C ASN A 7 8.84 -3.81 10.72
N TRP A 8 9.55 -4.58 9.91
CA TRP A 8 10.24 -4.01 8.75
C TRP A 8 9.23 -3.44 7.77
N SER A 9 8.10 -4.12 7.64
CA SER A 9 7.07 -3.71 6.70
C SER A 9 6.36 -2.42 7.14
N THR A 10 5.66 -2.47 8.27
CA THR A 10 4.96 -1.29 8.73
C THR A 10 5.83 -0.06 8.55
N ASP A 11 7.03 -0.14 9.06
CA ASP A 11 7.97 0.97 8.95
C ASP A 11 8.08 1.50 7.53
N LYS A 12 8.19 0.59 6.56
CA LYS A 12 8.30 0.99 5.17
C LYS A 12 6.94 1.25 4.55
N LEU A 13 6.05 0.26 4.59
CA LEU A 13 4.72 0.43 4.01
C LEU A 13 4.04 1.68 4.56
N LYS A 14 4.15 1.90 5.88
CA LYS A 14 3.53 3.08 6.48
C LYS A 14 4.15 4.35 5.90
N THR A 15 5.48 4.41 5.89
CA THR A 15 6.21 5.55 5.36
C THR A 15 5.95 5.69 3.87
N LEU A 16 6.11 4.60 3.16
CA LEU A 16 5.89 4.59 1.73
C LEU A 16 4.47 5.05 1.47
N PHE A 17 3.59 4.73 2.41
CA PHE A 17 2.20 5.14 2.29
C PHE A 17 2.11 6.64 2.58
N LEU A 18 2.96 7.12 3.51
CA LEU A 18 3.01 8.55 3.80
C LEU A 18 3.90 9.20 2.77
N ALA A 19 4.27 8.41 1.76
CA ALA A 19 5.13 8.89 0.71
C ALA A 19 4.34 9.05 -0.58
N VAL A 20 3.02 8.86 -0.50
CA VAL A 20 2.21 9.01 -1.69
C VAL A 20 2.50 10.37 -2.28
N GLN A 21 2.99 10.37 -3.51
CA GLN A 21 3.37 11.61 -4.18
C GLN A 21 2.25 12.24 -4.99
N VAL A 22 2.41 13.54 -5.18
CA VAL A 22 1.48 14.36 -5.94
C VAL A 22 2.11 14.75 -7.28
N GLN A 23 1.24 14.98 -8.26
CA GLN A 23 1.67 15.38 -9.58
C GLN A 23 1.10 16.75 -9.91
N ASN A 24 0.30 16.81 -10.97
CA ASN A 24 -0.32 18.07 -11.36
C ASN A 24 -1.59 18.29 -10.56
N GLU A 25 -1.91 19.55 -10.28
CA GLU A 25 -3.11 19.85 -9.51
C GLU A 25 -4.31 19.17 -10.16
N GLU A 26 -4.15 18.82 -11.43
CA GLU A 26 -5.20 18.16 -12.19
C GLU A 26 -5.32 16.70 -11.77
N GLY A 27 -4.20 16.11 -11.41
CA GLY A 27 -4.15 14.72 -10.97
C GLY A 27 -3.10 14.54 -9.90
N LYS A 28 -3.24 15.26 -8.80
CA LYS A 28 -2.28 15.19 -7.71
C LYS A 28 -2.75 14.27 -6.59
N CYS A 29 -1.86 14.03 -5.63
CA CYS A 29 -2.20 13.17 -4.50
C CYS A 29 -1.31 13.48 -3.30
N GLU A 30 -1.87 13.41 -2.11
CA GLU A 30 -1.09 13.68 -0.90
C GLU A 30 -1.60 12.84 0.27
N VAL A 31 -0.71 12.17 0.96
CA VAL A 31 -1.11 11.35 2.10
C VAL A 31 -1.46 12.23 3.29
N THR A 32 -2.35 11.73 4.16
CA THR A 32 -2.75 12.50 5.34
C THR A 32 -2.47 11.72 6.62
N GLU A 33 -2.45 10.39 6.52
CA GLU A 33 -2.21 9.53 7.69
C GLU A 33 -2.32 8.06 7.31
N VAL A 34 -1.46 7.24 7.90
CA VAL A 34 -1.47 5.81 7.62
C VAL A 34 -1.51 5.02 8.92
N SER A 35 -2.35 4.00 8.99
CA SER A 35 -2.43 3.20 10.20
C SER A 35 -1.24 2.25 10.25
N LYS A 36 -1.32 1.17 9.44
CA LYS A 36 -0.28 0.13 9.32
C LYS A 36 -0.96 -1.24 9.24
N LEU A 37 -0.32 -2.19 8.59
CA LEU A 37 -0.87 -3.54 8.46
C LEU A 37 -0.99 -4.20 9.82
N ASP A 38 -2.21 -4.23 10.35
CA ASP A 38 -2.47 -4.82 11.65
C ASP A 38 -2.95 -6.24 11.51
N GLY A 39 -2.15 -7.19 11.96
CA GLY A 39 -2.52 -8.58 11.88
C GLY A 39 -1.29 -9.46 12.06
N GLU A 40 -1.30 -10.64 11.47
CA GLU A 40 -0.16 -11.54 11.60
C GLU A 40 0.40 -11.93 10.24
N ALA A 41 1.65 -11.56 10.00
CA ALA A 41 2.31 -11.89 8.75
C ALA A 41 3.25 -13.07 9.01
N SER A 42 3.43 -13.95 8.04
CA SER A 42 4.32 -15.08 8.28
C SER A 42 4.90 -15.66 6.99
N ILE A 43 6.16 -16.06 7.05
CA ILE A 43 6.82 -16.65 5.91
C ILE A 43 7.22 -18.09 6.20
N ASN A 44 7.19 -18.93 5.19
CA ASN A 44 7.59 -20.32 5.38
C ASN A 44 9.10 -20.41 5.31
N ASN A 45 9.62 -21.54 5.80
CA ASN A 45 11.07 -21.78 5.88
C ASN A 45 11.82 -20.98 4.85
N ARG A 46 13.02 -20.60 5.23
CA ARG A 46 13.86 -19.79 4.39
C ARG A 46 15.03 -20.58 3.87
N LYS A 47 15.89 -19.89 3.16
CA LYS A 47 17.05 -20.49 2.57
C LYS A 47 16.63 -21.33 1.36
N GLY A 48 15.73 -20.76 0.57
CA GLY A 48 15.22 -21.41 -0.64
C GLY A 48 13.81 -21.96 -0.49
N LYS A 49 13.28 -22.00 0.72
CA LYS A 49 11.92 -22.45 0.92
C LYS A 49 11.10 -21.26 1.39
N LEU A 50 11.70 -20.08 1.24
CA LEU A 50 11.07 -18.84 1.69
C LEU A 50 9.90 -18.44 0.82
N ILE A 51 8.74 -18.36 1.44
CA ILE A 51 7.53 -17.92 0.74
C ILE A 51 6.80 -16.91 1.60
N PHE A 52 6.06 -15.99 0.96
CA PHE A 52 5.40 -14.93 1.70
C PHE A 52 3.89 -15.00 1.76
N PHE A 53 3.35 -15.59 2.82
CA PHE A 53 1.91 -15.60 3.01
C PHE A 53 1.59 -14.82 4.28
N TYR A 54 0.96 -13.66 4.14
CA TYR A 54 0.62 -12.86 5.31
C TYR A 54 -0.89 -12.76 5.47
N GLU A 55 -1.33 -12.43 6.68
CA GLU A 55 -2.76 -12.28 6.94
C GLU A 55 -3.01 -11.06 7.81
N TRP A 56 -3.03 -9.88 7.20
CA TRP A 56 -3.25 -8.65 7.95
C TRP A 56 -3.95 -7.60 7.09
N SER A 57 -4.55 -6.62 7.76
CA SER A 57 -5.23 -5.54 7.07
C SER A 57 -4.58 -4.21 7.39
N VAL A 58 -4.56 -3.31 6.43
CA VAL A 58 -3.97 -1.98 6.65
C VAL A 58 -4.99 -0.89 6.36
N LYS A 59 -4.94 0.17 7.15
CA LYS A 59 -5.90 1.26 6.98
C LYS A 59 -5.18 2.60 6.87
N LEU A 60 -5.41 3.31 5.77
CA LEU A 60 -4.79 4.61 5.57
C LEU A 60 -5.75 5.58 4.89
N ASN A 61 -5.31 6.82 4.71
CA ASN A 61 -6.13 7.83 4.06
C ASN A 61 -5.27 8.77 3.23
N TRP A 62 -5.87 9.41 2.24
CA TRP A 62 -5.10 10.34 1.40
C TRP A 62 -5.89 11.58 1.05
N THR A 63 -5.24 12.52 0.37
CA THR A 63 -5.87 13.77 -0.05
C THR A 63 -5.40 14.14 -1.44
N GLY A 64 -6.33 14.54 -2.30
CA GLY A 64 -5.95 14.93 -3.65
C GLY A 64 -6.74 16.11 -4.14
N THR A 65 -6.07 16.98 -4.88
CA THR A 65 -6.72 18.18 -5.44
C THR A 65 -6.99 17.97 -6.92
N SER A 66 -8.09 18.55 -7.39
CA SER A 66 -8.47 18.42 -8.78
C SER A 66 -8.40 19.77 -9.48
N LYS A 67 -8.15 19.74 -10.78
CA LYS A 67 -8.08 20.97 -11.56
C LYS A 67 -9.36 21.77 -11.34
N SER A 68 -10.43 21.08 -10.96
CA SER A 68 -11.70 21.75 -10.71
C SER A 68 -11.55 22.75 -9.57
N GLY A 69 -10.57 22.50 -8.70
CA GLY A 69 -10.31 23.38 -7.57
C GLY A 69 -10.85 22.79 -6.28
N VAL A 70 -10.94 21.46 -6.22
CA VAL A 70 -11.46 20.81 -5.03
C VAL A 70 -10.49 19.81 -4.44
N GLN A 71 -10.46 19.75 -3.11
CA GLN A 71 -9.62 18.80 -2.40
C GLN A 71 -10.51 17.67 -1.91
N TYR A 72 -10.02 16.46 -1.96
CA TYR A 72 -10.82 15.33 -1.52
C TYR A 72 -9.97 14.32 -0.80
N LYS A 73 -10.51 13.81 0.28
CA LYS A 73 -9.80 12.83 1.07
C LYS A 73 -10.56 11.52 1.05
N GLY A 74 -9.97 10.53 0.39
CA GLY A 74 -10.59 9.24 0.26
C GLY A 74 -10.04 8.22 1.24
N HIS A 75 -10.51 6.99 1.07
CA HIS A 75 -10.12 5.89 1.93
C HIS A 75 -9.38 4.81 1.14
N VAL A 76 -8.45 4.15 1.83
CA VAL A 76 -7.67 3.08 1.22
C VAL A 76 -7.46 2.00 2.27
N GLU A 77 -8.10 0.86 2.10
CA GLU A 77 -7.97 -0.21 3.07
C GLU A 77 -7.98 -1.59 2.41
N ILE A 78 -6.93 -2.36 2.67
CA ILE A 78 -6.84 -3.71 2.11
C ILE A 78 -6.95 -4.71 3.27
N PRO A 79 -8.01 -5.49 3.32
CA PRO A 79 -8.20 -6.44 4.46
C PRO A 79 -7.04 -7.43 4.63
N ASN A 80 -7.38 -8.60 5.17
CA ASN A 80 -6.40 -9.65 5.45
C ASN A 80 -5.82 -10.26 4.18
N LEU A 81 -5.64 -9.46 3.14
CA LEU A 81 -5.08 -9.98 1.90
C LEU A 81 -3.59 -10.27 2.07
N SER A 82 -3.17 -11.46 1.63
CA SER A 82 -1.77 -11.84 1.73
C SER A 82 -0.99 -11.32 0.53
N ASP A 83 0.25 -10.88 0.78
CA ASP A 83 1.07 -10.36 -0.30
C ASP A 83 1.66 -11.51 -1.11
N GLU A 84 1.12 -12.70 -0.90
CA GLU A 84 1.59 -13.88 -1.63
C GLU A 84 1.39 -13.60 -3.11
N ASN A 85 0.73 -12.49 -3.36
CA ASN A 85 0.45 -12.05 -4.72
C ASN A 85 0.77 -10.57 -4.86
N SER A 86 0.66 -10.04 -6.06
CA SER A 86 0.96 -8.63 -6.28
C SER A 86 0.08 -7.75 -5.38
N VAL A 87 0.72 -6.89 -4.60
CA VAL A 87 -0.01 -5.99 -3.72
C VAL A 87 -0.96 -5.11 -4.51
N ASP A 88 -0.50 -4.67 -5.66
CA ASP A 88 -1.30 -3.80 -6.52
C ASP A 88 -2.52 -4.52 -7.07
N GLU A 89 -2.35 -5.79 -7.44
CA GLU A 89 -3.48 -6.55 -7.98
C GLU A 89 -4.34 -7.04 -6.84
N VAL A 90 -3.93 -6.69 -5.63
CA VAL A 90 -4.65 -7.09 -4.43
C VAL A 90 -5.96 -6.34 -4.29
N GLU A 91 -6.77 -6.73 -3.31
CA GLU A 91 -8.06 -6.10 -3.08
C GLU A 91 -7.91 -4.93 -2.13
N ILE A 92 -8.06 -3.74 -2.69
CA ILE A 92 -7.94 -2.52 -1.92
C ILE A 92 -9.27 -1.78 -1.87
N SER A 93 -9.57 -1.17 -0.73
CA SER A 93 -10.82 -0.43 -0.60
C SER A 93 -10.58 1.04 -0.89
N VAL A 94 -10.73 1.41 -2.15
CA VAL A 94 -10.52 2.79 -2.57
C VAL A 94 -11.81 3.58 -2.56
N SER A 95 -11.74 4.79 -2.00
CA SER A 95 -12.91 5.68 -1.95
C SER A 95 -12.46 7.11 -2.11
N LEU A 96 -12.15 7.51 -3.32
CA LEU A 96 -11.71 8.87 -3.57
C LEU A 96 -12.33 9.44 -4.84
N ALA A 97 -12.81 10.67 -4.73
CA ALA A 97 -13.42 11.39 -5.84
C ALA A 97 -14.89 11.03 -6.03
N LYS A 98 -15.29 9.89 -5.51
CA LYS A 98 -16.68 9.47 -5.64
C LYS A 98 -17.59 10.54 -5.07
N ASP A 99 -17.08 11.26 -4.08
CA ASP A 99 -17.85 12.32 -3.44
C ASP A 99 -17.50 13.69 -4.01
N GLU A 100 -16.39 13.77 -4.76
CA GLU A 100 -15.97 15.05 -5.32
C GLU A 100 -15.85 14.99 -6.86
N PRO A 101 -15.63 16.12 -7.52
CA PRO A 101 -15.51 16.19 -9.01
C PRO A 101 -14.13 15.83 -9.56
N ASP A 102 -13.45 14.86 -8.97
CA ASP A 102 -12.13 14.47 -9.47
C ASP A 102 -12.22 13.30 -10.43
N THR A 103 -13.12 12.36 -10.13
CA THR A 103 -13.35 11.17 -10.94
C THR A 103 -12.14 10.75 -11.79
N ASN A 104 -11.80 11.55 -12.78
CA ASN A 104 -10.65 11.22 -13.64
C ASN A 104 -9.40 10.99 -12.80
N LEU A 105 -9.26 11.79 -11.74
CA LEU A 105 -8.10 11.68 -10.87
C LEU A 105 -8.04 10.32 -10.17
N VAL A 106 -9.15 9.90 -9.57
CA VAL A 106 -9.17 8.61 -8.87
C VAL A 106 -8.66 7.50 -9.78
N ALA A 107 -8.91 7.65 -11.07
CA ALA A 107 -8.45 6.66 -12.02
C ALA A 107 -6.93 6.66 -12.02
N LEU A 108 -6.34 7.82 -12.22
CA LEU A 108 -4.90 7.92 -12.21
C LEU A 108 -4.36 7.31 -10.92
N MET A 109 -5.01 7.66 -9.81
CA MET A 109 -4.62 7.12 -8.52
C MET A 109 -4.67 5.60 -8.59
N LYS A 110 -5.44 5.09 -9.54
CA LYS A 110 -5.56 3.65 -9.72
C LYS A 110 -4.31 3.09 -10.37
N GLU A 111 -3.61 3.95 -11.10
CA GLU A 111 -2.40 3.53 -11.76
C GLU A 111 -1.18 4.12 -11.06
N GLU A 112 -1.42 5.06 -10.15
CA GLU A 112 -0.36 5.72 -9.40
C GLU A 112 -0.43 5.38 -7.91
N GLY A 113 -1.63 5.55 -7.33
CA GLY A 113 -1.83 5.30 -5.91
C GLY A 113 -1.73 3.82 -5.59
N VAL A 114 -2.75 3.06 -5.94
CA VAL A 114 -2.71 1.64 -5.69
C VAL A 114 -1.41 1.11 -6.28
N LYS A 115 -0.90 1.80 -7.30
CA LYS A 115 0.35 1.41 -7.90
C LYS A 115 1.47 1.63 -6.89
N LEU A 116 1.46 2.77 -6.26
CA LEU A 116 2.48 3.07 -5.28
C LEU A 116 2.56 1.92 -4.29
N LEU A 117 1.42 1.36 -3.98
CA LEU A 117 1.35 0.23 -3.09
C LEU A 117 2.12 -0.91 -3.73
N ARG A 118 2.16 -0.90 -5.06
CA ARG A 118 2.91 -1.92 -5.78
C ARG A 118 4.32 -1.87 -5.24
N GLU A 119 4.76 -0.64 -4.97
CA GLU A 119 6.08 -0.43 -4.41
C GLU A 119 6.15 -1.08 -3.04
N ALA A 120 5.03 -1.06 -2.31
CA ALA A 120 5.02 -1.69 -0.99
C ALA A 120 5.45 -3.14 -1.12
N MET A 121 5.04 -3.78 -2.20
CA MET A 121 5.45 -5.15 -2.44
C MET A 121 6.96 -5.18 -2.64
N GLY A 122 7.48 -4.10 -3.22
CA GLY A 122 8.90 -3.99 -3.49
C GLY A 122 9.74 -4.21 -2.24
N ILE A 123 9.35 -3.57 -1.14
CA ILE A 123 10.10 -3.70 0.11
C ILE A 123 9.68 -4.93 0.90
N TYR A 124 8.38 -5.14 1.00
CA TYR A 124 7.86 -6.28 1.73
C TYR A 124 8.54 -7.56 1.27
N ILE A 125 8.53 -7.76 -0.04
CA ILE A 125 9.14 -8.95 -0.63
C ILE A 125 10.66 -8.90 -0.55
N SER A 126 11.23 -7.78 -0.95
CA SER A 126 12.68 -7.65 -0.96
C SER A 126 13.29 -7.48 0.42
N THR A 127 12.87 -6.46 1.16
CA THR A 127 13.45 -6.20 2.47
C THR A 127 13.26 -7.36 3.44
N LEU A 128 12.06 -7.91 3.48
CA LEU A 128 11.77 -8.98 4.41
C LEU A 128 12.46 -10.27 4.04
N LYS A 129 12.14 -10.81 2.86
CA LYS A 129 12.72 -12.09 2.45
C LYS A 129 14.24 -12.01 2.26
N THR A 130 14.73 -10.97 1.60
CA THR A 130 16.17 -10.87 1.41
C THR A 130 16.86 -10.89 2.76
N GLU A 131 16.22 -10.29 3.76
CA GLU A 131 16.78 -10.24 5.10
C GLU A 131 16.58 -11.57 5.84
N PHE A 132 15.34 -12.06 5.87
CA PHE A 132 15.07 -13.33 6.58
C PHE A 132 15.97 -14.45 6.06
N THR A 133 15.88 -14.79 4.77
CA THR A 133 16.73 -15.83 4.21
C THR A 133 18.15 -15.29 4.08
N GLN A 134 18.28 -13.98 4.30
CA GLN A 134 19.58 -13.33 4.21
C GLN A 134 20.16 -13.54 2.82
N GLY A 135 19.29 -13.54 1.81
CA GLY A 135 19.72 -13.73 0.43
C GLY A 135 19.89 -15.21 0.11
N THR A 1 6.75 -23.06 8.40
CA THR A 1 6.07 -21.92 8.98
C THR A 1 7.07 -21.02 9.73
N GLU A 2 7.60 -20.03 9.02
CA GLU A 2 8.55 -19.11 9.62
C GLU A 2 7.94 -17.72 9.79
N ARG A 3 8.44 -16.97 10.77
CA ARG A 3 7.94 -15.63 11.02
C ARG A 3 8.45 -14.64 9.99
N ASP A 4 7.57 -13.73 9.58
CA ASP A 4 7.95 -12.72 8.61
C ASP A 4 8.15 -11.40 9.34
N ALA A 5 9.11 -10.60 8.87
CA ALA A 5 9.39 -9.32 9.51
C ALA A 5 8.33 -8.29 9.14
N SER A 6 7.24 -8.25 9.92
CA SER A 6 6.16 -7.31 9.66
C SER A 6 6.57 -5.90 10.10
N ASN A 7 7.36 -5.81 11.17
CA ASN A 7 7.81 -4.52 11.65
C ASN A 7 8.55 -3.77 10.56
N TRP A 8 9.23 -4.52 9.72
CA TRP A 8 9.99 -3.94 8.61
C TRP A 8 9.01 -3.28 7.64
N SER A 9 7.87 -3.93 7.46
CA SER A 9 6.87 -3.44 6.52
C SER A 9 6.22 -2.13 6.96
N THR A 10 5.55 -2.13 8.11
CA THR A 10 4.89 -0.90 8.56
C THR A 10 5.87 0.27 8.49
N ASP A 11 7.05 0.06 8.99
CA ASP A 11 8.08 1.10 8.99
C ASP A 11 8.23 1.71 7.60
N LYS A 12 8.31 0.88 6.57
CA LYS A 12 8.43 1.38 5.22
C LYS A 12 7.05 1.71 4.67
N LEU A 13 6.16 0.72 4.66
CA LEU A 13 4.80 0.93 4.17
C LEU A 13 4.27 2.25 4.68
N LYS A 14 4.29 2.43 6.00
CA LYS A 14 3.79 3.66 6.59
C LYS A 14 4.49 4.87 6.01
N THR A 15 5.82 4.81 5.96
CA THR A 15 6.61 5.91 5.41
C THR A 15 6.34 6.05 3.93
N LEU A 16 6.49 4.95 3.22
CA LEU A 16 6.26 4.92 1.78
C LEU A 16 4.89 5.49 1.49
N PHE A 17 3.95 5.22 2.38
CA PHE A 17 2.61 5.76 2.20
C PHE A 17 2.65 7.24 2.49
N LEU A 18 3.41 7.61 3.52
CA LEU A 18 3.57 9.03 3.86
C LEU A 18 4.46 9.67 2.83
N ALA A 19 4.93 8.85 1.90
CA ALA A 19 5.79 9.31 0.82
C ALA A 19 5.01 9.37 -0.48
N VAL A 20 3.70 9.13 -0.39
CA VAL A 20 2.87 9.16 -1.58
C VAL A 20 3.11 10.46 -2.31
N GLN A 21 3.59 10.34 -3.54
CA GLN A 21 3.91 11.50 -4.35
C GLN A 21 2.75 11.95 -5.21
N VAL A 22 2.83 13.22 -5.58
CA VAL A 22 1.82 13.86 -6.40
C VAL A 22 2.36 14.20 -7.78
N GLN A 23 1.45 14.23 -8.74
CA GLN A 23 1.78 14.57 -10.12
C GLN A 23 1.09 15.88 -10.48
N ASN A 24 0.22 15.85 -11.47
CA ASN A 24 -0.51 17.04 -11.88
C ASN A 24 -1.81 17.15 -11.09
N GLU A 25 -2.29 18.39 -10.90
CA GLU A 25 -3.52 18.61 -10.15
C GLU A 25 -4.63 17.66 -10.60
N GLU A 26 -4.51 17.18 -11.83
CA GLU A 26 -5.49 16.27 -12.39
C GLU A 26 -5.30 14.86 -11.84
N GLY A 27 -4.04 14.48 -11.68
CA GLY A 27 -3.71 13.15 -11.18
C GLY A 27 -2.69 13.25 -10.06
N LYS A 28 -2.96 14.09 -9.07
CA LYS A 28 -2.04 14.27 -7.97
C LYS A 28 -2.42 13.44 -6.76
N CYS A 29 -1.47 13.29 -5.83
CA CYS A 29 -1.72 12.51 -4.63
C CYS A 29 -0.84 12.96 -3.48
N GLU A 30 -1.42 13.07 -2.29
CA GLU A 30 -0.66 13.46 -1.11
C GLU A 30 -1.20 12.73 0.11
N VAL A 31 -0.30 12.13 0.88
CA VAL A 31 -0.68 11.39 2.08
C VAL A 31 -1.21 12.31 3.17
N THR A 32 -2.09 11.79 4.01
CA THR A 32 -2.65 12.58 5.10
C THR A 32 -2.48 11.88 6.45
N GLU A 33 -2.02 10.62 6.42
CA GLU A 33 -1.82 9.84 7.66
C GLU A 33 -2.00 8.35 7.40
N VAL A 34 -1.13 7.54 8.00
CA VAL A 34 -1.18 6.11 7.83
C VAL A 34 -1.17 5.41 9.19
N SER A 35 -2.02 4.40 9.35
CA SER A 35 -2.06 3.68 10.59
C SER A 35 -0.88 2.73 10.67
N LYS A 36 -0.98 1.63 9.91
CA LYS A 36 0.07 0.61 9.85
C LYS A 36 -0.61 -0.71 9.52
N LEU A 37 0.07 -1.58 8.80
CA LEU A 37 -0.53 -2.86 8.45
C LEU A 37 -0.77 -3.66 9.71
N ASP A 38 -2.03 -3.78 10.08
CA ASP A 38 -2.40 -4.53 11.26
C ASP A 38 -2.79 -5.92 10.84
N GLY A 39 -1.93 -6.89 11.10
CA GLY A 39 -2.24 -8.23 10.69
C GLY A 39 -1.24 -9.28 11.16
N GLU A 40 -1.49 -10.52 10.75
CA GLU A 40 -0.62 -11.62 11.10
C GLU A 40 0.09 -12.13 9.87
N ALA A 41 1.32 -11.64 9.65
CA ALA A 41 2.09 -12.05 8.48
C ALA A 41 3.14 -13.06 8.87
N SER A 42 3.28 -14.09 8.05
CA SER A 42 4.27 -15.13 8.30
C SER A 42 4.78 -15.68 6.97
N ILE A 43 6.04 -16.06 6.95
CA ILE A 43 6.64 -16.59 5.75
C ILE A 43 7.05 -18.05 5.94
N ASN A 44 7.05 -18.80 4.84
CA ASN A 44 7.45 -20.20 4.89
C ASN A 44 8.96 -20.29 4.78
N ASN A 45 9.50 -21.46 5.11
CA ASN A 45 10.95 -21.71 5.13
C ASN A 45 11.69 -20.81 4.17
N ARG A 46 12.94 -20.57 4.51
CA ARG A 46 13.76 -19.68 3.74
C ARG A 46 14.93 -20.37 3.10
N LYS A 47 15.73 -19.55 2.45
CA LYS A 47 16.90 -20.01 1.74
C LYS A 47 16.49 -20.86 0.54
N GLY A 48 15.51 -20.37 -0.21
CA GLY A 48 15.02 -21.06 -1.40
C GLY A 48 13.64 -21.69 -1.20
N LYS A 49 12.99 -21.37 -0.09
CA LYS A 49 11.65 -21.86 0.18
C LYS A 49 10.86 -20.75 0.82
N LEU A 50 11.42 -19.54 0.69
CA LEU A 50 10.82 -18.34 1.29
C LEU A 50 9.62 -17.84 0.51
N ILE A 51 8.48 -17.81 1.19
CA ILE A 51 7.25 -17.30 0.57
C ILE A 51 6.50 -16.40 1.55
N PHE A 52 5.75 -15.44 1.04
CA PHE A 52 5.06 -14.49 1.90
C PHE A 52 3.54 -14.57 1.86
N PHE A 53 2.96 -15.22 2.86
CA PHE A 53 1.50 -15.27 2.96
C PHE A 53 1.08 -14.51 4.22
N TYR A 54 0.26 -13.48 4.04
CA TYR A 54 -0.20 -12.69 5.19
C TYR A 54 -1.72 -12.60 5.19
N GLU A 55 -2.33 -12.57 6.37
CA GLU A 55 -3.78 -12.52 6.44
C GLU A 55 -4.28 -11.51 7.48
N TRP A 56 -4.82 -10.39 6.97
CA TRP A 56 -5.40 -9.37 7.83
C TRP A 56 -5.70 -8.10 7.04
N SER A 57 -5.94 -7.00 7.76
CA SER A 57 -6.28 -5.73 7.09
C SER A 57 -5.36 -4.58 7.48
N VAL A 58 -5.14 -3.69 6.51
CA VAL A 58 -4.31 -2.50 6.73
C VAL A 58 -5.17 -1.26 6.52
N LYS A 59 -4.86 -0.18 7.23
CA LYS A 59 -5.67 1.02 7.10
C LYS A 59 -4.84 2.31 7.09
N LEU A 60 -5.05 3.13 6.07
CA LEU A 60 -4.35 4.41 5.96
C LEU A 60 -5.23 5.42 5.20
N ASN A 61 -4.82 6.69 5.23
CA ASN A 61 -5.59 7.75 4.57
C ASN A 61 -4.71 8.54 3.59
N TRP A 62 -5.34 9.09 2.55
CA TRP A 62 -4.59 9.86 1.55
C TRP A 62 -5.37 11.09 1.07
N THR A 63 -4.71 11.92 0.25
CA THR A 63 -5.32 13.15 -0.27
C THR A 63 -5.11 13.26 -1.78
N GLY A 64 -6.01 13.97 -2.44
CA GLY A 64 -5.90 14.17 -3.88
C GLY A 64 -6.62 15.44 -4.30
N THR A 65 -6.04 16.16 -5.25
CA THR A 65 -6.65 17.41 -5.73
C THR A 65 -7.07 17.28 -7.18
N SER A 66 -8.13 18.01 -7.53
CA SER A 66 -8.64 17.99 -8.90
C SER A 66 -8.52 19.36 -9.52
N LYS A 67 -8.30 19.41 -10.82
CA LYS A 67 -8.18 20.68 -11.51
C LYS A 67 -9.48 21.46 -11.32
N SER A 68 -10.52 20.74 -10.97
CA SER A 68 -11.80 21.37 -10.72
C SER A 68 -11.64 22.37 -9.60
N GLY A 69 -10.62 22.14 -8.78
CA GLY A 69 -10.33 23.02 -7.66
C GLY A 69 -10.77 22.40 -6.34
N VAL A 70 -10.76 21.06 -6.26
CA VAL A 70 -11.19 20.40 -5.04
C VAL A 70 -10.16 19.41 -4.51
N GLN A 71 -10.01 19.39 -3.18
CA GLN A 71 -9.12 18.46 -2.53
C GLN A 71 -10.00 17.45 -1.81
N TYR A 72 -9.59 16.20 -1.78
CA TYR A 72 -10.42 15.19 -1.16
C TYR A 72 -9.58 14.11 -0.50
N LYS A 73 -9.88 13.84 0.74
CA LYS A 73 -9.17 12.82 1.48
C LYS A 73 -10.01 11.56 1.52
N GLY A 74 -9.55 10.55 0.80
CA GLY A 74 -10.25 9.29 0.73
C GLY A 74 -9.71 8.28 1.72
N HIS A 75 -10.32 7.10 1.67
CA HIS A 75 -9.95 6.01 2.54
C HIS A 75 -9.44 4.83 1.72
N VAL A 76 -8.37 4.20 2.19
CA VAL A 76 -7.83 3.05 1.50
C VAL A 76 -7.57 1.93 2.51
N GLU A 77 -8.22 0.79 2.29
CA GLU A 77 -8.07 -0.34 3.18
C GLU A 77 -8.06 -1.65 2.40
N ILE A 78 -7.10 -2.52 2.68
CA ILE A 78 -7.03 -3.81 2.00
C ILE A 78 -7.30 -4.93 3.02
N PRO A 79 -8.42 -5.59 2.93
CA PRO A 79 -8.76 -6.65 3.91
C PRO A 79 -7.74 -7.80 3.96
N ASN A 80 -8.24 -9.00 4.25
CA ASN A 80 -7.41 -10.19 4.39
C ASN A 80 -6.69 -10.61 3.10
N LEU A 81 -6.30 -9.65 2.27
CA LEU A 81 -5.58 -9.98 1.05
C LEU A 81 -4.09 -10.16 1.38
N SER A 82 -3.53 -11.33 1.08
CA SER A 82 -2.13 -11.59 1.37
C SER A 82 -1.22 -10.89 0.36
N ASP A 83 -0.02 -10.55 0.81
CA ASP A 83 0.95 -9.89 -0.06
C ASP A 83 1.64 -10.93 -0.93
N GLU A 84 1.15 -12.17 -0.85
CA GLU A 84 1.70 -13.26 -1.63
C GLU A 84 1.57 -12.91 -3.09
N ASN A 85 0.87 -11.81 -3.32
CA ASN A 85 0.64 -11.30 -4.65
C ASN A 85 0.83 -9.79 -4.66
N SER A 86 0.86 -9.19 -5.84
CA SER A 86 1.03 -7.76 -5.94
C SER A 86 -0.02 -7.05 -5.11
N VAL A 87 0.41 -6.30 -4.12
CA VAL A 87 -0.51 -5.57 -3.26
C VAL A 87 -1.42 -4.68 -4.11
N ASP A 88 -0.86 -4.16 -5.19
CA ASP A 88 -1.61 -3.28 -6.09
C ASP A 88 -2.67 -4.05 -6.88
N GLU A 89 -2.31 -5.23 -7.37
CA GLU A 89 -3.27 -6.03 -8.13
C GLU A 89 -4.25 -6.68 -7.15
N VAL A 90 -4.05 -6.36 -5.88
CA VAL A 90 -4.88 -6.89 -4.82
C VAL A 90 -6.07 -5.97 -4.56
N GLU A 91 -7.11 -6.50 -3.95
CA GLU A 91 -8.30 -5.72 -3.67
C GLU A 91 -8.01 -4.64 -2.65
N ILE A 92 -8.14 -3.41 -3.11
CA ILE A 92 -7.91 -2.26 -2.25
C ILE A 92 -9.18 -1.46 -2.09
N SER A 93 -9.73 -1.46 -0.88
CA SER A 93 -10.96 -0.72 -0.63
C SER A 93 -10.64 0.77 -0.62
N VAL A 94 -10.73 1.38 -1.79
CA VAL A 94 -10.41 2.80 -1.93
C VAL A 94 -11.67 3.66 -1.94
N SER A 95 -11.60 4.80 -1.27
CA SER A 95 -12.73 5.71 -1.21
C SER A 95 -12.28 7.15 -1.46
N LEU A 96 -12.03 7.47 -2.71
CA LEU A 96 -11.60 8.82 -3.05
C LEU A 96 -12.27 9.30 -4.34
N ALA A 97 -12.77 10.52 -4.29
CA ALA A 97 -13.41 11.15 -5.45
C ALA A 97 -14.86 10.72 -5.61
N LYS A 98 -15.23 9.61 -4.98
CA LYS A 98 -16.59 9.13 -5.08
C LYS A 98 -17.56 10.20 -4.60
N ASP A 99 -17.08 11.03 -3.69
CA ASP A 99 -17.90 12.11 -3.14
C ASP A 99 -17.53 13.46 -3.76
N GLU A 100 -16.40 13.52 -4.46
CA GLU A 100 -15.96 14.78 -5.07
C GLU A 100 -15.88 14.70 -6.61
N PRO A 101 -15.66 15.82 -7.29
CA PRO A 101 -15.60 15.89 -8.78
C PRO A 101 -14.25 15.48 -9.39
N ASP A 102 -13.63 14.42 -8.87
CA ASP A 102 -12.34 13.99 -9.40
C ASP A 102 -12.47 12.71 -10.22
N THR A 103 -13.30 11.79 -9.74
CA THR A 103 -13.56 10.49 -10.39
C THR A 103 -12.39 10.02 -11.27
N ASN A 104 -12.16 10.68 -12.39
CA ASN A 104 -11.09 10.29 -13.29
C ASN A 104 -9.76 10.20 -12.53
N LEU A 105 -9.58 11.11 -11.58
CA LEU A 105 -8.35 11.14 -10.79
C LEU A 105 -8.20 9.87 -9.95
N VAL A 106 -9.25 9.48 -9.23
CA VAL A 106 -9.16 8.28 -8.39
C VAL A 106 -8.61 7.11 -9.20
N ALA A 107 -8.94 7.07 -10.49
CA ALA A 107 -8.44 6.01 -11.33
C ALA A 107 -6.93 6.14 -11.46
N LEU A 108 -6.48 7.33 -11.80
CA LEU A 108 -5.06 7.59 -11.92
C LEU A 108 -4.35 7.20 -10.64
N MET A 109 -4.97 7.52 -9.51
CA MET A 109 -4.41 7.17 -8.22
C MET A 109 -4.24 5.65 -8.17
N LYS A 110 -5.07 4.97 -8.94
CA LYS A 110 -5.04 3.51 -9.00
C LYS A 110 -3.79 3.02 -9.73
N GLU A 111 -3.32 3.82 -10.67
CA GLU A 111 -2.13 3.46 -11.43
C GLU A 111 -0.90 4.16 -10.85
N GLU A 112 -1.15 5.10 -9.95
CA GLU A 112 -0.07 5.83 -9.29
C GLU A 112 -0.04 5.56 -7.78
N GLY A 113 -1.16 5.81 -7.14
CA GLY A 113 -1.30 5.66 -5.70
C GLY A 113 -1.32 4.18 -5.33
N VAL A 114 -2.42 3.53 -5.62
CA VAL A 114 -2.51 2.11 -5.32
C VAL A 114 -1.24 1.47 -5.82
N LYS A 115 -0.80 1.93 -6.97
CA LYS A 115 0.43 1.44 -7.55
C LYS A 115 1.60 1.78 -6.64
N LEU A 116 1.60 2.97 -6.07
CA LEU A 116 2.68 3.33 -5.16
C LEU A 116 2.88 2.17 -4.20
N LEU A 117 1.75 1.61 -3.78
CA LEU A 117 1.75 0.47 -2.88
C LEU A 117 2.45 -0.69 -3.57
N ARG A 118 2.32 -0.75 -4.89
CA ARG A 118 3.01 -1.80 -5.63
C ARG A 118 4.45 -1.80 -5.17
N GLU A 119 4.95 -0.59 -4.94
CA GLU A 119 6.31 -0.44 -4.44
C GLU A 119 6.40 -1.05 -3.06
N ALA A 120 5.29 -0.99 -2.32
CA ALA A 120 5.27 -1.58 -0.98
C ALA A 120 5.62 -3.05 -1.08
N MET A 121 5.14 -3.69 -2.13
CA MET A 121 5.46 -5.08 -2.35
C MET A 121 6.98 -5.19 -2.53
N GLY A 122 7.54 -4.12 -3.09
CA GLY A 122 8.98 -4.06 -3.35
C GLY A 122 9.81 -4.26 -2.07
N ILE A 123 9.53 -3.47 -1.04
CA ILE A 123 10.28 -3.59 0.21
C ILE A 123 9.87 -4.83 0.98
N TYR A 124 8.57 -5.10 0.97
CA TYR A 124 8.04 -6.25 1.70
C TYR A 124 8.74 -7.52 1.25
N ILE A 125 8.85 -7.66 -0.07
CA ILE A 125 9.51 -8.84 -0.64
C ILE A 125 11.01 -8.76 -0.48
N SER A 126 11.56 -7.61 -0.78
CA SER A 126 13.00 -7.42 -0.71
C SER A 126 13.52 -7.29 0.73
N THR A 127 13.03 -6.29 1.46
CA THR A 127 13.51 -6.06 2.82
C THR A 127 13.22 -7.21 3.78
N LEU A 128 12.02 -7.76 3.70
CA LEU A 128 11.65 -8.84 4.59
C LEU A 128 12.43 -10.10 4.30
N LYS A 129 12.36 -10.55 3.05
CA LYS A 129 13.05 -11.78 2.66
C LYS A 129 14.57 -11.64 2.66
N THR A 130 15.08 -10.53 2.14
CA THR A 130 16.52 -10.35 2.14
C THR A 130 17.03 -10.41 3.57
N GLU A 131 16.24 -9.86 4.48
CA GLU A 131 16.59 -9.86 5.89
C GLU A 131 16.34 -11.22 6.52
N PHE A 132 15.19 -11.84 6.23
CA PHE A 132 14.89 -13.15 6.82
C PHE A 132 15.87 -14.22 6.30
N THR A 133 15.89 -14.46 4.98
CA THR A 133 16.82 -15.43 4.43
C THR A 133 18.21 -14.83 4.47
N GLN A 134 18.29 -13.59 4.94
CA GLN A 134 19.57 -12.91 5.03
C GLN A 134 20.22 -12.81 3.66
N GLY A 135 19.38 -12.64 2.65
CA GLY A 135 19.87 -12.54 1.27
C GLY A 135 20.61 -13.80 0.86
N THR A 1 8.73 -22.99 11.24
CA THR A 1 7.45 -22.56 10.71
C THR A 1 7.62 -21.28 9.90
N GLU A 2 7.02 -20.19 10.37
CA GLU A 2 7.13 -18.95 9.63
C GLU A 2 7.18 -17.72 10.53
N ARG A 3 7.85 -16.69 10.03
CA ARG A 3 8.00 -15.43 10.74
C ARG A 3 8.53 -14.35 9.80
N ASP A 4 7.66 -13.50 9.30
CA ASP A 4 8.10 -12.44 8.40
C ASP A 4 8.52 -11.22 9.19
N ALA A 5 9.60 -10.58 8.77
CA ALA A 5 10.06 -9.39 9.45
C ALA A 5 8.96 -8.32 9.41
N SER A 6 8.05 -8.39 10.37
CA SER A 6 6.92 -7.46 10.43
C SER A 6 7.38 -6.03 10.69
N ASN A 7 8.34 -5.87 11.60
CA ASN A 7 8.84 -4.54 11.92
C ASN A 7 9.29 -3.82 10.66
N TRP A 8 9.83 -4.59 9.72
CA TRP A 8 10.30 -4.03 8.46
C TRP A 8 9.11 -3.53 7.65
N SER A 9 7.99 -4.24 7.73
CA SER A 9 6.82 -3.85 6.96
C SER A 9 6.23 -2.53 7.46
N THR A 10 5.71 -2.50 8.67
CA THR A 10 5.16 -1.27 9.20
C THR A 10 6.10 -0.11 8.88
N ASP A 11 7.35 -0.28 9.23
CA ASP A 11 8.37 0.74 9.01
C ASP A 11 8.31 1.34 7.60
N LYS A 12 8.47 0.51 6.57
CA LYS A 12 8.44 0.99 5.21
C LYS A 12 7.01 1.15 4.70
N LEU A 13 6.16 0.17 4.96
CA LEU A 13 4.77 0.24 4.53
C LEU A 13 4.13 1.52 5.03
N LYS A 14 4.33 1.80 6.31
CA LYS A 14 3.75 2.99 6.93
C LYS A 14 4.40 4.25 6.36
N THR A 15 5.72 4.27 6.32
CA THR A 15 6.45 5.41 5.81
C THR A 15 6.10 5.66 4.36
N LEU A 16 6.17 4.60 3.57
CA LEU A 16 5.86 4.69 2.17
C LEU A 16 4.42 5.12 1.99
N PHE A 17 3.57 4.72 2.92
CA PHE A 17 2.16 5.06 2.87
C PHE A 17 1.94 6.50 3.33
N LEU A 18 2.69 6.93 4.34
CA LEU A 18 2.58 8.29 4.83
C LEU A 18 3.43 9.20 3.95
N ALA A 19 3.96 8.61 2.88
CA ALA A 19 4.80 9.35 1.96
C ALA A 19 4.16 9.38 0.59
N VAL A 20 2.89 9.03 0.51
CA VAL A 20 2.22 9.03 -0.78
C VAL A 20 2.57 10.34 -1.48
N GLN A 21 3.08 10.20 -2.69
CA GLN A 21 3.51 11.36 -3.46
C GLN A 21 2.36 12.02 -4.21
N VAL A 22 2.72 13.06 -4.94
CA VAL A 22 1.79 13.84 -5.72
C VAL A 22 2.37 14.15 -7.09
N GLN A 23 1.49 14.40 -8.05
CA GLN A 23 1.89 14.75 -9.39
C GLN A 23 1.49 16.19 -9.66
N ASN A 24 0.66 16.39 -10.68
CA ASN A 24 0.19 17.73 -11.00
C ASN A 24 -1.26 17.90 -10.55
N GLU A 25 -1.71 19.14 -10.47
CA GLU A 25 -3.09 19.40 -10.05
C GLU A 25 -4.07 18.58 -10.86
N GLU A 26 -3.60 18.06 -11.98
CA GLU A 26 -4.44 17.25 -12.85
C GLU A 26 -4.73 15.91 -12.21
N GLY A 27 -3.76 15.41 -11.47
CA GLY A 27 -3.91 14.12 -10.80
C GLY A 27 -2.83 13.96 -9.75
N LYS A 28 -2.89 14.79 -8.72
CA LYS A 28 -1.90 14.71 -7.66
C LYS A 28 -2.43 13.89 -6.49
N CYS A 29 -1.57 13.67 -5.49
CA CYS A 29 -2.00 12.88 -4.35
C CYS A 29 -1.16 13.16 -3.10
N GLU A 30 -1.80 13.09 -1.94
CA GLU A 30 -1.11 13.33 -0.69
C GLU A 30 -1.70 12.45 0.42
N VAL A 31 -0.87 12.03 1.37
CA VAL A 31 -1.38 11.20 2.47
C VAL A 31 -1.70 12.05 3.69
N THR A 32 -2.79 11.70 4.36
CA THR A 32 -3.20 12.43 5.55
C THR A 32 -2.70 11.72 6.81
N GLU A 33 -2.75 10.38 6.78
CA GLU A 33 -2.31 9.57 7.90
C GLU A 33 -2.53 8.08 7.61
N VAL A 34 -1.62 7.24 8.09
CA VAL A 34 -1.73 5.80 7.89
C VAL A 34 -1.60 5.10 9.22
N SER A 35 -2.46 4.13 9.44
CA SER A 35 -2.41 3.40 10.68
C SER A 35 -1.23 2.43 10.72
N LYS A 36 -1.32 1.37 9.88
CA LYS A 36 -0.30 0.30 9.79
C LYS A 36 -1.04 -1.02 9.54
N LEU A 37 -0.36 -2.00 8.96
CA LEU A 37 -0.96 -3.30 8.72
C LEU A 37 -1.13 -4.04 10.05
N ASP A 38 -2.37 -4.19 10.48
CA ASP A 38 -2.65 -4.85 11.75
C ASP A 38 -3.02 -6.30 11.54
N GLY A 39 -2.15 -7.19 12.00
CA GLY A 39 -2.41 -8.61 11.87
C GLY A 39 -1.11 -9.38 12.01
N GLU A 40 -1.04 -10.55 11.38
CA GLU A 40 0.17 -11.36 11.48
C GLU A 40 0.70 -11.75 10.10
N ALA A 41 1.91 -11.32 9.79
CA ALA A 41 2.54 -11.65 8.52
C ALA A 41 3.54 -12.77 8.77
N SER A 42 3.66 -13.73 7.85
CA SER A 42 4.60 -14.83 8.08
C SER A 42 5.10 -15.45 6.78
N ILE A 43 6.37 -15.84 6.77
CA ILE A 43 6.98 -16.47 5.60
C ILE A 43 7.39 -17.90 5.95
N ASN A 44 7.30 -18.82 4.98
CA ASN A 44 7.70 -20.21 5.22
C ASN A 44 9.20 -20.31 5.15
N ASN A 45 9.73 -21.45 5.64
CA ASN A 45 11.18 -21.69 5.71
C ASN A 45 11.96 -20.88 4.71
N ARG A 46 13.22 -20.65 5.03
CA ARG A 46 14.08 -19.85 4.20
C ARG A 46 15.21 -20.64 3.61
N LYS A 47 16.02 -19.92 2.85
CA LYS A 47 17.15 -20.49 2.16
C LYS A 47 16.67 -21.38 1.02
N GLY A 48 15.68 -20.89 0.28
CA GLY A 48 15.13 -21.62 -0.87
C GLY A 48 13.77 -22.25 -0.58
N LYS A 49 13.15 -21.89 0.54
CA LYS A 49 11.83 -22.40 0.87
C LYS A 49 11.00 -21.24 1.40
N LEU A 50 11.44 -20.03 1.11
CA LEU A 50 10.77 -18.83 1.59
C LEU A 50 9.62 -18.41 0.71
N ILE A 51 8.45 -18.36 1.30
CA ILE A 51 7.27 -17.89 0.59
C ILE A 51 6.57 -16.85 1.43
N PHE A 52 5.88 -15.92 0.80
CA PHE A 52 5.25 -14.83 1.55
C PHE A 52 3.74 -14.90 1.64
N PHE A 53 3.24 -15.47 2.72
CA PHE A 53 1.81 -15.49 2.96
C PHE A 53 1.53 -14.70 4.23
N TYR A 54 0.89 -13.56 4.09
CA TYR A 54 0.59 -12.73 5.26
C TYR A 54 -0.92 -12.61 5.45
N GLU A 55 -1.33 -12.30 6.68
CA GLU A 55 -2.74 -12.15 6.98
C GLU A 55 -2.98 -10.92 7.85
N TRP A 56 -2.95 -9.74 7.23
CA TRP A 56 -3.17 -8.50 7.98
C TRP A 56 -3.90 -7.46 7.12
N SER A 57 -4.50 -6.50 7.80
CA SER A 57 -5.22 -5.44 7.12
C SER A 57 -4.64 -4.08 7.47
N VAL A 58 -4.66 -3.16 6.51
CA VAL A 58 -4.14 -1.80 6.76
C VAL A 58 -5.21 -0.78 6.42
N LYS A 59 -5.29 0.27 7.23
CA LYS A 59 -6.29 1.30 7.04
C LYS A 59 -5.64 2.68 6.95
N LEU A 60 -5.89 3.39 5.86
CA LEU A 60 -5.32 4.73 5.68
C LEU A 60 -6.28 5.66 4.94
N ASN A 61 -5.87 6.92 4.82
CA ASN A 61 -6.67 7.93 4.13
C ASN A 61 -5.75 8.85 3.32
N TRP A 62 -6.27 9.49 2.29
CA TRP A 62 -5.43 10.38 1.48
C TRP A 62 -6.18 11.63 1.00
N THR A 63 -5.42 12.56 0.43
CA THR A 63 -5.97 13.80 -0.10
C THR A 63 -5.24 14.21 -1.38
N GLY A 64 -5.96 14.80 -2.32
CA GLY A 64 -5.34 15.23 -3.56
C GLY A 64 -6.13 16.38 -4.18
N THR A 65 -5.43 17.25 -4.90
CA THR A 65 -6.09 18.40 -5.54
C THR A 65 -6.38 18.09 -7.00
N SER A 66 -7.53 18.55 -7.47
CA SER A 66 -7.92 18.32 -8.85
C SER A 66 -7.86 19.62 -9.65
N LYS A 67 -7.54 19.50 -10.92
CA LYS A 67 -7.46 20.66 -11.79
C LYS A 67 -8.78 21.43 -11.74
N SER A 68 -9.85 20.73 -11.42
CA SER A 68 -11.16 21.36 -11.33
C SER A 68 -11.14 22.43 -10.25
N GLY A 69 -10.23 22.26 -9.30
CA GLY A 69 -10.08 23.23 -8.20
C GLY A 69 -10.66 22.68 -6.91
N VAL A 70 -10.89 21.36 -6.87
CA VAL A 70 -11.45 20.75 -5.67
C VAL A 70 -10.55 19.68 -5.09
N GLN A 71 -10.38 19.73 -3.77
CA GLN A 71 -9.58 18.74 -3.08
C GLN A 71 -10.44 17.51 -2.86
N TYR A 72 -9.84 16.34 -2.88
CA TYR A 72 -10.60 15.12 -2.70
C TYR A 72 -9.90 14.18 -1.74
N LYS A 73 -10.65 13.69 -0.78
CA LYS A 73 -10.12 12.77 0.20
C LYS A 73 -10.92 11.48 0.16
N GLY A 74 -10.21 10.37 0.02
CA GLY A 74 -10.87 9.09 -0.05
C GLY A 74 -10.35 8.10 0.97
N HIS A 75 -10.85 6.89 0.87
CA HIS A 75 -10.47 5.81 1.77
C HIS A 75 -9.62 4.77 1.07
N VAL A 76 -8.78 4.10 1.84
CA VAL A 76 -7.92 3.06 1.29
C VAL A 76 -7.70 2.00 2.36
N GLU A 77 -8.27 0.83 2.16
CA GLU A 77 -8.13 -0.23 3.16
C GLU A 77 -8.10 -1.60 2.50
N ILE A 78 -7.01 -2.32 2.71
CA ILE A 78 -6.87 -3.65 2.17
C ILE A 78 -6.98 -4.65 3.32
N PRO A 79 -8.03 -5.43 3.39
CA PRO A 79 -8.21 -6.38 4.51
C PRO A 79 -7.05 -7.35 4.67
N ASN A 80 -7.36 -8.53 5.22
CA ASN A 80 -6.35 -9.56 5.47
C ASN A 80 -5.80 -10.17 4.19
N LEU A 81 -5.66 -9.37 3.14
CA LEU A 81 -5.12 -9.87 1.87
C LEU A 81 -3.62 -10.16 2.00
N SER A 82 -3.24 -11.41 1.76
CA SER A 82 -1.83 -11.77 1.83
C SER A 82 -1.07 -11.22 0.63
N ASP A 83 0.18 -10.81 0.85
CA ASP A 83 0.98 -10.27 -0.24
C ASP A 83 1.52 -11.40 -1.10
N GLU A 84 0.96 -12.60 -0.90
CA GLU A 84 1.38 -13.75 -1.67
C GLU A 84 1.14 -13.46 -3.13
N ASN A 85 0.52 -12.32 -3.35
CA ASN A 85 0.21 -11.85 -4.70
C ASN A 85 0.59 -10.38 -4.81
N SER A 86 0.52 -9.84 -6.02
CA SER A 86 0.87 -8.44 -6.23
C SER A 86 0.03 -7.55 -5.32
N VAL A 87 0.71 -6.73 -4.53
CA VAL A 87 0.02 -5.82 -3.62
C VAL A 87 -0.92 -4.90 -4.39
N ASP A 88 -0.48 -4.46 -5.55
CA ASP A 88 -1.28 -3.57 -6.37
C ASP A 88 -2.51 -4.27 -6.94
N GLU A 89 -2.36 -5.53 -7.35
CA GLU A 89 -3.50 -6.26 -7.89
C GLU A 89 -4.38 -6.72 -6.76
N VAL A 90 -3.86 -6.56 -5.53
CA VAL A 90 -4.58 -6.95 -4.34
C VAL A 90 -5.91 -6.22 -4.24
N GLU A 91 -6.72 -6.59 -3.25
CA GLU A 91 -8.03 -5.99 -3.07
C GLU A 91 -7.93 -4.84 -2.10
N ILE A 92 -8.06 -3.64 -2.63
CA ILE A 92 -7.99 -2.43 -1.83
C ILE A 92 -9.34 -1.73 -1.81
N SER A 93 -9.69 -1.17 -0.66
CA SER A 93 -10.97 -0.46 -0.54
C SER A 93 -10.76 1.02 -0.88
N VAL A 94 -10.92 1.35 -2.14
CA VAL A 94 -10.72 2.71 -2.60
C VAL A 94 -12.04 3.47 -2.70
N SER A 95 -12.04 4.68 -2.14
CA SER A 95 -13.20 5.55 -2.19
C SER A 95 -12.73 6.98 -2.33
N LEU A 96 -12.30 7.35 -3.52
CA LEU A 96 -11.80 8.69 -3.72
C LEU A 96 -12.42 9.35 -4.95
N ALA A 97 -12.75 10.63 -4.80
CA ALA A 97 -13.35 11.41 -5.89
C ALA A 97 -14.84 11.13 -6.03
N LYS A 98 -15.30 10.01 -5.51
CA LYS A 98 -16.71 9.67 -5.60
C LYS A 98 -17.53 10.80 -5.00
N ASP A 99 -16.96 11.48 -4.02
CA ASP A 99 -17.64 12.59 -3.37
C ASP A 99 -17.26 13.92 -4.01
N GLU A 100 -16.18 13.94 -4.79
CA GLU A 100 -15.74 15.17 -5.42
C GLU A 100 -15.86 15.11 -6.96
N PRO A 101 -15.74 16.22 -7.66
CA PRO A 101 -15.85 16.28 -9.15
C PRO A 101 -14.56 15.92 -9.89
N ASP A 102 -13.89 14.85 -9.46
CA ASP A 102 -12.64 14.46 -10.13
C ASP A 102 -12.78 13.08 -10.81
N THR A 103 -13.49 12.17 -10.13
CA THR A 103 -13.73 10.80 -10.62
C THR A 103 -12.64 10.27 -11.56
N ASN A 104 -12.53 10.81 -12.77
CA ASN A 104 -11.50 10.33 -13.69
C ASN A 104 -10.17 10.31 -12.96
N LEU A 105 -10.02 11.28 -12.08
CA LEU A 105 -8.82 11.42 -11.28
C LEU A 105 -8.55 10.17 -10.45
N VAL A 106 -9.58 9.68 -9.76
CA VAL A 106 -9.41 8.49 -8.94
C VAL A 106 -8.86 7.37 -9.79
N ALA A 107 -9.15 7.40 -11.08
CA ALA A 107 -8.65 6.40 -11.99
C ALA A 107 -7.13 6.48 -11.96
N LEU A 108 -6.62 7.69 -12.01
CA LEU A 108 -5.18 7.87 -11.95
C LEU A 108 -4.67 7.35 -10.60
N MET A 109 -5.40 7.66 -9.54
CA MET A 109 -5.03 7.22 -8.21
C MET A 109 -4.91 5.69 -8.21
N LYS A 110 -5.63 5.08 -9.14
CA LYS A 110 -5.63 3.63 -9.28
C LYS A 110 -4.34 3.18 -9.96
N GLU A 111 -3.69 4.12 -10.65
CA GLU A 111 -2.44 3.80 -11.33
C GLU A 111 -1.28 4.56 -10.67
N GLU A 112 -1.62 5.49 -9.79
CA GLU A 112 -0.64 6.30 -9.09
C GLU A 112 -0.62 6.01 -7.59
N GLY A 113 -1.82 5.88 -7.01
CA GLY A 113 -1.96 5.64 -5.58
C GLY A 113 -1.76 4.18 -5.24
N VAL A 114 -2.75 3.36 -5.58
CA VAL A 114 -2.63 1.95 -5.29
C VAL A 114 -1.33 1.44 -5.90
N LYS A 115 -0.83 2.18 -6.88
CA LYS A 115 0.44 1.81 -7.51
C LYS A 115 1.57 1.99 -6.50
N LEU A 116 1.56 3.12 -5.80
CA LEU A 116 2.58 3.37 -4.81
C LEU A 116 2.71 2.14 -3.93
N LEU A 117 1.57 1.54 -3.64
CA LEU A 117 1.52 0.35 -2.83
C LEU A 117 2.27 -0.75 -3.56
N ARG A 118 2.22 -0.72 -4.89
CA ARG A 118 2.94 -1.70 -5.68
C ARG A 118 4.37 -1.69 -5.20
N GLU A 119 4.83 -0.50 -4.85
CA GLU A 119 6.19 -0.33 -4.35
C GLU A 119 6.30 -1.01 -3.00
N ALA A 120 5.19 -1.03 -2.24
CA ALA A 120 5.22 -1.69 -0.94
C ALA A 120 5.66 -3.13 -1.12
N MET A 121 5.17 -3.76 -2.17
CA MET A 121 5.56 -5.13 -2.45
C MET A 121 7.05 -5.16 -2.74
N GLY A 122 7.55 -4.07 -3.32
CA GLY A 122 8.96 -3.96 -3.66
C GLY A 122 9.87 -4.18 -2.44
N ILE A 123 9.55 -3.50 -1.35
CA ILE A 123 10.37 -3.62 -0.14
C ILE A 123 9.98 -4.87 0.67
N TYR A 124 8.68 -5.09 0.81
CA TYR A 124 8.19 -6.22 1.58
C TYR A 124 8.83 -7.50 1.10
N ILE A 125 8.80 -7.70 -0.21
CA ILE A 125 9.37 -8.90 -0.80
C ILE A 125 10.89 -8.87 -0.78
N SER A 126 11.45 -7.75 -1.18
CA SER A 126 12.90 -7.62 -1.25
C SER A 126 13.56 -7.45 0.11
N THR A 127 13.16 -6.43 0.86
CA THR A 127 13.79 -6.17 2.15
C THR A 127 13.59 -7.31 3.14
N LEU A 128 12.38 -7.84 3.20
CA LEU A 128 12.06 -8.90 4.13
C LEU A 128 12.70 -10.23 3.74
N LYS A 129 12.32 -10.75 2.58
CA LYS A 129 12.82 -12.05 2.14
C LYS A 129 14.33 -12.05 1.93
N THR A 130 14.87 -11.05 1.26
CA THR A 130 16.31 -11.02 1.03
C THR A 130 17.04 -10.99 2.37
N GLU A 131 16.47 -10.28 3.34
CA GLU A 131 17.06 -10.18 4.66
C GLU A 131 16.82 -11.46 5.47
N PHE A 132 15.59 -11.98 5.44
CA PHE A 132 15.29 -13.19 6.20
C PHE A 132 16.18 -14.34 5.72
N THR A 133 16.07 -14.72 4.44
CA THR A 133 16.91 -15.77 3.91
C THR A 133 18.30 -15.23 3.71
N GLN A 134 18.46 -13.94 3.98
CA GLN A 134 19.76 -13.29 3.84
C GLN A 134 20.26 -13.44 2.41
N GLY A 135 19.33 -13.41 1.47
CA GLY A 135 19.68 -13.54 0.06
C GLY A 135 20.32 -14.90 -0.22
N THR A 1 5.39 -22.33 8.31
CA THR A 1 4.94 -21.37 9.30
C THR A 1 6.12 -20.75 10.03
N GLU A 2 6.96 -20.02 9.30
CA GLU A 2 8.12 -19.39 9.90
C GLU A 2 7.88 -17.89 10.08
N ARG A 3 8.46 -17.31 11.13
CA ARG A 3 8.28 -15.89 11.39
C ARG A 3 8.85 -15.05 10.27
N ASP A 4 8.21 -13.92 10.02
CA ASP A 4 8.64 -13.01 8.98
C ASP A 4 8.94 -11.63 9.57
N ALA A 5 10.12 -11.10 9.27
CA ALA A 5 10.47 -9.79 9.80
C ALA A 5 9.52 -8.72 9.27
N SER A 6 8.40 -8.56 9.98
CA SER A 6 7.39 -7.58 9.58
C SER A 6 7.77 -6.18 10.06
N ASN A 7 8.68 -6.11 11.02
CA ASN A 7 9.10 -4.82 11.56
C ASN A 7 9.57 -3.91 10.43
N TRP A 8 10.27 -4.48 9.46
CA TRP A 8 10.77 -3.70 8.34
C TRP A 8 9.63 -3.30 7.43
N SER A 9 8.62 -4.17 7.36
CA SER A 9 7.49 -3.91 6.49
C SER A 9 6.76 -2.63 6.88
N THR A 10 6.19 -2.59 8.07
CA THR A 10 5.50 -1.39 8.49
C THR A 10 6.40 -0.18 8.29
N ASP A 11 7.63 -0.28 8.75
CA ASP A 11 8.58 0.82 8.62
C ASP A 11 8.62 1.35 7.19
N LYS A 12 8.67 0.43 6.21
CA LYS A 12 8.70 0.84 4.82
C LYS A 12 7.31 1.11 4.27
N LEU A 13 6.42 0.13 4.36
CA LEU A 13 5.06 0.32 3.87
C LEU A 13 4.44 1.57 4.46
N LYS A 14 4.60 1.77 5.76
CA LYS A 14 4.03 2.95 6.41
C LYS A 14 4.64 4.21 5.82
N THR A 15 5.97 4.25 5.76
CA THR A 15 6.66 5.41 5.22
C THR A 15 6.30 5.60 3.76
N LEU A 16 6.45 4.54 2.98
CA LEU A 16 6.12 4.59 1.57
C LEU A 16 4.67 4.97 1.40
N PHE A 17 3.85 4.57 2.36
CA PHE A 17 2.43 4.88 2.31
C PHE A 17 2.22 6.35 2.61
N LEU A 18 3.03 6.89 3.51
CA LEU A 18 2.94 8.31 3.83
C LEU A 18 3.73 9.07 2.78
N ALA A 19 4.37 8.31 1.89
CA ALA A 19 5.16 8.87 0.82
C ALA A 19 4.33 8.99 -0.45
N VAL A 20 3.05 8.64 -0.35
CA VAL A 20 2.19 8.73 -1.52
C VAL A 20 2.45 10.06 -2.19
N GLN A 21 2.95 9.99 -3.42
CA GLN A 21 3.32 11.19 -4.15
C GLN A 21 2.16 11.83 -4.90
N VAL A 22 2.35 13.12 -5.16
CA VAL A 22 1.39 13.93 -5.87
C VAL A 22 1.96 14.42 -7.20
N GLN A 23 1.08 14.53 -8.19
CA GLN A 23 1.46 15.02 -9.50
C GLN A 23 0.90 16.42 -9.70
N ASN A 24 0.04 16.60 -10.70
CA ASN A 24 -0.56 17.90 -10.97
C ASN A 24 -1.93 17.99 -10.32
N GLU A 25 -2.43 19.21 -10.16
CA GLU A 25 -3.73 19.43 -9.53
C GLU A 25 -4.79 18.53 -10.17
N GLU A 26 -4.54 18.15 -11.41
CA GLU A 26 -5.46 17.30 -12.15
C GLU A 26 -5.39 15.87 -11.65
N GLY A 27 -4.20 15.47 -11.23
CA GLY A 27 -3.99 14.13 -10.72
C GLY A 27 -3.00 14.14 -9.55
N LYS A 28 -3.29 14.96 -8.55
CA LYS A 28 -2.40 15.06 -7.41
C LYS A 28 -2.86 14.15 -6.27
N CYS A 29 -1.91 13.75 -5.43
CA CYS A 29 -2.24 12.88 -4.31
C CYS A 29 -1.28 13.09 -3.15
N GLU A 30 -1.82 13.14 -1.95
CA GLU A 30 -1.00 13.30 -0.75
C GLU A 30 -1.59 12.51 0.39
N VAL A 31 -0.76 11.76 1.11
CA VAL A 31 -1.27 10.99 2.24
C VAL A 31 -1.17 11.80 3.53
N THR A 32 -2.21 11.73 4.34
CA THR A 32 -2.23 12.48 5.59
C THR A 32 -1.73 11.63 6.75
N GLU A 33 -2.04 10.34 6.74
CA GLU A 33 -1.60 9.47 7.82
C GLU A 33 -1.97 8.00 7.56
N VAL A 34 -1.07 7.12 7.95
CA VAL A 34 -1.28 5.68 7.81
C VAL A 34 -1.04 5.01 9.15
N SER A 35 -1.91 4.09 9.49
CA SER A 35 -1.76 3.40 10.76
C SER A 35 -0.59 2.42 10.68
N LYS A 36 -0.77 1.37 9.88
CA LYS A 36 0.24 0.31 9.67
C LYS A 36 -0.52 -1.02 9.44
N LEU A 37 0.13 -1.96 8.76
CA LEU A 37 -0.49 -3.27 8.52
C LEU A 37 -0.71 -3.96 9.85
N ASP A 38 -1.96 -4.02 10.28
CA ASP A 38 -2.30 -4.64 11.56
C ASP A 38 -2.74 -6.07 11.37
N GLY A 39 -1.93 -7.01 11.83
CA GLY A 39 -2.27 -8.41 11.71
C GLY A 39 -1.03 -9.27 11.86
N GLU A 40 -1.10 -10.51 11.40
CA GLU A 40 0.04 -11.41 11.50
C GLU A 40 0.56 -11.81 10.11
N ALA A 41 1.80 -11.44 9.84
CA ALA A 41 2.43 -11.79 8.57
C ALA A 41 3.36 -12.97 8.79
N SER A 42 3.52 -13.83 7.78
CA SER A 42 4.40 -14.98 7.98
C SER A 42 4.96 -15.51 6.66
N ILE A 43 6.23 -15.89 6.67
CA ILE A 43 6.85 -16.44 5.49
C ILE A 43 7.28 -17.88 5.72
N ASN A 44 7.38 -18.64 4.65
CA ASN A 44 7.83 -20.02 4.77
C ASN A 44 9.34 -20.01 4.90
N ASN A 45 9.89 -21.16 5.31
CA ASN A 45 11.32 -21.32 5.57
C ASN A 45 12.18 -20.41 4.73
N ARG A 46 13.38 -20.16 5.23
CA ARG A 46 14.32 -19.27 4.60
C ARG A 46 15.41 -20.04 3.87
N LYS A 47 16.19 -19.29 3.12
CA LYS A 47 17.32 -19.84 2.39
C LYS A 47 16.86 -20.70 1.20
N GLY A 48 15.85 -20.23 0.47
CA GLY A 48 15.36 -20.93 -0.72
C GLY A 48 14.07 -21.73 -0.49
N LYS A 49 13.41 -21.52 0.64
CA LYS A 49 12.16 -22.21 0.93
C LYS A 49 11.22 -21.21 1.57
N LEU A 50 11.31 -19.97 1.12
CA LEU A 50 10.52 -18.90 1.69
C LEU A 50 9.51 -18.36 0.73
N ILE A 51 8.32 -18.21 1.24
CA ILE A 51 7.25 -17.62 0.44
C ILE A 51 6.47 -16.64 1.29
N PHE A 52 5.90 -15.63 0.65
CA PHE A 52 5.23 -14.58 1.41
C PHE A 52 3.72 -14.69 1.49
N PHE A 53 3.25 -15.35 2.55
CA PHE A 53 1.82 -15.41 2.79
C PHE A 53 1.54 -14.67 4.09
N TYR A 54 0.86 -13.53 4.00
CA TYR A 54 0.56 -12.75 5.20
C TYR A 54 -0.94 -12.65 5.40
N GLU A 55 -1.34 -12.36 6.63
CA GLU A 55 -2.75 -12.23 6.93
C GLU A 55 -3.00 -10.97 7.76
N TRP A 56 -2.92 -9.81 7.13
CA TRP A 56 -3.13 -8.55 7.84
C TRP A 56 -3.94 -7.57 7.00
N SER A 57 -4.48 -6.57 7.67
CA SER A 57 -5.25 -5.54 7.00
C SER A 57 -4.63 -4.16 7.26
N VAL A 58 -4.71 -3.27 6.27
CA VAL A 58 -4.15 -1.93 6.44
C VAL A 58 -5.25 -0.89 6.35
N LYS A 59 -5.07 0.22 7.06
CA LYS A 59 -6.06 1.28 7.06
C LYS A 59 -5.38 2.63 6.99
N LEU A 60 -5.68 3.40 5.94
CA LEU A 60 -5.07 4.72 5.80
C LEU A 60 -6.05 5.71 5.18
N ASN A 61 -5.61 6.97 5.08
CA ASN A 61 -6.42 8.02 4.50
C ASN A 61 -5.55 8.96 3.67
N TRP A 62 -6.11 9.55 2.62
CA TRP A 62 -5.32 10.44 1.79
C TRP A 62 -6.08 11.67 1.32
N THR A 63 -5.38 12.56 0.61
CA THR A 63 -5.99 13.78 0.09
C THR A 63 -5.65 13.98 -1.38
N GLY A 64 -6.56 14.60 -2.12
CA GLY A 64 -6.34 14.85 -3.53
C GLY A 64 -7.08 16.10 -3.98
N THR A 65 -6.41 16.95 -4.75
CA THR A 65 -7.02 18.19 -5.24
C THR A 65 -7.29 18.12 -6.73
N SER A 66 -8.39 18.75 -7.13
CA SER A 66 -8.77 18.80 -8.53
C SER A 66 -8.67 20.20 -9.07
N LYS A 67 -8.36 20.32 -10.34
CA LYS A 67 -8.26 21.65 -10.95
C LYS A 67 -9.58 22.36 -10.80
N SER A 68 -10.63 21.58 -10.54
CA SER A 68 -11.95 22.15 -10.36
C SER A 68 -11.91 23.09 -9.17
N GLY A 69 -10.90 22.90 -8.33
CA GLY A 69 -10.71 23.72 -7.14
C GLY A 69 -11.26 23.02 -5.91
N VAL A 70 -11.22 21.69 -5.93
CA VAL A 70 -11.74 20.93 -4.79
C VAL A 70 -10.72 19.94 -4.21
N GLN A 71 -10.67 19.88 -2.88
CA GLN A 71 -9.80 18.95 -2.20
C GLN A 71 -10.67 17.81 -1.68
N TYR A 72 -10.18 16.60 -1.82
CA TYR A 72 -10.95 15.46 -1.37
C TYR A 72 -10.07 14.48 -0.64
N LYS A 73 -10.64 13.86 0.36
CA LYS A 73 -9.90 12.89 1.14
C LYS A 73 -10.64 11.58 1.14
N GLY A 74 -10.04 10.61 0.47
CA GLY A 74 -10.64 9.31 0.33
C GLY A 74 -10.17 8.31 1.37
N HIS A 75 -10.57 7.07 1.13
CA HIS A 75 -10.26 5.96 2.01
C HIS A 75 -9.42 4.91 1.30
N VAL A 76 -8.63 4.18 2.07
CA VAL A 76 -7.81 3.11 1.51
C VAL A 76 -7.64 2.03 2.58
N GLU A 77 -8.28 0.89 2.37
CA GLU A 77 -8.21 -0.19 3.34
C GLU A 77 -8.27 -1.55 2.65
N ILE A 78 -7.23 -2.35 2.86
CA ILE A 78 -7.17 -3.68 2.27
C ILE A 78 -7.22 -4.72 3.40
N PRO A 79 -8.25 -5.53 3.47
CA PRO A 79 -8.37 -6.53 4.57
C PRO A 79 -7.19 -7.48 4.67
N ASN A 80 -7.47 -8.68 5.20
CA ASN A 80 -6.45 -9.71 5.41
C ASN A 80 -5.88 -10.26 4.10
N LEU A 81 -5.75 -9.42 3.09
CA LEU A 81 -5.20 -9.88 1.81
C LEU A 81 -3.70 -10.15 1.93
N SER A 82 -3.30 -11.39 1.67
CA SER A 82 -1.90 -11.76 1.76
C SER A 82 -1.14 -11.22 0.55
N ASP A 83 0.16 -10.95 0.74
CA ASP A 83 0.98 -10.42 -0.35
C ASP A 83 1.38 -11.53 -1.31
N GLU A 84 0.78 -12.70 -1.15
CA GLU A 84 1.10 -13.82 -2.03
C GLU A 84 0.79 -13.38 -3.45
N ASN A 85 0.21 -12.20 -3.53
CA ASN A 85 -0.15 -11.61 -4.81
C ASN A 85 0.20 -10.13 -4.78
N SER A 86 0.18 -9.48 -5.93
CA SER A 86 0.52 -8.06 -5.98
C SER A 86 -0.41 -7.28 -5.05
N VAL A 87 0.17 -6.48 -4.17
CA VAL A 87 -0.61 -5.70 -3.22
C VAL A 87 -1.58 -4.78 -3.94
N ASP A 88 -1.11 -4.16 -5.02
CA ASP A 88 -1.94 -3.24 -5.78
C ASP A 88 -3.08 -3.94 -6.51
N GLU A 89 -2.83 -5.15 -6.99
CA GLU A 89 -3.86 -5.89 -7.69
C GLU A 89 -4.76 -6.57 -6.65
N VAL A 90 -4.43 -6.35 -5.39
CA VAL A 90 -5.17 -6.93 -4.30
C VAL A 90 -6.40 -6.09 -3.95
N GLU A 91 -7.34 -6.68 -3.21
CA GLU A 91 -8.57 -6.00 -2.85
C GLU A 91 -8.28 -4.82 -1.94
N ILE A 92 -8.50 -3.64 -2.48
CA ILE A 92 -8.27 -2.41 -1.73
C ILE A 92 -9.57 -1.60 -1.67
N SER A 93 -9.83 -0.99 -0.51
CA SER A 93 -11.04 -0.18 -0.38
C SER A 93 -10.70 1.27 -0.72
N VAL A 94 -10.82 1.59 -1.99
CA VAL A 94 -10.50 2.94 -2.46
C VAL A 94 -11.75 3.79 -2.62
N SER A 95 -11.68 5.01 -2.12
CA SER A 95 -12.80 5.94 -2.23
C SER A 95 -12.28 7.36 -2.29
N LEU A 96 -11.73 7.73 -3.45
CA LEU A 96 -11.20 9.07 -3.62
C LEU A 96 -11.54 9.64 -4.99
N ALA A 97 -12.04 10.87 -5.00
CA ALA A 97 -12.37 11.56 -6.25
C ALA A 97 -13.50 10.88 -7.01
N LYS A 98 -13.75 9.63 -6.69
CA LYS A 98 -14.80 8.88 -7.36
C LYS A 98 -16.14 9.62 -7.21
N ASP A 99 -16.25 10.45 -6.18
CA ASP A 99 -17.48 11.18 -5.92
C ASP A 99 -17.31 12.67 -6.21
N GLU A 100 -16.12 13.17 -5.97
CA GLU A 100 -15.86 14.58 -6.20
C GLU A 100 -15.68 14.84 -7.70
N PRO A 101 -15.85 16.06 -8.11
CA PRO A 101 -15.71 16.47 -9.55
C PRO A 101 -14.37 16.07 -10.17
N ASP A 102 -13.62 15.17 -9.54
CA ASP A 102 -12.34 14.80 -10.12
C ASP A 102 -12.42 13.48 -10.88
N THR A 103 -13.13 12.50 -10.31
CA THR A 103 -13.29 11.17 -10.92
C THR A 103 -12.08 10.74 -11.76
N ASN A 104 -11.84 11.40 -12.89
CA ASN A 104 -10.70 11.04 -13.73
C ASN A 104 -9.44 10.89 -12.88
N LEU A 105 -9.32 11.76 -11.86
CA LEU A 105 -8.17 11.71 -10.98
C LEU A 105 -8.05 10.33 -10.32
N VAL A 106 -9.18 9.85 -9.82
CA VAL A 106 -9.21 8.56 -9.13
C VAL A 106 -8.65 7.48 -10.03
N ALA A 107 -8.79 7.67 -11.34
CA ALA A 107 -8.27 6.71 -12.29
C ALA A 107 -6.76 6.67 -12.18
N LEU A 108 -6.14 7.82 -12.34
CA LEU A 108 -4.68 7.88 -12.24
C LEU A 108 -4.27 7.35 -10.88
N MET A 109 -5.00 7.74 -9.86
CA MET A 109 -4.72 7.27 -8.51
C MET A 109 -4.74 5.75 -8.50
N LYS A 110 -5.36 5.19 -9.54
CA LYS A 110 -5.45 3.74 -9.68
C LYS A 110 -4.18 3.17 -10.25
N GLU A 111 -3.47 3.99 -11.02
CA GLU A 111 -2.23 3.55 -11.63
C GLU A 111 -1.03 4.11 -10.85
N GLU A 112 -1.29 5.03 -9.95
CA GLU A 112 -0.26 5.63 -9.13
C GLU A 112 -0.42 5.33 -7.65
N GLY A 113 -1.66 5.34 -7.18
CA GLY A 113 -1.95 5.11 -5.77
C GLY A 113 -1.86 3.65 -5.41
N VAL A 114 -2.87 2.88 -5.79
CA VAL A 114 -2.86 1.47 -5.49
C VAL A 114 -1.58 0.86 -6.04
N LYS A 115 -1.11 1.40 -7.17
CA LYS A 115 0.12 0.92 -7.76
C LYS A 115 1.28 1.22 -6.85
N LEU A 116 1.31 2.40 -6.25
CA LEU A 116 2.39 2.73 -5.35
C LEU A 116 2.55 1.59 -4.37
N LEU A 117 1.42 1.08 -3.91
CA LEU A 117 1.40 -0.03 -3.00
C LEU A 117 2.09 -1.21 -3.67
N ARG A 118 2.01 -1.25 -5.00
CA ARG A 118 2.68 -2.31 -5.73
C ARG A 118 4.12 -2.30 -5.30
N GLU A 119 4.63 -1.09 -5.09
CA GLU A 119 5.99 -0.92 -4.64
C GLU A 119 6.14 -1.53 -3.26
N ALA A 120 5.08 -1.45 -2.46
CA ALA A 120 5.13 -2.04 -1.13
C ALA A 120 5.40 -3.54 -1.25
N MET A 121 4.81 -4.14 -2.26
CA MET A 121 5.03 -5.56 -2.49
C MET A 121 6.51 -5.77 -2.76
N GLY A 122 7.14 -4.72 -3.29
CA GLY A 122 8.56 -4.75 -3.60
C GLY A 122 9.41 -4.94 -2.35
N ILE A 123 9.24 -4.06 -1.37
CA ILE A 123 10.02 -4.14 -0.13
C ILE A 123 9.55 -5.29 0.76
N TYR A 124 8.24 -5.43 0.91
CA TYR A 124 7.71 -6.50 1.74
C TYR A 124 8.40 -7.80 1.39
N ILE A 125 8.41 -8.11 0.10
CA ILE A 125 9.03 -9.32 -0.39
C ILE A 125 10.54 -9.28 -0.24
N SER A 126 11.14 -8.25 -0.84
CA SER A 126 12.59 -8.12 -0.84
C SER A 126 13.18 -7.77 0.53
N THR A 127 12.69 -6.70 1.15
CA THR A 127 13.24 -6.28 2.44
C THR A 127 13.15 -7.34 3.52
N LEU A 128 12.00 -7.98 3.64
CA LEU A 128 11.84 -8.97 4.69
C LEU A 128 12.43 -10.33 4.34
N LYS A 129 12.13 -10.88 3.16
CA LYS A 129 12.68 -12.19 2.83
C LYS A 129 14.20 -12.16 2.70
N THR A 130 14.74 -11.16 2.02
CA THR A 130 16.17 -11.07 1.86
C THR A 130 16.83 -10.92 3.22
N GLU A 131 16.24 -10.09 4.05
CA GLU A 131 16.78 -9.85 5.39
C GLU A 131 16.57 -11.08 6.27
N PHE A 132 15.37 -11.66 6.23
CA PHE A 132 15.08 -12.84 7.04
C PHE A 132 16.08 -13.96 6.72
N THR A 133 16.20 -14.31 5.44
CA THR A 133 17.14 -15.34 5.04
C THR A 133 18.52 -14.72 4.95
N GLN A 134 18.56 -13.40 5.02
CA GLN A 134 19.83 -12.67 4.93
C GLN A 134 20.53 -13.00 3.63
N GLY A 135 19.75 -13.18 2.57
CA GLY A 135 20.30 -13.51 1.27
C GLY A 135 20.59 -12.25 0.47
N THR A 1 7.51 -22.92 9.29
CA THR A 1 6.72 -21.72 9.55
C THR A 1 7.55 -20.67 10.27
N GLU A 2 7.95 -19.65 9.52
CA GLU A 2 8.76 -18.57 10.10
C GLU A 2 7.97 -17.27 10.14
N ARG A 3 8.37 -16.36 11.03
CA ARG A 3 7.67 -15.09 11.15
C ARG A 3 8.20 -14.11 10.12
N ASP A 4 7.35 -13.19 9.69
CA ASP A 4 7.77 -12.19 8.71
C ASP A 4 8.12 -10.90 9.44
N ALA A 5 9.20 -10.26 9.02
CA ALA A 5 9.62 -9.02 9.66
C ALA A 5 8.53 -7.95 9.51
N SER A 6 7.58 -7.95 10.45
CA SER A 6 6.48 -7.00 10.42
C SER A 6 6.98 -5.57 10.58
N ASN A 7 7.94 -5.36 11.48
CA ASN A 7 8.48 -4.03 11.69
C ASN A 7 9.02 -3.46 10.39
N TRP A 8 9.65 -4.33 9.60
CA TRP A 8 10.20 -3.94 8.32
C TRP A 8 9.08 -3.51 7.38
N SER A 9 7.96 -4.22 7.48
CA SER A 9 6.82 -3.96 6.61
C SER A 9 6.17 -2.61 6.87
N THR A 10 5.66 -2.40 8.08
CA THR A 10 5.00 -1.14 8.38
C THR A 10 5.96 0.03 8.21
N ASP A 11 7.16 -0.13 8.72
CA ASP A 11 8.16 0.92 8.64
C ASP A 11 8.29 1.48 7.23
N LYS A 12 8.39 0.60 6.24
CA LYS A 12 8.51 1.04 4.87
C LYS A 12 7.14 1.30 4.25
N LEU A 13 6.25 0.32 4.29
CA LEU A 13 4.92 0.52 3.73
C LEU A 13 4.29 1.80 4.27
N LYS A 14 4.38 2.02 5.57
CA LYS A 14 3.79 3.22 6.17
C LYS A 14 4.46 4.47 5.61
N THR A 15 5.79 4.46 5.58
CA THR A 15 6.55 5.59 5.08
C THR A 15 6.36 5.75 3.58
N LEU A 16 6.54 4.66 2.86
CA LEU A 16 6.37 4.68 1.42
C LEU A 16 4.97 5.15 1.10
N PHE A 17 4.04 4.83 1.98
CA PHE A 17 2.66 5.25 1.78
C PHE A 17 2.59 6.76 1.97
N LEU A 18 3.20 7.24 3.05
CA LEU A 18 3.23 8.67 3.32
C LEU A 18 4.04 9.35 2.22
N ALA A 19 4.87 8.55 1.57
CA ALA A 19 5.71 9.03 0.49
C ALA A 19 4.91 9.06 -0.80
N VAL A 20 3.66 8.66 -0.71
CA VAL A 20 2.82 8.64 -1.90
C VAL A 20 3.04 9.94 -2.65
N GLN A 21 3.45 9.81 -3.89
CA GLN A 21 3.77 10.97 -4.70
C GLN A 21 2.56 11.57 -5.39
N VAL A 22 2.76 12.82 -5.80
CA VAL A 22 1.75 13.61 -6.46
C VAL A 22 2.27 14.10 -7.82
N GLN A 23 1.33 14.44 -8.69
CA GLN A 23 1.65 14.96 -10.01
C GLN A 23 1.15 16.38 -10.11
N ASN A 24 0.26 16.63 -11.06
CA ASN A 24 -0.30 17.96 -11.25
C ASN A 24 -1.66 18.06 -10.54
N GLU A 25 -2.09 19.29 -10.26
CA GLU A 25 -3.37 19.50 -9.58
C GLU A 25 -4.51 18.80 -10.33
N GLU A 26 -4.24 18.48 -11.58
CA GLU A 26 -5.23 17.82 -12.43
C GLU A 26 -5.33 16.34 -12.09
N GLY A 27 -4.27 15.81 -11.52
CA GLY A 27 -4.22 14.41 -11.15
C GLY A 27 -3.09 14.16 -10.17
N LYS A 28 -3.14 14.85 -9.03
CA LYS A 28 -2.11 14.70 -8.01
C LYS A 28 -2.51 13.71 -6.93
N CYS A 29 -1.57 13.37 -6.06
CA CYS A 29 -1.86 12.42 -4.99
C CYS A 29 -0.90 12.59 -3.82
N GLU A 30 -1.45 12.76 -2.61
CA GLU A 30 -0.61 12.89 -1.43
C GLU A 30 -1.24 12.14 -0.26
N VAL A 31 -0.42 11.45 0.51
CA VAL A 31 -0.95 10.72 1.66
C VAL A 31 -0.83 11.58 2.92
N THR A 32 -1.81 11.50 3.80
CA THR A 32 -1.78 12.33 5.01
C THR A 32 -1.76 11.52 6.29
N GLU A 33 -1.95 10.20 6.19
CA GLU A 33 -1.93 9.37 7.39
C GLU A 33 -2.06 7.89 7.04
N VAL A 34 -1.19 7.10 7.66
CA VAL A 34 -1.20 5.67 7.46
C VAL A 34 -1.23 4.97 8.80
N SER A 35 -2.07 3.96 8.94
CA SER A 35 -2.13 3.26 10.21
C SER A 35 -0.91 2.36 10.33
N LYS A 36 -0.94 1.25 9.57
CA LYS A 36 0.15 0.28 9.56
C LYS A 36 -0.44 -1.09 9.22
N LEU A 37 0.36 -1.96 8.62
CA LEU A 37 -0.14 -3.28 8.28
C LEU A 37 -0.60 -3.98 9.55
N ASP A 38 -1.91 -3.99 9.79
CA ASP A 38 -2.43 -4.64 10.98
C ASP A 38 -2.84 -6.04 10.61
N GLY A 39 -1.99 -7.00 10.93
CA GLY A 39 -2.30 -8.35 10.56
C GLY A 39 -1.27 -9.36 11.00
N GLU A 40 -1.49 -10.61 10.57
CA GLU A 40 -0.57 -11.68 10.90
C GLU A 40 0.22 -12.09 9.66
N ALA A 41 1.39 -11.49 9.47
CA ALA A 41 2.21 -11.81 8.33
C ALA A 41 3.32 -12.77 8.76
N SER A 42 3.36 -13.92 8.12
CA SER A 42 4.36 -14.92 8.44
C SER A 42 4.87 -15.59 7.17
N ILE A 43 6.15 -15.89 7.15
CA ILE A 43 6.74 -16.51 5.98
C ILE A 43 7.25 -17.91 6.33
N ASN A 44 7.28 -18.78 5.32
CA ASN A 44 7.76 -20.14 5.53
C ASN A 44 9.27 -20.15 5.49
N ASN A 45 9.86 -21.26 5.96
CA ASN A 45 11.31 -21.40 6.07
C ASN A 45 12.06 -20.54 5.08
N ARG A 46 13.29 -20.21 5.45
CA ARG A 46 14.11 -19.35 4.66
C ARG A 46 15.35 -20.04 4.15
N LYS A 47 16.14 -19.26 3.44
CA LYS A 47 17.36 -19.74 2.85
C LYS A 47 17.02 -20.62 1.66
N GLY A 48 16.02 -20.20 0.89
CA GLY A 48 15.60 -20.93 -0.30
C GLY A 48 14.28 -21.69 -0.10
N LYS A 49 13.47 -21.25 0.86
CA LYS A 49 12.18 -21.87 1.10
C LYS A 49 11.26 -20.82 1.71
N LEU A 50 11.60 -19.56 1.44
CA LEU A 50 10.85 -18.43 1.99
C LEU A 50 9.70 -18.03 1.12
N ILE A 51 8.52 -18.04 1.72
CA ILE A 51 7.32 -17.60 1.01
C ILE A 51 6.56 -16.64 1.91
N PHE A 52 5.82 -15.72 1.31
CA PHE A 52 5.14 -14.70 2.10
C PHE A 52 3.62 -14.76 2.05
N PHE A 53 3.01 -15.38 3.06
CA PHE A 53 1.55 -15.41 3.13
C PHE A 53 1.10 -14.59 4.34
N TYR A 54 0.26 -13.60 4.09
CA TYR A 54 -0.23 -12.74 5.16
C TYR A 54 -1.74 -12.71 5.17
N GLU A 55 -2.35 -12.67 6.36
CA GLU A 55 -3.80 -12.68 6.44
C GLU A 55 -4.34 -11.70 7.46
N TRP A 56 -4.89 -10.59 6.96
CA TRP A 56 -5.50 -9.59 7.82
C TRP A 56 -5.82 -8.32 7.05
N SER A 57 -6.07 -7.22 7.77
CA SER A 57 -6.41 -5.96 7.13
C SER A 57 -5.45 -4.83 7.46
N VAL A 58 -5.26 -3.94 6.48
CA VAL A 58 -4.40 -2.77 6.66
C VAL A 58 -5.25 -1.52 6.42
N LYS A 59 -5.01 -0.46 7.19
CA LYS A 59 -5.83 0.74 7.06
C LYS A 59 -5.00 2.01 6.94
N LEU A 60 -5.39 2.88 6.00
CA LEU A 60 -4.68 4.15 5.80
C LEU A 60 -5.60 5.17 5.12
N ASN A 61 -5.19 6.44 5.14
CA ASN A 61 -5.98 7.52 4.55
C ASN A 61 -5.11 8.38 3.62
N TRP A 62 -5.67 8.78 2.48
CA TRP A 62 -4.90 9.59 1.53
C TRP A 62 -5.62 10.88 1.15
N THR A 63 -4.90 11.74 0.41
CA THR A 63 -5.44 13.03 -0.03
C THR A 63 -5.02 13.32 -1.47
N GLY A 64 -5.82 14.11 -2.16
CA GLY A 64 -5.51 14.47 -3.54
C GLY A 64 -6.26 15.72 -3.96
N THR A 65 -5.63 16.51 -4.83
CA THR A 65 -6.25 17.74 -5.31
C THR A 65 -6.62 17.61 -6.78
N SER A 66 -7.71 18.25 -7.16
CA SER A 66 -8.19 18.20 -8.55
C SER A 66 -8.04 19.54 -9.23
N LYS A 67 -7.94 19.51 -10.55
CA LYS A 67 -7.83 20.75 -11.31
C LYS A 67 -9.01 21.64 -10.95
N SER A 68 -10.09 21.02 -10.51
CA SER A 68 -11.30 21.74 -10.12
C SER A 68 -10.97 22.68 -8.95
N GLY A 69 -9.97 22.30 -8.19
CA GLY A 69 -9.55 23.10 -7.04
C GLY A 69 -10.06 22.50 -5.74
N VAL A 70 -10.36 21.21 -5.75
CA VAL A 70 -10.88 20.57 -4.55
C VAL A 70 -9.96 19.46 -4.04
N GLN A 71 -9.75 19.45 -2.73
CA GLN A 71 -8.94 18.41 -2.11
C GLN A 71 -9.90 17.37 -1.54
N TYR A 72 -9.51 16.11 -1.61
CA TYR A 72 -10.39 15.07 -1.12
C TYR A 72 -9.59 13.98 -0.46
N LYS A 73 -10.00 13.63 0.74
CA LYS A 73 -9.32 12.58 1.47
C LYS A 73 -10.20 11.35 1.50
N GLY A 74 -9.77 10.35 0.75
CA GLY A 74 -10.49 9.10 0.64
C GLY A 74 -9.98 8.05 1.60
N HIS A 75 -10.59 6.88 1.49
CA HIS A 75 -10.24 5.75 2.33
C HIS A 75 -9.63 4.64 1.48
N VAL A 76 -8.70 3.89 2.08
CA VAL A 76 -8.07 2.79 1.39
C VAL A 76 -7.73 1.69 2.39
N GLU A 77 -8.45 0.59 2.29
CA GLU A 77 -8.25 -0.53 3.21
C GLU A 77 -8.27 -1.86 2.45
N ILE A 78 -7.28 -2.71 2.69
CA ILE A 78 -7.22 -3.99 2.02
C ILE A 78 -7.45 -5.13 3.03
N PRO A 79 -8.55 -5.84 2.94
CA PRO A 79 -8.86 -6.93 3.90
C PRO A 79 -7.81 -8.07 3.94
N ASN A 80 -8.29 -9.27 4.25
CA ASN A 80 -7.45 -10.47 4.39
C ASN A 80 -6.75 -10.91 3.10
N LEU A 81 -6.35 -9.97 2.25
CA LEU A 81 -5.65 -10.34 1.03
C LEU A 81 -4.16 -10.51 1.33
N SER A 82 -3.61 -11.69 1.06
CA SER A 82 -2.20 -11.95 1.31
C SER A 82 -1.31 -11.32 0.26
N ASP A 83 -0.16 -10.81 0.70
CA ASP A 83 0.80 -10.19 -0.19
C ASP A 83 1.60 -11.27 -0.92
N GLU A 84 1.11 -12.51 -0.85
CA GLU A 84 1.77 -13.63 -1.50
C GLU A 84 1.87 -13.35 -2.98
N ASN A 85 1.26 -12.23 -3.35
CA ASN A 85 1.27 -11.78 -4.73
C ASN A 85 1.54 -10.29 -4.77
N SER A 86 1.63 -9.74 -5.98
CA SER A 86 1.89 -8.31 -6.10
C SER A 86 0.88 -7.53 -5.28
N VAL A 87 1.34 -6.48 -4.61
CA VAL A 87 0.44 -5.68 -3.77
C VAL A 87 -0.65 -5.04 -4.63
N ASP A 88 -0.27 -4.59 -5.81
CA ASP A 88 -1.21 -3.94 -6.71
C ASP A 88 -2.36 -4.87 -7.11
N GLU A 89 -2.08 -6.17 -7.18
CA GLU A 89 -3.12 -7.11 -7.56
C GLU A 89 -4.08 -7.34 -6.40
N VAL A 90 -3.68 -6.83 -5.23
CA VAL A 90 -4.50 -6.97 -4.03
C VAL A 90 -5.79 -6.17 -4.16
N GLU A 91 -6.84 -6.64 -3.49
CA GLU A 91 -8.12 -5.96 -3.53
C GLU A 91 -8.11 -4.84 -2.50
N ILE A 92 -8.07 -3.63 -3.01
CA ILE A 92 -8.03 -2.46 -2.15
C ILE A 92 -9.37 -1.74 -2.18
N SER A 93 -9.88 -1.41 -1.01
CA SER A 93 -11.16 -0.71 -0.92
C SER A 93 -10.91 0.80 -0.95
N VAL A 94 -10.89 1.36 -2.14
CA VAL A 94 -10.64 2.78 -2.30
C VAL A 94 -11.93 3.59 -2.23
N SER A 95 -11.82 4.79 -1.68
CA SER A 95 -12.96 5.69 -1.58
C SER A 95 -12.50 7.12 -1.74
N LEU A 96 -12.22 7.51 -2.96
CA LEU A 96 -11.76 8.86 -3.23
C LEU A 96 -12.40 9.44 -4.48
N ALA A 97 -12.85 10.69 -4.35
CA ALA A 97 -13.49 11.42 -5.45
C ALA A 97 -14.98 11.14 -5.52
N LYS A 98 -15.41 10.01 -4.98
CA LYS A 98 -16.82 9.68 -4.99
C LYS A 98 -17.60 10.79 -4.30
N ASP A 99 -16.92 11.48 -3.42
CA ASP A 99 -17.54 12.58 -2.68
C ASP A 99 -17.17 13.94 -3.30
N GLU A 100 -16.11 13.97 -4.11
CA GLU A 100 -15.68 15.24 -4.72
C GLU A 100 -15.61 15.13 -6.26
N PRO A 101 -15.42 16.24 -6.96
CA PRO A 101 -15.37 16.26 -8.45
C PRO A 101 -14.02 15.84 -9.04
N ASP A 102 -13.30 14.94 -8.37
CA ASP A 102 -12.00 14.51 -8.88
C ASP A 102 -12.15 13.53 -10.06
N THR A 103 -13.06 12.56 -9.90
CA THR A 103 -13.33 11.54 -10.93
C THR A 103 -12.12 11.17 -11.80
N ASN A 104 -11.64 12.09 -12.62
CA ASN A 104 -10.50 11.81 -13.47
C ASN A 104 -9.30 11.40 -12.62
N LEU A 105 -9.17 12.07 -11.47
CA LEU A 105 -8.06 11.79 -10.57
C LEU A 105 -8.17 10.43 -9.89
N VAL A 106 -9.31 10.10 -9.31
CA VAL A 106 -9.42 8.80 -8.66
C VAL A 106 -8.83 7.74 -9.59
N ALA A 107 -9.38 7.65 -10.79
CA ALA A 107 -8.87 6.69 -11.77
C ALA A 107 -7.34 6.68 -11.75
N LEU A 108 -6.74 7.85 -11.82
CA LEU A 108 -5.29 7.93 -11.78
C LEU A 108 -4.77 7.23 -10.54
N MET A 109 -5.35 7.59 -9.39
CA MET A 109 -4.96 7.00 -8.13
C MET A 109 -5.12 5.47 -8.16
N LYS A 110 -5.93 4.99 -9.09
CA LYS A 110 -6.15 3.55 -9.21
C LYS A 110 -5.09 2.93 -10.10
N GLU A 111 -4.32 3.78 -10.76
CA GLU A 111 -3.25 3.29 -11.61
C GLU A 111 -1.91 3.80 -11.09
N GLU A 112 -1.99 4.84 -10.25
CA GLU A 112 -0.83 5.47 -9.66
C GLU A 112 -0.78 5.27 -8.15
N GLY A 113 -1.93 5.42 -7.50
CA GLY A 113 -2.00 5.27 -6.05
C GLY A 113 -1.86 3.81 -5.67
N VAL A 114 -2.87 3.02 -5.98
CA VAL A 114 -2.80 1.61 -5.67
C VAL A 114 -1.50 1.07 -6.25
N LYS A 115 -1.03 1.75 -7.31
CA LYS A 115 0.23 1.36 -7.94
C LYS A 115 1.38 1.62 -6.97
N LEU A 116 1.37 2.80 -6.35
CA LEU A 116 2.43 3.12 -5.39
C LEU A 116 2.60 1.94 -4.46
N LEU A 117 1.47 1.35 -4.11
CA LEU A 117 1.46 0.20 -3.24
C LEU A 117 2.21 -0.94 -3.92
N ARG A 118 2.12 -1.00 -5.25
CA ARG A 118 2.83 -2.03 -5.97
C ARG A 118 4.28 -1.96 -5.52
N GLU A 119 4.73 -0.75 -5.27
CA GLU A 119 6.08 -0.54 -4.78
C GLU A 119 6.21 -1.17 -3.40
N ALA A 120 5.12 -1.15 -2.64
CA ALA A 120 5.15 -1.78 -1.32
C ALA A 120 5.51 -3.24 -1.49
N MET A 121 4.98 -3.86 -2.54
CA MET A 121 5.28 -5.24 -2.83
C MET A 121 6.80 -5.36 -2.99
N GLY A 122 7.39 -4.28 -3.50
CA GLY A 122 8.83 -4.24 -3.73
C GLY A 122 9.63 -4.37 -2.42
N ILE A 123 9.35 -3.51 -1.45
CA ILE A 123 10.07 -3.53 -0.17
C ILE A 123 9.62 -4.67 0.73
N TYR A 124 8.32 -4.88 0.83
CA TYR A 124 7.80 -5.95 1.68
C TYR A 124 8.45 -7.26 1.30
N ILE A 125 8.47 -7.52 0.02
CA ILE A 125 9.05 -8.75 -0.50
C ILE A 125 10.56 -8.70 -0.46
N SER A 126 11.13 -7.57 -0.83
CA SER A 126 12.58 -7.44 -0.85
C SER A 126 13.18 -7.22 0.52
N THR A 127 12.76 -6.17 1.21
CA THR A 127 13.33 -5.84 2.51
C THR A 127 13.10 -6.92 3.58
N LEU A 128 11.88 -7.44 3.67
CA LEU A 128 11.60 -8.44 4.70
C LEU A 128 12.21 -9.79 4.36
N LYS A 129 12.04 -10.25 3.12
CA LYS A 129 12.58 -11.56 2.76
C LYS A 129 14.10 -11.52 2.69
N THR A 130 14.65 -10.50 2.05
CA THR A 130 16.11 -10.39 1.96
C THR A 130 16.69 -10.35 3.36
N GLU A 131 16.00 -9.66 4.26
CA GLU A 131 16.45 -9.55 5.63
C GLU A 131 16.29 -10.89 6.36
N PHE A 132 15.10 -11.48 6.23
CA PHE A 132 14.86 -12.77 6.88
C PHE A 132 15.83 -13.84 6.36
N THR A 133 15.80 -14.12 5.06
CA THR A 133 16.71 -15.09 4.50
C THR A 133 18.10 -14.49 4.43
N GLN A 134 18.20 -13.23 4.83
CA GLN A 134 19.47 -12.53 4.82
C GLN A 134 20.04 -12.50 3.40
N GLY A 135 19.15 -12.40 2.42
CA GLY A 135 19.57 -12.38 1.03
C GLY A 135 20.50 -13.53 0.71
N THR A 1 6.37 -22.58 9.02
CA THR A 1 5.71 -21.31 9.31
C THR A 1 6.64 -20.42 10.13
N GLU A 2 7.42 -19.59 9.44
CA GLU A 2 8.35 -18.68 10.11
C GLU A 2 7.80 -17.25 10.09
N ARG A 3 8.11 -16.49 11.14
CA ARG A 3 7.65 -15.11 11.22
C ARG A 3 8.30 -14.25 10.15
N ASP A 4 7.53 -13.34 9.58
CA ASP A 4 8.06 -12.45 8.56
C ASP A 4 8.36 -11.09 9.18
N ALA A 5 9.59 -10.60 8.98
CA ALA A 5 9.98 -9.31 9.54
C ALA A 5 8.90 -8.27 9.26
N SER A 6 7.92 -8.19 10.16
CA SER A 6 6.82 -7.24 10.02
C SER A 6 7.29 -5.82 10.29
N ASN A 7 8.24 -5.67 11.21
CA ASN A 7 8.75 -4.34 11.55
C ASN A 7 9.28 -3.65 10.30
N TRP A 8 9.80 -4.45 9.39
CA TRP A 8 10.34 -3.93 8.13
C TRP A 8 9.21 -3.35 7.30
N SER A 9 8.06 -4.00 7.34
CA SER A 9 6.92 -3.56 6.55
C SER A 9 6.36 -2.22 7.04
N THR A 10 5.90 -2.16 8.28
CA THR A 10 5.37 -0.91 8.78
C THR A 10 6.36 0.22 8.56
N ASP A 11 7.58 0.00 8.94
CA ASP A 11 8.63 1.00 8.79
C ASP A 11 8.68 1.55 7.37
N LYS A 12 8.62 0.68 6.39
CA LYS A 12 8.66 1.10 5.00
C LYS A 12 7.27 1.51 4.52
N LEU A 13 6.31 0.60 4.63
CA LEU A 13 4.94 0.90 4.22
C LEU A 13 4.47 2.21 4.83
N LYS A 14 4.67 2.37 6.13
CA LYS A 14 4.23 3.58 6.81
C LYS A 14 4.90 4.80 6.19
N THR A 15 6.22 4.75 6.05
CA THR A 15 6.96 5.85 5.46
C THR A 15 6.55 6.05 4.01
N LEU A 16 6.58 4.96 3.27
CA LEU A 16 6.21 4.98 1.87
C LEU A 16 4.78 5.45 1.71
N PHE A 17 3.95 5.11 2.69
CA PHE A 17 2.55 5.50 2.65
C PHE A 17 2.40 6.94 3.10
N LEU A 18 3.24 7.36 4.07
CA LEU A 18 3.19 8.74 4.53
C LEU A 18 4.00 9.60 3.56
N ALA A 19 4.47 8.95 2.50
CA ALA A 19 5.27 9.62 1.49
C ALA A 19 4.57 9.56 0.15
N VAL A 20 3.31 9.16 0.15
CA VAL A 20 2.57 9.07 -1.10
C VAL A 20 2.81 10.35 -1.89
N GLN A 21 3.37 10.19 -3.07
CA GLN A 21 3.72 11.33 -3.90
C GLN A 21 2.56 11.82 -4.76
N VAL A 22 2.68 13.08 -5.13
CA VAL A 22 1.69 13.76 -5.94
C VAL A 22 2.25 14.12 -7.31
N GLN A 23 1.36 14.25 -8.28
CA GLN A 23 1.72 14.61 -9.64
C GLN A 23 1.06 15.93 -9.99
N ASN A 24 0.23 15.92 -11.01
CA ASN A 24 -0.48 17.13 -11.45
C ASN A 24 -1.80 17.24 -10.70
N GLU A 25 -2.30 18.47 -10.56
CA GLU A 25 -3.55 18.71 -9.86
C GLU A 25 -4.66 17.82 -10.43
N GLU A 26 -4.47 17.38 -11.65
CA GLU A 26 -5.44 16.52 -12.32
C GLU A 26 -5.35 15.09 -11.81
N GLY A 27 -4.16 14.70 -11.37
CA GLY A 27 -3.94 13.35 -10.86
C GLY A 27 -2.88 13.38 -9.77
N LYS A 28 -3.10 14.21 -8.76
CA LYS A 28 -2.15 14.33 -7.67
C LYS A 28 -2.54 13.47 -6.48
N CYS A 29 -1.62 13.30 -5.54
CA CYS A 29 -1.90 12.51 -4.35
C CYS A 29 -1.00 12.90 -3.19
N GLU A 30 -1.60 13.07 -2.02
CA GLU A 30 -0.83 13.42 -0.84
C GLU A 30 -1.39 12.67 0.36
N VAL A 31 -0.51 12.09 1.16
CA VAL A 31 -0.95 11.33 2.33
C VAL A 31 -1.35 12.25 3.47
N THR A 32 -2.40 11.87 4.19
CA THR A 32 -2.85 12.67 5.33
C THR A 32 -2.44 11.99 6.63
N GLU A 33 -2.30 10.65 6.58
CA GLU A 33 -1.91 9.85 7.73
C GLU A 33 -2.05 8.37 7.39
N VAL A 34 -1.16 7.56 7.95
CA VAL A 34 -1.21 6.12 7.70
C VAL A 34 -1.21 5.39 9.03
N SER A 35 -2.08 4.41 9.17
CA SER A 35 -2.15 3.68 10.41
C SER A 35 -0.97 2.73 10.54
N LYS A 36 -0.94 1.75 9.64
CA LYS A 36 0.09 0.70 9.59
C LYS A 36 -0.63 -0.58 9.23
N LEU A 37 0.04 -1.48 8.51
CA LEU A 37 -0.60 -2.73 8.14
C LEU A 37 -0.86 -3.54 9.41
N ASP A 38 -2.13 -3.65 9.78
CA ASP A 38 -2.49 -4.40 10.96
C ASP A 38 -2.87 -5.80 10.56
N GLY A 39 -1.99 -6.76 10.83
CA GLY A 39 -2.29 -8.11 10.43
C GLY A 39 -1.27 -9.13 10.87
N GLU A 40 -1.54 -10.39 10.49
CA GLU A 40 -0.63 -11.47 10.82
C GLU A 40 0.21 -11.87 9.61
N ALA A 41 1.43 -11.34 9.56
CA ALA A 41 2.32 -11.64 8.45
C ALA A 41 3.37 -12.66 8.90
N SER A 42 3.56 -13.69 8.08
CA SER A 42 4.53 -14.73 8.42
C SER A 42 5.01 -15.42 7.15
N ILE A 43 6.25 -15.91 7.16
CA ILE A 43 6.80 -16.58 6.00
C ILE A 43 7.23 -18.00 6.31
N ASN A 44 7.21 -18.85 5.28
CA ASN A 44 7.64 -20.23 5.40
C ASN A 44 9.16 -20.28 5.31
N ASN A 45 9.74 -21.43 5.72
CA ASN A 45 11.20 -21.62 5.75
C ASN A 45 11.93 -20.76 4.75
N ARG A 46 13.19 -20.50 5.03
CA ARG A 46 14.00 -19.66 4.19
C ARG A 46 15.19 -20.37 3.62
N LYS A 47 15.96 -19.61 2.88
CA LYS A 47 17.14 -20.11 2.23
C LYS A 47 16.73 -21.02 1.07
N GLY A 48 15.72 -20.56 0.34
CA GLY A 48 15.21 -21.29 -0.82
C GLY A 48 13.87 -21.96 -0.55
N LYS A 49 13.13 -21.45 0.43
CA LYS A 49 11.81 -21.99 0.73
C LYS A 49 10.99 -20.89 1.40
N LEU A 50 11.41 -19.64 1.19
CA LEU A 50 10.71 -18.50 1.80
C LEU A 50 9.56 -18.01 0.98
N ILE A 51 8.42 -17.98 1.62
CA ILE A 51 7.21 -17.46 0.97
C ILE A 51 6.50 -16.55 1.95
N PHE A 52 5.77 -15.55 1.45
CA PHE A 52 5.11 -14.62 2.35
C PHE A 52 3.59 -14.62 2.25
N PHE A 53 2.94 -15.20 3.26
CA PHE A 53 1.49 -15.19 3.30
C PHE A 53 1.04 -14.29 4.45
N TYR A 54 0.21 -13.30 4.14
CA TYR A 54 -0.29 -12.39 5.17
C TYR A 54 -1.80 -12.40 5.19
N GLU A 55 -2.40 -12.40 6.38
CA GLU A 55 -3.85 -12.45 6.46
C GLU A 55 -4.41 -11.44 7.46
N TRP A 56 -4.95 -10.35 6.93
CA TRP A 56 -5.56 -9.32 7.77
C TRP A 56 -5.88 -8.07 6.97
N SER A 57 -6.12 -6.97 7.68
CA SER A 57 -6.48 -5.72 6.99
C SER A 57 -5.57 -4.54 7.38
N VAL A 58 -5.35 -3.64 6.41
CA VAL A 58 -4.55 -2.44 6.63
C VAL A 58 -5.45 -1.23 6.44
N LYS A 59 -5.18 -0.15 7.16
CA LYS A 59 -6.03 1.03 7.05
C LYS A 59 -5.23 2.33 7.00
N LEU A 60 -5.54 3.16 6.00
CA LEU A 60 -4.87 4.44 5.87
C LEU A 60 -5.76 5.47 5.17
N ASN A 61 -5.34 6.73 5.19
CA ASN A 61 -6.10 7.80 4.56
C ASN A 61 -5.19 8.64 3.66
N TRP A 62 -5.74 9.16 2.56
CA TRP A 62 -4.93 9.95 1.66
C TRP A 62 -5.66 11.22 1.20
N THR A 63 -4.98 12.04 0.40
CA THR A 63 -5.57 13.28 -0.12
C THR A 63 -5.33 13.42 -1.61
N GLY A 64 -6.21 14.13 -2.28
CA GLY A 64 -6.09 14.35 -3.72
C GLY A 64 -6.78 15.63 -4.13
N THR A 65 -6.19 16.34 -5.10
CA THR A 65 -6.76 17.60 -5.56
C THR A 65 -7.18 17.51 -7.02
N SER A 66 -8.19 18.30 -7.37
CA SER A 66 -8.70 18.34 -8.73
C SER A 66 -8.49 19.72 -9.32
N LYS A 67 -8.26 19.78 -10.61
CA LYS A 67 -8.06 21.06 -11.27
C LYS A 67 -9.32 21.90 -11.08
N SER A 68 -10.42 21.22 -10.81
CA SER A 68 -11.67 21.89 -10.58
C SER A 68 -11.52 22.83 -9.38
N GLY A 69 -10.56 22.49 -8.53
CA GLY A 69 -10.28 23.29 -7.34
C GLY A 69 -10.78 22.60 -6.07
N VAL A 70 -10.82 21.28 -6.07
CA VAL A 70 -11.30 20.56 -4.89
C VAL A 70 -10.27 19.56 -4.35
N GLN A 71 -10.12 19.57 -3.03
CA GLN A 71 -9.23 18.63 -2.36
C GLN A 71 -10.12 17.64 -1.64
N TYR A 72 -9.71 16.39 -1.58
CA TYR A 72 -10.56 15.39 -0.95
C TYR A 72 -9.75 14.27 -0.35
N LYS A 73 -10.12 13.90 0.85
CA LYS A 73 -9.44 12.84 1.54
C LYS A 73 -10.28 11.57 1.48
N GLY A 74 -9.77 10.58 0.77
CA GLY A 74 -10.48 9.33 0.61
C GLY A 74 -10.00 8.26 1.59
N HIS A 75 -10.56 7.07 1.43
CA HIS A 75 -10.24 5.93 2.28
C HIS A 75 -9.52 4.84 1.51
N VAL A 76 -8.67 4.10 2.20
CA VAL A 76 -7.93 3.01 1.58
C VAL A 76 -7.75 1.87 2.57
N GLU A 77 -8.42 0.76 2.30
CA GLU A 77 -8.32 -0.41 3.18
C GLU A 77 -8.25 -1.70 2.36
N ILE A 78 -7.26 -2.53 2.64
CA ILE A 78 -7.14 -3.81 1.93
C ILE A 78 -7.35 -4.96 2.91
N PRO A 79 -8.44 -5.68 2.81
CA PRO A 79 -8.74 -6.79 3.76
C PRO A 79 -7.68 -7.91 3.78
N ASN A 80 -8.16 -9.11 4.10
CA ASN A 80 -7.32 -10.31 4.23
C ASN A 80 -6.64 -10.75 2.93
N LEU A 81 -6.25 -9.82 2.07
CA LEU A 81 -5.58 -10.20 0.84
C LEU A 81 -4.10 -10.49 1.12
N SER A 82 -3.65 -11.71 0.78
CA SER A 82 -2.26 -12.08 1.03
C SER A 82 -1.32 -11.47 -0.01
N ASP A 83 -0.23 -10.89 0.48
CA ASP A 83 0.76 -10.28 -0.40
C ASP A 83 1.65 -11.36 -1.01
N GLU A 84 1.22 -12.61 -0.89
CA GLU A 84 1.99 -13.73 -1.43
C GLU A 84 2.17 -13.53 -2.92
N ASN A 85 1.50 -12.50 -3.40
CA ASN A 85 1.54 -12.14 -4.81
C ASN A 85 1.68 -10.63 -4.95
N SER A 86 1.64 -10.12 -6.17
CA SER A 86 1.76 -8.69 -6.37
C SER A 86 0.79 -7.97 -5.44
N VAL A 87 1.34 -7.12 -4.57
CA VAL A 87 0.51 -6.38 -3.62
C VAL A 87 -0.54 -5.54 -4.34
N ASP A 88 -0.13 -4.91 -5.42
CA ASP A 88 -1.04 -4.06 -6.18
C ASP A 88 -2.27 -4.83 -6.64
N GLU A 89 -2.13 -6.13 -6.83
CA GLU A 89 -3.25 -6.95 -7.27
C GLU A 89 -4.22 -7.16 -6.12
N VAL A 90 -3.85 -6.71 -4.93
CA VAL A 90 -4.72 -6.87 -3.77
C VAL A 90 -5.94 -5.98 -3.90
N GLU A 91 -7.03 -6.41 -3.27
CA GLU A 91 -8.27 -5.65 -3.31
C GLU A 91 -8.15 -4.47 -2.35
N ILE A 92 -8.08 -3.29 -2.93
CA ILE A 92 -7.96 -2.08 -2.14
C ILE A 92 -9.28 -1.34 -2.11
N SER A 93 -9.73 -0.97 -0.92
CA SER A 93 -11.00 -0.25 -0.80
C SER A 93 -10.74 1.25 -0.93
N VAL A 94 -10.78 1.73 -2.16
CA VAL A 94 -10.53 3.13 -2.41
C VAL A 94 -11.82 3.93 -2.40
N SER A 95 -11.75 5.09 -1.77
CA SER A 95 -12.91 5.99 -1.70
C SER A 95 -12.45 7.42 -1.86
N LEU A 96 -12.16 7.79 -3.09
CA LEU A 96 -11.72 9.15 -3.35
C LEU A 96 -12.27 9.67 -4.67
N ALA A 97 -12.75 10.91 -4.64
CA ALA A 97 -13.31 11.55 -5.83
C ALA A 97 -14.72 11.07 -6.12
N LYS A 98 -15.10 9.95 -5.53
CA LYS A 98 -16.44 9.41 -5.75
C LYS A 98 -17.49 10.42 -5.34
N ASP A 99 -17.16 11.21 -4.33
CA ASP A 99 -18.06 12.24 -3.84
C ASP A 99 -17.65 13.60 -4.36
N GLU A 100 -16.49 13.65 -5.01
CA GLU A 100 -15.97 14.90 -5.51
C GLU A 100 -16.03 14.99 -7.04
N PRO A 101 -15.75 16.16 -7.62
CA PRO A 101 -15.79 16.39 -9.09
C PRO A 101 -14.53 15.97 -9.85
N ASP A 102 -13.83 14.92 -9.40
CA ASP A 102 -12.61 14.51 -10.09
C ASP A 102 -12.71 13.12 -10.71
N THR A 103 -13.33 12.19 -9.98
CA THR A 103 -13.49 10.80 -10.43
C THR A 103 -12.31 10.29 -11.29
N ASN A 104 -12.14 10.84 -12.48
CA ASN A 104 -11.03 10.40 -13.34
C ASN A 104 -9.72 10.37 -12.57
N LEU A 105 -9.53 11.34 -11.67
CA LEU A 105 -8.31 11.41 -10.87
C LEU A 105 -8.10 10.15 -10.05
N VAL A 106 -9.17 9.70 -9.39
CA VAL A 106 -9.07 8.52 -8.55
C VAL A 106 -8.62 7.30 -9.36
N ALA A 107 -8.98 7.28 -10.64
CA ALA A 107 -8.60 6.17 -11.48
C ALA A 107 -7.09 6.16 -11.64
N LEU A 108 -6.53 7.27 -12.06
CA LEU A 108 -5.10 7.36 -12.22
C LEU A 108 -4.43 6.97 -10.91
N MET A 109 -4.97 7.47 -9.82
CA MET A 109 -4.44 7.16 -8.51
C MET A 109 -4.46 5.65 -8.33
N LYS A 110 -5.31 4.99 -9.11
CA LYS A 110 -5.42 3.54 -9.05
C LYS A 110 -4.22 2.89 -9.72
N GLU A 111 -3.63 3.62 -10.65
CA GLU A 111 -2.46 3.12 -11.37
C GLU A 111 -1.20 3.81 -10.84
N GLU A 112 -1.38 4.84 -10.04
CA GLU A 112 -0.29 5.60 -9.45
C GLU A 112 -0.24 5.43 -7.93
N GLY A 113 -1.38 5.68 -7.28
CA GLY A 113 -1.49 5.59 -5.83
C GLY A 113 -1.45 4.14 -5.40
N VAL A 114 -2.48 3.40 -5.77
CA VAL A 114 -2.51 1.99 -5.43
C VAL A 114 -1.21 1.40 -5.91
N LYS A 115 -0.77 1.90 -7.06
CA LYS A 115 0.49 1.47 -7.63
C LYS A 115 1.63 1.75 -6.65
N LEU A 116 1.62 2.94 -6.07
CA LEU A 116 2.66 3.28 -5.10
C LEU A 116 2.83 2.09 -4.16
N LEU A 117 1.71 1.52 -3.78
CA LEU A 117 1.70 0.36 -2.90
C LEU A 117 2.43 -0.79 -3.59
N ARG A 118 2.32 -0.83 -4.91
CA ARG A 118 3.02 -1.86 -5.67
C ARG A 118 4.46 -1.85 -5.21
N GLU A 119 4.95 -0.64 -4.97
CA GLU A 119 6.31 -0.47 -4.49
C GLU A 119 6.41 -1.11 -3.11
N ALA A 120 5.29 -1.09 -2.36
CA ALA A 120 5.29 -1.71 -1.04
C ALA A 120 5.72 -3.16 -1.18
N MET A 121 5.24 -3.81 -2.23
CA MET A 121 5.61 -5.19 -2.48
C MET A 121 7.12 -5.24 -2.72
N GLY A 122 7.64 -4.16 -3.30
CA GLY A 122 9.06 -4.08 -3.60
C GLY A 122 9.94 -4.26 -2.35
N ILE A 123 9.61 -3.53 -1.29
CA ILE A 123 10.39 -3.61 -0.05
C ILE A 123 9.98 -4.83 0.79
N TYR A 124 8.68 -5.05 0.87
CA TYR A 124 8.15 -6.15 1.67
C TYR A 124 8.77 -7.46 1.23
N ILE A 125 8.77 -7.70 -0.08
CA ILE A 125 9.33 -8.93 -0.61
C ILE A 125 10.85 -8.89 -0.62
N SER A 126 11.42 -7.76 -0.94
CA SER A 126 12.87 -7.65 -1.00
C SER A 126 13.50 -7.50 0.38
N THR A 127 13.14 -6.44 1.09
CA THR A 127 13.73 -6.18 2.39
C THR A 127 13.45 -7.29 3.39
N LEU A 128 12.23 -7.80 3.42
CA LEU A 128 11.89 -8.83 4.36
C LEU A 128 12.54 -10.16 4.00
N LYS A 129 12.30 -10.63 2.78
CA LYS A 129 12.88 -11.90 2.36
C LYS A 129 14.39 -11.83 2.27
N THR A 130 14.93 -10.79 1.63
CA THR A 130 16.38 -10.68 1.54
C THR A 130 17.00 -10.76 2.93
N GLU A 131 16.31 -10.16 3.91
CA GLU A 131 16.79 -10.17 5.28
C GLU A 131 16.59 -11.55 5.91
N PHE A 132 15.35 -12.04 5.86
CA PHE A 132 15.05 -13.34 6.46
C PHE A 132 15.85 -14.47 5.78
N THR A 133 15.75 -14.60 4.47
CA THR A 133 16.49 -15.62 3.76
C THR A 133 17.95 -15.20 3.69
N GLN A 134 18.21 -13.97 4.14
CA GLN A 134 19.56 -13.43 4.13
C GLN A 134 20.12 -13.44 2.71
N GLY A 135 19.25 -13.17 1.75
CA GLY A 135 19.65 -13.14 0.35
C GLY A 135 20.68 -14.23 0.06
N THR A 1 7.46 -23.14 9.69
CA THR A 1 6.64 -22.02 10.19
C THR A 1 7.54 -20.87 10.65
N GLU A 2 7.87 -19.99 9.72
CA GLU A 2 8.72 -18.84 10.05
C GLU A 2 7.89 -17.56 10.08
N ARG A 3 8.26 -16.64 10.97
CA ARG A 3 7.54 -15.38 11.10
C ARG A 3 8.01 -14.37 10.06
N ASP A 4 7.12 -13.45 9.70
CA ASP A 4 7.45 -12.41 8.72
C ASP A 4 7.99 -11.19 9.46
N ALA A 5 9.04 -10.59 8.92
CA ALA A 5 9.60 -9.40 9.55
C ALA A 5 8.64 -8.23 9.44
N SER A 6 7.72 -8.14 10.39
CA SER A 6 6.73 -7.06 10.39
C SER A 6 7.40 -5.73 10.74
N ASN A 7 8.45 -5.81 11.55
CA ASN A 7 9.15 -4.59 11.97
C ASN A 7 9.64 -3.80 10.76
N TRP A 8 10.26 -4.49 9.80
CA TRP A 8 10.74 -3.80 8.60
C TRP A 8 9.59 -3.52 7.66
N SER A 9 8.55 -4.35 7.73
CA SER A 9 7.41 -4.17 6.83
C SER A 9 6.76 -2.81 7.04
N THR A 10 6.22 -2.57 8.21
CA THR A 10 5.59 -1.28 8.48
C THR A 10 6.58 -0.15 8.27
N ASP A 11 7.81 -0.33 8.74
CA ASP A 11 8.82 0.72 8.60
C ASP A 11 8.85 1.29 7.19
N LYS A 12 8.96 0.42 6.19
CA LYS A 12 9.00 0.87 4.80
C LYS A 12 7.59 1.08 4.26
N LEU A 13 6.71 0.12 4.51
CA LEU A 13 5.34 0.23 4.03
C LEU A 13 4.68 1.47 4.60
N LYS A 14 4.72 1.64 5.90
CA LYS A 14 4.11 2.80 6.52
C LYS A 14 4.73 4.08 5.94
N THR A 15 6.04 4.09 5.84
CA THR A 15 6.77 5.22 5.31
C THR A 15 6.42 5.48 3.86
N LEU A 16 6.55 4.45 3.03
CA LEU A 16 6.23 4.59 1.63
C LEU A 16 4.74 4.85 1.47
N PHE A 17 3.95 4.38 2.44
CA PHE A 17 2.52 4.63 2.40
C PHE A 17 2.28 6.13 2.60
N LEU A 18 2.99 6.69 3.58
CA LEU A 18 2.88 8.11 3.88
C LEU A 18 3.75 8.90 2.93
N ALA A 19 4.24 8.23 1.90
CA ALA A 19 5.09 8.86 0.91
C ALA A 19 4.34 8.99 -0.39
N VAL A 20 3.05 8.68 -0.37
CA VAL A 20 2.25 8.78 -1.57
C VAL A 20 2.53 10.13 -2.21
N GLN A 21 3.08 10.08 -3.42
CA GLN A 21 3.44 11.29 -4.13
C GLN A 21 2.31 11.91 -4.93
N VAL A 22 2.49 13.19 -5.17
CA VAL A 22 1.54 14.00 -5.91
C VAL A 22 2.11 14.40 -7.27
N GLN A 23 1.21 14.71 -8.19
CA GLN A 23 1.58 15.13 -9.53
C GLN A 23 1.00 16.51 -9.80
N ASN A 24 0.17 16.60 -10.83
CA ASN A 24 -0.46 17.86 -11.18
C ASN A 24 -1.81 17.99 -10.48
N GLU A 25 -2.29 19.22 -10.32
CA GLU A 25 -3.58 19.47 -9.68
C GLU A 25 -4.67 18.68 -10.39
N GLU A 26 -4.36 18.26 -11.60
CA GLU A 26 -5.31 17.50 -12.42
C GLU A 26 -5.41 16.07 -11.94
N GLY A 27 -4.33 15.57 -11.35
CA GLY A 27 -4.29 14.21 -10.86
C GLY A 27 -3.17 14.05 -9.84
N LYS A 28 -3.25 14.80 -8.74
CA LYS A 28 -2.22 14.72 -7.71
C LYS A 28 -2.67 13.83 -6.56
N CYS A 29 -1.78 13.66 -5.58
CA CYS A 29 -2.10 12.83 -4.42
C CYS A 29 -1.20 13.15 -3.24
N GLU A 30 -1.77 13.12 -2.04
CA GLU A 30 -1.00 13.37 -0.84
C GLU A 30 -1.58 12.57 0.31
N VAL A 31 -0.73 11.83 1.01
CA VAL A 31 -1.19 11.03 2.13
C VAL A 31 -1.53 11.90 3.33
N THR A 32 -2.58 11.53 4.06
CA THR A 32 -2.98 12.28 5.24
C THR A 32 -2.48 11.57 6.49
N GLU A 33 -2.53 10.24 6.46
CA GLU A 33 -2.08 9.42 7.59
C GLU A 33 -2.33 7.94 7.32
N VAL A 34 -1.37 7.11 7.72
CA VAL A 34 -1.48 5.65 7.56
C VAL A 34 -1.22 4.99 8.89
N SER A 35 -2.04 4.03 9.23
CA SER A 35 -1.89 3.34 10.49
C SER A 35 -0.71 2.38 10.45
N LYS A 36 -0.86 1.31 9.66
CA LYS A 36 0.16 0.25 9.51
C LYS A 36 -0.57 -1.07 9.26
N LEU A 37 0.09 -2.04 8.62
CA LEU A 37 -0.51 -3.34 8.36
C LEU A 37 -0.84 -4.01 9.69
N ASP A 38 -2.10 -4.01 10.06
CA ASP A 38 -2.54 -4.60 11.31
C ASP A 38 -3.05 -6.02 11.12
N GLY A 39 -2.33 -6.99 11.66
CA GLY A 39 -2.74 -8.38 11.55
C GLY A 39 -1.56 -9.30 11.80
N GLU A 40 -1.65 -10.53 11.28
CA GLU A 40 -0.57 -11.49 11.47
C GLU A 40 0.02 -11.94 10.15
N ALA A 41 1.28 -11.61 9.93
CA ALA A 41 1.98 -11.99 8.71
C ALA A 41 2.89 -13.18 8.99
N SER A 42 3.13 -14.02 7.98
CA SER A 42 4.00 -15.18 8.22
C SER A 42 4.55 -15.76 6.93
N ILE A 43 5.84 -16.05 6.93
CA ILE A 43 6.47 -16.64 5.76
C ILE A 43 6.99 -18.03 6.11
N ASN A 44 7.08 -18.90 5.11
CA ASN A 44 7.57 -20.26 5.36
C ASN A 44 9.08 -20.23 5.40
N ASN A 45 9.65 -21.32 5.93
CA ASN A 45 11.09 -21.46 6.13
C ASN A 45 11.90 -20.64 5.15
N ARG A 46 13.09 -20.27 5.60
CA ARG A 46 13.96 -19.43 4.82
C ARG A 46 15.12 -20.19 4.25
N LYS A 47 15.95 -19.45 3.55
CA LYS A 47 17.12 -19.99 2.91
C LYS A 47 16.72 -20.81 1.68
N GLY A 48 15.73 -20.30 0.95
CA GLY A 48 15.25 -20.95 -0.28
C GLY A 48 13.92 -21.68 -0.11
N LYS A 49 13.39 -21.71 1.11
CA LYS A 49 12.12 -22.35 1.34
C LYS A 49 11.15 -21.26 1.78
N LEU A 50 11.53 -20.02 1.45
CA LEU A 50 10.77 -18.86 1.84
C LEU A 50 9.66 -18.52 0.88
N ILE A 51 8.48 -18.44 1.44
CA ILE A 51 7.31 -18.04 0.68
C ILE A 51 6.52 -17.06 1.53
N PHE A 52 5.82 -16.14 0.89
CA PHE A 52 5.15 -15.09 1.65
C PHE A 52 3.63 -15.16 1.68
N PHE A 53 3.10 -15.73 2.74
CA PHE A 53 1.65 -15.74 2.92
C PHE A 53 1.35 -14.95 4.19
N TYR A 54 0.65 -13.84 4.03
CA TYR A 54 0.32 -13.01 5.17
C TYR A 54 -1.19 -12.92 5.33
N GLU A 55 -1.61 -12.48 6.51
CA GLU A 55 -3.02 -12.33 6.78
C GLU A 55 -3.26 -11.04 7.56
N TRP A 56 -3.00 -9.91 6.92
CA TRP A 56 -3.20 -8.63 7.58
C TRP A 56 -3.90 -7.62 6.67
N SER A 57 -4.54 -6.64 7.31
CA SER A 57 -5.26 -5.60 6.57
C SER A 57 -4.64 -4.25 6.87
N VAL A 58 -4.66 -3.36 5.88
CA VAL A 58 -4.09 -2.03 6.07
C VAL A 58 -5.16 -0.97 5.91
N LYS A 59 -5.13 0.03 6.79
CA LYS A 59 -6.11 1.10 6.75
C LYS A 59 -5.43 2.45 6.68
N LEU A 60 -5.72 3.21 5.64
CA LEU A 60 -5.10 4.53 5.48
C LEU A 60 -6.07 5.50 4.83
N ASN A 61 -5.62 6.75 4.71
CA ASN A 61 -6.42 7.79 4.10
C ASN A 61 -5.51 8.65 3.23
N TRP A 62 -6.07 9.31 2.22
CA TRP A 62 -5.25 10.14 1.36
C TRP A 62 -5.95 11.44 0.97
N THR A 63 -5.23 12.31 0.28
CA THR A 63 -5.77 13.59 -0.16
C THR A 63 -5.40 13.83 -1.61
N GLY A 64 -6.20 14.60 -2.32
CA GLY A 64 -5.90 14.88 -3.72
C GLY A 64 -6.62 16.11 -4.22
N THR A 65 -5.89 16.93 -4.97
CA THR A 65 -6.46 18.14 -5.54
C THR A 65 -6.83 17.90 -6.99
N SER A 66 -7.92 18.51 -7.43
CA SER A 66 -8.37 18.33 -8.79
C SER A 66 -8.21 19.61 -9.59
N LYS A 67 -8.04 19.45 -10.90
CA LYS A 67 -7.91 20.60 -11.76
C LYS A 67 -9.10 21.53 -11.53
N SER A 68 -10.20 20.96 -11.05
CA SER A 68 -11.41 21.73 -10.75
C SER A 68 -11.11 22.77 -9.67
N GLY A 69 -10.12 22.46 -8.84
CA GLY A 69 -9.73 23.37 -7.77
C GLY A 69 -10.25 22.88 -6.41
N VAL A 70 -10.49 21.58 -6.30
CA VAL A 70 -11.00 21.02 -5.06
C VAL A 70 -10.08 19.96 -4.47
N GLN A 71 -9.99 19.96 -3.14
CA GLN A 71 -9.19 18.97 -2.43
C GLN A 71 -10.15 17.96 -1.82
N TYR A 72 -9.75 16.70 -1.82
CA TYR A 72 -10.63 15.67 -1.27
C TYR A 72 -9.85 14.62 -0.51
N LYS A 73 -10.33 14.34 0.67
CA LYS A 73 -9.69 13.33 1.51
C LYS A 73 -10.66 12.18 1.71
N GLY A 74 -10.30 11.01 1.18
CA GLY A 74 -11.16 9.85 1.27
C GLY A 74 -10.50 8.67 1.97
N HIS A 75 -11.11 7.51 1.82
CA HIS A 75 -10.64 6.28 2.45
C HIS A 75 -10.08 5.27 1.46
N VAL A 76 -9.27 4.36 2.00
CA VAL A 76 -8.66 3.29 1.21
C VAL A 76 -8.18 2.20 2.17
N GLU A 77 -8.73 0.99 2.04
CA GLU A 77 -8.37 -0.10 2.95
C GLU A 77 -8.38 -1.47 2.24
N ILE A 78 -7.35 -2.29 2.50
CA ILE A 78 -7.30 -3.63 1.92
C ILE A 78 -7.36 -4.66 3.05
N PRO A 79 -8.35 -5.52 3.07
CA PRO A 79 -8.47 -6.54 4.15
C PRO A 79 -7.26 -7.46 4.29
N ASN A 80 -7.51 -8.62 4.90
CA ASN A 80 -6.47 -9.62 5.17
C ASN A 80 -5.91 -10.27 3.90
N LEU A 81 -5.78 -9.52 2.82
CA LEU A 81 -5.24 -10.08 1.59
C LEU A 81 -3.75 -10.33 1.73
N SER A 82 -3.31 -11.55 1.41
CA SER A 82 -1.90 -11.89 1.49
C SER A 82 -1.13 -11.31 0.31
N ASP A 83 0.08 -10.84 0.57
CA ASP A 83 0.91 -10.27 -0.50
C ASP A 83 1.55 -11.40 -1.32
N GLU A 84 1.08 -12.62 -1.11
CA GLU A 84 1.62 -13.76 -1.84
C GLU A 84 1.40 -13.51 -3.32
N ASN A 85 0.51 -12.58 -3.58
CA ASN A 85 0.18 -12.18 -4.93
C ASN A 85 0.52 -10.71 -5.12
N SER A 86 0.59 -10.25 -6.36
CA SER A 86 0.91 -8.85 -6.60
C SER A 86 0.03 -7.96 -5.74
N VAL A 87 0.65 -7.14 -4.90
CA VAL A 87 -0.09 -6.25 -4.03
C VAL A 87 -1.04 -5.38 -4.83
N ASP A 88 -0.55 -4.88 -5.95
CA ASP A 88 -1.34 -4.01 -6.80
C ASP A 88 -2.54 -4.74 -7.40
N GLU A 89 -2.34 -5.99 -7.83
CA GLU A 89 -3.43 -6.75 -8.41
C GLU A 89 -4.32 -7.28 -7.30
N VAL A 90 -3.91 -7.01 -6.06
CA VAL A 90 -4.66 -7.46 -4.90
C VAL A 90 -5.94 -6.66 -4.74
N GLU A 91 -6.78 -7.08 -3.79
CA GLU A 91 -8.05 -6.41 -3.56
C GLU A 91 -7.87 -5.25 -2.60
N ILE A 92 -8.03 -4.07 -3.15
CA ILE A 92 -7.90 -2.84 -2.40
C ILE A 92 -9.20 -2.06 -2.42
N SER A 93 -9.54 -1.45 -1.28
CA SER A 93 -10.76 -0.67 -1.22
C SER A 93 -10.42 0.77 -1.58
N VAL A 94 -11.25 1.37 -2.41
CA VAL A 94 -11.00 2.74 -2.83
C VAL A 94 -12.20 3.62 -2.53
N SER A 95 -11.93 4.76 -1.91
CA SER A 95 -12.97 5.71 -1.58
C SER A 95 -12.44 7.12 -1.73
N LEU A 96 -12.40 7.58 -2.95
CA LEU A 96 -11.91 8.92 -3.22
C LEU A 96 -12.57 9.52 -4.45
N ALA A 97 -12.96 10.77 -4.32
CA ALA A 97 -13.60 11.51 -5.42
C ALA A 97 -15.07 11.19 -5.53
N LYS A 98 -15.51 10.12 -4.91
CA LYS A 98 -16.90 9.75 -4.96
C LYS A 98 -17.75 10.88 -4.38
N ASP A 99 -17.14 11.64 -3.48
CA ASP A 99 -17.82 12.77 -2.86
C ASP A 99 -17.44 14.10 -3.52
N GLU A 100 -16.31 14.11 -4.25
CA GLU A 100 -15.86 15.34 -4.91
C GLU A 100 -15.75 15.17 -6.44
N PRO A 101 -15.49 16.24 -7.17
CA PRO A 101 -15.40 16.21 -8.66
C PRO A 101 -14.05 15.75 -9.22
N ASP A 102 -13.32 14.89 -8.50
CA ASP A 102 -12.03 14.43 -9.00
C ASP A 102 -12.20 13.31 -10.02
N THR A 103 -13.13 12.39 -9.73
CA THR A 103 -13.44 11.24 -10.58
C THR A 103 -12.28 10.80 -11.47
N ASN A 104 -11.91 11.60 -12.45
CA ASN A 104 -10.81 11.25 -13.34
C ASN A 104 -9.55 10.95 -12.52
N LEU A 105 -9.39 11.69 -11.43
CA LEU A 105 -8.24 11.53 -10.56
C LEU A 105 -8.21 10.17 -9.88
N VAL A 106 -9.31 9.81 -9.20
CA VAL A 106 -9.35 8.53 -8.51
C VAL A 106 -8.90 7.41 -9.44
N ALA A 107 -9.16 7.58 -10.73
CA ALA A 107 -8.75 6.59 -11.69
C ALA A 107 -7.22 6.57 -11.74
N LEU A 108 -6.63 7.71 -11.98
CA LEU A 108 -5.18 7.79 -12.01
C LEU A 108 -4.62 7.24 -10.71
N MET A 109 -5.26 7.61 -9.62
CA MET A 109 -4.86 7.14 -8.31
C MET A 109 -4.87 5.61 -8.32
N LYS A 110 -5.58 5.06 -9.30
CA LYS A 110 -5.69 3.61 -9.44
C LYS A 110 -4.46 3.06 -10.15
N GLU A 111 -3.83 3.91 -10.96
CA GLU A 111 -2.64 3.49 -11.70
C GLU A 111 -1.39 4.09 -11.05
N GLU A 112 -1.59 5.00 -10.11
CA GLU A 112 -0.50 5.66 -9.42
C GLU A 112 -0.47 5.33 -7.92
N GLY A 113 -1.65 5.42 -7.30
CA GLY A 113 -1.77 5.17 -5.86
C GLY A 113 -1.65 3.70 -5.53
N VAL A 114 -2.71 2.95 -5.79
CA VAL A 114 -2.67 1.54 -5.52
C VAL A 114 -1.40 0.99 -6.12
N LYS A 115 -0.97 1.60 -7.22
CA LYS A 115 0.26 1.19 -7.86
C LYS A 115 1.44 1.59 -6.99
N LEU A 116 1.38 2.77 -6.38
CA LEU A 116 2.48 3.20 -5.51
C LEU A 116 2.77 2.02 -4.58
N LEU A 117 1.70 1.40 -4.12
CA LEU A 117 1.80 0.25 -3.25
C LEU A 117 2.52 -0.87 -3.98
N ARG A 118 2.35 -0.93 -5.30
CA ARG A 118 3.04 -1.93 -6.07
C ARG A 118 4.50 -1.87 -5.67
N GLU A 119 4.96 -0.64 -5.44
CA GLU A 119 6.34 -0.43 -5.01
C GLU A 119 6.50 -1.06 -3.63
N ALA A 120 5.43 -1.03 -2.85
CA ALA A 120 5.46 -1.63 -1.52
C ALA A 120 5.76 -3.12 -1.67
N MET A 121 5.25 -3.72 -2.74
CA MET A 121 5.52 -5.12 -2.98
C MET A 121 7.03 -5.25 -3.17
N GLY A 122 7.63 -4.18 -3.65
CA GLY A 122 9.07 -4.13 -3.90
C GLY A 122 9.88 -4.36 -2.62
N ILE A 123 9.63 -3.53 -1.60
CA ILE A 123 10.36 -3.67 -0.33
C ILE A 123 9.90 -4.88 0.45
N TYR A 124 8.62 -5.20 0.31
CA TYR A 124 8.07 -6.35 1.01
C TYR A 124 8.91 -7.58 0.70
N ILE A 125 9.17 -7.75 -0.59
CA ILE A 125 9.95 -8.89 -1.07
C ILE A 125 11.45 -8.71 -0.84
N SER A 126 11.92 -7.50 -1.06
CA SER A 126 13.35 -7.24 -0.89
C SER A 126 13.75 -7.06 0.57
N THR A 127 13.04 -6.20 1.28
CA THR A 127 13.40 -5.92 2.67
C THR A 127 13.18 -7.10 3.61
N LEU A 128 11.98 -7.67 3.59
CA LEU A 128 11.68 -8.77 4.50
C LEU A 128 12.35 -10.08 4.11
N LYS A 129 12.31 -10.44 2.82
CA LYS A 129 12.92 -11.71 2.39
C LYS A 129 14.42 -11.66 2.49
N THR A 130 15.00 -10.58 2.02
CA THR A 130 16.46 -10.45 2.07
C THR A 130 16.92 -10.43 3.52
N GLU A 131 16.13 -9.82 4.39
CA GLU A 131 16.48 -9.73 5.79
C GLU A 131 16.29 -11.07 6.51
N PHE A 132 15.11 -11.68 6.37
CA PHE A 132 14.87 -12.97 7.05
C PHE A 132 15.82 -14.05 6.53
N THR A 133 15.83 -14.31 5.22
CA THR A 133 16.74 -15.31 4.68
C THR A 133 18.14 -14.73 4.68
N GLN A 134 18.25 -13.47 5.06
CA GLN A 134 19.53 -12.79 5.10
C GLN A 134 20.17 -12.79 3.72
N GLY A 135 19.33 -12.67 2.70
CA GLY A 135 19.81 -12.66 1.32
C GLY A 135 20.08 -14.08 0.83
N THR A 1 7.97 -23.37 10.53
CA THR A 1 7.30 -22.10 10.28
C THR A 1 8.21 -20.93 10.64
N GLU A 2 8.47 -20.08 9.65
CA GLU A 2 9.32 -18.91 9.87
C GLU A 2 8.47 -17.64 10.01
N ARG A 3 8.90 -16.75 10.89
CA ARG A 3 8.18 -15.50 11.11
C ARG A 3 8.60 -14.46 10.10
N ASP A 4 7.69 -13.54 9.80
CA ASP A 4 8.00 -12.47 8.86
C ASP A 4 8.48 -11.26 9.64
N ALA A 5 9.31 -10.44 9.02
CA ALA A 5 9.81 -9.25 9.69
C ALA A 5 8.74 -8.16 9.70
N SER A 6 7.87 -8.21 10.70
CA SER A 6 6.79 -7.24 10.83
C SER A 6 7.35 -5.84 11.06
N ASN A 7 8.43 -5.77 11.84
CA ASN A 7 9.04 -4.48 12.14
C ASN A 7 9.44 -3.74 10.87
N TRP A 8 9.97 -4.47 9.89
CA TRP A 8 10.39 -3.87 8.64
C TRP A 8 9.18 -3.60 7.75
N SER A 9 8.16 -4.44 7.91
CA SER A 9 6.96 -4.30 7.09
C SER A 9 6.30 -2.94 7.29
N THR A 10 5.85 -2.65 8.51
CA THR A 10 5.21 -1.38 8.77
C THR A 10 6.19 -0.24 8.55
N ASP A 11 7.41 -0.42 8.99
CA ASP A 11 8.43 0.62 8.86
C ASP A 11 8.51 1.18 7.44
N LYS A 12 8.59 0.30 6.45
CA LYS A 12 8.68 0.75 5.07
C LYS A 12 7.28 0.98 4.50
N LEU A 13 6.41 0.01 4.71
CA LEU A 13 5.04 0.12 4.21
C LEU A 13 4.37 1.39 4.72
N LYS A 14 4.53 1.66 6.01
CA LYS A 14 3.93 2.84 6.60
C LYS A 14 4.57 4.10 6.03
N THR A 15 5.89 4.12 6.00
CA THR A 15 6.62 5.25 5.47
C THR A 15 6.26 5.48 4.02
N LEU A 16 6.34 4.41 3.23
CA LEU A 16 6.04 4.50 1.83
C LEU A 16 4.60 4.94 1.65
N PHE A 17 3.74 4.56 2.59
CA PHE A 17 2.34 4.98 2.52
C PHE A 17 2.25 6.46 2.86
N LEU A 18 3.07 6.91 3.81
CA LEU A 18 3.08 8.32 4.17
C LEU A 18 3.97 9.06 3.19
N ALA A 19 4.39 8.35 2.16
CA ALA A 19 5.25 8.92 1.14
C ALA A 19 4.51 9.00 -0.18
N VAL A 20 3.22 8.71 -0.15
CA VAL A 20 2.43 8.75 -1.37
C VAL A 20 2.73 10.06 -2.08
N GLN A 21 3.24 9.95 -3.30
CA GLN A 21 3.62 11.11 -4.09
C GLN A 21 2.49 11.67 -4.93
N VAL A 22 2.69 12.92 -5.31
CA VAL A 22 1.73 13.67 -6.10
C VAL A 22 2.30 14.00 -7.48
N GLN A 23 1.40 14.13 -8.44
CA GLN A 23 1.76 14.49 -9.81
C GLN A 23 1.33 15.93 -10.08
N ASN A 24 0.45 16.10 -11.07
CA ASN A 24 -0.04 17.43 -11.41
C ASN A 24 -1.34 17.70 -10.64
N GLU A 25 -1.63 18.98 -10.41
CA GLU A 25 -2.82 19.35 -9.66
C GLU A 25 -4.06 18.66 -10.26
N GLU A 26 -3.94 18.29 -11.52
CA GLU A 26 -5.02 17.60 -12.24
C GLU A 26 -5.19 16.18 -11.73
N GLY A 27 -4.06 15.57 -11.41
CA GLY A 27 -4.05 14.20 -10.91
C GLY A 27 -2.97 14.04 -9.83
N LYS A 28 -3.07 14.84 -8.77
CA LYS A 28 -2.09 14.78 -7.70
C LYS A 28 -2.56 13.92 -6.54
N CYS A 29 -1.63 13.55 -5.66
CA CYS A 29 -1.96 12.74 -4.51
C CYS A 29 -1.05 13.06 -3.32
N GLU A 30 -1.62 13.07 -2.13
CA GLU A 30 -0.84 13.35 -0.92
C GLU A 30 -1.39 12.55 0.25
N VAL A 31 -0.52 11.91 1.00
CA VAL A 31 -0.97 11.14 2.16
C VAL A 31 -1.35 12.05 3.31
N THR A 32 -2.40 11.67 4.04
CA THR A 32 -2.83 12.46 5.19
C THR A 32 -2.40 11.78 6.48
N GLU A 33 -2.35 10.45 6.45
CA GLU A 33 -1.97 9.66 7.61
C GLU A 33 -2.12 8.17 7.33
N VAL A 34 -1.21 7.38 7.86
CA VAL A 34 -1.25 5.93 7.68
C VAL A 34 -1.15 5.26 9.03
N SER A 35 -1.96 4.25 9.24
CA SER A 35 -1.95 3.56 10.51
C SER A 35 -0.71 2.69 10.63
N LYS A 36 -0.64 1.66 9.79
CA LYS A 36 0.46 0.68 9.74
C LYS A 36 -0.14 -0.67 9.37
N LEU A 37 0.68 -1.55 8.81
CA LEU A 37 0.18 -2.87 8.44
C LEU A 37 -0.34 -3.56 9.69
N ASP A 38 -1.66 -3.61 9.85
CA ASP A 38 -2.22 -4.26 11.04
C ASP A 38 -2.57 -5.67 10.69
N GLY A 39 -1.73 -6.62 11.09
CA GLY A 39 -2.01 -7.99 10.75
C GLY A 39 -1.00 -8.99 11.24
N GLU A 40 -1.25 -10.25 10.86
CA GLU A 40 -0.36 -11.34 11.22
C GLU A 40 0.33 -11.85 9.97
N ALA A 41 1.58 -11.46 9.78
CA ALA A 41 2.32 -11.88 8.62
C ALA A 41 3.28 -13.00 8.97
N SER A 42 3.40 -13.97 8.07
CA SER A 42 4.29 -15.09 8.30
C SER A 42 4.81 -15.63 6.97
N ILE A 43 6.10 -15.89 6.91
CA ILE A 43 6.70 -16.38 5.70
C ILE A 43 7.26 -17.79 5.92
N ASN A 44 7.30 -18.58 4.85
CA ASN A 44 7.81 -19.94 4.95
C ASN A 44 9.33 -19.94 4.89
N ASN A 45 9.91 -21.08 5.29
CA ASN A 45 11.36 -21.27 5.38
C ASN A 45 12.15 -20.41 4.43
N ARG A 46 13.41 -20.23 4.77
CA ARG A 46 14.30 -19.39 4.02
C ARG A 46 15.32 -20.17 3.23
N LYS A 47 16.15 -19.41 2.56
CA LYS A 47 17.20 -19.93 1.72
C LYS A 47 16.62 -20.58 0.46
N GLY A 48 15.59 -19.94 -0.10
CA GLY A 48 14.95 -20.42 -1.32
C GLY A 48 13.60 -21.10 -1.07
N LYS A 49 13.23 -21.27 0.19
CA LYS A 49 11.95 -21.86 0.51
C LYS A 49 11.09 -20.78 1.13
N LEU A 50 11.50 -19.54 0.85
CA LEU A 50 10.82 -18.38 1.41
C LEU A 50 9.67 -17.90 0.56
N ILE A 51 8.52 -17.86 1.19
CA ILE A 51 7.31 -17.37 0.52
C ILE A 51 6.56 -16.44 1.47
N PHE A 52 5.84 -15.47 0.92
CA PHE A 52 5.17 -14.49 1.77
C PHE A 52 3.65 -14.60 1.79
N PHE A 53 3.11 -15.22 2.83
CA PHE A 53 1.66 -15.28 2.99
C PHE A 53 1.28 -14.51 4.25
N TYR A 54 0.46 -13.48 4.10
CA TYR A 54 0.03 -12.67 5.23
C TYR A 54 -1.50 -12.61 5.30
N GLU A 55 -2.05 -12.53 6.51
CA GLU A 55 -3.50 -12.50 6.63
C GLU A 55 -4.01 -11.49 7.65
N TRP A 56 -4.58 -10.40 7.14
CA TRP A 56 -5.17 -9.38 8.00
C TRP A 56 -5.52 -8.13 7.20
N SER A 57 -5.76 -7.02 7.88
CA SER A 57 -6.13 -5.78 7.21
C SER A 57 -5.23 -4.60 7.56
N VAL A 58 -5.05 -3.72 6.58
CA VAL A 58 -4.24 -2.51 6.77
C VAL A 58 -5.13 -1.31 6.47
N LYS A 59 -4.88 -0.18 7.13
CA LYS A 59 -5.73 0.97 6.92
C LYS A 59 -4.96 2.29 6.83
N LEU A 60 -5.35 3.11 5.86
CA LEU A 60 -4.73 4.43 5.68
C LEU A 60 -5.66 5.35 4.88
N ASN A 61 -5.31 6.63 4.84
CA ASN A 61 -6.11 7.62 4.11
C ASN A 61 -5.20 8.54 3.30
N TRP A 62 -5.74 9.13 2.23
CA TRP A 62 -4.94 10.02 1.40
C TRP A 62 -5.69 11.29 1.02
N THR A 63 -5.01 12.16 0.28
CA THR A 63 -5.59 13.42 -0.19
C THR A 63 -5.23 13.64 -1.64
N GLY A 64 -6.06 14.40 -2.35
CA GLY A 64 -5.79 14.66 -3.75
C GLY A 64 -6.54 15.90 -4.25
N THR A 65 -5.81 16.76 -4.95
CA THR A 65 -6.41 17.96 -5.51
C THR A 65 -6.72 17.74 -6.98
N SER A 66 -7.83 18.29 -7.43
CA SER A 66 -8.23 18.11 -8.82
C SER A 66 -8.16 19.43 -9.57
N LYS A 67 -7.93 19.35 -10.87
CA LYS A 67 -7.87 20.53 -11.69
C LYS A 67 -9.15 21.34 -11.49
N SER A 68 -10.19 20.65 -11.01
CA SER A 68 -11.48 21.30 -10.75
C SER A 68 -11.32 22.35 -9.65
N GLY A 69 -10.30 22.16 -8.82
CA GLY A 69 -10.02 23.09 -7.73
C GLY A 69 -10.54 22.55 -6.40
N VAL A 70 -10.62 21.22 -6.29
CA VAL A 70 -11.12 20.61 -5.07
C VAL A 70 -10.15 19.58 -4.49
N GLN A 71 -10.09 19.55 -3.16
CA GLN A 71 -9.25 18.60 -2.46
C GLN A 71 -10.17 17.53 -1.90
N TYR A 72 -9.72 16.30 -1.85
CA TYR A 72 -10.56 15.23 -1.36
C TYR A 72 -9.74 14.17 -0.67
N LYS A 73 -10.28 13.67 0.43
CA LYS A 73 -9.61 12.62 1.17
C LYS A 73 -10.42 11.36 1.10
N GLY A 74 -9.82 10.35 0.50
CA GLY A 74 -10.49 9.08 0.34
C GLY A 74 -9.99 8.03 1.31
N HIS A 75 -10.57 6.85 1.19
CA HIS A 75 -10.23 5.73 2.05
C HIS A 75 -9.60 4.60 1.25
N VAL A 76 -8.60 3.97 1.85
CA VAL A 76 -7.93 2.86 1.19
C VAL A 76 -7.60 1.78 2.23
N GLU A 77 -8.30 0.65 2.11
CA GLU A 77 -8.12 -0.46 3.04
C GLU A 77 -8.07 -1.79 2.30
N ILE A 78 -7.12 -2.65 2.68
CA ILE A 78 -7.03 -3.96 2.06
C ILE A 78 -7.26 -5.05 3.12
N PRO A 79 -8.38 -5.73 3.08
CA PRO A 79 -8.68 -6.77 4.10
C PRO A 79 -7.65 -7.91 4.15
N ASN A 80 -8.13 -9.12 4.44
CA ASN A 80 -7.29 -10.30 4.58
C ASN A 80 -6.57 -10.70 3.28
N LEU A 81 -6.20 -9.74 2.45
CA LEU A 81 -5.50 -10.06 1.22
C LEU A 81 -4.00 -10.23 1.52
N SER A 82 -3.45 -11.41 1.23
CA SER A 82 -2.04 -11.66 1.48
C SER A 82 -1.17 -10.95 0.45
N ASP A 83 0.06 -10.65 0.86
CA ASP A 83 1.00 -9.99 -0.03
C ASP A 83 1.62 -11.01 -0.98
N GLU A 84 1.10 -12.25 -0.93
CA GLU A 84 1.59 -13.30 -1.80
C GLU A 84 1.42 -12.84 -3.23
N ASN A 85 0.72 -11.73 -3.34
CA ASN A 85 0.45 -11.10 -4.63
C ASN A 85 0.62 -9.60 -4.50
N SER A 86 0.79 -8.91 -5.62
CA SER A 86 0.97 -7.47 -5.58
C SER A 86 -0.19 -6.84 -4.83
N VAL A 87 0.12 -5.99 -3.85
CA VAL A 87 -0.92 -5.34 -3.06
C VAL A 87 -1.83 -4.54 -3.98
N ASP A 88 -1.24 -3.94 -5.01
CA ASP A 88 -2.00 -3.15 -5.96
C ASP A 88 -2.94 -3.99 -6.80
N GLU A 89 -2.47 -5.15 -7.26
CA GLU A 89 -3.32 -6.02 -8.05
C GLU A 89 -4.29 -6.74 -7.13
N VAL A 90 -4.19 -6.41 -5.85
CA VAL A 90 -5.03 -7.01 -4.84
C VAL A 90 -6.27 -6.16 -4.59
N GLU A 91 -7.20 -6.67 -3.80
CA GLU A 91 -8.43 -5.97 -3.52
C GLU A 91 -8.21 -4.85 -2.52
N ILE A 92 -8.37 -3.64 -3.01
CA ILE A 92 -8.19 -2.46 -2.19
C ILE A 92 -9.50 -1.69 -2.13
N SER A 93 -9.91 -1.29 -0.93
CA SER A 93 -11.15 -0.55 -0.79
C SER A 93 -10.89 0.94 -0.99
N VAL A 94 -10.98 1.38 -2.23
CA VAL A 94 -10.73 2.77 -2.56
C VAL A 94 -12.01 3.60 -2.52
N SER A 95 -11.91 4.76 -1.87
CA SER A 95 -13.03 5.67 -1.79
C SER A 95 -12.55 7.09 -2.00
N LEU A 96 -12.29 7.44 -3.24
CA LEU A 96 -11.82 8.77 -3.55
C LEU A 96 -12.45 9.33 -4.82
N ALA A 97 -12.81 10.60 -4.74
CA ALA A 97 -13.44 11.33 -5.84
C ALA A 97 -14.92 11.04 -5.94
N LYS A 98 -15.34 9.93 -5.36
CA LYS A 98 -16.75 9.58 -5.37
C LYS A 98 -17.55 10.70 -4.73
N ASP A 99 -16.90 11.41 -3.83
CA ASP A 99 -17.55 12.51 -3.12
C ASP A 99 -17.19 13.86 -3.75
N GLU A 100 -16.10 13.92 -4.53
CA GLU A 100 -15.68 15.19 -5.14
C GLU A 100 -15.61 15.09 -6.68
N PRO A 101 -15.44 16.20 -7.37
CA PRO A 101 -15.37 16.24 -8.87
C PRO A 101 -13.99 15.87 -9.43
N ASP A 102 -13.41 14.78 -8.96
CA ASP A 102 -12.10 14.37 -9.45
C ASP A 102 -12.22 13.21 -10.45
N THR A 103 -13.16 12.30 -10.17
CA THR A 103 -13.42 11.12 -11.01
C THR A 103 -12.21 10.68 -11.85
N ASN A 104 -11.83 11.48 -12.84
CA ASN A 104 -10.71 11.13 -13.68
C ASN A 104 -9.47 10.85 -12.85
N LEU A 105 -9.31 11.61 -11.77
CA LEU A 105 -8.17 11.45 -10.89
C LEU A 105 -8.16 10.08 -10.20
N VAL A 106 -9.30 9.68 -9.64
CA VAL A 106 -9.37 8.39 -8.95
C VAL A 106 -8.87 7.28 -9.86
N ALA A 107 -9.06 7.46 -11.16
CA ALA A 107 -8.59 6.47 -12.10
C ALA A 107 -7.06 6.45 -12.07
N LEU A 108 -6.47 7.61 -12.26
CA LEU A 108 -5.02 7.70 -12.23
C LEU A 108 -4.52 7.10 -10.93
N MET A 109 -5.18 7.45 -9.84
CA MET A 109 -4.82 6.91 -8.53
C MET A 109 -4.81 5.40 -8.61
N LYS A 110 -5.58 4.88 -9.56
CA LYS A 110 -5.69 3.45 -9.75
C LYS A 110 -4.40 2.90 -10.37
N GLU A 111 -3.72 3.75 -11.12
CA GLU A 111 -2.49 3.35 -11.78
C GLU A 111 -1.29 3.98 -11.08
N GLU A 112 -1.54 4.96 -10.23
CA GLU A 112 -0.49 5.66 -9.50
C GLU A 112 -0.56 5.41 -7.99
N GLY A 113 -1.72 5.64 -7.40
CA GLY A 113 -1.91 5.48 -5.97
C GLY A 113 -1.79 4.02 -5.58
N VAL A 114 -2.83 3.24 -5.86
CA VAL A 114 -2.78 1.84 -5.54
C VAL A 114 -1.46 1.28 -6.06
N LYS A 115 -0.97 1.85 -7.15
CA LYS A 115 0.30 1.42 -7.72
C LYS A 115 1.43 1.69 -6.73
N LEU A 116 1.48 2.88 -6.18
CA LEU A 116 2.52 3.22 -5.23
C LEU A 116 2.63 2.07 -4.23
N LEU A 117 1.48 1.54 -3.89
CA LEU A 117 1.41 0.43 -2.95
C LEU A 117 2.07 -0.78 -3.56
N ARG A 118 1.95 -0.92 -4.88
CA ARG A 118 2.59 -2.04 -5.56
C ARG A 118 4.03 -2.08 -5.11
N GLU A 119 4.58 -0.89 -4.91
CA GLU A 119 5.95 -0.76 -4.45
C GLU A 119 6.06 -1.27 -3.02
N ALA A 120 5.00 -1.05 -2.23
CA ALA A 120 5.02 -1.52 -0.85
C ALA A 120 5.22 -3.02 -0.84
N MET A 121 4.62 -3.70 -1.81
CA MET A 121 4.77 -5.13 -1.91
C MET A 121 6.24 -5.43 -2.21
N GLY A 122 6.86 -4.55 -2.97
CA GLY A 122 8.26 -4.71 -3.36
C GLY A 122 9.22 -4.81 -2.15
N ILE A 123 9.08 -3.89 -1.22
CA ILE A 123 9.95 -3.89 -0.03
C ILE A 123 9.55 -4.96 0.96
N TYR A 124 8.25 -5.11 1.17
CA TYR A 124 7.77 -6.10 2.09
C TYR A 124 8.38 -7.46 1.80
N ILE A 125 8.36 -7.83 0.54
CA ILE A 125 8.91 -9.12 0.14
C ILE A 125 10.42 -9.05 0.03
N SER A 126 10.91 -8.08 -0.71
CA SER A 126 12.34 -7.95 -0.92
C SER A 126 13.12 -7.63 0.36
N THR A 127 12.61 -6.67 1.13
CA THR A 127 13.31 -6.26 2.35
C THR A 127 13.21 -7.29 3.46
N LEU A 128 12.01 -7.76 3.75
CA LEU A 128 11.85 -8.71 4.85
C LEU A 128 12.45 -10.08 4.49
N LYS A 129 12.22 -10.55 3.27
CA LYS A 129 12.75 -11.86 2.90
C LYS A 129 14.26 -11.83 2.68
N THR A 130 14.76 -10.84 1.95
CA THR A 130 16.20 -10.76 1.74
C THR A 130 16.87 -10.71 3.09
N GLU A 131 16.27 -9.98 4.02
CA GLU A 131 16.80 -9.87 5.37
C GLU A 131 16.60 -11.17 6.12
N PHE A 132 15.41 -11.78 6.01
CA PHE A 132 15.17 -13.05 6.71
C PHE A 132 16.16 -14.11 6.19
N THR A 133 16.14 -14.40 4.89
CA THR A 133 17.09 -15.35 4.34
C THR A 133 18.45 -14.70 4.27
N GLN A 134 18.48 -13.41 4.62
CA GLN A 134 19.73 -12.67 4.61
C GLN A 134 20.36 -12.71 3.22
N GLY A 135 19.49 -12.69 2.20
CA GLY A 135 19.95 -12.73 0.82
C GLY A 135 20.60 -14.07 0.49
N THR A 1 5.52 -22.13 8.03
CA THR A 1 4.96 -20.95 8.65
C THR A 1 5.95 -20.33 9.63
N GLU A 2 6.93 -19.61 9.11
CA GLU A 2 7.94 -18.98 9.95
C GLU A 2 7.66 -17.48 10.08
N ARG A 3 8.08 -16.89 11.19
CA ARG A 3 7.84 -15.46 11.41
C ARG A 3 8.53 -14.61 10.37
N ASP A 4 7.84 -13.55 9.95
CA ASP A 4 8.41 -12.63 8.97
C ASP A 4 8.71 -11.31 9.66
N ALA A 5 9.68 -10.58 9.15
CA ALA A 5 10.05 -9.30 9.75
C ALA A 5 8.92 -8.28 9.57
N SER A 6 7.98 -8.29 10.52
CA SER A 6 6.85 -7.36 10.47
C SER A 6 7.30 -5.92 10.62
N ASN A 7 8.24 -5.67 11.53
CA ASN A 7 8.73 -4.32 11.74
C ASN A 7 9.24 -3.76 10.42
N TRP A 8 9.86 -4.62 9.63
CA TRP A 8 10.39 -4.23 8.34
C TRP A 8 9.24 -3.84 7.41
N SER A 9 8.13 -4.55 7.55
CA SER A 9 6.97 -4.29 6.70
C SER A 9 6.38 -2.90 6.95
N THR A 10 5.91 -2.66 8.16
CA THR A 10 5.32 -1.37 8.47
C THR A 10 6.33 -0.25 8.22
N ASP A 11 7.55 -0.45 8.67
CA ASP A 11 8.58 0.57 8.51
C ASP A 11 8.59 1.14 7.08
N LYS A 12 8.65 0.27 6.09
CA LYS A 12 8.67 0.73 4.71
C LYS A 12 7.26 0.95 4.15
N LEU A 13 6.41 -0.06 4.26
CA LEU A 13 5.04 0.09 3.76
C LEU A 13 4.36 1.31 4.36
N LYS A 14 4.55 1.53 5.65
CA LYS A 14 3.93 2.70 6.29
C LYS A 14 4.55 3.99 5.77
N THR A 15 5.88 4.03 5.74
CA THR A 15 6.59 5.19 5.26
C THR A 15 6.27 5.45 3.81
N LEU A 16 6.39 4.42 3.00
CA LEU A 16 6.10 4.52 1.58
C LEU A 16 4.65 4.93 1.41
N PHE A 17 3.81 4.49 2.34
CA PHE A 17 2.40 4.83 2.28
C PHE A 17 2.22 6.31 2.61
N LEU A 18 3.03 6.80 3.56
CA LEU A 18 2.99 8.21 3.92
C LEU A 18 3.86 8.97 2.93
N ALA A 19 4.31 8.25 1.91
CA ALA A 19 5.15 8.83 0.88
C ALA A 19 4.38 8.98 -0.41
N VAL A 20 3.09 8.66 -0.38
CA VAL A 20 2.30 8.78 -1.59
C VAL A 20 2.59 10.15 -2.20
N GLN A 21 3.11 10.12 -3.41
CA GLN A 21 3.50 11.36 -4.08
C GLN A 21 2.39 11.98 -4.91
N VAL A 22 2.54 13.29 -5.10
CA VAL A 22 1.62 14.10 -5.88
C VAL A 22 2.25 14.49 -7.20
N GLN A 23 1.39 14.75 -8.18
CA GLN A 23 1.84 15.17 -9.50
C GLN A 23 1.24 16.53 -9.83
N ASN A 24 0.47 16.57 -10.91
CA ASN A 24 -0.18 17.82 -11.31
C ASN A 24 -1.48 18.00 -10.55
N GLU A 25 -1.86 19.25 -10.30
CA GLU A 25 -3.09 19.52 -9.58
C GLU A 25 -4.27 18.83 -10.26
N GLU A 26 -4.04 18.46 -11.51
CA GLU A 26 -5.05 17.78 -12.32
C GLU A 26 -5.16 16.32 -11.93
N GLY A 27 -4.06 15.78 -11.44
CA GLY A 27 -4.00 14.38 -11.04
C GLY A 27 -2.94 14.19 -9.95
N LYS A 28 -3.09 14.92 -8.85
CA LYS A 28 -2.12 14.83 -7.76
C LYS A 28 -2.60 13.91 -6.65
N CYS A 29 -1.73 13.69 -5.67
CA CYS A 29 -2.07 12.84 -4.54
C CYS A 29 -1.21 13.17 -3.33
N GLU A 30 -1.79 13.12 -2.14
CA GLU A 30 -1.03 13.40 -0.92
C GLU A 30 -1.57 12.57 0.23
N VAL A 31 -0.67 11.92 0.96
CA VAL A 31 -1.09 11.10 2.09
C VAL A 31 -1.43 11.98 3.30
N THR A 32 -2.50 11.63 4.00
CA THR A 32 -2.90 12.39 5.17
C THR A 32 -2.38 11.71 6.44
N GLU A 33 -2.37 10.38 6.43
CA GLU A 33 -1.92 9.59 7.58
C GLU A 33 -2.11 8.10 7.32
N VAL A 34 -1.17 7.30 7.80
CA VAL A 34 -1.25 5.85 7.65
C VAL A 34 -1.09 5.19 8.99
N SER A 35 -1.90 4.19 9.24
CA SER A 35 -1.83 3.50 10.51
C SER A 35 -0.59 2.62 10.57
N LYS A 36 -0.58 1.59 9.73
CA LYS A 36 0.52 0.61 9.64
C LYS A 36 -0.09 -0.74 9.27
N LEU A 37 0.70 -1.62 8.67
CA LEU A 37 0.20 -2.94 8.32
C LEU A 37 -0.28 -3.64 9.58
N ASP A 38 -1.60 -3.66 9.80
CA ASP A 38 -2.13 -4.32 10.98
C ASP A 38 -2.53 -5.72 10.62
N GLY A 39 -1.72 -6.70 11.00
CA GLY A 39 -2.05 -8.05 10.65
C GLY A 39 -1.03 -9.08 11.07
N GLU A 40 -1.23 -10.30 10.54
CA GLU A 40 -0.33 -11.40 10.84
C GLU A 40 0.49 -11.75 9.62
N ALA A 41 1.70 -11.22 9.57
CA ALA A 41 2.59 -11.48 8.45
C ALA A 41 3.60 -12.55 8.85
N SER A 42 3.61 -13.65 8.10
CA SER A 42 4.52 -14.74 8.40
C SER A 42 4.95 -15.44 7.12
N ILE A 43 6.24 -15.77 7.04
CA ILE A 43 6.76 -16.44 5.87
C ILE A 43 7.22 -17.85 6.22
N ASN A 44 7.20 -18.74 5.23
CA ASN A 44 7.63 -20.11 5.45
C ASN A 44 9.15 -20.17 5.39
N ASN A 45 9.72 -21.30 5.87
CA ASN A 45 11.17 -21.49 5.95
C ASN A 45 11.92 -20.65 4.94
N ARG A 46 13.17 -20.36 5.27
CA ARG A 46 13.98 -19.52 4.44
C ARG A 46 15.21 -20.23 3.94
N LYS A 47 16.01 -19.48 3.22
CA LYS A 47 17.22 -19.97 2.63
C LYS A 47 16.86 -20.88 1.45
N GLY A 48 15.86 -20.44 0.70
CA GLY A 48 15.40 -21.18 -0.48
C GLY A 48 14.07 -21.90 -0.27
N LYS A 49 13.28 -21.42 0.70
CA LYS A 49 11.97 -22.00 0.96
C LYS A 49 11.10 -20.91 1.56
N LEU A 50 11.49 -19.66 1.30
CA LEU A 50 10.79 -18.51 1.86
C LEU A 50 9.63 -18.07 1.00
N ILE A 51 8.47 -18.06 1.62
CA ILE A 51 7.26 -17.60 0.92
C ILE A 51 6.53 -16.61 1.81
N PHE A 52 5.80 -15.68 1.20
CA PHE A 52 5.14 -14.66 2.00
C PHE A 52 3.62 -14.70 1.98
N PHE A 53 3.04 -15.24 3.05
CA PHE A 53 1.59 -15.27 3.18
C PHE A 53 1.20 -14.34 4.34
N TYR A 54 0.28 -13.43 4.07
CA TYR A 54 -0.19 -12.47 5.08
C TYR A 54 -1.70 -12.57 5.23
N GLU A 55 -2.21 -12.36 6.44
CA GLU A 55 -3.65 -12.44 6.62
C GLU A 55 -4.17 -11.43 7.63
N TRP A 56 -4.70 -10.33 7.11
CA TRP A 56 -5.27 -9.31 7.98
C TRP A 56 -5.59 -8.03 7.19
N SER A 57 -5.83 -6.95 7.90
CA SER A 57 -6.16 -5.68 7.25
C SER A 57 -5.20 -4.54 7.57
N VAL A 58 -5.03 -3.66 6.58
CA VAL A 58 -4.19 -2.48 6.74
C VAL A 58 -5.07 -1.27 6.45
N LYS A 59 -4.88 -0.18 7.20
CA LYS A 59 -5.75 0.98 7.01
C LYS A 59 -4.98 2.29 6.90
N LEU A 60 -5.38 3.11 5.92
CA LEU A 60 -4.77 4.42 5.71
C LEU A 60 -5.76 5.37 5.04
N ASN A 61 -5.31 6.60 4.83
CA ASN A 61 -6.14 7.62 4.19
C ASN A 61 -5.27 8.53 3.33
N TRP A 62 -5.87 9.17 2.33
CA TRP A 62 -5.11 10.06 1.46
C TRP A 62 -5.86 11.34 1.15
N THR A 63 -5.20 12.24 0.42
CA THR A 63 -5.77 13.53 0.02
C THR A 63 -5.26 13.91 -1.35
N GLY A 64 -6.15 14.34 -2.23
CA GLY A 64 -5.72 14.73 -3.57
C GLY A 64 -6.50 15.94 -4.07
N THR A 65 -5.83 16.75 -4.88
CA THR A 65 -6.44 17.94 -5.45
C THR A 65 -6.72 17.73 -6.93
N SER A 66 -7.78 18.36 -7.41
CA SER A 66 -8.16 18.22 -8.81
C SER A 66 -8.11 19.57 -9.51
N LYS A 67 -7.89 19.52 -10.82
CA LYS A 67 -7.84 20.74 -11.60
C LYS A 67 -9.14 21.53 -11.39
N SER A 68 -10.19 20.82 -10.99
CA SER A 68 -11.48 21.45 -10.73
C SER A 68 -11.33 22.45 -9.59
N GLY A 69 -10.33 22.21 -8.74
CA GLY A 69 -10.06 23.09 -7.61
C GLY A 69 -10.61 22.51 -6.32
N VAL A 70 -10.75 21.18 -6.26
CA VAL A 70 -11.28 20.54 -5.08
C VAL A 70 -10.32 19.50 -4.50
N GLN A 71 -10.24 19.47 -3.16
CA GLN A 71 -9.42 18.50 -2.47
C GLN A 71 -10.34 17.41 -1.96
N TYR A 72 -9.86 16.18 -1.95
CA TYR A 72 -10.69 15.08 -1.50
C TYR A 72 -9.87 14.07 -0.72
N LYS A 73 -10.38 13.73 0.44
CA LYS A 73 -9.70 12.76 1.28
C LYS A 73 -10.49 11.47 1.31
N GLY A 74 -9.93 10.47 0.65
CA GLY A 74 -10.58 9.18 0.54
C GLY A 74 -10.03 8.17 1.53
N HIS A 75 -10.44 6.94 1.33
CA HIS A 75 -10.03 5.84 2.18
C HIS A 75 -9.27 4.78 1.39
N VAL A 76 -8.46 4.00 2.10
CA VAL A 76 -7.69 2.93 1.48
C VAL A 76 -7.48 1.83 2.51
N GLU A 77 -8.15 0.70 2.30
CA GLU A 77 -8.03 -0.41 3.24
C GLU A 77 -8.07 -1.74 2.49
N ILE A 78 -7.08 -2.60 2.75
CA ILE A 78 -7.04 -3.89 2.10
C ILE A 78 -7.25 -5.00 3.14
N PRO A 79 -8.36 -5.70 3.10
CA PRO A 79 -8.65 -6.75 4.10
C PRO A 79 -7.58 -7.86 4.14
N ASN A 80 -8.04 -9.08 4.47
CA ASN A 80 -7.15 -10.23 4.60
C ASN A 80 -6.49 -10.64 3.28
N LEU A 81 -6.15 -9.67 2.43
CA LEU A 81 -5.48 -10.00 1.18
C LEU A 81 -4.01 -10.26 1.44
N SER A 82 -3.57 -11.51 1.27
CA SER A 82 -2.19 -11.87 1.50
C SER A 82 -1.28 -11.19 0.48
N ASP A 83 -0.11 -10.78 0.93
CA ASP A 83 0.86 -10.14 0.07
C ASP A 83 1.60 -11.17 -0.77
N GLU A 84 1.11 -12.42 -0.71
CA GLU A 84 1.72 -13.50 -1.48
C GLU A 84 1.65 -13.14 -2.95
N ASN A 85 0.97 -12.03 -3.21
CA ASN A 85 0.80 -11.53 -4.56
C ASN A 85 1.01 -10.02 -4.58
N SER A 86 1.03 -9.43 -5.77
CA SER A 86 1.22 -7.99 -5.87
C SER A 86 0.12 -7.26 -5.10
N VAL A 87 0.54 -6.36 -4.21
CA VAL A 87 -0.40 -5.60 -3.40
C VAL A 87 -1.37 -4.82 -4.29
N ASP A 88 -0.84 -4.23 -5.34
CA ASP A 88 -1.66 -3.44 -6.26
C ASP A 88 -2.69 -4.30 -6.99
N GLU A 89 -2.29 -5.50 -7.38
CA GLU A 89 -3.22 -6.38 -8.08
C GLU A 89 -4.17 -6.99 -7.05
N VAL A 90 -3.94 -6.63 -5.79
CA VAL A 90 -4.76 -7.11 -4.70
C VAL A 90 -5.89 -6.14 -4.43
N GLU A 91 -6.98 -6.66 -3.87
CA GLU A 91 -8.15 -5.82 -3.61
C GLU A 91 -7.82 -4.69 -2.65
N ILE A 92 -8.01 -3.48 -3.16
CA ILE A 92 -7.77 -2.27 -2.37
C ILE A 92 -9.11 -1.57 -2.15
N SER A 93 -9.45 -1.28 -0.90
CA SER A 93 -10.72 -0.61 -0.63
C SER A 93 -10.53 0.89 -0.76
N VAL A 94 -10.71 1.40 -1.97
CA VAL A 94 -10.52 2.82 -2.24
C VAL A 94 -11.84 3.57 -2.19
N SER A 95 -11.76 4.82 -1.75
CA SER A 95 -12.93 5.68 -1.68
C SER A 95 -12.50 7.13 -1.84
N LEU A 96 -12.21 7.51 -3.07
CA LEU A 96 -11.79 8.87 -3.34
C LEU A 96 -12.41 9.42 -4.61
N ALA A 97 -12.93 10.64 -4.50
CA ALA A 97 -13.55 11.32 -5.64
C ALA A 97 -15.00 10.92 -5.83
N LYS A 98 -15.39 9.78 -5.26
CA LYS A 98 -16.76 9.33 -5.39
C LYS A 98 -17.72 10.40 -4.87
N ASP A 99 -17.23 11.18 -3.92
CA ASP A 99 -18.04 12.25 -3.34
C ASP A 99 -17.67 13.62 -3.91
N GLU A 100 -16.50 13.72 -4.54
CA GLU A 100 -16.06 15.00 -5.11
C GLU A 100 -15.92 14.93 -6.65
N PRO A 101 -15.73 16.06 -7.32
CA PRO A 101 -15.61 16.11 -8.82
C PRO A 101 -14.21 15.76 -9.35
N ASP A 102 -13.60 14.70 -8.84
CA ASP A 102 -12.28 14.30 -9.33
C ASP A 102 -12.38 13.09 -10.24
N THR A 103 -13.27 12.17 -9.91
CA THR A 103 -13.51 10.93 -10.67
C THR A 103 -12.31 10.51 -11.53
N ASN A 104 -12.01 11.29 -12.56
CA ASN A 104 -10.89 10.95 -13.43
C ASN A 104 -9.62 10.73 -12.62
N LEU A 105 -9.42 11.55 -11.58
CA LEU A 105 -8.24 11.43 -10.74
C LEU A 105 -8.19 10.11 -9.99
N VAL A 106 -9.29 9.72 -9.35
CA VAL A 106 -9.29 8.46 -8.61
C VAL A 106 -8.76 7.34 -9.48
N ALA A 107 -9.02 7.44 -10.79
CA ALA A 107 -8.55 6.45 -11.72
C ALA A 107 -7.03 6.51 -11.79
N LEU A 108 -6.50 7.72 -11.79
CA LEU A 108 -5.06 7.89 -11.83
C LEU A 108 -4.44 7.39 -10.53
N MET A 109 -5.06 7.74 -9.41
CA MET A 109 -4.56 7.31 -8.12
C MET A 109 -4.53 5.79 -8.09
N LYS A 110 -5.31 5.20 -8.99
CA LYS A 110 -5.38 3.75 -9.11
C LYS A 110 -4.15 3.24 -9.86
N GLU A 111 -3.58 4.09 -10.70
CA GLU A 111 -2.40 3.71 -11.47
C GLU A 111 -1.16 4.31 -10.83
N GLU A 112 -1.37 5.21 -9.88
CA GLU A 112 -0.27 5.85 -9.17
C GLU A 112 -0.30 5.50 -7.68
N GLY A 113 -1.49 5.54 -7.10
CA GLY A 113 -1.67 5.26 -5.69
C GLY A 113 -1.70 3.76 -5.44
N VAL A 114 -2.77 3.12 -5.87
CA VAL A 114 -2.88 1.69 -5.71
C VAL A 114 -1.59 1.06 -6.22
N LYS A 115 -1.11 1.59 -7.33
CA LYS A 115 0.13 1.10 -7.91
C LYS A 115 1.28 1.38 -6.96
N LEU A 116 1.30 2.55 -6.35
CA LEU A 116 2.37 2.86 -5.43
C LEU A 116 2.51 1.71 -4.45
N LEU A 117 1.37 1.16 -4.05
CA LEU A 117 1.36 0.03 -3.15
C LEU A 117 2.07 -1.11 -3.83
N ARG A 118 1.99 -1.14 -5.16
CA ARG A 118 2.68 -2.19 -5.90
C ARG A 118 4.12 -2.17 -5.45
N GLU A 119 4.61 -0.96 -5.21
CA GLU A 119 5.97 -0.78 -4.74
C GLU A 119 6.11 -1.39 -3.36
N ALA A 120 5.05 -1.32 -2.56
CA ALA A 120 5.10 -1.91 -1.22
C ALA A 120 5.47 -3.38 -1.33
N MET A 121 4.87 -4.05 -2.30
CA MET A 121 5.18 -5.45 -2.52
C MET A 121 6.66 -5.58 -2.84
N GLY A 122 7.20 -4.52 -3.44
CA GLY A 122 8.61 -4.50 -3.82
C GLY A 122 9.52 -4.57 -2.60
N ILE A 123 9.31 -3.67 -1.64
CA ILE A 123 10.14 -3.64 -0.42
C ILE A 123 9.77 -4.79 0.51
N TYR A 124 8.48 -5.09 0.58
CA TYR A 124 8.01 -6.15 1.43
C TYR A 124 8.70 -7.46 1.06
N ILE A 125 8.79 -7.70 -0.24
CA ILE A 125 9.44 -8.90 -0.74
C ILE A 125 10.95 -8.78 -0.64
N SER A 126 11.46 -7.61 -0.99
CA SER A 126 12.89 -7.38 -0.97
C SER A 126 13.44 -7.17 0.44
N THR A 127 12.96 -6.12 1.12
CA THR A 127 13.47 -5.82 2.46
C THR A 127 13.25 -6.95 3.45
N LEU A 128 12.05 -7.53 3.45
CA LEU A 128 11.73 -8.59 4.37
C LEU A 128 12.54 -9.85 4.08
N LYS A 129 12.35 -10.42 2.89
CA LYS A 129 13.04 -11.65 2.52
C LYS A 129 14.55 -11.50 2.46
N THR A 130 15.04 -10.42 1.84
CA THR A 130 16.48 -10.24 1.75
C THR A 130 17.10 -10.28 3.14
N GLU A 131 16.40 -9.70 4.10
CA GLU A 131 16.89 -9.68 5.47
C GLU A 131 16.60 -10.99 6.19
N PHE A 132 15.36 -11.47 6.09
CA PHE A 132 15.01 -12.72 6.77
C PHE A 132 15.93 -13.87 6.37
N THR A 133 15.94 -14.23 5.09
CA THR A 133 16.82 -15.30 4.63
C THR A 133 18.25 -14.79 4.58
N GLN A 134 18.39 -13.48 4.76
CA GLN A 134 19.70 -12.86 4.73
C GLN A 134 20.39 -13.15 3.40
N GLY A 135 19.60 -13.17 2.33
CA GLY A 135 20.13 -13.43 0.99
C GLY A 135 20.92 -14.73 0.98
N THR A 1 6.80 -23.40 10.26
CA THR A 1 6.32 -22.03 10.13
C THR A 1 7.40 -21.04 10.56
N GLU A 2 7.86 -20.23 9.60
CA GLU A 2 8.90 -19.25 9.89
C GLU A 2 8.28 -17.85 10.04
N ARG A 3 8.82 -17.07 10.97
CA ARG A 3 8.31 -15.72 11.20
C ARG A 3 8.82 -14.79 10.12
N ASP A 4 8.12 -13.68 9.93
CA ASP A 4 8.52 -12.71 8.93
C ASP A 4 8.76 -11.36 9.58
N ALA A 5 9.78 -10.66 9.11
CA ALA A 5 10.10 -9.36 9.65
C ALA A 5 8.89 -8.43 9.48
N SER A 6 7.97 -8.48 10.44
CA SER A 6 6.76 -7.65 10.38
C SER A 6 7.09 -6.16 10.49
N ASN A 7 8.04 -5.84 11.37
CA ASN A 7 8.44 -4.45 11.56
C ASN A 7 8.90 -3.82 10.25
N TRP A 8 9.50 -4.64 9.39
CA TRP A 8 9.99 -4.16 8.12
C TRP A 8 8.83 -3.68 7.25
N SER A 9 7.72 -4.39 7.32
CA SER A 9 6.56 -4.03 6.53
C SER A 9 5.98 -2.70 6.98
N THR A 10 5.50 -2.62 8.20
CA THR A 10 4.93 -1.38 8.69
C THR A 10 5.93 -0.25 8.53
N ASP A 11 7.16 -0.48 8.95
CA ASP A 11 8.19 0.54 8.86
C ASP A 11 8.26 1.13 7.45
N LYS A 12 8.26 0.28 6.44
CA LYS A 12 8.31 0.77 5.07
C LYS A 12 6.92 1.15 4.59
N LEU A 13 6.00 0.19 4.60
CA LEU A 13 4.65 0.49 4.15
C LEU A 13 4.14 1.78 4.78
N LYS A 14 4.27 1.90 6.10
CA LYS A 14 3.80 3.10 6.76
C LYS A 14 4.49 4.33 6.16
N THR A 15 5.80 4.29 6.04
CA THR A 15 6.53 5.39 5.46
C THR A 15 6.17 5.54 4.01
N LEU A 16 6.47 4.50 3.27
CA LEU A 16 6.18 4.48 1.85
C LEU A 16 4.74 4.88 1.62
N PHE A 17 3.92 4.71 2.66
CA PHE A 17 2.51 5.09 2.52
C PHE A 17 2.36 6.57 2.86
N LEU A 18 3.13 7.03 3.85
CA LEU A 18 3.10 8.45 4.22
C LEU A 18 4.00 9.22 3.28
N ALA A 19 4.47 8.52 2.26
CA ALA A 19 5.34 9.12 1.25
C ALA A 19 4.62 9.20 -0.09
N VAL A 20 3.33 8.91 -0.08
CA VAL A 20 2.56 8.95 -1.30
C VAL A 20 2.83 10.28 -1.99
N GLN A 21 3.33 10.19 -3.21
CA GLN A 21 3.68 11.39 -3.96
C GLN A 21 2.55 11.89 -4.84
N VAL A 22 2.66 13.16 -5.18
CA VAL A 22 1.70 13.85 -5.99
C VAL A 22 2.30 14.20 -7.36
N GLN A 23 1.42 14.28 -8.36
CA GLN A 23 1.81 14.65 -9.70
C GLN A 23 1.20 16.00 -10.05
N ASN A 24 0.36 16.02 -11.08
CA ASN A 24 -0.30 17.26 -11.50
C ASN A 24 -1.63 17.42 -10.76
N GLU A 25 -2.07 18.66 -10.60
CA GLU A 25 -3.32 18.94 -9.91
C GLU A 25 -4.45 18.08 -10.47
N GLU A 26 -4.27 17.62 -11.69
CA GLU A 26 -5.27 16.78 -12.35
C GLU A 26 -5.22 15.36 -11.83
N GLY A 27 -4.02 14.90 -11.49
CA GLY A 27 -3.83 13.55 -10.98
C GLY A 27 -2.79 13.56 -9.88
N LYS A 28 -3.03 14.37 -8.85
CA LYS A 28 -2.10 14.46 -7.74
C LYS A 28 -2.53 13.60 -6.57
N CYS A 29 -1.63 13.39 -5.63
CA CYS A 29 -1.94 12.57 -4.46
C CYS A 29 -1.09 12.96 -3.27
N GLU A 30 -1.70 13.04 -2.09
CA GLU A 30 -0.96 13.38 -0.88
C GLU A 30 -1.53 12.60 0.30
N VAL A 31 -0.66 11.98 1.08
CA VAL A 31 -1.09 11.20 2.23
C VAL A 31 -1.38 12.09 3.43
N THR A 32 -2.29 11.66 4.29
CA THR A 32 -2.63 12.42 5.47
C THR A 32 -2.13 11.71 6.73
N GLU A 33 -2.21 10.37 6.71
CA GLU A 33 -1.77 9.55 7.86
C GLU A 33 -2.13 8.08 7.63
N VAL A 34 -1.25 7.19 8.09
CA VAL A 34 -1.46 5.76 7.97
C VAL A 34 -1.30 5.08 9.32
N SER A 35 -2.20 4.17 9.62
CA SER A 35 -2.12 3.47 10.88
C SER A 35 -0.99 2.45 10.86
N LYS A 36 -1.18 1.40 10.06
CA LYS A 36 -0.20 0.29 9.90
C LYS A 36 -1.00 -1.00 9.63
N LEU A 37 -0.38 -1.96 8.94
CA LEU A 37 -1.05 -3.23 8.66
C LEU A 37 -1.35 -3.93 9.98
N ASP A 38 -2.61 -4.04 10.33
CA ASP A 38 -2.98 -4.67 11.59
C ASP A 38 -3.34 -6.13 11.36
N GLY A 39 -2.46 -7.03 11.80
CA GLY A 39 -2.70 -8.45 11.63
C GLY A 39 -1.42 -9.22 11.86
N GLU A 40 -1.34 -10.41 11.28
CA GLU A 40 -0.15 -11.22 11.44
C GLU A 40 0.44 -11.60 10.09
N ALA A 41 1.70 -11.23 9.89
CA ALA A 41 2.40 -11.55 8.64
C ALA A 41 3.30 -12.74 8.88
N SER A 42 3.41 -13.65 7.92
CA SER A 42 4.24 -14.83 8.13
C SER A 42 4.78 -15.38 6.82
N ILE A 43 6.04 -15.75 6.81
CA ILE A 43 6.66 -16.32 5.62
C ILE A 43 7.16 -17.72 5.94
N ASN A 44 7.23 -18.58 4.93
CA ASN A 44 7.72 -19.94 5.13
C ASN A 44 9.23 -19.96 5.11
N ASN A 45 9.79 -21.03 5.68
CA ASN A 45 11.24 -21.21 5.82
C ASN A 45 12.03 -20.48 4.75
N ARG A 46 13.24 -20.13 5.13
CA ARG A 46 14.11 -19.38 4.26
C ARG A 46 15.18 -20.24 3.64
N LYS A 47 15.99 -19.60 2.84
CA LYS A 47 17.08 -20.24 2.15
C LYS A 47 16.56 -21.15 1.03
N GLY A 48 15.52 -20.70 0.34
CA GLY A 48 14.96 -21.47 -0.80
C GLY A 48 13.66 -22.17 -0.47
N LYS A 49 13.20 -22.10 0.78
CA LYS A 49 11.93 -22.69 1.15
C LYS A 49 11.05 -21.55 1.59
N LEU A 50 11.39 -20.38 1.09
CA LEU A 50 10.72 -19.15 1.44
C LEU A 50 9.62 -18.76 0.50
N ILE A 51 8.45 -18.57 1.10
CA ILE A 51 7.28 -18.12 0.36
C ILE A 51 6.56 -17.12 1.25
N PHE A 52 5.85 -16.17 0.64
CA PHE A 52 5.23 -15.13 1.45
C PHE A 52 3.71 -15.16 1.50
N PHE A 53 3.20 -15.46 2.69
CA PHE A 53 1.76 -15.41 2.92
C PHE A 53 1.50 -14.59 4.18
N TYR A 54 0.84 -13.45 4.01
CA TYR A 54 0.53 -12.61 5.14
C TYR A 54 -0.97 -12.48 5.30
N GLU A 55 -1.43 -12.30 6.52
CA GLU A 55 -2.85 -12.16 6.77
C GLU A 55 -3.11 -10.91 7.59
N TRP A 56 -2.98 -9.75 6.97
CA TRP A 56 -3.20 -8.50 7.68
C TRP A 56 -3.93 -7.49 6.81
N SER A 57 -4.54 -6.52 7.46
CA SER A 57 -5.27 -5.47 6.77
C SER A 57 -4.67 -4.11 7.09
N VAL A 58 -4.70 -3.20 6.12
CA VAL A 58 -4.17 -1.85 6.36
C VAL A 58 -5.28 -0.82 6.24
N LYS A 59 -5.20 0.22 7.05
CA LYS A 59 -6.21 1.27 7.02
C LYS A 59 -5.52 2.63 6.99
N LEU A 60 -5.79 3.41 5.95
CA LEU A 60 -5.16 4.72 5.85
C LEU A 60 -6.09 5.73 5.19
N ASN A 61 -5.62 6.97 5.14
CA ASN A 61 -6.37 8.05 4.52
C ASN A 61 -5.45 8.85 3.61
N TRP A 62 -5.99 9.36 2.51
CA TRP A 62 -5.16 10.12 1.58
C TRP A 62 -5.88 11.37 1.07
N THR A 63 -5.18 12.17 0.28
CA THR A 63 -5.75 13.40 -0.27
C THR A 63 -5.46 13.53 -1.76
N GLY A 64 -6.35 14.21 -2.46
CA GLY A 64 -6.17 14.42 -3.90
C GLY A 64 -6.82 15.74 -4.32
N THR A 65 -6.18 16.43 -5.26
CA THR A 65 -6.71 17.70 -5.76
C THR A 65 -7.00 17.60 -7.25
N SER A 66 -8.00 18.36 -7.69
CA SER A 66 -8.39 18.36 -9.09
C SER A 66 -8.29 19.76 -9.66
N LYS A 67 -8.02 19.85 -10.95
CA LYS A 67 -7.92 21.14 -11.60
C LYS A 67 -9.25 21.86 -11.47
N SER A 68 -10.29 21.09 -11.17
CA SER A 68 -11.60 21.67 -10.99
C SER A 68 -11.53 22.67 -9.84
N GLY A 69 -10.55 22.45 -8.97
CA GLY A 69 -10.32 23.33 -7.84
C GLY A 69 -10.84 22.69 -6.55
N VAL A 70 -10.84 21.36 -6.50
CA VAL A 70 -11.33 20.67 -5.32
C VAL A 70 -10.36 19.64 -4.76
N GLN A 71 -10.26 19.60 -3.44
CA GLN A 71 -9.43 18.64 -2.75
C GLN A 71 -10.34 17.61 -2.12
N TYR A 72 -9.88 16.38 -2.01
CA TYR A 72 -10.71 15.35 -1.45
C TYR A 72 -9.90 14.32 -0.70
N LYS A 73 -10.38 13.96 0.47
CA LYS A 73 -9.71 12.96 1.27
C LYS A 73 -10.53 11.71 1.27
N GLY A 74 -10.03 10.72 0.58
CA GLY A 74 -10.71 9.46 0.45
C GLY A 74 -10.21 8.43 1.45
N HIS A 75 -10.75 7.24 1.30
CA HIS A 75 -10.42 6.12 2.16
C HIS A 75 -9.75 5.01 1.36
N VAL A 76 -8.82 4.32 2.00
CA VAL A 76 -8.14 3.22 1.35
C VAL A 76 -7.79 2.16 2.38
N GLU A 77 -8.48 1.03 2.28
CA GLU A 77 -8.27 -0.06 3.23
C GLU A 77 -8.28 -1.42 2.52
N ILE A 78 -7.20 -2.16 2.67
CA ILE A 78 -7.11 -3.48 2.06
C ILE A 78 -7.18 -4.54 3.15
N PRO A 79 -8.21 -5.37 3.17
CA PRO A 79 -8.36 -6.39 4.23
C PRO A 79 -7.16 -7.36 4.33
N ASN A 80 -7.44 -8.54 4.86
CA ASN A 80 -6.42 -9.57 5.08
C ASN A 80 -5.91 -10.18 3.77
N LEU A 81 -5.80 -9.38 2.71
CA LEU A 81 -5.32 -9.91 1.44
C LEU A 81 -3.82 -10.20 1.52
N SER A 82 -3.45 -11.46 1.33
CA SER A 82 -2.05 -11.85 1.38
C SER A 82 -1.29 -11.29 0.18
N ASP A 83 -0.15 -10.68 0.46
CA ASP A 83 0.68 -10.09 -0.58
C ASP A 83 1.50 -11.15 -1.29
N GLU A 84 1.12 -12.41 -1.09
CA GLU A 84 1.83 -13.52 -1.71
C GLU A 84 1.81 -13.36 -3.21
N ASN A 85 0.94 -12.50 -3.66
CA ASN A 85 0.81 -12.22 -5.09
C ASN A 85 1.03 -10.74 -5.34
N SER A 86 0.87 -10.31 -6.58
CA SER A 86 1.06 -8.91 -6.90
C SER A 86 0.29 -8.03 -5.92
N VAL A 87 1.03 -7.31 -5.09
CA VAL A 87 0.39 -6.45 -4.09
C VAL A 87 -0.62 -5.52 -4.73
N ASP A 88 -0.24 -4.97 -5.88
CA ASP A 88 -1.11 -4.06 -6.61
C ASP A 88 -2.43 -4.72 -6.99
N GLU A 89 -2.39 -6.03 -7.19
CA GLU A 89 -3.61 -6.76 -7.56
C GLU A 89 -4.49 -6.95 -6.33
N VAL A 90 -3.96 -6.54 -5.17
CA VAL A 90 -4.70 -6.67 -3.92
C VAL A 90 -6.03 -5.93 -4.00
N GLU A 91 -6.97 -6.35 -3.16
CA GLU A 91 -8.28 -5.72 -3.12
C GLU A 91 -8.22 -4.54 -2.18
N ILE A 92 -8.23 -3.36 -2.76
CA ILE A 92 -8.17 -2.15 -1.97
C ILE A 92 -9.50 -1.41 -2.02
N SER A 93 -9.97 -0.98 -0.86
CA SER A 93 -11.24 -0.26 -0.80
C SER A 93 -10.98 1.23 -0.93
N VAL A 94 -10.99 1.70 -2.17
CA VAL A 94 -10.73 3.10 -2.44
C VAL A 94 -12.02 3.91 -2.46
N SER A 95 -11.95 5.08 -1.84
CA SER A 95 -13.11 5.98 -1.80
C SER A 95 -12.64 7.42 -1.94
N LEU A 96 -12.36 7.79 -3.17
CA LEU A 96 -11.92 9.15 -3.43
C LEU A 96 -12.56 9.70 -4.70
N ALA A 97 -13.08 10.90 -4.59
CA ALA A 97 -13.71 11.57 -5.75
C ALA A 97 -15.15 11.15 -5.94
N LYS A 98 -15.53 10.04 -5.35
CA LYS A 98 -16.90 9.57 -5.48
C LYS A 98 -17.86 10.66 -5.06
N ASP A 99 -17.40 11.52 -4.16
CA ASP A 99 -18.23 12.62 -3.67
C ASP A 99 -17.81 13.95 -4.28
N GLU A 100 -16.64 14.00 -4.90
CA GLU A 100 -16.15 15.25 -5.49
C GLU A 100 -15.96 15.12 -7.03
N PRO A 101 -15.73 16.22 -7.73
CA PRO A 101 -15.56 16.21 -9.22
C PRO A 101 -14.16 15.79 -9.71
N ASP A 102 -13.59 14.75 -9.11
CA ASP A 102 -12.27 14.30 -9.55
C ASP A 102 -12.37 13.08 -10.45
N THR A 103 -13.26 12.15 -10.09
CA THR A 103 -13.49 10.91 -10.84
C THR A 103 -12.27 10.44 -11.64
N ASN A 104 -11.91 11.17 -12.69
CA ASN A 104 -10.76 10.79 -13.50
C ASN A 104 -9.50 10.68 -12.64
N LEU A 105 -9.38 11.57 -11.66
CA LEU A 105 -8.23 11.58 -10.79
C LEU A 105 -8.13 10.30 -9.95
N VAL A 106 -9.22 9.92 -9.28
CA VAL A 106 -9.19 8.72 -8.45
C VAL A 106 -8.64 7.53 -9.24
N ALA A 107 -8.93 7.49 -10.54
CA ALA A 107 -8.44 6.41 -11.35
C ALA A 107 -6.92 6.50 -11.42
N LEU A 108 -6.43 7.68 -11.72
CA LEU A 108 -5.00 7.90 -11.79
C LEU A 108 -4.35 7.47 -10.48
N MET A 109 -5.00 7.78 -9.38
CA MET A 109 -4.51 7.39 -8.07
C MET A 109 -4.40 5.87 -8.02
N LYS A 110 -5.23 5.23 -8.84
CA LYS A 110 -5.26 3.78 -8.91
C LYS A 110 -4.02 3.24 -9.61
N GLU A 111 -3.46 4.06 -10.50
CA GLU A 111 -2.26 3.66 -11.24
C GLU A 111 -1.04 4.32 -10.64
N GLU A 112 -1.26 5.26 -9.73
CA GLU A 112 -0.19 5.95 -9.04
C GLU A 112 -0.17 5.66 -7.55
N GLY A 113 -1.34 5.79 -6.94
CA GLY A 113 -1.50 5.57 -5.51
C GLY A 113 -1.49 4.08 -5.21
N VAL A 114 -2.59 3.42 -5.55
CA VAL A 114 -2.66 1.99 -5.35
C VAL A 114 -1.36 1.38 -5.85
N LYS A 115 -0.86 1.94 -6.95
CA LYS A 115 0.39 1.49 -7.50
C LYS A 115 1.53 1.80 -6.55
N LEU A 116 1.49 2.96 -5.92
CA LEU A 116 2.54 3.30 -4.96
C LEU A 116 2.73 2.08 -4.06
N LEU A 117 1.61 1.47 -3.70
CA LEU A 117 1.63 0.27 -2.88
C LEU A 117 2.37 -0.82 -3.61
N ARG A 118 2.26 -0.82 -4.94
CA ARG A 118 2.97 -1.82 -5.73
C ARG A 118 4.42 -1.77 -5.31
N GLU A 119 4.89 -0.56 -5.03
CA GLU A 119 6.25 -0.38 -4.56
C GLU A 119 6.38 -1.12 -3.24
N ALA A 120 5.27 -1.16 -2.50
CA ALA A 120 5.27 -1.88 -1.22
C ALA A 120 5.71 -3.31 -1.47
N MET A 121 5.26 -3.87 -2.58
CA MET A 121 5.66 -5.23 -2.93
C MET A 121 7.17 -5.26 -3.08
N GLY A 122 7.71 -4.13 -3.54
CA GLY A 122 9.14 -3.98 -3.75
C GLY A 122 9.95 -4.26 -2.46
N ILE A 123 9.54 -3.64 -1.36
CA ILE A 123 10.26 -3.80 -0.08
C ILE A 123 9.79 -5.05 0.66
N TYR A 124 8.49 -5.27 0.68
CA TYR A 124 7.93 -6.42 1.40
C TYR A 124 8.61 -7.70 0.94
N ILE A 125 8.73 -7.87 -0.38
CA ILE A 125 9.37 -9.05 -0.93
C ILE A 125 10.89 -8.96 -0.83
N SER A 126 11.41 -7.76 -1.00
CA SER A 126 12.85 -7.57 -0.95
C SER A 126 13.37 -7.49 0.48
N THR A 127 12.92 -6.50 1.23
CA THR A 127 13.39 -6.30 2.60
C THR A 127 13.08 -7.51 3.50
N LEU A 128 11.89 -8.08 3.36
CA LEU A 128 11.53 -9.21 4.21
C LEU A 128 12.35 -10.44 3.84
N LYS A 129 12.28 -10.83 2.57
CA LYS A 129 12.99 -12.01 2.10
C LYS A 129 14.50 -11.84 2.24
N THR A 130 14.99 -10.69 1.83
CA THR A 130 16.42 -10.43 1.92
C THR A 130 16.87 -10.44 3.36
N GLU A 131 16.04 -9.91 4.25
CA GLU A 131 16.37 -9.86 5.66
C GLU A 131 16.30 -11.26 6.28
N PHE A 132 15.22 -12.00 5.97
CA PHE A 132 15.09 -13.34 6.54
C PHE A 132 16.12 -14.30 5.95
N THR A 133 16.08 -14.54 4.63
CA THR A 133 17.06 -15.42 4.02
C THR A 133 18.41 -14.74 3.96
N GLN A 134 18.48 -13.54 4.53
CA GLN A 134 19.71 -12.77 4.53
C GLN A 134 20.18 -12.53 3.11
N GLY A 135 19.23 -12.34 2.20
CA GLY A 135 19.56 -12.11 0.81
C GLY A 135 20.17 -10.73 0.62
N THR A 1 6.62 -22.97 9.12
CA THR A 1 6.16 -21.60 8.95
C THR A 1 7.07 -20.64 9.73
N GLU A 2 7.74 -19.75 9.00
CA GLU A 2 8.64 -18.78 9.62
C GLU A 2 7.99 -17.41 9.67
N ARG A 3 8.25 -16.68 10.75
CA ARG A 3 7.69 -15.34 10.89
C ARG A 3 8.36 -14.38 9.92
N ASP A 4 7.59 -13.47 9.36
CA ASP A 4 8.16 -12.50 8.43
C ASP A 4 8.49 -11.20 9.16
N ALA A 5 9.73 -10.77 9.03
CA ALA A 5 10.17 -9.54 9.68
C ALA A 5 9.13 -8.43 9.51
N SER A 6 8.16 -8.39 10.41
CA SER A 6 7.12 -7.39 10.36
C SER A 6 7.66 -6.00 10.67
N ASN A 7 8.78 -5.95 11.39
CA ASN A 7 9.38 -4.68 11.75
C ASN A 7 9.61 -3.83 10.50
N TRP A 8 10.08 -4.47 9.43
CA TRP A 8 10.33 -3.76 8.19
C TRP A 8 9.01 -3.41 7.51
N SER A 9 8.01 -4.26 7.68
CA SER A 9 6.72 -4.04 7.04
C SER A 9 6.12 -2.70 7.43
N THR A 10 5.85 -2.50 8.70
CA THR A 10 5.30 -1.25 9.15
C THR A 10 6.23 -0.10 8.78
N ASP A 11 7.49 -0.27 9.10
CA ASP A 11 8.49 0.77 8.84
C ASP A 11 8.49 1.25 7.38
N LYS A 12 8.49 0.34 6.43
CA LYS A 12 8.52 0.71 5.03
C LYS A 12 7.13 1.03 4.52
N LEU A 13 6.20 0.08 4.64
CA LEU A 13 4.86 0.30 4.13
C LEU A 13 4.18 1.49 4.81
N LYS A 14 4.38 1.65 6.13
CA LYS A 14 3.75 2.78 6.80
C LYS A 14 4.36 4.08 6.27
N THR A 15 5.69 4.14 6.23
CA THR A 15 6.38 5.31 5.74
C THR A 15 6.01 5.56 4.29
N LEU A 16 6.15 4.52 3.49
CA LEU A 16 5.82 4.60 2.08
C LEU A 16 4.37 4.99 1.93
N PHE A 17 3.55 4.54 2.87
CA PHE A 17 2.13 4.86 2.83
C PHE A 17 1.93 6.32 3.21
N LEU A 18 2.73 6.79 4.17
CA LEU A 18 2.66 8.19 4.58
C LEU A 18 3.50 9.01 3.62
N ALA A 19 3.96 8.37 2.57
CA ALA A 19 4.79 9.03 1.57
C ALA A 19 4.07 9.08 0.24
N VAL A 20 2.77 8.78 0.24
CA VAL A 20 2.03 8.82 -1.00
C VAL A 20 2.41 10.11 -1.72
N GLN A 21 2.98 9.95 -2.90
CA GLN A 21 3.46 11.10 -3.66
C GLN A 21 2.40 11.76 -4.50
N VAL A 22 2.64 13.03 -4.74
CA VAL A 22 1.78 13.88 -5.52
C VAL A 22 2.40 14.16 -6.89
N GLN A 23 1.55 14.54 -7.84
CA GLN A 23 2.00 14.88 -9.18
C GLN A 23 1.42 16.23 -9.58
N ASN A 24 0.65 16.24 -10.65
CA ASN A 24 0.03 17.49 -11.10
C ASN A 24 -1.34 17.66 -10.44
N GLU A 25 -1.82 18.89 -10.37
CA GLU A 25 -3.12 19.16 -9.77
C GLU A 25 -4.21 18.37 -10.48
N GLU A 26 -3.84 17.83 -11.64
CA GLU A 26 -4.77 17.06 -12.45
C GLU A 26 -4.71 15.58 -12.09
N GLY A 27 -3.67 15.21 -11.36
CA GLY A 27 -3.50 13.81 -10.97
C GLY A 27 -2.50 13.69 -9.83
N LYS A 28 -2.66 14.50 -8.78
CA LYS A 28 -1.75 14.43 -7.66
C LYS A 28 -2.31 13.61 -6.50
N CYS A 29 -1.57 13.57 -5.40
CA CYS A 29 -1.98 12.82 -4.24
C CYS A 29 -1.12 13.15 -3.02
N GLU A 30 -1.73 13.15 -1.85
CA GLU A 30 -0.99 13.43 -0.62
C GLU A 30 -1.58 12.64 0.53
N VAL A 31 -0.74 12.04 1.36
CA VAL A 31 -1.24 11.25 2.48
C VAL A 31 -1.53 12.14 3.69
N THR A 32 -2.63 11.83 4.38
CA THR A 32 -3.01 12.59 5.57
C THR A 32 -2.51 11.87 6.81
N GLU A 33 -2.59 10.53 6.78
CA GLU A 33 -2.15 9.71 7.92
C GLU A 33 -2.41 8.23 7.63
N VAL A 34 -1.49 7.38 8.08
CA VAL A 34 -1.62 5.95 7.91
C VAL A 34 -1.45 5.26 9.25
N SER A 35 -2.32 4.30 9.53
CA SER A 35 -2.24 3.59 10.78
C SER A 35 -1.07 2.60 10.78
N LYS A 36 -1.18 1.59 9.92
CA LYS A 36 -0.19 0.50 9.77
C LYS A 36 -0.97 -0.79 9.56
N LEU A 37 -0.37 -1.78 8.93
CA LEU A 37 -1.07 -3.03 8.74
C LEU A 37 -1.36 -3.63 10.11
N ASP A 38 -2.61 -4.02 10.33
CA ASP A 38 -3.01 -4.62 11.60
C ASP A 38 -3.33 -6.11 11.40
N GLY A 39 -2.40 -6.97 11.81
CA GLY A 39 -2.56 -8.41 11.64
C GLY A 39 -1.25 -9.11 11.92
N GLU A 40 -1.00 -10.22 11.22
CA GLU A 40 0.24 -10.95 11.42
C GLU A 40 0.72 -11.62 10.13
N ALA A 41 1.91 -11.21 9.67
CA ALA A 41 2.48 -11.79 8.45
C ALA A 41 3.54 -12.83 8.80
N SER A 42 3.73 -13.78 7.90
CA SER A 42 4.71 -14.82 8.10
C SER A 42 5.13 -15.43 6.78
N ILE A 43 6.36 -15.91 6.72
CA ILE A 43 6.89 -16.51 5.51
C ILE A 43 7.33 -17.95 5.78
N ASN A 44 7.32 -18.76 4.75
CA ASN A 44 7.76 -20.15 4.89
C ASN A 44 9.27 -20.20 4.84
N ASN A 45 9.83 -21.34 5.28
CA ASN A 45 11.29 -21.50 5.36
C ASN A 45 12.04 -20.64 4.38
N ARG A 46 13.27 -20.31 4.74
CA ARG A 46 14.09 -19.46 3.92
C ARG A 46 15.29 -20.17 3.39
N LYS A 47 16.10 -19.40 2.71
CA LYS A 47 17.29 -19.90 2.09
C LYS A 47 16.93 -20.73 0.86
N GLY A 48 15.95 -20.22 0.11
CA GLY A 48 15.49 -20.88 -1.11
C GLY A 48 14.13 -21.56 -0.94
N LYS A 49 13.41 -21.24 0.12
CA LYS A 49 12.08 -21.80 0.33
C LYS A 49 11.20 -20.74 0.97
N LEU A 50 11.61 -19.48 0.80
CA LEU A 50 10.88 -18.36 1.40
C LEU A 50 9.73 -17.90 0.55
N ILE A 51 8.57 -17.92 1.16
CA ILE A 51 7.37 -17.45 0.47
C ILE A 51 6.62 -16.49 1.38
N PHE A 52 5.90 -15.54 0.79
CA PHE A 52 5.22 -14.53 1.58
C PHE A 52 3.71 -14.64 1.63
N PHE A 53 3.21 -15.29 2.68
CA PHE A 53 1.77 -15.37 2.87
C PHE A 53 1.41 -14.65 4.18
N TYR A 54 0.45 -13.73 4.14
CA TYR A 54 0.08 -13.05 5.36
C TYR A 54 -1.41 -12.79 5.48
N GLU A 55 -1.79 -12.49 6.70
CA GLU A 55 -3.17 -12.17 7.04
C GLU A 55 -3.17 -10.82 7.74
N TRP A 56 -2.85 -9.79 6.98
CA TRP A 56 -2.75 -8.44 7.52
C TRP A 56 -3.58 -7.43 6.71
N SER A 57 -4.27 -6.54 7.41
CA SER A 57 -5.12 -5.53 6.76
C SER A 57 -4.58 -4.14 7.03
N VAL A 58 -4.72 -3.23 6.05
CA VAL A 58 -4.23 -1.87 6.22
C VAL A 58 -5.36 -0.85 6.13
N LYS A 59 -5.20 0.26 6.84
CA LYS A 59 -6.21 1.31 6.84
C LYS A 59 -5.55 2.69 6.82
N LEU A 60 -5.86 3.47 5.80
CA LEU A 60 -5.29 4.81 5.70
C LEU A 60 -6.23 5.78 4.98
N ASN A 61 -5.81 7.03 4.89
CA ASN A 61 -6.60 8.07 4.23
C ASN A 61 -5.66 8.98 3.43
N TRP A 62 -6.18 9.62 2.39
CA TRP A 62 -5.33 10.51 1.59
C TRP A 62 -6.06 11.76 1.10
N THR A 63 -5.30 12.67 0.50
CA THR A 63 -5.84 13.92 -0.04
C THR A 63 -5.13 14.28 -1.33
N GLY A 64 -5.87 14.80 -2.31
CA GLY A 64 -5.27 15.18 -3.57
C GLY A 64 -6.01 16.36 -4.20
N THR A 65 -5.26 17.18 -4.94
CA THR A 65 -5.84 18.34 -5.61
C THR A 65 -6.32 17.97 -7.00
N SER A 66 -7.47 18.50 -7.40
CA SER A 66 -8.03 18.18 -8.70
C SER A 66 -7.89 19.36 -9.66
N LYS A 67 -7.69 19.05 -10.93
CA LYS A 67 -7.56 20.09 -11.93
C LYS A 67 -8.78 21.00 -11.87
N SER A 68 -9.90 20.44 -11.42
CA SER A 68 -11.14 21.20 -11.30
C SER A 68 -10.94 22.34 -10.30
N GLY A 69 -9.99 22.16 -9.38
CA GLY A 69 -9.70 23.17 -8.38
C GLY A 69 -10.26 22.77 -7.02
N VAL A 70 -10.52 21.48 -6.84
CA VAL A 70 -11.07 21.00 -5.58
C VAL A 70 -10.22 19.91 -4.95
N GLN A 71 -9.96 20.03 -3.66
CA GLN A 71 -9.20 19.02 -2.96
C GLN A 71 -10.14 17.87 -2.64
N TYR A 72 -9.63 16.66 -2.64
CA TYR A 72 -10.48 15.52 -2.36
C TYR A 72 -9.79 14.54 -1.46
N LYS A 73 -10.54 13.97 -0.55
CA LYS A 73 -10.01 12.99 0.39
C LYS A 73 -10.85 11.73 0.34
N GLY A 74 -10.18 10.58 0.29
CA GLY A 74 -10.89 9.33 0.22
C GLY A 74 -10.37 8.32 1.22
N HIS A 75 -10.95 7.13 1.14
CA HIS A 75 -10.60 6.03 2.03
C HIS A 75 -9.90 4.91 1.28
N VAL A 76 -8.99 4.23 1.96
CA VAL A 76 -8.27 3.12 1.36
C VAL A 76 -8.05 2.02 2.39
N GLU A 77 -8.73 0.90 2.19
CA GLU A 77 -8.60 -0.21 3.12
C GLU A 77 -8.51 -1.54 2.40
N ILE A 78 -7.46 -2.30 2.68
CA ILE A 78 -7.30 -3.62 2.08
C ILE A 78 -7.29 -4.65 3.20
N PRO A 79 -8.28 -5.51 3.28
CA PRO A 79 -8.34 -6.50 4.37
C PRO A 79 -7.10 -7.39 4.43
N ASN A 80 -7.28 -8.58 4.99
CA ASN A 80 -6.17 -9.52 5.18
C ASN A 80 -5.75 -10.21 3.89
N LEU A 81 -5.80 -9.51 2.77
CA LEU A 81 -5.39 -10.10 1.50
C LEU A 81 -3.90 -10.47 1.56
N SER A 82 -3.61 -11.77 1.52
CA SER A 82 -2.23 -12.23 1.58
C SER A 82 -1.46 -11.82 0.33
N ASP A 83 -0.20 -11.41 0.52
CA ASP A 83 0.65 -11.01 -0.60
C ASP A 83 1.21 -12.26 -1.30
N GLU A 84 0.61 -13.41 -1.00
CA GLU A 84 1.05 -14.65 -1.63
C GLU A 84 0.92 -14.50 -3.13
N ASN A 85 0.36 -13.35 -3.51
CA ASN A 85 0.17 -13.01 -4.90
C ASN A 85 0.54 -11.56 -5.13
N SER A 86 0.43 -11.09 -6.36
CA SER A 86 0.77 -9.70 -6.65
C SER A 86 0.07 -8.79 -5.66
N VAL A 87 0.84 -7.97 -4.96
CA VAL A 87 0.27 -7.06 -3.97
C VAL A 87 -0.68 -6.06 -4.61
N ASP A 88 -0.28 -5.53 -5.76
CA ASP A 88 -1.09 -4.55 -6.47
C ASP A 88 -2.46 -5.10 -6.84
N GLU A 89 -2.53 -6.40 -7.12
CA GLU A 89 -3.81 -7.01 -7.48
C GLU A 89 -4.67 -7.19 -6.23
N VAL A 90 -4.11 -6.82 -5.09
CA VAL A 90 -4.82 -6.95 -3.82
C VAL A 90 -6.17 -6.23 -3.88
N GLU A 91 -7.12 -6.71 -3.08
CA GLU A 91 -8.44 -6.10 -3.04
C GLU A 91 -8.38 -4.89 -2.14
N ILE A 92 -8.43 -3.72 -2.76
CA ILE A 92 -8.34 -2.48 -2.02
C ILE A 92 -9.68 -1.76 -2.05
N SER A 93 -10.06 -1.19 -0.91
CA SER A 93 -11.31 -0.45 -0.82
C SER A 93 -11.04 1.03 -0.98
N VAL A 94 -11.09 1.49 -2.21
CA VAL A 94 -10.81 2.89 -2.51
C VAL A 94 -12.09 3.71 -2.59
N SER A 95 -12.08 4.85 -1.92
CA SER A 95 -13.22 5.76 -1.95
C SER A 95 -12.71 7.17 -2.05
N LEU A 96 -12.28 7.56 -3.23
CA LEU A 96 -11.74 8.90 -3.42
C LEU A 96 -12.29 9.58 -4.66
N ALA A 97 -12.68 10.84 -4.50
CA ALA A 97 -13.19 11.67 -5.60
C ALA A 97 -14.70 11.65 -5.74
N LYS A 98 -15.32 10.48 -5.65
CA LYS A 98 -16.77 10.39 -5.80
C LYS A 98 -17.45 11.61 -5.18
N ASP A 99 -17.09 11.89 -3.94
CA ASP A 99 -17.65 13.03 -3.22
C ASP A 99 -17.29 14.34 -3.92
N GLU A 100 -16.10 14.38 -4.51
CA GLU A 100 -15.64 15.58 -5.19
C GLU A 100 -15.73 15.43 -6.72
N PRO A 101 -15.48 16.49 -7.46
CA PRO A 101 -15.55 16.45 -8.95
C PRO A 101 -14.25 15.96 -9.60
N ASP A 102 -13.60 14.93 -9.03
CA ASP A 102 -12.35 14.47 -9.64
C ASP A 102 -12.52 13.12 -10.34
N THR A 103 -13.37 12.26 -9.78
CA THR A 103 -13.66 10.92 -10.33
C THR A 103 -12.58 10.41 -11.28
N ASN A 104 -12.45 11.02 -12.46
CA ASN A 104 -11.44 10.57 -13.41
C ASN A 104 -10.09 10.43 -12.72
N LEU A 105 -9.82 11.35 -11.81
CA LEU A 105 -8.56 11.33 -11.08
C LEU A 105 -8.41 10.05 -10.28
N VAL A 106 -9.46 9.66 -9.57
CA VAL A 106 -9.39 8.44 -8.76
C VAL A 106 -8.88 7.30 -9.62
N ALA A 107 -9.20 7.37 -10.91
CA ALA A 107 -8.73 6.35 -11.83
C ALA A 107 -7.22 6.43 -11.91
N LEU A 108 -6.71 7.64 -11.91
CA LEU A 108 -5.27 7.83 -11.95
C LEU A 108 -4.65 7.32 -10.65
N MET A 109 -5.27 7.63 -9.53
CA MET A 109 -4.78 7.15 -8.24
C MET A 109 -4.75 5.64 -8.25
N LYS A 110 -5.58 5.07 -9.12
CA LYS A 110 -5.66 3.63 -9.25
C LYS A 110 -4.40 3.12 -9.95
N GLU A 111 -3.78 3.98 -10.74
CA GLU A 111 -2.55 3.60 -11.42
C GLU A 111 -1.34 4.18 -10.69
N GLU A 112 -1.59 5.10 -9.77
CA GLU A 112 -0.53 5.74 -9.00
C GLU A 112 -0.61 5.40 -7.50
N GLY A 113 -1.80 5.54 -6.94
CA GLY A 113 -2.03 5.32 -5.51
C GLY A 113 -1.90 3.85 -5.17
N VAL A 114 -2.93 3.08 -5.50
CA VAL A 114 -2.89 1.67 -5.20
C VAL A 114 -1.59 1.11 -5.76
N LYS A 115 -1.13 1.70 -6.85
CA LYS A 115 0.13 1.27 -7.45
C LYS A 115 1.27 1.61 -6.51
N LEU A 116 1.23 2.78 -5.88
CA LEU A 116 2.28 3.14 -4.96
C LEU A 116 2.52 1.95 -4.04
N LEU A 117 1.41 1.32 -3.67
CA LEU A 117 1.47 0.14 -2.82
C LEU A 117 2.22 -0.96 -3.54
N ARG A 118 2.09 -1.00 -4.86
CA ARG A 118 2.81 -2.01 -5.63
C ARG A 118 4.27 -1.92 -5.23
N GLU A 119 4.71 -0.69 -4.99
CA GLU A 119 6.07 -0.47 -4.55
C GLU A 119 6.25 -1.16 -3.21
N ALA A 120 5.16 -1.21 -2.44
CA ALA A 120 5.20 -1.89 -1.15
C ALA A 120 5.66 -3.32 -1.37
N MET A 121 5.11 -3.95 -2.40
CA MET A 121 5.52 -5.31 -2.72
C MET A 121 7.02 -5.33 -2.95
N GLY A 122 7.54 -4.20 -3.44
CA GLY A 122 8.97 -4.08 -3.73
C GLY A 122 9.81 -4.25 -2.47
N ILE A 123 9.49 -3.49 -1.43
CA ILE A 123 10.23 -3.54 -0.17
C ILE A 123 9.85 -4.76 0.66
N TYR A 124 8.57 -5.10 0.64
CA TYR A 124 8.10 -6.24 1.41
C TYR A 124 8.82 -7.49 0.96
N ILE A 125 8.95 -7.66 -0.33
CA ILE A 125 9.62 -8.83 -0.88
C ILE A 125 11.13 -8.68 -0.74
N SER A 126 11.61 -7.47 -0.95
CA SER A 126 13.04 -7.22 -0.87
C SER A 126 13.53 -7.11 0.57
N THR A 127 13.04 -6.11 1.29
CA THR A 127 13.49 -5.90 2.66
C THR A 127 13.21 -7.09 3.57
N LEU A 128 12.03 -7.67 3.45
CA LEU A 128 11.67 -8.80 4.31
C LEU A 128 12.52 -10.02 3.99
N LYS A 129 12.41 -10.50 2.76
CA LYS A 129 13.14 -11.70 2.35
C LYS A 129 14.64 -11.52 2.36
N THR A 130 15.12 -10.39 1.83
CA THR A 130 16.57 -10.17 1.81
C THR A 130 17.11 -10.22 3.23
N GLU A 131 16.33 -9.71 4.18
CA GLU A 131 16.73 -9.68 5.57
C GLU A 131 16.53 -11.04 6.23
N PHE A 132 15.35 -11.64 6.05
CA PHE A 132 15.08 -12.94 6.69
C PHE A 132 16.04 -14.04 6.19
N THR A 133 16.04 -14.33 4.89
CA THR A 133 16.93 -15.35 4.36
C THR A 133 18.35 -14.83 4.35
N GLN A 134 18.48 -13.54 4.62
CA GLN A 134 19.81 -12.91 4.65
C GLN A 134 20.54 -13.16 3.33
N GLY A 135 19.78 -13.15 2.25
CA GLY A 135 20.36 -13.38 0.92
C GLY A 135 21.41 -14.49 0.98
N THR A 1 5.93 -22.73 9.25
CA THR A 1 5.58 -21.32 9.11
C THR A 1 6.46 -20.46 10.00
N GLU A 2 7.25 -19.59 9.38
CA GLU A 2 8.14 -18.70 10.12
C GLU A 2 7.64 -17.26 10.09
N ARG A 3 8.00 -16.49 11.10
CA ARG A 3 7.57 -15.09 11.19
C ARG A 3 8.23 -14.24 10.11
N ASP A 4 7.46 -13.27 9.61
CA ASP A 4 7.97 -12.36 8.60
C ASP A 4 8.45 -11.08 9.27
N ALA A 5 9.64 -10.62 8.93
CA ALA A 5 10.17 -9.42 9.53
C ALA A 5 9.21 -8.24 9.32
N SER A 6 8.26 -8.12 10.24
CA SER A 6 7.26 -7.04 10.17
C SER A 6 7.92 -5.68 10.42
N ASN A 7 8.98 -5.68 11.23
CA ASN A 7 9.67 -4.45 11.55
C ASN A 7 9.97 -3.65 10.28
N TRP A 8 10.41 -4.34 9.25
CA TRP A 8 10.72 -3.68 7.98
C TRP A 8 9.43 -3.35 7.24
N SER A 9 8.40 -4.17 7.47
CA SER A 9 7.13 -3.98 6.79
C SER A 9 6.51 -2.63 7.12
N THR A 10 6.18 -2.39 8.37
CA THR A 10 5.59 -1.12 8.76
C THR A 10 6.56 0.01 8.46
N ASP A 11 7.81 -0.18 8.80
CA ASP A 11 8.83 0.84 8.61
C ASP A 11 8.83 1.40 7.18
N LYS A 12 8.89 0.54 6.18
CA LYS A 12 8.92 0.99 4.81
C LYS A 12 7.51 1.23 4.30
N LEU A 13 6.62 0.30 4.56
CA LEU A 13 5.24 0.44 4.11
C LEU A 13 4.62 1.70 4.67
N LYS A 14 4.83 1.95 5.96
CA LYS A 14 4.26 3.15 6.57
C LYS A 14 4.85 4.37 5.89
N THR A 15 6.17 4.38 5.72
CA THR A 15 6.85 5.50 5.08
C THR A 15 6.41 5.61 3.62
N LEU A 16 6.47 4.48 2.93
CA LEU A 16 6.08 4.43 1.53
C LEU A 16 4.64 4.90 1.40
N PHE A 17 3.84 4.59 2.42
CA PHE A 17 2.44 4.99 2.40
C PHE A 17 2.31 6.46 2.78
N LEU A 18 3.13 6.93 3.72
CA LEU A 18 3.09 8.34 4.10
C LEU A 18 3.90 9.14 3.11
N ALA A 19 4.37 8.46 2.07
CA ALA A 19 5.17 9.11 1.04
C ALA A 19 4.40 9.15 -0.27
N VAL A 20 3.13 8.78 -0.23
CA VAL A 20 2.34 8.81 -1.44
C VAL A 20 2.60 10.14 -2.14
N GLN A 21 3.01 10.07 -3.39
CA GLN A 21 3.35 11.26 -4.15
C GLN A 21 2.14 11.93 -4.77
N VAL A 22 2.45 12.98 -5.50
CA VAL A 22 1.46 13.81 -6.16
C VAL A 22 1.93 14.20 -7.56
N GLN A 23 0.97 14.49 -8.42
CA GLN A 23 1.25 14.93 -9.78
C GLN A 23 0.88 16.41 -9.89
N ASN A 24 -0.04 16.72 -10.80
CA ASN A 24 -0.48 18.11 -10.97
C ASN A 24 -1.91 18.27 -10.43
N GLU A 25 -2.36 19.52 -10.32
CA GLU A 25 -3.70 19.79 -9.81
C GLU A 25 -4.74 19.00 -10.58
N GLU A 26 -4.34 18.52 -11.75
CA GLU A 26 -5.25 17.74 -12.60
C GLU A 26 -5.48 16.38 -11.99
N GLY A 27 -4.47 15.88 -11.31
CA GLY A 27 -4.56 14.58 -10.67
C GLY A 27 -3.44 14.39 -9.65
N LYS A 28 -3.43 15.22 -8.60
CA LYS A 28 -2.38 15.09 -7.58
C LYS A 28 -2.87 14.29 -6.38
N CYS A 29 -1.91 13.76 -5.62
CA CYS A 29 -2.23 12.94 -4.45
C CYS A 29 -1.28 13.22 -3.29
N GLU A 30 -1.82 13.20 -2.08
CA GLU A 30 -0.99 13.42 -0.89
C GLU A 30 -1.52 12.60 0.28
N VAL A 31 -0.63 11.95 1.01
CA VAL A 31 -1.04 11.14 2.15
C VAL A 31 -1.39 12.03 3.34
N THR A 32 -2.46 11.68 4.05
CA THR A 32 -2.86 12.45 5.22
C THR A 32 -2.39 11.76 6.50
N GLU A 33 -2.31 10.44 6.45
CA GLU A 33 -1.88 9.63 7.59
C GLU A 33 -2.02 8.15 7.26
N VAL A 34 -1.10 7.35 7.80
CA VAL A 34 -1.14 5.90 7.59
C VAL A 34 -1.06 5.21 8.93
N SER A 35 -1.89 4.20 9.11
CA SER A 35 -1.89 3.50 10.37
C SER A 35 -0.67 2.61 10.48
N LYS A 36 -0.62 1.58 9.63
CA LYS A 36 0.48 0.58 9.58
C LYS A 36 -0.16 -0.77 9.25
N LEU A 37 0.60 -1.67 8.67
CA LEU A 37 0.06 -2.98 8.34
C LEU A 37 -0.41 -3.66 9.61
N ASP A 38 -1.72 -3.69 9.84
CA ASP A 38 -2.23 -4.33 11.03
C ASP A 38 -2.61 -5.75 10.67
N GLY A 39 -1.76 -6.70 11.02
CA GLY A 39 -2.05 -8.06 10.67
C GLY A 39 -1.01 -9.05 11.12
N GLU A 40 -1.22 -10.31 10.72
CA GLU A 40 -0.29 -11.37 11.07
C GLU A 40 0.37 -11.91 9.81
N ALA A 41 1.56 -11.37 9.49
CA ALA A 41 2.27 -11.81 8.32
C ALA A 41 3.40 -12.75 8.73
N SER A 42 3.41 -13.93 8.13
CA SER A 42 4.43 -14.91 8.44
C SER A 42 4.89 -15.61 7.17
N ILE A 43 6.17 -15.95 7.12
CA ILE A 43 6.72 -16.62 5.96
C ILE A 43 7.22 -18.01 6.31
N ASN A 44 7.24 -18.89 5.34
CA ASN A 44 7.71 -20.26 5.54
C ASN A 44 9.23 -20.28 5.49
N ASN A 45 9.82 -21.41 5.92
CA ASN A 45 11.27 -21.59 6.02
C ASN A 45 12.05 -20.71 5.05
N ARG A 46 13.29 -20.44 5.43
CA ARG A 46 14.16 -19.58 4.67
C ARG A 46 15.17 -20.34 3.86
N LYS A 47 15.99 -19.55 3.19
CA LYS A 47 17.04 -20.04 2.34
C LYS A 47 16.46 -20.73 1.09
N GLY A 48 15.43 -20.12 0.54
CA GLY A 48 14.79 -20.64 -0.68
C GLY A 48 13.45 -21.33 -0.41
N LYS A 49 13.11 -21.54 0.85
CA LYS A 49 11.83 -22.14 1.18
C LYS A 49 10.95 -21.04 1.74
N LEU A 50 11.40 -19.81 1.51
CA LEU A 50 10.71 -18.64 2.03
C LEU A 50 9.57 -18.23 1.14
N ILE A 51 8.41 -18.21 1.75
CA ILE A 51 7.20 -17.78 1.05
C ILE A 51 6.44 -16.81 1.92
N PHE A 52 5.69 -15.89 1.33
CA PHE A 52 5.01 -14.88 2.12
C PHE A 52 3.50 -14.92 2.08
N PHE A 53 2.91 -15.52 3.11
CA PHE A 53 1.45 -15.53 3.21
C PHE A 53 1.05 -14.68 4.41
N TYR A 54 0.22 -13.66 4.18
CA TYR A 54 -0.20 -12.77 5.25
C TYR A 54 -1.72 -12.70 5.31
N GLU A 55 -2.26 -12.59 6.52
CA GLU A 55 -3.71 -12.54 6.66
C GLU A 55 -4.18 -11.51 7.67
N TRP A 56 -4.74 -10.42 7.16
CA TRP A 56 -5.30 -9.37 8.00
C TRP A 56 -5.63 -8.12 7.20
N SER A 57 -5.86 -7.01 7.90
CA SER A 57 -6.21 -5.76 7.24
C SER A 57 -5.25 -4.60 7.56
N VAL A 58 -5.09 -3.73 6.57
CA VAL A 58 -4.25 -2.54 6.72
C VAL A 58 -5.14 -1.33 6.47
N LYS A 59 -4.94 -0.24 7.21
CA LYS A 59 -5.80 0.92 7.04
C LYS A 59 -5.02 2.23 6.93
N LEU A 60 -5.42 3.06 5.95
CA LEU A 60 -4.78 4.36 5.76
C LEU A 60 -5.72 5.33 5.06
N ASN A 61 -5.31 6.60 4.97
CA ASN A 61 -6.12 7.63 4.34
C ASN A 61 -5.24 8.51 3.45
N TRP A 62 -5.83 9.09 2.40
CA TRP A 62 -5.06 9.94 1.50
C TRP A 62 -5.84 11.19 1.09
N THR A 63 -5.16 12.10 0.38
CA THR A 63 -5.76 13.34 -0.08
C THR A 63 -5.48 13.57 -1.56
N GLY A 64 -6.36 14.30 -2.22
CA GLY A 64 -6.18 14.59 -3.63
C GLY A 64 -6.94 15.84 -4.04
N THR A 65 -6.28 16.71 -4.79
CA THR A 65 -6.89 17.94 -5.25
C THR A 65 -7.32 17.79 -6.69
N SER A 66 -8.34 18.54 -7.08
CA SER A 66 -8.84 18.48 -8.43
C SER A 66 -8.65 19.82 -9.11
N LYS A 67 -8.39 19.79 -10.41
CA LYS A 67 -8.21 21.03 -11.14
C LYS A 67 -9.46 21.88 -10.94
N SER A 68 -10.55 21.21 -10.55
CA SER A 68 -11.82 21.88 -10.30
C SER A 68 -11.66 22.86 -9.13
N GLY A 69 -10.69 22.57 -8.26
CA GLY A 69 -10.42 23.43 -7.12
C GLY A 69 -10.91 22.81 -5.81
N VAL A 70 -11.04 21.48 -5.78
CA VAL A 70 -11.52 20.82 -4.58
C VAL A 70 -10.50 19.81 -4.03
N GLN A 71 -10.42 19.73 -2.71
CA GLN A 71 -9.55 18.76 -2.07
C GLN A 71 -10.42 17.66 -1.52
N TYR A 72 -9.94 16.43 -1.56
CA TYR A 72 -10.75 15.33 -1.08
C TYR A 72 -9.90 14.28 -0.42
N LYS A 73 -10.43 13.71 0.64
CA LYS A 73 -9.72 12.67 1.36
C LYS A 73 -10.51 11.38 1.30
N GLY A 74 -9.94 10.42 0.59
CA GLY A 74 -10.58 9.13 0.43
C GLY A 74 -10.06 8.09 1.40
N HIS A 75 -10.55 6.88 1.23
CA HIS A 75 -10.18 5.76 2.08
C HIS A 75 -9.36 4.72 1.33
N VAL A 76 -8.54 3.99 2.08
CA VAL A 76 -7.72 2.94 1.51
C VAL A 76 -7.55 1.84 2.55
N GLU A 77 -8.17 0.69 2.31
CA GLU A 77 -8.08 -0.42 3.25
C GLU A 77 -8.13 -1.75 2.51
N ILE A 78 -7.13 -2.59 2.75
CA ILE A 78 -7.08 -3.91 2.11
C ILE A 78 -7.32 -5.01 3.15
N PRO A 79 -8.43 -5.70 3.09
CA PRO A 79 -8.74 -6.75 4.10
C PRO A 79 -7.72 -7.91 4.15
N ASN A 80 -8.21 -9.09 4.52
CA ASN A 80 -7.40 -10.30 4.68
C ASN A 80 -6.75 -10.81 3.39
N LEU A 81 -6.36 -9.92 2.49
CA LEU A 81 -5.71 -10.36 1.26
C LEU A 81 -4.23 -10.62 1.52
N SER A 82 -3.73 -11.78 1.11
CA SER A 82 -2.33 -12.12 1.33
C SER A 82 -1.43 -11.51 0.25
N ASP A 83 -0.28 -11.01 0.70
CA ASP A 83 0.69 -10.41 -0.22
C ASP A 83 1.49 -11.51 -0.92
N GLU A 84 1.00 -12.74 -0.82
CA GLU A 84 1.68 -13.88 -1.45
C GLU A 84 1.77 -13.61 -2.94
N ASN A 85 1.12 -12.54 -3.35
CA ASN A 85 1.11 -12.13 -4.74
C ASN A 85 1.38 -10.64 -4.83
N SER A 86 1.46 -10.12 -6.05
CA SER A 86 1.72 -8.70 -6.23
C SER A 86 0.74 -7.91 -5.38
N VAL A 87 1.24 -6.90 -4.67
CA VAL A 87 0.39 -6.09 -3.81
C VAL A 87 -0.69 -5.39 -4.62
N ASP A 88 -0.30 -4.89 -5.77
CA ASP A 88 -1.23 -4.17 -6.64
C ASP A 88 -2.43 -5.02 -7.02
N GLU A 89 -2.23 -6.33 -7.12
CA GLU A 89 -3.33 -7.22 -7.48
C GLU A 89 -4.26 -7.41 -6.29
N VAL A 90 -3.85 -6.89 -5.13
CA VAL A 90 -4.64 -7.02 -3.92
C VAL A 90 -5.91 -6.18 -4.01
N GLU A 91 -6.93 -6.62 -3.28
CA GLU A 91 -8.19 -5.90 -3.26
C GLU A 91 -8.10 -4.79 -2.25
N ILE A 92 -8.05 -3.58 -2.76
CA ILE A 92 -7.92 -2.41 -1.93
C ILE A 92 -9.24 -1.64 -1.88
N SER A 93 -9.58 -1.11 -0.71
CA SER A 93 -10.82 -0.37 -0.56
C SER A 93 -10.57 1.11 -0.82
N VAL A 94 -10.70 1.50 -2.08
CA VAL A 94 -10.47 2.87 -2.46
C VAL A 94 -11.78 3.66 -2.49
N SER A 95 -11.75 4.84 -1.89
CA SER A 95 -12.92 5.70 -1.86
C SER A 95 -12.50 7.15 -2.03
N LEU A 96 -12.21 7.52 -3.26
CA LEU A 96 -11.79 8.88 -3.52
C LEU A 96 -12.38 9.44 -4.81
N ALA A 97 -12.81 10.70 -4.74
CA ALA A 97 -13.40 11.41 -5.88
C ALA A 97 -14.86 11.07 -6.08
N LYS A 98 -15.30 9.98 -5.48
CA LYS A 98 -16.69 9.57 -5.61
C LYS A 98 -17.61 10.65 -5.05
N ASP A 99 -17.09 11.40 -4.08
CA ASP A 99 -17.87 12.46 -3.46
C ASP A 99 -17.53 13.84 -4.06
N GLU A 100 -16.39 13.94 -4.75
CA GLU A 100 -16.00 15.23 -5.34
C GLU A 100 -15.77 15.10 -6.86
N PRO A 101 -15.60 16.22 -7.57
CA PRO A 101 -15.41 16.24 -9.06
C PRO A 101 -14.00 15.88 -9.54
N ASP A 102 -13.34 14.95 -8.88
CA ASP A 102 -11.99 14.58 -9.32
C ASP A 102 -12.05 13.49 -10.38
N THR A 103 -12.94 12.52 -10.18
CA THR A 103 -13.16 11.39 -11.10
C THR A 103 -11.91 11.03 -11.92
N ASN A 104 -11.50 11.90 -12.84
CA ASN A 104 -10.33 11.61 -13.66
C ASN A 104 -9.11 11.34 -12.79
N LEU A 105 -9.02 12.08 -11.68
CA LEU A 105 -7.90 11.94 -10.75
C LEU A 105 -7.82 10.53 -10.16
N VAL A 106 -8.91 10.07 -9.57
CA VAL A 106 -8.91 8.74 -8.94
C VAL A 106 -8.49 7.67 -9.94
N ALA A 107 -8.80 7.88 -11.21
CA ALA A 107 -8.41 6.91 -12.23
C ALA A 107 -6.90 6.82 -12.32
N LEU A 108 -6.25 7.96 -12.40
CA LEU A 108 -4.81 7.98 -12.49
C LEU A 108 -4.20 7.38 -11.22
N MET A 109 -4.76 7.75 -10.07
CA MET A 109 -4.28 7.22 -8.80
C MET A 109 -4.48 5.73 -8.77
N LYS A 110 -5.38 5.25 -9.61
CA LYS A 110 -5.64 3.82 -9.70
C LYS A 110 -4.47 3.15 -10.39
N GLU A 111 -3.75 3.93 -11.18
CA GLU A 111 -2.59 3.40 -11.89
C GLU A 111 -1.30 3.86 -11.19
N GLU A 112 -1.42 4.88 -10.33
CA GLU A 112 -0.30 5.43 -9.58
C GLU A 112 -0.39 5.15 -8.08
N GLY A 113 -1.56 5.43 -7.51
CA GLY A 113 -1.78 5.24 -6.08
C GLY A 113 -1.70 3.77 -5.71
N VAL A 114 -2.75 3.02 -6.02
CA VAL A 114 -2.73 1.61 -5.72
C VAL A 114 -1.45 1.02 -6.29
N LYS A 115 -0.92 1.69 -7.32
CA LYS A 115 0.32 1.26 -7.93
C LYS A 115 1.47 1.49 -6.96
N LEU A 116 1.46 2.64 -6.28
CA LEU A 116 2.51 2.93 -5.32
C LEU A 116 2.65 1.71 -4.43
N LEU A 117 1.51 1.14 -4.07
CA LEU A 117 1.47 -0.05 -3.25
C LEU A 117 2.20 -1.16 -3.97
N ARG A 118 2.12 -1.16 -5.29
CA ARG A 118 2.82 -2.17 -6.07
C ARG A 118 4.24 -2.20 -5.56
N GLU A 119 4.75 -1.01 -5.25
CA GLU A 119 6.10 -0.88 -4.72
C GLU A 119 6.15 -1.55 -3.35
N ALA A 120 5.01 -1.54 -2.65
CA ALA A 120 4.96 -2.19 -1.34
C ALA A 120 5.40 -3.64 -1.48
N MET A 121 4.98 -4.26 -2.58
CA MET A 121 5.36 -5.63 -2.84
C MET A 121 6.86 -5.68 -3.07
N GLY A 122 7.39 -4.58 -3.61
CA GLY A 122 8.82 -4.47 -3.90
C GLY A 122 9.70 -4.56 -2.65
N ILE A 123 9.34 -3.82 -1.59
CA ILE A 123 10.14 -3.84 -0.36
C ILE A 123 9.80 -5.02 0.53
N TYR A 124 8.52 -5.27 0.70
CA TYR A 124 8.08 -6.38 1.56
C TYR A 124 8.76 -7.66 1.14
N ILE A 125 8.76 -7.90 -0.15
CA ILE A 125 9.37 -9.10 -0.69
C ILE A 125 10.89 -9.03 -0.62
N SER A 126 11.44 -7.89 -1.00
CA SER A 126 12.89 -7.74 -1.00
C SER A 126 13.46 -7.46 0.39
N THR A 127 13.00 -6.40 1.03
CA THR A 127 13.52 -6.02 2.34
C THR A 127 13.30 -7.08 3.42
N LEU A 128 12.10 -7.63 3.50
CA LEU A 128 11.82 -8.61 4.55
C LEU A 128 12.41 -9.98 4.25
N LYS A 129 12.28 -10.46 3.01
CA LYS A 129 12.81 -11.78 2.70
C LYS A 129 14.34 -11.78 2.64
N THR A 130 14.92 -10.78 1.97
CA THR A 130 16.37 -10.71 1.89
C THR A 130 16.95 -10.63 3.29
N GLU A 131 16.29 -9.86 4.15
CA GLU A 131 16.73 -9.71 5.53
C GLU A 131 16.43 -10.98 6.32
N PHE A 132 15.23 -11.53 6.14
CA PHE A 132 14.87 -12.74 6.88
C PHE A 132 15.83 -13.87 6.54
N THR A 133 15.91 -14.27 5.27
CA THR A 133 16.83 -15.33 4.88
C THR A 133 18.24 -14.77 4.89
N GLN A 134 18.33 -13.46 5.08
CA GLN A 134 19.63 -12.79 5.12
C GLN A 134 20.37 -13.03 3.81
N GLY A 135 19.62 -13.09 2.72
CA GLY A 135 20.22 -13.31 1.41
C GLY A 135 20.77 -14.73 1.30
N THR A 1 6.98 -23.13 9.17
CA THR A 1 6.31 -21.85 9.45
C THR A 1 7.29 -20.88 10.10
N GLU A 2 7.86 -19.99 9.29
CA GLU A 2 8.80 -19.00 9.79
C GLU A 2 8.15 -17.62 9.85
N ARG A 3 8.54 -16.83 10.84
CA ARG A 3 7.98 -15.50 11.01
C ARG A 3 8.59 -14.52 10.01
N ASP A 4 7.76 -13.64 9.47
CA ASP A 4 8.24 -12.64 8.52
C ASP A 4 8.46 -11.33 9.27
N ALA A 5 9.62 -10.71 9.08
CA ALA A 5 9.91 -9.47 9.76
C ALA A 5 8.78 -8.48 9.57
N SER A 6 7.78 -8.57 10.46
CA SER A 6 6.62 -7.68 10.39
C SER A 6 7.02 -6.23 10.66
N ASN A 7 7.88 -6.02 11.65
CA ASN A 7 8.32 -4.68 11.98
C ASN A 7 8.91 -4.00 10.76
N TRP A 8 9.64 -4.76 9.96
CA TRP A 8 10.24 -4.25 8.75
C TRP A 8 9.15 -3.83 7.78
N SER A 9 8.08 -4.62 7.75
CA SER A 9 6.97 -4.37 6.85
C SER A 9 6.26 -3.05 7.16
N THR A 10 5.69 -2.94 8.35
CA THR A 10 5.00 -1.72 8.71
C THR A 10 5.92 -0.52 8.58
N ASP A 11 7.13 -0.66 9.10
CA ASP A 11 8.10 0.42 9.05
C ASP A 11 8.25 1.02 7.65
N LYS A 12 8.36 0.16 6.64
CA LYS A 12 8.52 0.66 5.28
C LYS A 12 7.16 0.93 4.64
N LEU A 13 6.26 -0.04 4.69
CA LEU A 13 4.93 0.14 4.11
C LEU A 13 4.26 1.38 4.69
N LYS A 14 4.40 1.58 6.01
CA LYS A 14 3.79 2.74 6.64
C LYS A 14 4.43 4.01 6.13
N THR A 15 5.76 4.04 6.13
CA THR A 15 6.49 5.19 5.67
C THR A 15 6.19 5.46 4.20
N LEU A 16 6.34 4.42 3.39
CA LEU A 16 6.06 4.54 1.97
C LEU A 16 4.62 4.95 1.78
N PHE A 17 3.76 4.50 2.69
CA PHE A 17 2.35 4.84 2.62
C PHE A 17 2.19 6.32 2.95
N LEU A 18 2.99 6.82 3.90
CA LEU A 18 2.95 8.23 4.26
C LEU A 18 3.83 8.98 3.29
N ALA A 19 4.33 8.26 2.29
CA ALA A 19 5.20 8.85 1.28
C ALA A 19 4.47 8.94 -0.04
N VAL A 20 3.18 8.62 -0.03
CA VAL A 20 2.43 8.68 -1.27
C VAL A 20 2.72 10.02 -1.94
N GLN A 21 3.19 9.93 -3.18
CA GLN A 21 3.56 11.13 -3.93
C GLN A 21 2.37 11.77 -4.62
N VAL A 22 2.68 12.85 -5.35
CA VAL A 22 1.70 13.61 -6.09
C VAL A 22 2.26 14.00 -7.46
N GLN A 23 1.35 14.15 -8.42
CA GLN A 23 1.72 14.56 -9.77
C GLN A 23 1.16 15.95 -10.05
N ASN A 24 0.30 16.05 -11.06
CA ASN A 24 -0.29 17.33 -11.42
C ASN A 24 -1.66 17.48 -10.73
N GLU A 25 -2.12 18.73 -10.62
CA GLU A 25 -3.41 19.00 -9.99
C GLU A 25 -4.50 18.11 -10.55
N GLU A 26 -4.30 17.65 -11.77
CA GLU A 26 -5.26 16.79 -12.44
C GLU A 26 -5.18 15.38 -11.89
N GLY A 27 -3.99 14.98 -11.47
CA GLY A 27 -3.78 13.65 -10.92
C GLY A 27 -2.78 13.70 -9.79
N LYS A 28 -3.02 14.56 -8.80
CA LYS A 28 -2.11 14.68 -7.68
C LYS A 28 -2.57 13.83 -6.51
N CYS A 29 -1.64 13.46 -5.64
CA CYS A 29 -1.98 12.65 -4.48
C CYS A 29 -1.06 12.94 -3.30
N GLU A 30 -1.65 13.02 -2.11
CA GLU A 30 -0.87 13.27 -0.91
C GLU A 30 -1.45 12.47 0.26
N VAL A 31 -0.59 11.88 1.07
CA VAL A 31 -1.05 11.10 2.21
C VAL A 31 -1.42 12.02 3.37
N THR A 32 -2.50 11.68 4.07
CA THR A 32 -2.94 12.47 5.20
C THR A 32 -2.52 11.82 6.52
N GLU A 33 -2.50 10.48 6.51
CA GLU A 33 -2.12 9.71 7.70
C GLU A 33 -2.29 8.21 7.44
N VAL A 34 -1.35 7.42 7.94
CA VAL A 34 -1.40 5.97 7.79
C VAL A 34 -1.27 5.29 9.14
N SER A 35 -2.09 4.28 9.36
CA SER A 35 -2.03 3.56 10.63
C SER A 35 -0.77 2.72 10.69
N LYS A 36 -0.63 1.84 9.69
CA LYS A 36 0.51 0.92 9.49
C LYS A 36 -0.03 -0.45 9.14
N LEU A 37 0.81 -1.27 8.55
CA LEU A 37 0.42 -2.62 8.18
C LEU A 37 -0.06 -3.35 9.45
N ASP A 38 -1.37 -3.44 9.65
CA ASP A 38 -1.88 -4.12 10.84
C ASP A 38 -2.24 -5.54 10.47
N GLY A 39 -1.42 -6.50 10.89
CA GLY A 39 -1.73 -7.88 10.55
C GLY A 39 -0.70 -8.89 11.03
N GLU A 40 -0.99 -10.16 10.75
CA GLU A 40 -0.09 -11.23 11.12
C GLU A 40 0.56 -11.80 9.87
N ALA A 41 1.78 -11.36 9.62
CA ALA A 41 2.52 -11.81 8.44
C ALA A 41 3.55 -12.85 8.82
N SER A 42 3.68 -13.87 7.99
CA SER A 42 4.65 -14.94 8.24
C SER A 42 5.12 -15.54 6.92
N ILE A 43 6.42 -15.86 6.83
CA ILE A 43 6.95 -16.45 5.63
C ILE A 43 7.37 -17.89 5.87
N ASN A 44 7.39 -18.67 4.80
CA ASN A 44 7.83 -20.05 4.90
C ASN A 44 9.34 -20.05 4.97
N ASN A 45 9.91 -21.20 5.33
CA ASN A 45 11.34 -21.36 5.53
C ASN A 45 12.15 -20.40 4.71
N ARG A 46 13.34 -20.13 5.22
CA ARG A 46 14.27 -19.19 4.64
C ARG A 46 15.38 -19.92 3.89
N LYS A 47 16.14 -19.14 3.15
CA LYS A 47 17.27 -19.66 2.40
C LYS A 47 16.83 -20.51 1.20
N GLY A 48 15.83 -20.04 0.46
CA GLY A 48 15.37 -20.75 -0.74
C GLY A 48 14.09 -21.55 -0.56
N LYS A 49 13.37 -21.33 0.55
CA LYS A 49 12.12 -22.02 0.78
C LYS A 49 11.20 -21.07 1.51
N LEU A 50 11.23 -19.81 1.09
CA LEU A 50 10.42 -18.79 1.74
C LEU A 50 9.37 -18.25 0.83
N ILE A 51 8.20 -18.11 1.39
CA ILE A 51 7.08 -17.53 0.64
C ILE A 51 6.31 -16.61 1.56
N PHE A 52 5.87 -15.49 1.04
CA PHE A 52 5.20 -14.49 1.87
C PHE A 52 3.69 -14.57 1.89
N PHE A 53 3.15 -15.29 2.88
CA PHE A 53 1.70 -15.34 3.03
C PHE A 53 1.33 -14.52 4.27
N TYR A 54 0.46 -13.53 4.09
CA TYR A 54 0.05 -12.67 5.21
C TYR A 54 -1.46 -12.60 5.30
N GLU A 55 -2.00 -12.40 6.51
CA GLU A 55 -3.45 -12.34 6.65
C GLU A 55 -3.92 -11.31 7.67
N TRP A 56 -4.47 -10.21 7.15
CA TRP A 56 -5.05 -9.16 7.98
C TRP A 56 -5.39 -7.93 7.16
N SER A 57 -5.59 -6.79 7.84
CA SER A 57 -5.97 -5.55 7.18
C SER A 57 -5.05 -4.37 7.50
N VAL A 58 -4.94 -3.47 6.53
CA VAL A 58 -4.16 -2.24 6.69
C VAL A 58 -5.08 -1.07 6.39
N LYS A 59 -4.98 0.01 7.17
CA LYS A 59 -5.89 1.13 6.98
C LYS A 59 -5.16 2.47 6.91
N LEU A 60 -5.52 3.27 5.91
CA LEU A 60 -4.93 4.61 5.75
C LEU A 60 -5.86 5.51 4.96
N ASN A 61 -5.48 6.78 4.86
CA ASN A 61 -6.27 7.76 4.12
C ASN A 61 -5.35 8.65 3.29
N TRP A 62 -5.89 9.25 2.24
CA TRP A 62 -5.07 10.10 1.38
C TRP A 62 -5.80 11.39 0.99
N THR A 63 -5.11 12.26 0.26
CA THR A 63 -5.70 13.53 -0.19
C THR A 63 -5.31 13.81 -1.63
N GLY A 64 -6.20 14.46 -2.37
CA GLY A 64 -5.91 14.78 -3.76
C GLY A 64 -6.65 16.04 -4.20
N THR A 65 -5.99 16.84 -5.03
CA THR A 65 -6.59 18.07 -5.52
C THR A 65 -6.89 17.97 -7.01
N SER A 66 -7.99 18.58 -7.42
CA SER A 66 -8.39 18.55 -8.82
C SER A 66 -8.29 19.94 -9.41
N LYS A 67 -8.00 19.99 -10.71
CA LYS A 67 -7.89 21.28 -11.38
C LYS A 67 -9.19 22.04 -11.22
N SER A 68 -10.26 21.30 -10.96
CA SER A 68 -11.56 21.92 -10.77
C SER A 68 -11.47 22.87 -9.58
N GLY A 69 -10.51 22.59 -8.70
CA GLY A 69 -10.29 23.42 -7.52
C GLY A 69 -10.85 22.75 -6.28
N VAL A 70 -10.82 21.41 -6.25
CA VAL A 70 -11.35 20.69 -5.08
C VAL A 70 -10.35 19.69 -4.52
N GLN A 71 -10.32 19.61 -3.19
CA GLN A 71 -9.45 18.66 -2.50
C GLN A 71 -10.33 17.52 -2.01
N TYR A 72 -9.83 16.31 -2.07
CA TYR A 72 -10.63 15.17 -1.64
C TYR A 72 -9.79 14.18 -0.87
N LYS A 73 -10.30 13.82 0.29
CA LYS A 73 -9.61 12.85 1.12
C LYS A 73 -10.44 11.58 1.15
N GLY A 74 -9.91 10.58 0.49
CA GLY A 74 -10.59 9.31 0.38
C GLY A 74 -10.09 8.29 1.36
N HIS A 75 -10.58 7.08 1.18
CA HIS A 75 -10.23 5.96 2.03
C HIS A 75 -9.52 4.88 1.23
N VAL A 76 -8.77 4.04 1.92
CA VAL A 76 -8.07 2.95 1.26
C VAL A 76 -7.71 1.88 2.29
N GLU A 77 -8.38 0.74 2.19
CA GLU A 77 -8.15 -0.35 3.12
C GLU A 77 -8.07 -1.68 2.37
N ILE A 78 -7.07 -2.49 2.70
CA ILE A 78 -6.90 -3.78 2.05
C ILE A 78 -7.09 -4.91 3.07
N PRO A 79 -8.23 -5.57 3.08
CA PRO A 79 -8.51 -6.64 4.06
C PRO A 79 -7.50 -7.80 4.08
N ASN A 80 -8.00 -8.98 4.45
CA ASN A 80 -7.19 -10.19 4.58
C ASN A 80 -6.56 -10.70 3.29
N LEU A 81 -6.18 -9.80 2.39
CA LEU A 81 -5.55 -10.24 1.15
C LEU A 81 -4.06 -10.45 1.38
N SER A 82 -3.58 -11.67 1.10
CA SER A 82 -2.17 -11.99 1.30
C SER A 82 -1.28 -11.31 0.27
N ASP A 83 -0.13 -10.83 0.74
CA ASP A 83 0.83 -10.17 -0.13
C ASP A 83 1.62 -11.21 -0.91
N GLU A 84 1.14 -12.45 -0.87
CA GLU A 84 1.81 -13.54 -1.58
C GLU A 84 1.82 -13.23 -3.05
N ASN A 85 1.10 -12.18 -3.41
CA ASN A 85 1.00 -11.74 -4.79
C ASN A 85 1.12 -10.23 -4.87
N SER A 86 0.97 -9.68 -6.08
CA SER A 86 1.06 -8.23 -6.24
C SER A 86 0.16 -7.55 -5.21
N VAL A 87 0.77 -6.75 -4.34
CA VAL A 87 0.03 -6.05 -3.30
C VAL A 87 -1.04 -5.15 -3.91
N ASP A 88 -0.69 -4.45 -4.96
CA ASP A 88 -1.61 -3.54 -5.62
C ASP A 88 -2.77 -4.28 -6.28
N GLU A 89 -2.53 -5.51 -6.72
CA GLU A 89 -3.59 -6.28 -7.37
C GLU A 89 -4.58 -6.80 -6.33
N VAL A 90 -4.26 -6.60 -5.06
CA VAL A 90 -5.15 -7.06 -4.00
C VAL A 90 -6.45 -6.28 -4.01
N GLU A 91 -7.40 -6.71 -3.19
CA GLU A 91 -8.69 -6.04 -3.11
C GLU A 91 -8.57 -4.85 -2.18
N ILE A 92 -8.61 -3.66 -2.77
CA ILE A 92 -8.48 -2.45 -1.99
C ILE A 92 -9.80 -1.68 -2.00
N SER A 93 -10.18 -1.17 -0.83
CA SER A 93 -11.41 -0.41 -0.72
C SER A 93 -11.10 1.07 -0.86
N VAL A 94 -11.16 1.55 -2.09
CA VAL A 94 -10.86 2.95 -2.37
C VAL A 94 -12.13 3.80 -2.36
N SER A 95 -11.98 5.03 -1.89
CA SER A 95 -13.11 5.96 -1.86
C SER A 95 -12.61 7.38 -2.04
N LEU A 96 -12.29 7.72 -3.27
CA LEU A 96 -11.78 9.06 -3.55
C LEU A 96 -12.38 9.62 -4.84
N ALA A 97 -12.79 10.88 -4.76
CA ALA A 97 -13.37 11.58 -5.91
C ALA A 97 -14.85 11.28 -6.10
N LYS A 98 -15.31 10.20 -5.50
CA LYS A 98 -16.71 9.82 -5.62
C LYS A 98 -17.60 10.95 -5.13
N ASP A 99 -17.08 11.72 -4.19
CA ASP A 99 -17.82 12.84 -3.61
C ASP A 99 -17.43 14.18 -4.24
N GLU A 100 -16.30 14.22 -4.94
CA GLU A 100 -15.85 15.49 -5.54
C GLU A 100 -15.70 15.38 -7.07
N PRO A 101 -15.50 16.50 -7.76
CA PRO A 101 -15.37 16.53 -9.26
C PRO A 101 -13.97 16.14 -9.78
N ASP A 102 -13.48 14.98 -9.36
CA ASP A 102 -12.17 14.53 -9.82
C ASP A 102 -12.27 13.25 -10.64
N THR A 103 -13.14 12.34 -10.21
CA THR A 103 -13.37 11.04 -10.87
C THR A 103 -12.19 10.55 -11.71
N ASN A 104 -11.89 11.23 -12.81
CA ASN A 104 -10.77 10.83 -13.66
C ASN A 104 -9.51 10.67 -12.82
N LEU A 105 -9.35 11.54 -11.84
CA LEU A 105 -8.16 11.49 -10.99
C LEU A 105 -8.10 10.19 -10.20
N VAL A 106 -9.20 9.80 -9.57
CA VAL A 106 -9.20 8.57 -8.78
C VAL A 106 -8.66 7.42 -9.61
N ALA A 107 -8.87 7.48 -10.92
CA ALA A 107 -8.37 6.45 -11.80
C ALA A 107 -6.86 6.48 -11.79
N LEU A 108 -6.30 7.66 -12.00
CA LEU A 108 -4.87 7.82 -11.99
C LEU A 108 -4.30 7.27 -10.69
N MET A 109 -4.98 7.54 -9.59
CA MET A 109 -4.55 7.02 -8.31
C MET A 109 -4.53 5.50 -8.37
N LYS A 110 -5.35 4.96 -9.26
CA LYS A 110 -5.46 3.53 -9.44
C LYS A 110 -4.18 2.98 -10.09
N GLU A 111 -3.53 3.82 -10.88
CA GLU A 111 -2.30 3.41 -11.55
C GLU A 111 -1.09 3.96 -10.80
N GLU A 112 -1.34 4.87 -9.88
CA GLU A 112 -0.28 5.49 -9.09
C GLU A 112 -0.38 5.16 -7.60
N GLY A 113 -1.57 5.38 -7.05
CA GLY A 113 -1.80 5.16 -5.62
C GLY A 113 -1.76 3.70 -5.26
N VAL A 114 -2.82 2.97 -5.58
CA VAL A 114 -2.84 1.56 -5.29
C VAL A 114 -1.56 0.94 -5.81
N LYS A 115 -1.07 1.49 -6.91
CA LYS A 115 0.17 1.01 -7.49
C LYS A 115 1.33 1.37 -6.57
N LEU A 116 1.28 2.55 -5.97
CA LEU A 116 2.34 2.94 -5.05
C LEU A 116 2.56 1.78 -4.10
N LEU A 117 1.45 1.15 -3.72
CA LEU A 117 1.48 0.01 -2.84
C LEU A 117 2.23 -1.11 -3.52
N ARG A 118 2.09 -1.20 -4.84
CA ARG A 118 2.81 -2.23 -5.56
C ARG A 118 4.26 -2.15 -5.12
N GLU A 119 4.71 -0.91 -4.89
CA GLU A 119 6.07 -0.68 -4.43
C GLU A 119 6.22 -1.28 -3.03
N ALA A 120 5.15 -1.24 -2.23
CA ALA A 120 5.23 -1.81 -0.89
C ALA A 120 5.64 -3.26 -0.99
N MET A 121 5.12 -3.94 -2.00
CA MET A 121 5.50 -5.33 -2.20
C MET A 121 6.99 -5.38 -2.46
N GLY A 122 7.49 -4.32 -3.09
CA GLY A 122 8.91 -4.24 -3.42
C GLY A 122 9.79 -4.34 -2.16
N ILE A 123 9.49 -3.54 -1.15
CA ILE A 123 10.26 -3.55 0.09
C ILE A 123 9.88 -4.73 0.97
N TYR A 124 8.59 -5.03 1.01
CA TYR A 124 8.11 -6.14 1.84
C TYR A 124 8.80 -7.43 1.42
N ILE A 125 8.89 -7.65 0.12
CA ILE A 125 9.55 -8.86 -0.38
C ILE A 125 11.05 -8.72 -0.30
N SER A 126 11.55 -7.53 -0.58
CA SER A 126 12.98 -7.29 -0.57
C SER A 126 13.52 -7.09 0.85
N THR A 127 13.05 -6.05 1.53
CA THR A 127 13.53 -5.76 2.87
C THR A 127 13.36 -6.94 3.80
N LEU A 128 12.20 -7.57 3.75
CA LEU A 128 11.94 -8.69 4.63
C LEU A 128 12.84 -9.88 4.33
N LYS A 129 12.73 -10.40 3.11
CA LYS A 129 13.50 -11.57 2.73
C LYS A 129 15.00 -11.31 2.72
N THR A 130 15.41 -10.18 2.18
CA THR A 130 16.83 -9.87 2.14
C THR A 130 17.35 -9.81 3.57
N GLU A 131 16.47 -9.45 4.48
CA GLU A 131 16.84 -9.40 5.89
C GLU A 131 16.70 -10.78 6.53
N PHE A 132 15.63 -11.49 6.16
CA PHE A 132 15.37 -12.81 6.74
C PHE A 132 16.20 -13.93 6.07
N THR A 133 15.99 -14.16 4.77
CA THR A 133 16.72 -15.22 4.07
C THR A 133 17.99 -14.70 3.43
N GLN A 134 18.08 -13.40 3.23
CA GLN A 134 19.25 -12.80 2.60
C GLN A 134 19.45 -13.40 1.21
N GLY A 135 18.33 -13.67 0.54
CA GLY A 135 18.38 -14.24 -0.80
C GLY A 135 19.38 -15.39 -0.87
N THR A 1 5.49 -22.32 8.07
CA THR A 1 4.88 -21.26 8.85
C THR A 1 5.91 -20.62 9.79
N GLU A 2 6.82 -19.85 9.22
CA GLU A 2 7.85 -19.18 10.02
C GLU A 2 7.60 -17.69 10.09
N ARG A 3 8.08 -17.07 11.17
CA ARG A 3 7.89 -15.63 11.35
C ARG A 3 8.60 -14.84 10.27
N ASP A 4 7.97 -13.77 9.84
CA ASP A 4 8.56 -12.92 8.82
C ASP A 4 8.92 -11.57 9.42
N ALA A 5 9.93 -10.93 8.86
CA ALA A 5 10.36 -9.64 9.37
C ALA A 5 9.39 -8.54 8.92
N SER A 6 8.33 -8.36 9.70
CA SER A 6 7.31 -7.35 9.40
C SER A 6 7.77 -5.97 9.85
N ASN A 7 8.73 -5.93 10.76
CA ASN A 7 9.22 -4.66 11.25
C ASN A 7 9.59 -3.74 10.10
N TRP A 8 10.00 -4.34 8.99
CA TRP A 8 10.38 -3.57 7.81
C TRP A 8 9.19 -2.87 7.20
N SER A 9 8.03 -3.53 7.20
CA SER A 9 6.85 -2.92 6.61
C SER A 9 6.40 -1.71 7.41
N THR A 10 5.98 -1.94 8.66
CA THR A 10 5.53 -0.84 9.48
C THR A 10 6.48 0.34 9.30
N ASP A 11 7.75 0.03 9.24
CA ASP A 11 8.77 1.07 9.06
C ASP A 11 8.67 1.71 7.68
N LYS A 12 8.82 0.91 6.63
CA LYS A 12 8.76 1.42 5.28
C LYS A 12 7.32 1.52 4.79
N LEU A 13 6.60 0.40 4.79
CA LEU A 13 5.22 0.44 4.33
C LEU A 13 4.49 1.66 4.90
N LYS A 14 4.66 1.93 6.19
CA LYS A 14 3.98 3.09 6.74
C LYS A 14 4.54 4.36 6.10
N THR A 15 5.87 4.47 6.10
CA THR A 15 6.53 5.62 5.51
C THR A 15 6.18 5.77 4.04
N LEU A 16 6.41 4.69 3.30
CA LEU A 16 6.11 4.67 1.88
C LEU A 16 4.65 5.01 1.66
N PHE A 17 3.82 4.62 2.61
CA PHE A 17 2.39 4.91 2.51
C PHE A 17 2.17 6.40 2.77
N LEU A 18 2.92 6.94 3.72
CA LEU A 18 2.83 8.37 4.02
C LEU A 18 3.72 9.11 3.05
N ALA A 19 4.18 8.39 2.05
CA ALA A 19 5.05 8.96 1.03
C ALA A 19 4.28 9.15 -0.26
N VAL A 20 2.98 8.92 -0.21
CA VAL A 20 2.18 9.09 -1.41
C VAL A 20 2.54 10.41 -2.03
N GLN A 21 3.06 10.35 -3.24
CA GLN A 21 3.49 11.54 -3.95
C GLN A 21 2.40 12.19 -4.77
N VAL A 22 2.56 13.48 -4.95
CA VAL A 22 1.65 14.31 -5.71
C VAL A 22 2.28 14.73 -7.03
N GLN A 23 1.42 15.10 -7.97
CA GLN A 23 1.85 15.55 -9.29
C GLN A 23 1.13 16.85 -9.62
N ASN A 24 0.37 16.84 -10.70
CA ASN A 24 -0.38 18.01 -11.12
C ASN A 24 -1.75 18.02 -10.44
N GLU A 25 -2.30 19.21 -10.21
CA GLU A 25 -3.61 19.31 -9.57
C GLU A 25 -4.61 18.41 -10.29
N GLU A 26 -4.30 18.09 -11.52
CA GLU A 26 -5.15 17.25 -12.33
C GLU A 26 -4.94 15.77 -12.00
N GLY A 27 -3.72 15.43 -11.60
CA GLY A 27 -3.42 14.04 -11.29
C GLY A 27 -2.41 13.92 -10.16
N LYS A 28 -2.63 14.66 -9.09
CA LYS A 28 -1.71 14.63 -7.96
C LYS A 28 -2.24 13.70 -6.86
N CYS A 29 -1.59 13.73 -5.70
CA CYS A 29 -2.00 12.90 -4.58
C CYS A 29 -1.20 13.24 -3.32
N GLU A 30 -1.85 13.19 -2.15
CA GLU A 30 -1.14 13.49 -0.91
C GLU A 30 -1.67 12.62 0.23
N VAL A 31 -0.79 12.15 1.09
CA VAL A 31 -1.23 11.33 2.22
C VAL A 31 -1.45 12.19 3.46
N THR A 32 -2.49 11.88 4.23
CA THR A 32 -2.76 12.63 5.44
C THR A 32 -2.27 11.86 6.66
N GLU A 33 -2.44 10.54 6.66
CA GLU A 33 -2.02 9.70 7.79
C GLU A 33 -2.30 8.23 7.53
N VAL A 34 -1.39 7.37 7.98
CA VAL A 34 -1.54 5.93 7.83
C VAL A 34 -1.36 5.26 9.19
N SER A 35 -2.22 4.32 9.49
CA SER A 35 -2.13 3.63 10.76
C SER A 35 -0.95 2.68 10.77
N LYS A 36 -1.06 1.61 9.96
CA LYS A 36 -0.04 0.55 9.84
C LYS A 36 -0.76 -0.78 9.60
N LEU A 37 -0.07 -1.73 8.97
CA LEU A 37 -0.64 -3.05 8.70
C LEU A 37 -0.83 -3.80 10.00
N ASP A 38 -2.08 -3.95 10.44
CA ASP A 38 -2.38 -4.64 11.68
C ASP A 38 -2.81 -6.08 11.43
N GLY A 39 -1.99 -7.03 11.86
CA GLY A 39 -2.32 -8.43 11.67
C GLY A 39 -1.09 -9.31 11.83
N GLU A 40 -1.20 -10.56 11.39
CA GLU A 40 -0.09 -11.49 11.51
C GLU A 40 0.46 -11.87 10.13
N ALA A 41 1.70 -11.49 9.88
CA ALA A 41 2.37 -11.79 8.63
C ALA A 41 3.37 -12.91 8.86
N SER A 42 3.51 -13.86 7.94
CA SER A 42 4.47 -14.94 8.16
C SER A 42 4.89 -15.63 6.86
N ILE A 43 6.13 -16.11 6.84
CA ILE A 43 6.65 -16.80 5.68
C ILE A 43 7.12 -18.19 6.10
N ASN A 44 7.11 -19.13 5.17
CA ASN A 44 7.55 -20.50 5.49
C ASN A 44 9.06 -20.57 5.43
N ASN A 45 9.61 -21.65 5.99
CA ASN A 45 11.05 -21.86 6.08
C ASN A 45 11.80 -21.15 4.99
N ARG A 46 13.05 -20.80 5.30
CA ARG A 46 13.88 -20.08 4.38
C ARG A 46 14.99 -20.93 3.84
N LYS A 47 15.82 -20.27 3.05
CA LYS A 47 16.93 -20.91 2.41
C LYS A 47 16.43 -21.78 1.26
N GLY A 48 15.44 -21.24 0.53
CA GLY A 48 14.87 -21.93 -0.63
C GLY A 48 13.48 -22.50 -0.38
N LYS A 49 12.97 -22.40 0.85
CA LYS A 49 11.63 -22.88 1.13
C LYS A 49 10.81 -21.71 1.62
N LEU A 50 11.30 -20.51 1.31
CA LEU A 50 10.67 -19.28 1.74
C LEU A 50 9.50 -18.90 0.88
N ILE A 51 8.35 -18.81 1.51
CA ILE A 51 7.15 -18.39 0.79
C ILE A 51 6.45 -17.31 1.60
N PHE A 52 5.80 -16.38 0.92
CA PHE A 52 5.20 -15.25 1.62
C PHE A 52 3.68 -15.23 1.71
N PHE A 53 3.14 -15.81 2.77
CA PHE A 53 1.70 -15.75 3.00
C PHE A 53 1.44 -14.96 4.26
N TYR A 54 0.64 -13.90 4.14
CA TYR A 54 0.35 -13.07 5.30
C TYR A 54 -1.15 -12.95 5.52
N GLU A 55 -1.51 -12.34 6.63
CA GLU A 55 -2.92 -12.17 6.95
C GLU A 55 -3.13 -10.89 7.76
N TRP A 56 -3.00 -9.73 7.11
CA TRP A 56 -3.19 -8.46 7.80
C TRP A 56 -3.96 -7.47 6.95
N SER A 57 -4.60 -6.52 7.62
CA SER A 57 -5.37 -5.49 6.94
C SER A 57 -4.77 -4.12 7.22
N VAL A 58 -4.82 -3.22 6.24
CA VAL A 58 -4.25 -1.88 6.42
C VAL A 58 -5.34 -0.81 6.33
N LYS A 59 -5.14 0.28 7.07
CA LYS A 59 -6.10 1.35 7.08
C LYS A 59 -5.40 2.71 7.00
N LEU A 60 -5.75 3.48 5.98
CA LEU A 60 -5.14 4.80 5.82
C LEU A 60 -6.11 5.78 5.17
N ASN A 61 -5.63 7.00 4.98
CA ASN A 61 -6.43 8.06 4.37
C ASN A 61 -5.51 8.99 3.58
N TRP A 62 -6.06 9.68 2.59
CA TRP A 62 -5.25 10.58 1.77
C TRP A 62 -6.03 11.82 1.34
N THR A 63 -5.37 12.69 0.58
CA THR A 63 -6.00 13.91 0.06
C THR A 63 -5.69 14.09 -1.40
N GLY A 64 -6.65 14.64 -2.13
CA GLY A 64 -6.46 14.88 -3.54
C GLY A 64 -6.99 16.25 -3.93
N THR A 65 -6.36 16.85 -4.92
CA THR A 65 -6.76 18.17 -5.40
C THR A 65 -7.23 18.12 -6.85
N SER A 66 -8.34 18.78 -7.14
CA SER A 66 -8.88 18.80 -8.50
C SER A 66 -8.78 20.20 -9.10
N LYS A 67 -8.44 20.25 -10.38
CA LYS A 67 -8.35 21.53 -11.08
C LYS A 67 -9.68 22.22 -11.04
N SER A 68 -10.74 21.43 -10.88
CA SER A 68 -12.07 21.99 -10.80
C SER A 68 -12.14 22.95 -9.63
N GLY A 69 -11.22 22.76 -8.69
CA GLY A 69 -11.14 23.60 -7.52
C GLY A 69 -11.64 22.87 -6.29
N VAL A 70 -11.59 21.53 -6.33
CA VAL A 70 -12.05 20.74 -5.19
C VAL A 70 -10.99 19.81 -4.65
N GLN A 71 -10.86 19.78 -3.33
CA GLN A 71 -9.93 18.88 -2.69
C GLN A 71 -10.75 17.82 -2.00
N TYR A 72 -10.23 16.61 -1.90
CA TYR A 72 -11.02 15.56 -1.27
C TYR A 72 -10.16 14.51 -0.63
N LYS A 73 -10.64 14.00 0.48
CA LYS A 73 -9.94 12.98 1.21
C LYS A 73 -10.70 11.67 1.11
N GLY A 74 -10.02 10.62 0.67
CA GLY A 74 -10.65 9.33 0.50
C GLY A 74 -10.20 8.32 1.53
N HIS A 75 -10.76 7.13 1.37
CA HIS A 75 -10.47 6.01 2.26
C HIS A 75 -9.72 4.93 1.51
N VAL A 76 -8.81 4.26 2.22
CA VAL A 76 -8.05 3.18 1.62
C VAL A 76 -7.87 2.05 2.63
N GLU A 77 -8.53 0.93 2.37
CA GLU A 77 -8.45 -0.21 3.27
C GLU A 77 -8.38 -1.53 2.51
N ILE A 78 -7.33 -2.29 2.77
CA ILE A 78 -7.17 -3.59 2.14
C ILE A 78 -7.20 -4.67 3.23
N PRO A 79 -8.22 -5.49 3.27
CA PRO A 79 -8.32 -6.52 4.34
C PRO A 79 -7.12 -7.48 4.41
N ASN A 80 -7.38 -8.65 4.97
CA ASN A 80 -6.35 -9.68 5.17
C ASN A 80 -5.86 -10.29 3.87
N LEU A 81 -5.77 -9.51 2.79
CA LEU A 81 -5.29 -10.04 1.53
C LEU A 81 -3.80 -10.37 1.61
N SER A 82 -3.44 -11.63 1.36
CA SER A 82 -2.05 -12.03 1.43
C SER A 82 -1.25 -11.43 0.27
N ASP A 83 -0.09 -10.87 0.60
CA ASP A 83 0.77 -10.26 -0.40
C ASP A 83 1.56 -11.35 -1.13
N GLU A 84 1.11 -12.60 -1.00
CA GLU A 84 1.80 -13.71 -1.65
C GLU A 84 1.85 -13.43 -3.13
N ASN A 85 1.14 -12.40 -3.50
CA ASN A 85 1.07 -11.95 -4.89
C ASN A 85 1.33 -10.45 -4.94
N SER A 86 1.31 -9.87 -6.13
CA SER A 86 1.53 -8.43 -6.24
C SER A 86 0.63 -7.72 -5.25
N VAL A 87 1.20 -6.81 -4.46
CA VAL A 87 0.42 -6.08 -3.48
C VAL A 87 -0.57 -5.15 -4.16
N ASP A 88 -0.18 -4.65 -5.33
CA ASP A 88 -1.04 -3.74 -6.08
C ASP A 88 -2.30 -4.41 -6.60
N GLU A 89 -2.22 -5.71 -6.88
CA GLU A 89 -3.39 -6.43 -7.37
C GLU A 89 -4.33 -6.73 -6.21
N VAL A 90 -3.92 -6.31 -5.02
CA VAL A 90 -4.72 -6.53 -3.82
C VAL A 90 -6.08 -5.86 -3.93
N GLU A 91 -7.02 -6.34 -3.14
CA GLU A 91 -8.36 -5.78 -3.13
C GLU A 91 -8.39 -4.58 -2.21
N ILE A 92 -7.97 -3.44 -2.74
CA ILE A 92 -7.92 -2.22 -1.96
C ILE A 92 -9.25 -1.50 -2.02
N SER A 93 -9.72 -1.03 -0.86
CA SER A 93 -10.98 -0.32 -0.79
C SER A 93 -10.72 1.17 -0.91
N VAL A 94 -10.71 1.66 -2.14
CA VAL A 94 -10.44 3.07 -2.38
C VAL A 94 -11.72 3.88 -2.51
N SER A 95 -11.70 5.07 -1.93
CA SER A 95 -12.84 5.97 -1.99
C SER A 95 -12.37 7.41 -2.12
N LEU A 96 -11.95 7.78 -3.32
CA LEU A 96 -11.46 9.13 -3.55
C LEU A 96 -11.89 9.68 -4.92
N ALA A 97 -12.52 10.87 -4.91
CA ALA A 97 -12.96 11.56 -6.15
C ALA A 97 -14.12 10.85 -6.83
N LYS A 98 -14.42 9.67 -6.36
CA LYS A 98 -15.52 8.88 -6.93
C LYS A 98 -16.84 9.65 -6.85
N ASP A 99 -16.99 10.44 -5.80
CA ASP A 99 -18.20 11.21 -5.57
C ASP A 99 -17.98 12.68 -5.92
N GLU A 100 -16.73 13.08 -5.94
CA GLU A 100 -16.38 14.46 -6.23
C GLU A 100 -16.33 14.68 -7.75
N PRO A 101 -16.16 15.89 -8.19
CA PRO A 101 -16.12 16.22 -9.64
C PRO A 101 -14.81 15.83 -10.32
N ASP A 102 -14.05 14.88 -9.77
CA ASP A 102 -12.79 14.51 -10.41
C ASP A 102 -12.78 13.05 -10.89
N THR A 103 -13.50 12.17 -10.19
CA THR A 103 -13.59 10.75 -10.54
C THR A 103 -12.44 10.27 -11.44
N ASN A 104 -12.38 10.72 -12.68
CA ASN A 104 -11.30 10.30 -13.57
C ASN A 104 -9.98 10.28 -12.80
N LEU A 105 -9.83 11.27 -11.92
CA LEU A 105 -8.64 11.37 -11.09
C LEU A 105 -8.50 10.13 -10.22
N VAL A 106 -9.62 9.63 -9.74
CA VAL A 106 -9.59 8.44 -8.89
C VAL A 106 -8.87 7.31 -9.60
N ALA A 107 -9.11 7.17 -10.89
CA ALA A 107 -8.48 6.13 -11.69
C ALA A 107 -6.97 6.28 -11.69
N LEU A 108 -6.51 7.52 -11.80
CA LEU A 108 -5.08 7.77 -11.78
C LEU A 108 -4.47 7.19 -10.52
N MET A 109 -5.04 7.57 -9.38
CA MET A 109 -4.55 7.09 -8.10
C MET A 109 -4.53 5.57 -8.05
N LYS A 110 -5.41 4.96 -8.82
CA LYS A 110 -5.49 3.51 -8.85
C LYS A 110 -4.29 2.97 -9.59
N GLU A 111 -3.66 3.84 -10.35
CA GLU A 111 -2.48 3.43 -11.12
C GLU A 111 -1.27 4.24 -10.68
N GLU A 112 -1.49 5.23 -9.82
CA GLU A 112 -0.43 6.06 -9.28
C GLU A 112 -0.29 5.83 -7.78
N GLY A 113 -1.43 5.80 -7.09
CA GLY A 113 -1.46 5.60 -5.64
C GLY A 113 -1.42 4.12 -5.32
N VAL A 114 -2.50 3.42 -5.64
CA VAL A 114 -2.53 2.00 -5.41
C VAL A 114 -1.20 1.44 -5.90
N LYS A 115 -0.71 2.04 -6.98
CA LYS A 115 0.56 1.66 -7.55
C LYS A 115 1.67 1.94 -6.56
N LEU A 116 1.61 3.08 -5.89
CA LEU A 116 2.62 3.42 -4.90
C LEU A 116 2.82 2.19 -4.02
N LEU A 117 1.70 1.57 -3.68
CA LEU A 117 1.71 0.38 -2.87
C LEU A 117 2.49 -0.70 -3.58
N ARG A 118 2.41 -0.69 -4.91
CA ARG A 118 3.15 -1.67 -5.69
C ARG A 118 4.59 -1.63 -5.20
N GLU A 119 5.03 -0.41 -4.89
CA GLU A 119 6.37 -0.22 -4.38
C GLU A 119 6.47 -0.91 -3.02
N ALA A 120 5.34 -0.97 -2.31
CA ALA A 120 5.33 -1.64 -1.01
C ALA A 120 5.87 -3.05 -1.19
N MET A 121 5.44 -3.69 -2.26
CA MET A 121 5.91 -5.03 -2.54
C MET A 121 7.42 -4.98 -2.73
N GLY A 122 7.88 -3.89 -3.30
CA GLY A 122 9.31 -3.71 -3.56
C GLY A 122 10.16 -3.94 -2.31
N ILE A 123 9.78 -3.33 -1.20
CA ILE A 123 10.54 -3.47 0.04
C ILE A 123 10.13 -4.72 0.83
N TYR A 124 8.84 -4.98 0.90
CA TYR A 124 8.34 -6.11 1.65
C TYR A 124 8.92 -7.42 1.10
N ILE A 125 8.92 -7.54 -0.23
CA ILE A 125 9.44 -8.75 -0.86
C ILE A 125 10.97 -8.73 -0.88
N SER A 126 11.54 -7.56 -1.09
CA SER A 126 13.00 -7.46 -1.14
C SER A 126 13.65 -7.45 0.23
N THR A 127 13.25 -6.50 1.08
CA THR A 127 13.85 -6.38 2.40
C THR A 127 13.57 -7.60 3.27
N LEU A 128 12.33 -8.08 3.23
CA LEU A 128 11.96 -9.22 4.06
C LEU A 128 12.56 -10.53 3.53
N LYS A 129 12.29 -10.86 2.26
CA LYS A 129 12.80 -12.11 1.70
C LYS A 129 14.32 -12.16 1.71
N THR A 130 14.96 -11.08 1.29
CA THR A 130 16.41 -11.05 1.23
C THR A 130 17.03 -11.13 2.62
N GLU A 131 16.34 -10.56 3.62
CA GLU A 131 16.86 -10.56 4.98
C GLU A 131 16.54 -11.85 5.74
N PHE A 132 15.29 -12.31 5.69
CA PHE A 132 14.92 -13.51 6.44
C PHE A 132 15.88 -14.66 6.11
N THR A 133 15.93 -15.09 4.86
CA THR A 133 16.84 -16.15 4.47
C THR A 133 18.25 -15.61 4.35
N GLN A 134 18.36 -14.29 4.44
CA GLN A 134 19.66 -13.64 4.34
C GLN A 134 20.32 -14.01 3.02
N GLY A 135 19.52 -14.15 1.98
CA GLY A 135 20.04 -14.50 0.66
C GLY A 135 20.63 -15.92 0.67
N THR A 1 7.36 -22.68 9.84
CA THR A 1 6.65 -21.59 10.49
C THR A 1 7.60 -20.47 10.89
N GLU A 2 7.95 -19.63 9.92
CA GLU A 2 8.87 -18.52 10.18
C GLU A 2 8.12 -17.20 10.17
N ARG A 3 8.56 -16.26 11.00
CA ARG A 3 7.93 -14.95 11.10
C ARG A 3 8.44 -14.00 10.02
N ASP A 4 7.57 -13.10 9.57
CA ASP A 4 7.96 -12.12 8.56
C ASP A 4 8.37 -10.82 9.24
N ALA A 5 9.55 -10.33 8.90
CA ALA A 5 10.04 -9.09 9.50
C ALA A 5 8.95 -8.02 9.47
N SER A 6 8.10 -8.02 10.48
CA SER A 6 7.01 -7.05 10.57
C SER A 6 7.53 -5.64 10.82
N ASN A 7 8.56 -5.52 11.65
CA ASN A 7 9.14 -4.23 11.96
C ASN A 7 9.60 -3.54 10.68
N TRP A 8 10.19 -4.31 9.78
CA TRP A 8 10.67 -3.77 8.51
C TRP A 8 9.50 -3.36 7.64
N SER A 9 8.41 -4.13 7.74
CA SER A 9 7.23 -3.86 6.94
C SER A 9 6.63 -2.50 7.25
N THR A 10 6.17 -2.30 8.47
CA THR A 10 5.59 -1.02 8.83
C THR A 10 6.58 0.11 8.56
N ASP A 11 7.81 -0.08 8.97
CA ASP A 11 8.83 0.96 8.80
C ASP A 11 8.83 1.55 7.39
N LYS A 12 8.95 0.71 6.37
CA LYS A 12 8.97 1.19 5.00
C LYS A 12 7.56 1.40 4.48
N LEU A 13 6.70 0.43 4.72
CA LEU A 13 5.32 0.52 4.25
C LEU A 13 4.65 1.77 4.80
N LYS A 14 4.79 1.99 6.10
CA LYS A 14 4.19 3.15 6.72
C LYS A 14 4.75 4.42 6.09
N THR A 15 6.07 4.46 5.97
CA THR A 15 6.73 5.62 5.37
C THR A 15 6.31 5.76 3.91
N LEU A 16 6.45 4.67 3.18
CA LEU A 16 6.09 4.65 1.78
C LEU A 16 4.62 5.03 1.63
N PHE A 17 3.83 4.64 2.60
CA PHE A 17 2.41 4.96 2.56
C PHE A 17 2.21 6.43 2.92
N LEU A 18 3.02 6.94 3.85
CA LEU A 18 2.94 8.35 4.22
C LEU A 18 3.78 9.15 3.23
N ALA A 19 4.22 8.47 2.17
CA ALA A 19 5.02 9.11 1.16
C ALA A 19 4.27 9.17 -0.15
N VAL A 20 2.98 8.86 -0.10
CA VAL A 20 2.20 8.89 -1.33
C VAL A 20 2.50 10.19 -2.05
N GLN A 21 2.93 10.03 -3.29
CA GLN A 21 3.33 11.17 -4.10
C GLN A 21 2.15 11.83 -4.80
N VAL A 22 2.43 12.98 -5.41
CA VAL A 22 1.46 13.77 -6.10
C VAL A 22 2.02 14.26 -7.44
N GLN A 23 1.11 14.55 -8.37
CA GLN A 23 1.49 15.08 -9.67
C GLN A 23 1.00 16.52 -9.77
N ASN A 24 0.14 16.79 -10.75
CA ASN A 24 -0.41 18.13 -10.92
C ASN A 24 -1.82 18.20 -10.34
N GLU A 25 -2.30 19.42 -10.09
CA GLU A 25 -3.64 19.59 -9.54
C GLU A 25 -4.66 18.82 -10.36
N GLU A 26 -4.25 18.50 -11.58
CA GLU A 26 -5.11 17.76 -12.50
C GLU A 26 -5.29 16.33 -12.03
N GLY A 27 -4.20 15.74 -11.59
CA GLY A 27 -4.21 14.37 -11.10
C GLY A 27 -3.17 14.19 -10.02
N LYS A 28 -3.33 14.89 -8.90
CA LYS A 28 -2.37 14.80 -7.81
C LYS A 28 -2.84 13.82 -6.74
N CYS A 29 -1.93 13.49 -5.83
CA CYS A 29 -2.25 12.55 -4.76
C CYS A 29 -1.35 12.76 -3.54
N GLU A 30 -1.93 12.69 -2.35
CA GLU A 30 -1.15 12.87 -1.14
C GLU A 30 -1.67 11.98 -0.01
N VAL A 31 -0.82 11.72 0.98
CA VAL A 31 -1.24 10.90 2.12
C VAL A 31 -1.67 11.80 3.28
N THR A 32 -2.74 11.42 3.96
CA THR A 32 -3.20 12.22 5.10
C THR A 32 -2.70 11.59 6.40
N GLU A 33 -2.58 10.26 6.38
CA GLU A 33 -2.12 9.51 7.56
C GLU A 33 -2.24 8.02 7.29
N VAL A 34 -1.32 7.24 7.84
CA VAL A 34 -1.35 5.79 7.67
C VAL A 34 -1.27 5.11 9.02
N SER A 35 -2.13 4.13 9.22
CA SER A 35 -2.13 3.42 10.48
C SER A 35 -0.96 2.44 10.56
N LYS A 36 -1.02 1.41 9.70
CA LYS A 36 -0.03 0.33 9.61
C LYS A 36 -0.80 -0.98 9.39
N LEU A 37 -0.17 -1.95 8.74
CA LEU A 37 -0.82 -3.23 8.48
C LEU A 37 -1.18 -3.87 9.81
N ASP A 38 -2.48 -3.91 10.08
CA ASP A 38 -2.96 -4.47 11.33
C ASP A 38 -3.39 -5.92 11.16
N GLY A 39 -2.58 -6.83 11.68
CA GLY A 39 -2.87 -8.24 11.58
C GLY A 39 -1.58 -9.04 11.78
N GLU A 40 -1.47 -10.19 11.11
CA GLU A 40 -0.26 -10.98 11.26
C GLU A 40 0.26 -11.52 9.92
N ALA A 41 1.44 -11.07 9.52
CA ALA A 41 2.05 -11.53 8.28
C ALA A 41 3.09 -12.59 8.63
N SER A 42 3.22 -13.64 7.80
CA SER A 42 4.19 -14.68 8.11
C SER A 42 4.77 -15.32 6.85
N ILE A 43 6.05 -15.67 6.92
CA ILE A 43 6.70 -16.31 5.80
C ILE A 43 7.11 -17.74 6.19
N ASN A 44 7.11 -18.64 5.23
CA ASN A 44 7.50 -20.03 5.51
C ASN A 44 9.01 -20.11 5.54
N ASN A 45 9.51 -21.23 6.08
CA ASN A 45 10.95 -21.46 6.25
C ASN A 45 11.81 -20.69 5.25
N ARG A 46 13.02 -20.40 5.70
CA ARG A 46 13.96 -19.63 4.91
C ARG A 46 15.03 -20.51 4.29
N LYS A 47 15.92 -19.82 3.61
CA LYS A 47 17.02 -20.45 2.92
C LYS A 47 16.52 -21.18 1.67
N GLY A 48 15.56 -20.55 0.99
CA GLY A 48 15.01 -21.11 -0.24
C GLY A 48 13.62 -21.72 -0.07
N LYS A 49 13.14 -21.81 1.15
CA LYS A 49 11.80 -22.33 1.38
C LYS A 49 10.92 -21.19 1.85
N LEU A 50 11.41 -19.97 1.61
CA LEU A 50 10.70 -18.77 2.03
C LEU A 50 9.61 -18.38 1.08
N ILE A 51 8.42 -18.33 1.60
CA ILE A 51 7.26 -17.91 0.81
C ILE A 51 6.46 -16.88 1.60
N PHE A 52 5.78 -15.99 0.91
CA PHE A 52 5.08 -14.91 1.58
C PHE A 52 3.57 -15.05 1.66
N PHE A 53 3.07 -15.64 2.74
CA PHE A 53 1.62 -15.72 2.94
C PHE A 53 1.28 -14.90 4.16
N TYR A 54 0.59 -13.78 3.98
CA TYR A 54 0.24 -12.93 5.10
C TYR A 54 -1.28 -12.85 5.26
N GLU A 55 -1.72 -12.68 6.50
CA GLU A 55 -3.14 -12.57 6.77
C GLU A 55 -3.39 -11.36 7.64
N TRP A 56 -3.37 -10.19 7.03
CA TRP A 56 -3.59 -8.96 7.77
C TRP A 56 -4.27 -7.89 6.92
N SER A 57 -4.90 -6.95 7.60
CA SER A 57 -5.61 -5.87 6.91
C SER A 57 -4.93 -4.54 7.22
N VAL A 58 -4.94 -3.64 6.23
CA VAL A 58 -4.32 -2.33 6.41
C VAL A 58 -5.38 -1.24 6.29
N LYS A 59 -5.17 -0.14 7.00
CA LYS A 59 -6.12 0.95 6.95
C LYS A 59 -5.41 2.30 6.84
N LEU A 60 -5.70 3.04 5.77
CA LEU A 60 -5.08 4.35 5.59
C LEU A 60 -5.99 5.27 4.79
N ASN A 61 -5.63 6.55 4.74
CA ASN A 61 -6.40 7.54 4.00
C ASN A 61 -5.48 8.42 3.16
N TRP A 62 -6.05 9.11 2.18
CA TRP A 62 -5.24 9.98 1.33
C TRP A 62 -5.97 11.27 0.98
N THR A 63 -5.27 12.18 0.30
CA THR A 63 -5.85 13.46 -0.12
C THR A 63 -5.46 13.76 -1.56
N GLY A 64 -6.37 14.38 -2.29
CA GLY A 64 -6.09 14.71 -3.69
C GLY A 64 -6.81 15.99 -4.10
N THR A 65 -6.15 16.78 -4.91
CA THR A 65 -6.72 18.03 -5.40
C THR A 65 -7.07 17.91 -6.87
N SER A 66 -8.21 18.47 -7.25
CA SER A 66 -8.66 18.42 -8.63
C SER A 66 -8.38 19.75 -9.32
N LYS A 67 -8.19 19.68 -10.62
CA LYS A 67 -7.95 20.90 -11.38
C LYS A 67 -9.14 21.83 -11.13
N SER A 68 -10.27 21.23 -10.75
CA SER A 68 -11.48 21.99 -10.47
C SER A 68 -11.24 22.92 -9.29
N GLY A 69 -10.30 22.56 -8.43
CA GLY A 69 -9.96 23.37 -7.27
C GLY A 69 -10.51 22.77 -5.98
N VAL A 70 -10.78 21.47 -5.99
CA VAL A 70 -11.32 20.81 -4.81
C VAL A 70 -10.38 19.74 -4.26
N GLN A 71 -10.30 19.67 -2.93
CA GLN A 71 -9.48 18.68 -2.27
C GLN A 71 -10.40 17.60 -1.74
N TYR A 72 -9.98 16.35 -1.84
CA TYR A 72 -10.82 15.26 -1.37
C TYR A 72 -10.00 14.21 -0.68
N LYS A 73 -10.46 13.85 0.51
CA LYS A 73 -9.77 12.84 1.27
C LYS A 73 -10.62 11.58 1.33
N GLY A 74 -10.14 10.57 0.60
CA GLY A 74 -10.84 9.31 0.51
C GLY A 74 -10.30 8.26 1.44
N HIS A 75 -10.83 7.05 1.27
CA HIS A 75 -10.43 5.91 2.08
C HIS A 75 -9.74 4.87 1.22
N VAL A 76 -8.91 4.04 1.84
CA VAL A 76 -8.20 3.00 1.10
C VAL A 76 -7.71 1.94 2.07
N GLU A 77 -8.32 0.75 2.00
CA GLU A 77 -7.93 -0.34 2.89
C GLU A 77 -7.96 -1.67 2.15
N ILE A 78 -7.10 -2.59 2.59
CA ILE A 78 -7.05 -3.92 1.99
C ILE A 78 -7.19 -4.97 3.11
N PRO A 79 -8.24 -5.75 3.12
CA PRO A 79 -8.45 -6.75 4.20
C PRO A 79 -7.29 -7.74 4.35
N ASN A 80 -7.61 -8.92 4.87
CA ASN A 80 -6.63 -9.97 5.12
C ASN A 80 -6.05 -10.56 3.84
N LEU A 81 -5.88 -9.74 2.80
CA LEU A 81 -5.33 -10.23 1.55
C LEU A 81 -3.82 -10.47 1.70
N SER A 82 -3.38 -11.70 1.41
CA SER A 82 -1.96 -12.02 1.52
C SER A 82 -1.19 -11.44 0.35
N ASP A 83 0.04 -11.01 0.62
CA ASP A 83 0.89 -10.45 -0.44
C ASP A 83 1.49 -11.59 -1.25
N GLU A 84 0.96 -12.80 -1.03
CA GLU A 84 1.46 -13.97 -1.76
C GLU A 84 1.26 -13.73 -3.24
N ASN A 85 0.48 -12.70 -3.53
CA ASN A 85 0.20 -12.31 -4.90
C ASN A 85 0.59 -10.86 -5.09
N SER A 86 0.49 -10.36 -6.33
CA SER A 86 0.86 -8.97 -6.58
C SER A 86 0.15 -8.07 -5.56
N VAL A 87 0.94 -7.28 -4.85
CA VAL A 87 0.37 -6.40 -3.82
C VAL A 87 -0.63 -5.44 -4.43
N ASP A 88 -0.30 -4.89 -5.58
CA ASP A 88 -1.16 -3.92 -6.25
C ASP A 88 -2.46 -4.54 -6.76
N GLU A 89 -2.42 -5.81 -7.16
CA GLU A 89 -3.64 -6.46 -7.64
C GLU A 89 -4.51 -6.85 -6.47
N VAL A 90 -4.04 -6.56 -5.28
CA VAL A 90 -4.79 -6.88 -4.05
C VAL A 90 -6.16 -6.22 -4.08
N GLU A 91 -7.06 -6.76 -3.27
CA GLU A 91 -8.41 -6.22 -3.19
C GLU A 91 -8.41 -5.03 -2.26
N ILE A 92 -8.31 -3.85 -2.85
CA ILE A 92 -8.29 -2.62 -2.09
C ILE A 92 -9.60 -1.88 -2.23
N SER A 93 -10.07 -1.32 -1.11
CA SER A 93 -11.34 -0.59 -1.13
C SER A 93 -11.05 0.90 -1.12
N VAL A 94 -11.05 1.50 -2.31
CA VAL A 94 -10.79 2.92 -2.43
C VAL A 94 -12.07 3.73 -2.45
N SER A 95 -12.01 4.92 -1.87
CA SER A 95 -13.17 5.81 -1.84
C SER A 95 -12.73 7.24 -1.99
N LEU A 96 -12.41 7.63 -3.20
CA LEU A 96 -11.97 8.99 -3.45
C LEU A 96 -12.53 9.53 -4.76
N ALA A 97 -13.00 10.79 -4.69
CA ALA A 97 -13.56 11.48 -5.85
C ALA A 97 -15.01 11.11 -6.10
N LYS A 98 -15.45 10.02 -5.53
CA LYS A 98 -16.83 9.59 -5.70
C LYS A 98 -17.77 10.67 -5.22
N ASP A 99 -17.31 11.47 -4.27
CA ASP A 99 -18.11 12.53 -3.71
C ASP A 99 -17.73 13.90 -4.30
N GLU A 100 -16.55 13.99 -4.91
CA GLU A 100 -16.08 15.26 -5.47
C GLU A 100 -15.84 15.14 -6.99
N PRO A 101 -15.60 16.26 -7.69
CA PRO A 101 -15.39 16.27 -9.17
C PRO A 101 -13.98 15.87 -9.63
N ASP A 102 -13.36 14.92 -8.94
CA ASP A 102 -12.01 14.50 -9.36
C ASP A 102 -12.10 13.36 -10.38
N THR A 103 -13.04 12.44 -10.14
CA THR A 103 -13.27 11.28 -11.01
C THR A 103 -12.03 10.82 -11.79
N ASN A 104 -11.59 11.63 -12.74
CA ASN A 104 -10.42 11.26 -13.53
C ASN A 104 -9.21 11.03 -12.63
N LEU A 105 -9.08 11.85 -11.60
CA LEU A 105 -7.97 11.74 -10.67
C LEU A 105 -7.96 10.38 -9.97
N VAL A 106 -9.11 9.97 -9.42
CA VAL A 106 -9.16 8.68 -8.74
C VAL A 106 -8.64 7.58 -9.65
N ALA A 107 -8.87 7.73 -10.95
CA ALA A 107 -8.38 6.74 -11.90
C ALA A 107 -6.86 6.80 -11.95
N LEU A 108 -6.33 7.94 -11.64
CA LEU A 108 -4.90 8.09 -11.66
C LEU A 108 -4.31 7.47 -10.41
N MET A 109 -4.89 7.76 -9.25
CA MET A 109 -4.40 7.18 -8.01
C MET A 109 -4.34 5.68 -8.22
N LYS A 110 -5.16 5.23 -9.15
CA LYS A 110 -5.23 3.84 -9.53
C LYS A 110 -3.89 3.39 -10.09
N GLU A 111 -3.39 4.21 -10.99
CA GLU A 111 -2.13 3.92 -11.64
C GLU A 111 -0.96 4.45 -10.81
N GLU A 112 -1.26 5.28 -9.82
CA GLU A 112 -0.22 5.86 -8.97
C GLU A 112 -0.28 5.41 -7.50
N GLY A 113 -1.45 5.59 -6.89
CA GLY A 113 -1.64 5.28 -5.48
C GLY A 113 -1.59 3.79 -5.22
N VAL A 114 -2.67 3.08 -5.55
CA VAL A 114 -2.67 1.66 -5.34
C VAL A 114 -1.41 1.09 -5.95
N LYS A 115 -0.94 1.74 -7.01
CA LYS A 115 0.29 1.32 -7.64
C LYS A 115 1.47 1.64 -6.73
N LEU A 116 1.40 2.78 -6.04
CA LEU A 116 2.46 3.14 -5.13
C LEU A 116 2.73 1.92 -4.25
N LEU A 117 1.63 1.27 -3.88
CA LEU A 117 1.69 0.08 -3.08
C LEU A 117 2.45 -0.98 -3.84
N ARG A 118 2.32 -0.96 -5.16
CA ARG A 118 3.06 -1.93 -5.96
C ARG A 118 4.51 -1.88 -5.50
N GLU A 119 4.95 -0.66 -5.20
CA GLU A 119 6.30 -0.45 -4.70
C GLU A 119 6.43 -1.15 -3.36
N ALA A 120 5.32 -1.21 -2.61
CA ALA A 120 5.34 -1.89 -1.33
C ALA A 120 5.89 -3.28 -1.51
N MET A 121 5.45 -3.96 -2.55
CA MET A 121 5.94 -5.29 -2.85
C MET A 121 7.44 -5.20 -3.07
N GLY A 122 7.88 -4.06 -3.61
CA GLY A 122 9.30 -3.85 -3.88
C GLY A 122 10.15 -4.05 -2.64
N ILE A 123 9.77 -3.41 -1.53
CA ILE A 123 10.54 -3.51 -0.28
C ILE A 123 10.15 -4.74 0.52
N TYR A 124 8.85 -5.00 0.59
CA TYR A 124 8.34 -6.12 1.35
C TYR A 124 9.01 -7.42 0.94
N ILE A 125 9.09 -7.63 -0.37
CA ILE A 125 9.69 -8.84 -0.88
C ILE A 125 11.21 -8.79 -0.77
N SER A 126 11.79 -7.67 -1.17
CA SER A 126 13.22 -7.52 -1.15
C SER A 126 13.79 -7.34 0.27
N THR A 127 13.31 -6.35 0.99
CA THR A 127 13.85 -6.10 2.32
C THR A 127 13.57 -7.25 3.29
N LEU A 128 12.35 -7.74 3.27
CA LEU A 128 11.96 -8.81 4.18
C LEU A 128 12.57 -10.15 3.81
N LYS A 129 12.15 -10.71 2.68
CA LYS A 129 12.62 -12.04 2.28
C LYS A 129 14.13 -12.09 2.09
N THR A 130 14.72 -11.09 1.45
CA THR A 130 16.17 -11.13 1.25
C THR A 130 16.87 -11.07 2.60
N GLU A 131 16.29 -10.34 3.54
CA GLU A 131 16.88 -10.23 4.88
C GLU A 131 16.64 -11.49 5.69
N PHE A 132 15.39 -11.95 5.75
CA PHE A 132 15.08 -13.15 6.53
C PHE A 132 15.92 -14.34 6.04
N THR A 133 15.81 -14.68 4.75
CA THR A 133 16.61 -15.77 4.21
C THR A 133 18.04 -15.30 4.05
N GLN A 134 18.24 -14.00 4.26
CA GLN A 134 19.57 -13.41 4.15
C GLN A 134 20.14 -13.68 2.76
N GLY A 135 19.26 -13.65 1.75
CA GLY A 135 19.68 -13.89 0.38
C GLY A 135 20.71 -15.01 0.31
N THR A 1 5.80 -22.79 9.76
CA THR A 1 6.03 -21.56 9.02
C THR A 1 6.98 -20.64 9.79
N GLU A 2 7.52 -19.65 9.09
CA GLU A 2 8.44 -18.71 9.71
C GLU A 2 7.82 -17.31 9.81
N ARG A 3 8.19 -16.57 10.85
CA ARG A 3 7.65 -15.23 11.04
C ARG A 3 8.25 -14.27 10.01
N ASP A 4 7.41 -13.42 9.46
CA ASP A 4 7.87 -12.45 8.47
C ASP A 4 8.31 -11.17 9.16
N ALA A 5 9.53 -10.74 8.90
CA ALA A 5 10.04 -9.52 9.50
C ALA A 5 9.06 -8.38 9.29
N SER A 6 8.08 -8.26 10.18
CA SER A 6 7.08 -7.22 10.08
C SER A 6 7.64 -5.86 10.47
N ASN A 7 8.70 -5.85 11.28
CA ASN A 7 9.30 -4.60 11.71
C ASN A 7 9.70 -3.74 10.52
N TRP A 8 10.30 -4.37 9.52
CA TRP A 8 10.72 -3.63 8.33
C TRP A 8 9.53 -3.36 7.43
N SER A 9 8.53 -4.24 7.51
CA SER A 9 7.35 -4.10 6.67
C SER A 9 6.67 -2.76 6.90
N THR A 10 6.21 -2.52 8.12
CA THR A 10 5.56 -1.26 8.42
C THR A 10 6.54 -0.12 8.15
N ASP A 11 7.76 -0.28 8.62
CA ASP A 11 8.78 0.74 8.43
C ASP A 11 8.79 1.28 7.00
N LYS A 12 8.82 0.38 6.02
CA LYS A 12 8.84 0.80 4.63
C LYS A 12 7.42 1.05 4.11
N LEU A 13 6.57 0.04 4.22
CA LEU A 13 5.20 0.19 3.73
C LEU A 13 4.56 1.45 4.30
N LYS A 14 4.72 1.67 5.61
CA LYS A 14 4.13 2.84 6.23
C LYS A 14 4.78 4.11 5.68
N THR A 15 6.10 4.14 5.64
CA THR A 15 6.83 5.29 5.13
C THR A 15 6.48 5.53 3.67
N LEU A 16 6.58 4.47 2.88
CA LEU A 16 6.27 4.57 1.47
C LEU A 16 4.82 4.99 1.30
N PHE A 17 3.99 4.59 2.25
CA PHE A 17 2.58 4.94 2.21
C PHE A 17 2.41 6.41 2.58
N LEU A 18 3.23 6.90 3.53
CA LEU A 18 3.16 8.30 3.90
C LEU A 18 4.00 9.08 2.90
N ALA A 19 4.46 8.37 1.87
CA ALA A 19 5.28 8.95 0.83
C ALA A 19 4.50 9.05 -0.46
N VAL A 20 3.22 8.71 -0.42
CA VAL A 20 2.42 8.79 -1.63
C VAL A 20 2.70 10.12 -2.30
N GLN A 21 3.16 10.05 -3.53
CA GLN A 21 3.54 11.26 -4.26
C GLN A 21 2.41 11.84 -5.09
N VAL A 22 2.58 13.13 -5.37
CA VAL A 22 1.62 13.89 -6.14
C VAL A 22 2.17 14.28 -7.50
N GLN A 23 1.28 14.44 -8.45
CA GLN A 23 1.63 14.87 -9.80
C GLN A 23 1.20 16.32 -9.98
N ASN A 24 0.33 16.56 -10.95
CA ASN A 24 -0.17 17.91 -11.18
C ASN A 24 -1.60 18.04 -10.67
N GLU A 25 -2.06 19.28 -10.46
CA GLU A 25 -3.41 19.52 -9.96
C GLU A 25 -4.45 18.72 -10.74
N GLU A 26 -4.04 18.24 -11.91
CA GLU A 26 -4.94 17.46 -12.76
C GLU A 26 -5.18 16.09 -12.15
N GLY A 27 -4.13 15.56 -11.55
CA GLY A 27 -4.20 14.25 -10.93
C GLY A 27 -3.12 14.12 -9.87
N LYS A 28 -3.23 14.91 -8.81
CA LYS A 28 -2.22 14.87 -7.75
C LYS A 28 -2.68 14.01 -6.58
N CYS A 29 -1.73 13.65 -5.72
CA CYS A 29 -2.04 12.82 -4.57
C CYS A 29 -1.14 13.13 -3.38
N GLU A 30 -1.71 13.09 -2.18
CA GLU A 30 -0.93 13.36 -0.99
C GLU A 30 -1.47 12.53 0.18
N VAL A 31 -0.58 11.89 0.91
CA VAL A 31 -0.99 11.08 2.04
C VAL A 31 -1.34 11.96 3.24
N THR A 32 -2.41 11.59 3.95
CA THR A 32 -2.80 12.36 5.12
C THR A 32 -2.29 11.69 6.38
N GLU A 33 -2.24 10.35 6.35
CA GLU A 33 -1.78 9.55 7.48
C GLU A 33 -1.95 8.07 7.17
N VAL A 34 -1.04 7.26 7.67
CA VAL A 34 -1.10 5.82 7.47
C VAL A 34 -0.99 5.14 8.81
N SER A 35 -1.82 4.14 9.04
CA SER A 35 -1.78 3.45 10.30
C SER A 35 -0.55 2.56 10.38
N LYS A 36 -0.54 1.50 9.56
CA LYS A 36 0.55 0.50 9.48
C LYS A 36 -0.09 -0.85 9.17
N LEU A 37 0.67 -1.75 8.59
CA LEU A 37 0.15 -3.07 8.28
C LEU A 37 -0.34 -3.71 9.58
N ASP A 38 -1.65 -3.72 9.80
CA ASP A 38 -2.16 -4.32 11.01
C ASP A 38 -2.56 -5.74 10.69
N GLY A 39 -1.73 -6.69 11.07
CA GLY A 39 -2.04 -8.06 10.74
C GLY A 39 -1.02 -9.08 11.22
N GLU A 40 -1.27 -10.33 10.84
CA GLU A 40 -0.37 -11.41 11.19
C GLU A 40 0.30 -11.94 9.94
N ALA A 41 1.50 -11.45 9.65
CA ALA A 41 2.21 -11.87 8.46
C ALA A 41 3.28 -12.89 8.82
N SER A 42 3.45 -13.87 7.95
CA SER A 42 4.44 -14.92 8.17
C SER A 42 4.93 -15.44 6.83
N ILE A 43 6.19 -15.87 6.80
CA ILE A 43 6.75 -16.39 5.56
C ILE A 43 7.23 -17.83 5.74
N ASN A 44 7.31 -18.55 4.65
CA ASN A 44 7.78 -19.93 4.68
C ASN A 44 9.29 -19.91 4.77
N ASN A 45 9.85 -21.09 5.11
CA ASN A 45 11.29 -21.25 5.33
C ASN A 45 12.12 -20.25 4.57
N ARG A 46 13.29 -19.99 5.13
CA ARG A 46 14.23 -19.02 4.59
C ARG A 46 15.36 -19.71 3.87
N LYS A 47 16.13 -18.91 3.16
CA LYS A 47 17.28 -19.38 2.44
C LYS A 47 16.90 -20.24 1.22
N GLY A 48 15.92 -19.78 0.45
CA GLY A 48 15.52 -20.50 -0.77
C GLY A 48 14.22 -21.32 -0.63
N LYS A 49 13.44 -21.09 0.42
CA LYS A 49 12.19 -21.78 0.59
C LYS A 49 11.25 -20.86 1.34
N LEU A 50 11.28 -19.59 0.96
CA LEU A 50 10.48 -18.58 1.63
C LEU A 50 9.45 -17.97 0.72
N ILE A 51 8.27 -17.84 1.26
CA ILE A 51 7.19 -17.22 0.51
C ILE A 51 6.41 -16.31 1.43
N PHE A 52 5.81 -15.26 0.88
CA PHE A 52 5.12 -14.28 1.72
C PHE A 52 3.61 -14.40 1.71
N PHE A 53 3.07 -15.08 2.71
CA PHE A 53 1.61 -15.17 2.87
C PHE A 53 1.22 -14.43 4.14
N TYR A 54 0.29 -13.48 4.02
CA TYR A 54 -0.13 -12.70 5.18
C TYR A 54 -1.65 -12.67 5.27
N GLU A 55 -2.18 -12.56 6.49
CA GLU A 55 -3.64 -12.55 6.64
C GLU A 55 -4.11 -11.53 7.67
N TRP A 56 -4.68 -10.43 7.16
CA TRP A 56 -5.24 -9.40 8.02
C TRP A 56 -5.58 -8.14 7.22
N SER A 57 -5.81 -7.03 7.92
CA SER A 57 -6.16 -5.79 7.26
C SER A 57 -5.21 -4.62 7.56
N VAL A 58 -5.06 -3.76 6.57
CA VAL A 58 -4.23 -2.56 6.70
C VAL A 58 -5.12 -1.36 6.40
N LYS A 59 -5.03 -0.31 7.22
CA LYS A 59 -5.90 0.85 7.04
C LYS A 59 -5.14 2.17 6.93
N LEU A 60 -5.56 3.00 5.96
CA LEU A 60 -4.92 4.30 5.77
C LEU A 60 -5.84 5.26 5.01
N ASN A 61 -5.44 6.53 4.96
CA ASN A 61 -6.23 7.56 4.27
C ASN A 61 -5.32 8.46 3.43
N TRP A 62 -5.86 8.99 2.33
CA TRP A 62 -5.07 9.86 1.46
C TRP A 62 -5.82 11.15 1.11
N THR A 63 -5.12 12.05 0.42
CA THR A 63 -5.70 13.33 0.00
C THR A 63 -5.25 13.65 -1.41
N GLY A 64 -6.05 14.41 -2.14
CA GLY A 64 -5.69 14.78 -3.50
C GLY A 64 -6.52 15.95 -3.99
N THR A 65 -5.90 16.83 -4.76
CA THR A 65 -6.60 18.00 -5.29
C THR A 65 -6.88 17.81 -6.76
N SER A 66 -8.01 18.33 -7.19
CA SER A 66 -8.41 18.23 -8.58
C SER A 66 -8.21 19.57 -9.27
N LYS A 67 -7.96 19.53 -10.57
CA LYS A 67 -7.77 20.76 -11.32
C LYS A 67 -8.98 21.66 -11.09
N SER A 68 -10.10 21.05 -10.72
CA SER A 68 -11.32 21.80 -10.44
C SER A 68 -11.09 22.77 -9.28
N GLY A 69 -10.15 22.42 -8.41
CA GLY A 69 -9.82 23.26 -7.26
C GLY A 69 -10.41 22.69 -5.97
N VAL A 70 -10.58 21.37 -5.92
CA VAL A 70 -11.15 20.74 -4.74
C VAL A 70 -10.22 19.67 -4.17
N GLN A 71 -10.10 19.65 -2.84
CA GLN A 71 -9.30 18.65 -2.17
C GLN A 71 -10.23 17.54 -1.70
N TYR A 72 -9.78 16.30 -1.79
CA TYR A 72 -10.61 15.19 -1.39
C TYR A 72 -9.79 14.14 -0.68
N LYS A 73 -10.33 13.65 0.40
CA LYS A 73 -9.67 12.62 1.18
C LYS A 73 -10.49 11.36 1.18
N GLY A 74 -9.96 10.35 0.51
CA GLY A 74 -10.65 9.08 0.38
C GLY A 74 -10.13 8.04 1.35
N HIS A 75 -10.68 6.85 1.20
CA HIS A 75 -10.32 5.72 2.04
C HIS A 75 -9.60 4.64 1.25
N VAL A 76 -8.76 3.88 1.92
CA VAL A 76 -8.04 2.80 1.27
C VAL A 76 -7.69 1.75 2.31
N GLU A 77 -8.36 0.60 2.22
CA GLU A 77 -8.13 -0.48 3.18
C GLU A 77 -8.17 -1.83 2.47
N ILE A 78 -7.16 -2.67 2.73
CA ILE A 78 -7.11 -3.99 2.10
C ILE A 78 -7.32 -5.08 3.16
N PRO A 79 -8.44 -5.78 3.13
CA PRO A 79 -8.73 -6.83 4.13
C PRO A 79 -7.70 -7.98 4.16
N ASN A 80 -8.18 -9.17 4.51
CA ASN A 80 -7.35 -10.37 4.66
C ASN A 80 -6.69 -10.84 3.36
N LEU A 81 -6.32 -9.93 2.47
CA LEU A 81 -5.67 -10.33 1.23
C LEU A 81 -4.17 -10.49 1.47
N SER A 82 -3.64 -11.69 1.21
CA SER A 82 -2.22 -11.95 1.42
C SER A 82 -1.36 -11.24 0.37
N ASP A 83 -0.16 -10.85 0.77
CA ASP A 83 0.77 -10.18 -0.13
C ASP A 83 1.48 -11.21 -1.01
N GLU A 84 1.11 -12.48 -0.86
CA GLU A 84 1.74 -13.53 -1.65
C GLU A 84 1.53 -13.23 -3.11
N ASN A 85 0.76 -12.20 -3.35
CA ASN A 85 0.46 -11.74 -4.70
C ASN A 85 0.75 -10.25 -4.80
N SER A 86 0.72 -9.72 -6.02
CA SER A 86 0.97 -8.30 -6.19
C SER A 86 0.12 -7.51 -5.21
N VAL A 87 0.76 -6.70 -4.38
CA VAL A 87 0.03 -5.92 -3.38
C VAL A 87 -1.10 -5.11 -4.01
N ASP A 88 -0.81 -4.50 -5.14
CA ASP A 88 -1.81 -3.69 -5.82
C ASP A 88 -2.94 -4.53 -6.42
N GLU A 89 -2.65 -5.78 -6.73
CA GLU A 89 -3.66 -6.65 -7.31
C GLU A 89 -4.66 -7.09 -6.23
N VAL A 90 -4.28 -6.85 -4.98
CA VAL A 90 -5.15 -7.21 -3.87
C VAL A 90 -6.43 -6.39 -3.90
N GLU A 91 -7.36 -6.75 -3.01
CA GLU A 91 -8.63 -6.04 -2.94
C GLU A 91 -8.51 -4.87 -2.01
N ILE A 92 -8.54 -3.69 -2.59
CA ILE A 92 -8.43 -2.46 -1.81
C ILE A 92 -9.75 -1.71 -1.79
N SER A 93 -10.14 -1.25 -0.61
CA SER A 93 -11.38 -0.51 -0.47
C SER A 93 -11.11 0.96 -0.75
N VAL A 94 -11.24 1.34 -2.01
CA VAL A 94 -10.97 2.71 -2.42
C VAL A 94 -12.24 3.56 -2.41
N SER A 95 -12.10 4.77 -1.87
CA SER A 95 -13.21 5.70 -1.81
C SER A 95 -12.68 7.11 -1.98
N LEU A 96 -12.35 7.47 -3.21
CA LEU A 96 -11.82 8.79 -3.48
C LEU A 96 -12.38 9.38 -4.76
N ALA A 97 -12.81 10.63 -4.67
CA ALA A 97 -13.37 11.36 -5.82
C ALA A 97 -14.85 11.07 -6.01
N LYS A 98 -15.31 9.96 -5.48
CA LYS A 98 -16.71 9.60 -5.62
C LYS A 98 -17.58 10.70 -5.03
N ASP A 99 -17.04 11.38 -4.02
CA ASP A 99 -17.76 12.46 -3.36
C ASP A 99 -17.35 13.82 -3.91
N GLU A 100 -16.24 13.87 -4.66
CA GLU A 100 -15.77 15.14 -5.20
C GLU A 100 -15.63 15.09 -6.75
N PRO A 101 -15.38 16.21 -7.39
CA PRO A 101 -15.25 16.31 -8.87
C PRO A 101 -13.88 15.91 -9.42
N ASP A 102 -13.23 14.91 -8.83
CA ASP A 102 -11.91 14.50 -9.32
C ASP A 102 -12.04 13.35 -10.32
N THR A 103 -12.98 12.44 -10.05
CA THR A 103 -13.24 11.26 -10.89
C THR A 103 -12.04 10.83 -11.74
N ASN A 104 -11.67 11.63 -12.73
CA ASN A 104 -10.54 11.29 -13.57
C ASN A 104 -9.31 10.98 -12.73
N LEU A 105 -9.14 11.75 -11.66
CA LEU A 105 -8.01 11.57 -10.76
C LEU A 105 -8.02 10.19 -10.11
N VAL A 106 -9.16 9.77 -9.57
CA VAL A 106 -9.24 8.46 -8.92
C VAL A 106 -8.68 7.40 -9.85
N ALA A 107 -8.87 7.60 -11.15
CA ALA A 107 -8.36 6.67 -12.13
C ALA A 107 -6.84 6.69 -12.08
N LEU A 108 -6.29 7.87 -11.90
CA LEU A 108 -4.85 8.01 -11.81
C LEU A 108 -4.37 7.40 -10.50
N MET A 109 -5.08 7.68 -9.42
CA MET A 109 -4.74 7.14 -8.11
C MET A 109 -4.68 5.62 -8.24
N LYS A 110 -5.42 5.12 -9.21
CA LYS A 110 -5.48 3.69 -9.47
C LYS A 110 -4.19 3.22 -10.14
N GLU A 111 -3.55 4.13 -10.88
CA GLU A 111 -2.30 3.77 -11.55
C GLU A 111 -1.11 4.29 -10.76
N GLU A 112 -1.38 5.16 -9.78
CA GLU A 112 -0.34 5.73 -8.96
C GLU A 112 -0.46 5.35 -7.48
N GLY A 113 -1.68 5.43 -6.96
CA GLY A 113 -1.93 5.14 -5.55
C GLY A 113 -1.87 3.67 -5.25
N VAL A 114 -2.91 2.94 -5.62
CA VAL A 114 -2.92 1.51 -5.39
C VAL A 114 -1.66 0.92 -5.99
N LYS A 115 -1.20 1.50 -7.09
CA LYS A 115 0.01 1.02 -7.73
C LYS A 115 1.19 1.28 -6.82
N LEU A 116 1.23 2.45 -6.19
CA LEU A 116 2.33 2.75 -5.30
C LEU A 116 2.50 1.59 -4.33
N LEU A 117 1.37 1.05 -3.91
CA LEU A 117 1.37 -0.09 -3.02
C LEU A 117 2.06 -1.23 -3.72
N ARG A 118 1.96 -1.24 -5.05
CA ARG A 118 2.63 -2.29 -5.81
C ARG A 118 4.08 -2.26 -5.41
N GLU A 119 4.58 -1.05 -5.18
CA GLU A 119 5.94 -0.87 -4.75
C GLU A 119 6.12 -1.49 -3.38
N ALA A 120 5.07 -1.43 -2.55
CA ALA A 120 5.16 -2.03 -1.22
C ALA A 120 5.50 -3.50 -1.37
N MET A 121 4.92 -4.13 -2.38
CA MET A 121 5.20 -5.54 -2.64
C MET A 121 6.69 -5.67 -2.91
N GLY A 122 7.25 -4.63 -3.52
CA GLY A 122 8.67 -4.61 -3.85
C GLY A 122 9.56 -4.72 -2.60
N ILE A 123 9.34 -3.85 -1.63
CA ILE A 123 10.14 -3.85 -0.41
C ILE A 123 9.72 -4.96 0.56
N TYR A 124 8.42 -5.11 0.72
CA TYR A 124 7.91 -6.13 1.63
C TYR A 124 8.51 -7.48 1.31
N ILE A 125 8.48 -7.82 0.05
CA ILE A 125 9.00 -9.09 -0.40
C ILE A 125 10.52 -9.13 -0.35
N SER A 126 11.14 -8.07 -0.86
CA SER A 126 12.61 -8.01 -0.89
C SER A 126 13.22 -7.65 0.46
N THR A 127 12.83 -6.51 1.02
CA THR A 127 13.39 -6.07 2.29
C THR A 127 13.18 -7.06 3.43
N LEU A 128 11.98 -7.60 3.57
CA LEU A 128 11.73 -8.52 4.67
C LEU A 128 12.34 -9.89 4.43
N LYS A 129 12.23 -10.44 3.23
CA LYS A 129 12.80 -11.76 2.97
C LYS A 129 14.32 -11.72 2.94
N THR A 130 14.87 -10.74 2.23
CA THR A 130 16.31 -10.63 2.13
C THR A 130 16.89 -10.49 3.53
N GLU A 131 16.22 -9.69 4.35
CA GLU A 131 16.66 -9.47 5.72
C GLU A 131 16.33 -10.69 6.59
N PHE A 132 15.13 -11.26 6.42
CA PHE A 132 14.75 -12.43 7.22
C PHE A 132 15.75 -13.56 6.98
N THR A 133 15.93 -13.96 5.72
CA THR A 133 16.89 -15.01 5.40
C THR A 133 18.29 -14.41 5.44
N GLN A 134 18.33 -13.08 5.55
CA GLN A 134 19.60 -12.37 5.58
C GLN A 134 20.40 -12.68 4.33
N GLY A 135 19.70 -12.81 3.22
CA GLY A 135 20.36 -13.11 1.94
C GLY A 135 19.33 -13.47 0.87
N THR A 1 6.00 -22.78 8.70
CA THR A 1 5.47 -21.54 9.25
C THR A 1 6.57 -20.78 10.01
N GLU A 2 7.36 -20.00 9.30
CA GLU A 2 8.42 -19.23 9.92
C GLU A 2 8.02 -17.78 10.07
N ARG A 3 8.44 -17.16 11.17
CA ARG A 3 8.11 -15.76 11.42
C ARG A 3 8.72 -14.85 10.37
N ASP A 4 7.98 -13.81 10.00
CA ASP A 4 8.44 -12.85 9.03
C ASP A 4 8.76 -11.53 9.71
N ALA A 5 9.61 -10.74 9.09
CA ALA A 5 9.98 -9.46 9.67
C ALA A 5 8.89 -8.42 9.42
N SER A 6 7.91 -8.37 10.32
CA SER A 6 6.80 -7.43 10.20
C SER A 6 7.27 -6.00 10.48
N ASN A 7 8.21 -5.88 11.41
CA ASN A 7 8.75 -4.56 11.75
C ASN A 7 9.34 -3.90 10.51
N TRP A 8 9.86 -4.73 9.62
CA TRP A 8 10.45 -4.23 8.39
C TRP A 8 9.35 -3.68 7.50
N SER A 9 8.19 -4.32 7.53
CA SER A 9 7.08 -3.89 6.71
C SER A 9 6.53 -2.54 7.16
N THR A 10 5.95 -2.46 8.35
CA THR A 10 5.42 -1.20 8.82
C THR A 10 6.39 -0.07 8.51
N ASP A 11 7.63 -0.25 8.89
CA ASP A 11 8.65 0.76 8.65
C ASP A 11 8.57 1.32 7.23
N LYS A 12 8.63 0.45 6.24
CA LYS A 12 8.55 0.88 4.85
C LYS A 12 7.08 1.03 4.43
N LEU A 13 6.29 0.00 4.63
CA LEU A 13 4.88 0.06 4.27
C LEU A 13 4.30 1.40 4.72
N LYS A 14 4.49 1.72 5.99
CA LYS A 14 3.97 2.95 6.55
C LYS A 14 4.61 4.17 5.88
N THR A 15 5.93 4.20 5.84
CA THR A 15 6.65 5.30 5.24
C THR A 15 6.29 5.46 3.78
N LEU A 16 6.41 4.36 3.05
CA LEU A 16 6.10 4.38 1.63
C LEU A 16 4.64 4.74 1.43
N PHE A 17 3.81 4.37 2.39
CA PHE A 17 2.40 4.70 2.29
C PHE A 17 2.21 6.18 2.55
N LEU A 18 2.98 6.72 3.49
CA LEU A 18 2.91 8.14 3.80
C LEU A 18 3.80 8.88 2.81
N ALA A 19 4.27 8.13 1.81
CA ALA A 19 5.13 8.69 0.78
C ALA A 19 4.32 8.87 -0.50
N VAL A 20 3.02 8.67 -0.40
CA VAL A 20 2.17 8.81 -1.57
C VAL A 20 2.51 10.11 -2.27
N GLN A 21 2.94 9.98 -3.50
CA GLN A 21 3.34 11.13 -4.30
C GLN A 21 2.17 11.80 -5.00
N VAL A 22 2.44 13.01 -5.47
CA VAL A 22 1.46 13.83 -6.14
C VAL A 22 2.02 14.35 -7.48
N GLN A 23 1.12 14.59 -8.41
CA GLN A 23 1.49 15.14 -9.71
C GLN A 23 1.02 16.59 -9.79
N ASN A 24 0.16 16.88 -10.76
CA ASN A 24 -0.37 18.22 -10.92
C ASN A 24 -1.80 18.31 -10.36
N GLU A 25 -2.28 19.53 -10.14
CA GLU A 25 -3.63 19.73 -9.62
C GLU A 25 -4.64 18.93 -10.43
N GLU A 26 -4.24 18.57 -11.64
CA GLU A 26 -5.08 17.81 -12.53
C GLU A 26 -5.28 16.40 -11.99
N GLY A 27 -4.17 15.83 -11.52
CA GLY A 27 -4.18 14.48 -10.97
C GLY A 27 -3.13 14.37 -9.87
N LYS A 28 -3.32 15.12 -8.80
CA LYS A 28 -2.37 15.10 -7.69
C LYS A 28 -2.81 14.16 -6.60
N CYS A 29 -1.87 13.71 -5.79
CA CYS A 29 -2.19 12.77 -4.72
C CYS A 29 -1.25 12.92 -3.53
N GLU A 30 -1.82 12.95 -2.33
CA GLU A 30 -1.01 13.08 -1.13
C GLU A 30 -1.58 12.22 -0.01
N VAL A 31 -0.75 11.79 0.92
CA VAL A 31 -1.22 10.98 2.03
C VAL A 31 -1.58 11.87 3.23
N THR A 32 -2.60 11.47 3.98
CA THR A 32 -3.01 12.24 5.14
C THR A 32 -2.46 11.59 6.41
N GLU A 33 -2.48 10.26 6.42
CA GLU A 33 -2.00 9.49 7.57
C GLU A 33 -2.27 8.00 7.36
N VAL A 34 -1.34 7.17 7.81
CA VAL A 34 -1.50 5.71 7.73
C VAL A 34 -1.28 5.10 9.08
N SER A 35 -2.14 4.17 9.45
CA SER A 35 -2.01 3.52 10.73
C SER A 35 -0.86 2.52 10.72
N LYS A 36 -1.03 1.46 9.92
CA LYS A 36 -0.03 0.38 9.77
C LYS A 36 -0.79 -0.94 9.54
N LEU A 37 -0.13 -1.91 8.89
CA LEU A 37 -0.77 -3.20 8.64
C LEU A 37 -0.95 -3.93 9.97
N ASP A 38 -2.19 -4.04 10.41
CA ASP A 38 -2.49 -4.68 11.68
C ASP A 38 -2.88 -6.13 11.47
N GLY A 39 -2.03 -7.04 11.92
CA GLY A 39 -2.30 -8.45 11.79
C GLY A 39 -1.03 -9.26 11.97
N GLU A 40 -1.01 -10.47 11.41
CA GLU A 40 0.17 -11.31 11.53
C GLU A 40 0.68 -11.75 10.16
N ALA A 41 1.93 -11.41 9.88
CA ALA A 41 2.54 -11.80 8.61
C ALA A 41 3.46 -12.99 8.84
N SER A 42 3.52 -13.93 7.90
CA SER A 42 4.39 -15.09 8.11
C SER A 42 4.98 -15.63 6.81
N ILE A 43 6.26 -16.03 6.88
CA ILE A 43 6.94 -16.60 5.73
C ILE A 43 7.34 -18.04 6.00
N ASN A 44 7.44 -18.84 4.95
CA ASN A 44 7.84 -20.23 5.08
C ASN A 44 9.36 -20.32 5.08
N ASN A 45 9.89 -21.48 5.49
CA ASN A 45 11.34 -21.70 5.60
C ASN A 45 12.17 -20.81 4.69
N ARG A 46 13.39 -20.55 5.14
CA ARG A 46 14.32 -19.69 4.45
C ARG A 46 15.36 -20.43 3.65
N LYS A 47 16.21 -19.64 3.04
CA LYS A 47 17.28 -20.14 2.22
C LYS A 47 16.74 -20.69 0.90
N GLY A 48 15.73 -20.01 0.37
CA GLY A 48 15.13 -20.39 -0.91
C GLY A 48 13.78 -21.09 -0.76
N LYS A 49 13.40 -21.41 0.47
CA LYS A 49 12.11 -22.03 0.70
C LYS A 49 11.20 -20.97 1.27
N LEU A 50 11.68 -19.72 1.21
CA LEU A 50 10.96 -18.59 1.75
C LEU A 50 9.87 -18.12 0.83
N ILE A 51 8.68 -18.10 1.37
CA ILE A 51 7.53 -17.60 0.60
C ILE A 51 6.74 -16.62 1.45
N PHE A 52 6.06 -15.68 0.82
CA PHE A 52 5.35 -14.66 1.58
C PHE A 52 3.84 -14.77 1.58
N PHE A 53 3.32 -15.18 2.72
CA PHE A 53 1.87 -15.23 2.93
C PHE A 53 1.57 -14.52 4.22
N TYR A 54 0.91 -13.37 4.14
CA TYR A 54 0.59 -12.62 5.34
C TYR A 54 -0.91 -12.53 5.54
N GLU A 55 -1.32 -12.20 6.76
CA GLU A 55 -2.74 -12.08 7.06
C GLU A 55 -3.00 -10.81 7.86
N TRP A 56 -2.90 -9.67 7.21
CA TRP A 56 -3.13 -8.41 7.89
C TRP A 56 -3.94 -7.45 7.02
N SER A 57 -4.54 -6.47 7.67
CA SER A 57 -5.32 -5.47 6.97
C SER A 57 -4.73 -4.09 7.25
N VAL A 58 -4.80 -3.21 6.25
CA VAL A 58 -4.26 -1.86 6.44
C VAL A 58 -5.36 -0.81 6.27
N LYS A 59 -5.28 0.23 7.07
CA LYS A 59 -6.26 1.30 7.03
C LYS A 59 -5.56 2.64 6.91
N LEU A 60 -5.83 3.36 5.83
CA LEU A 60 -5.21 4.65 5.63
C LEU A 60 -6.14 5.58 4.85
N ASN A 61 -5.67 6.81 4.63
CA ASN A 61 -6.45 7.79 3.90
C ASN A 61 -5.52 8.73 3.13
N TRP A 62 -6.01 9.33 2.05
CA TRP A 62 -5.19 10.26 1.27
C TRP A 62 -5.98 11.48 0.85
N THR A 63 -5.27 12.48 0.33
CA THR A 63 -5.91 13.72 -0.14
C THR A 63 -5.58 13.96 -1.60
N GLY A 64 -6.49 14.60 -2.31
CA GLY A 64 -6.26 14.88 -3.72
C GLY A 64 -6.98 16.16 -4.15
N THR A 65 -6.32 16.95 -4.96
CA THR A 65 -6.90 18.19 -5.46
C THR A 65 -7.21 18.07 -6.94
N SER A 66 -8.37 18.58 -7.34
CA SER A 66 -8.78 18.52 -8.73
C SER A 66 -8.49 19.83 -9.43
N LYS A 67 -8.23 19.77 -10.72
CA LYS A 67 -7.99 20.99 -11.46
C LYS A 67 -9.20 21.89 -11.27
N SER A 68 -10.32 21.26 -10.89
CA SER A 68 -11.56 21.98 -10.64
C SER A 68 -11.39 22.94 -9.47
N GLY A 69 -10.47 22.61 -8.57
CA GLY A 69 -10.19 23.46 -7.41
C GLY A 69 -10.76 22.86 -6.13
N VAL A 70 -10.97 21.54 -6.12
CA VAL A 70 -11.52 20.90 -4.92
C VAL A 70 -10.58 19.85 -4.35
N GLN A 71 -10.46 19.86 -3.02
CA GLN A 71 -9.63 18.87 -2.33
C GLN A 71 -10.55 17.79 -1.82
N TYR A 72 -10.13 16.55 -1.95
CA TYR A 72 -10.94 15.44 -1.50
C TYR A 72 -10.08 14.39 -0.86
N LYS A 73 -10.61 13.79 0.18
CA LYS A 73 -9.87 12.76 0.90
C LYS A 73 -10.67 11.48 0.93
N GLY A 74 -10.15 10.47 0.23
CA GLY A 74 -10.82 9.20 0.14
C GLY A 74 -10.30 8.19 1.14
N HIS A 75 -10.91 7.02 1.09
CA HIS A 75 -10.57 5.91 1.96
C HIS A 75 -9.83 4.84 1.19
N VAL A 76 -8.98 4.10 1.88
CA VAL A 76 -8.25 3.02 1.23
C VAL A 76 -7.90 1.99 2.29
N GLU A 77 -8.56 0.83 2.21
CA GLU A 77 -8.34 -0.22 3.18
C GLU A 77 -8.35 -1.60 2.51
N ILE A 78 -7.28 -2.35 2.73
CA ILE A 78 -7.18 -3.70 2.17
C ILE A 78 -7.25 -4.71 3.31
N PRO A 79 -8.26 -5.53 3.38
CA PRO A 79 -8.39 -6.50 4.49
C PRO A 79 -7.19 -7.44 4.66
N ASN A 80 -7.45 -8.61 5.24
CA ASN A 80 -6.41 -9.61 5.50
C ASN A 80 -5.83 -10.22 4.24
N LEU A 81 -5.71 -9.43 3.16
CA LEU A 81 -5.14 -9.95 1.93
C LEU A 81 -3.65 -10.23 2.11
N SER A 82 -3.23 -11.45 1.80
CA SER A 82 -1.83 -11.83 1.93
C SER A 82 -1.02 -11.33 0.74
N ASP A 83 0.27 -11.09 0.97
CA ASP A 83 1.15 -10.59 -0.10
C ASP A 83 1.57 -11.73 -1.01
N GLU A 84 1.08 -12.94 -0.75
CA GLU A 84 1.43 -14.07 -1.59
C GLU A 84 0.97 -13.76 -3.00
N ASN A 85 0.28 -12.64 -3.10
CA ASN A 85 -0.23 -12.16 -4.39
C ASN A 85 0.21 -10.71 -4.58
N SER A 86 0.13 -10.24 -5.81
CA SER A 86 0.53 -8.86 -6.09
C SER A 86 -0.27 -7.88 -5.24
N VAL A 87 0.44 -7.04 -4.49
CA VAL A 87 -0.21 -6.05 -3.63
C VAL A 87 -1.15 -5.16 -4.44
N ASP A 88 -0.70 -4.81 -5.63
CA ASP A 88 -1.49 -3.95 -6.50
C ASP A 88 -2.75 -4.65 -7.02
N GLU A 89 -2.61 -5.93 -7.37
CA GLU A 89 -3.77 -6.67 -7.87
C GLU A 89 -4.63 -7.11 -6.69
N VAL A 90 -4.15 -6.76 -5.49
CA VAL A 90 -4.84 -7.12 -4.27
C VAL A 90 -6.17 -6.39 -4.17
N GLU A 91 -6.96 -6.74 -3.15
CA GLU A 91 -8.27 -6.15 -2.96
C GLU A 91 -8.18 -4.93 -2.07
N ILE A 92 -8.35 -3.78 -2.68
CA ILE A 92 -8.29 -2.51 -1.97
C ILE A 92 -9.63 -1.81 -2.04
N SER A 93 -10.05 -1.23 -0.91
CA SER A 93 -11.32 -0.51 -0.85
C SER A 93 -11.07 0.98 -1.02
N VAL A 94 -11.09 1.44 -2.26
CA VAL A 94 -10.84 2.85 -2.56
C VAL A 94 -12.14 3.65 -2.63
N SER A 95 -12.09 4.85 -2.06
CA SER A 95 -13.23 5.76 -2.07
C SER A 95 -12.76 7.19 -2.27
N LEU A 96 -12.41 7.52 -3.50
CA LEU A 96 -11.93 8.86 -3.79
C LEU A 96 -12.61 9.45 -5.03
N ALA A 97 -13.00 10.71 -4.91
CA ALA A 97 -13.63 11.44 -6.01
C ALA A 97 -15.09 11.04 -6.20
N LYS A 98 -15.48 9.93 -5.62
CA LYS A 98 -16.86 9.50 -5.75
C LYS A 98 -17.78 10.57 -5.19
N ASP A 99 -17.24 11.36 -4.28
CA ASP A 99 -18.00 12.44 -3.66
C ASP A 99 -17.62 13.79 -4.26
N GLU A 100 -16.47 13.88 -4.92
CA GLU A 100 -16.03 15.14 -5.50
C GLU A 100 -15.80 15.02 -7.03
N PRO A 101 -15.56 16.13 -7.72
CA PRO A 101 -15.36 16.15 -9.21
C PRO A 101 -13.94 15.78 -9.67
N ASP A 102 -13.27 14.88 -8.97
CA ASP A 102 -11.90 14.51 -9.37
C ASP A 102 -11.91 13.47 -10.50
N THR A 103 -12.78 12.46 -10.37
CA THR A 103 -12.91 11.38 -11.36
C THR A 103 -11.61 11.03 -12.09
N ASN A 104 -11.10 11.94 -12.92
CA ASN A 104 -9.87 11.68 -13.65
C ASN A 104 -8.73 11.40 -12.68
N LEU A 105 -8.73 12.09 -11.56
CA LEU A 105 -7.69 11.94 -10.55
C LEU A 105 -7.70 10.54 -9.92
N VAL A 106 -8.82 10.17 -9.32
CA VAL A 106 -8.93 8.85 -8.69
C VAL A 106 -8.39 7.77 -9.59
N ALA A 107 -8.62 7.90 -10.89
CA ALA A 107 -8.11 6.92 -11.83
C ALA A 107 -6.59 6.90 -11.79
N LEU A 108 -6.00 8.07 -11.93
CA LEU A 108 -4.55 8.16 -11.89
C LEU A 108 -4.04 7.49 -10.63
N MET A 109 -4.69 7.76 -9.51
CA MET A 109 -4.29 7.16 -8.26
C MET A 109 -4.38 5.65 -8.36
N LYS A 110 -5.21 5.19 -9.29
CA LYS A 110 -5.36 3.77 -9.51
C LYS A 110 -4.11 3.21 -10.16
N GLU A 111 -3.36 4.11 -10.79
CA GLU A 111 -2.13 3.71 -11.47
C GLU A 111 -0.93 4.31 -10.77
N GLU A 112 -1.18 5.23 -9.86
CA GLU A 112 -0.12 5.89 -9.13
C GLU A 112 -0.19 5.56 -7.63
N GLY A 113 -1.40 5.57 -7.07
CA GLY A 113 -1.59 5.31 -5.65
C GLY A 113 -1.61 3.83 -5.34
N VAL A 114 -2.71 3.16 -5.65
CA VAL A 114 -2.78 1.73 -5.41
C VAL A 114 -1.51 1.10 -5.95
N LYS A 115 -1.00 1.68 -7.02
CA LYS A 115 0.22 1.22 -7.62
C LYS A 115 1.39 1.51 -6.67
N LEU A 116 1.37 2.66 -6.03
CA LEU A 116 2.44 3.00 -5.10
C LEU A 116 2.63 1.78 -4.19
N LEU A 117 1.50 1.20 -3.81
CA LEU A 117 1.49 0.03 -2.97
C LEU A 117 2.22 -1.09 -3.70
N ARG A 118 2.08 -1.11 -5.03
CA ARG A 118 2.77 -2.12 -5.81
C ARG A 118 4.21 -2.13 -5.37
N GLU A 119 4.72 -0.93 -5.10
CA GLU A 119 6.07 -0.78 -4.62
C GLU A 119 6.20 -1.45 -3.27
N ALA A 120 5.11 -1.42 -2.49
CA ALA A 120 5.15 -2.07 -1.18
C ALA A 120 5.57 -3.52 -1.34
N MET A 121 4.97 -4.20 -2.31
CA MET A 121 5.34 -5.58 -2.56
C MET A 121 6.83 -5.63 -2.85
N GLY A 122 7.34 -4.55 -3.42
CA GLY A 122 8.76 -4.48 -3.76
C GLY A 122 9.64 -4.64 -2.53
N ILE A 123 9.34 -3.89 -1.46
CA ILE A 123 10.13 -3.96 -0.24
C ILE A 123 9.64 -5.09 0.68
N TYR A 124 8.33 -5.21 0.83
CA TYR A 124 7.78 -6.24 1.68
C TYR A 124 8.48 -7.55 1.38
N ILE A 125 8.56 -7.86 0.10
CA ILE A 125 9.21 -9.09 -0.31
C ILE A 125 10.72 -8.95 -0.23
N SER A 126 11.25 -7.99 -0.95
CA SER A 126 12.71 -7.79 -0.99
C SER A 126 13.32 -7.50 0.38
N THR A 127 12.77 -6.51 1.09
CA THR A 127 13.32 -6.13 2.39
C THR A 127 13.22 -7.24 3.44
N LEU A 128 12.05 -7.84 3.58
CA LEU A 128 11.88 -8.88 4.59
C LEU A 128 12.49 -10.21 4.17
N LYS A 129 12.27 -10.63 2.92
CA LYS A 129 12.81 -11.91 2.48
C LYS A 129 14.34 -11.88 2.38
N THR A 130 14.87 -10.89 1.68
CA THR A 130 16.32 -10.80 1.54
C THR A 130 16.97 -10.71 2.91
N GLU A 131 16.29 -10.04 3.83
CA GLU A 131 16.81 -9.87 5.19
C GLU A 131 16.62 -11.15 6.00
N PHE A 132 15.41 -11.70 5.99
CA PHE A 132 15.15 -12.92 6.79
C PHE A 132 16.13 -14.03 6.44
N THR A 133 16.16 -14.48 5.17
CA THR A 133 17.08 -15.52 4.77
C THR A 133 18.48 -14.96 4.67
N GLN A 134 18.57 -13.62 4.71
CA GLN A 134 19.85 -12.95 4.63
C GLN A 134 20.57 -13.36 3.35
N GLY A 135 19.80 -13.56 2.28
CA GLY A 135 20.36 -13.94 1.00
C GLY A 135 21.50 -14.94 1.18
N THR A 1 5.49 -23.01 10.15
CA THR A 1 5.20 -21.58 10.04
C THR A 1 6.29 -20.77 10.74
N GLU A 2 7.06 -20.04 9.95
CA GLU A 2 8.13 -19.21 10.50
C GLU A 2 7.72 -17.73 10.52
N ARG A 3 8.14 -17.02 11.56
CA ARG A 3 7.80 -15.61 11.70
C ARG A 3 8.41 -14.82 10.57
N ASP A 4 7.79 -13.70 10.23
CA ASP A 4 8.28 -12.84 9.18
C ASP A 4 8.63 -11.47 9.74
N ALA A 5 9.58 -10.80 9.09
CA ALA A 5 9.99 -9.50 9.55
C ALA A 5 9.01 -8.43 9.04
N SER A 6 7.94 -8.24 9.80
CA SER A 6 6.91 -7.26 9.43
C SER A 6 7.33 -5.85 9.84
N ASN A 7 8.22 -5.77 10.82
CA ASN A 7 8.67 -4.47 11.29
C ASN A 7 9.13 -3.58 10.14
N TRP A 8 9.74 -4.18 9.13
CA TRP A 8 10.21 -3.43 7.98
C TRP A 8 9.03 -2.98 7.13
N SER A 9 8.00 -3.81 7.08
CA SER A 9 6.84 -3.49 6.27
C SER A 9 6.19 -2.18 6.72
N THR A 10 5.70 -2.15 7.94
CA THR A 10 5.06 -0.94 8.43
C THR A 10 5.99 0.26 8.27
N ASP A 11 7.23 0.10 8.71
CA ASP A 11 8.21 1.17 8.61
C ASP A 11 8.27 1.72 7.19
N LYS A 12 8.28 0.85 6.20
CA LYS A 12 8.32 1.29 4.82
C LYS A 12 6.92 1.61 4.33
N LEU A 13 6.02 0.63 4.36
CA LEU A 13 4.66 0.87 3.92
C LEU A 13 4.14 2.19 4.47
N LYS A 14 4.26 2.37 5.78
CA LYS A 14 3.78 3.60 6.40
C LYS A 14 4.46 4.82 5.77
N THR A 15 5.79 4.78 5.70
CA THR A 15 6.54 5.88 5.12
C THR A 15 6.25 5.99 3.62
N LEU A 16 6.45 4.88 2.92
CA LEU A 16 6.20 4.84 1.49
C LEU A 16 4.78 5.29 1.22
N PHE A 17 3.89 5.00 2.14
CA PHE A 17 2.51 5.40 1.98
C PHE A 17 2.42 6.92 2.17
N LEU A 18 3.08 7.41 3.21
CA LEU A 18 3.12 8.84 3.48
C LEU A 18 3.90 9.53 2.38
N ALA A 19 4.76 8.76 1.72
CA ALA A 19 5.57 9.27 0.64
C ALA A 19 4.77 9.31 -0.63
N VAL A 20 3.52 8.86 -0.55
CA VAL A 20 2.68 8.85 -1.72
C VAL A 20 2.84 10.17 -2.45
N GLN A 21 3.20 10.09 -3.72
CA GLN A 21 3.45 11.28 -4.51
C GLN A 21 2.20 11.90 -5.09
N VAL A 22 2.43 13.00 -5.80
CA VAL A 22 1.40 13.78 -6.44
C VAL A 22 1.87 14.25 -7.81
N GLN A 23 0.91 14.52 -8.68
CA GLN A 23 1.20 15.03 -10.02
C GLN A 23 0.76 16.49 -10.09
N ASN A 24 -0.15 16.78 -11.00
CA ASN A 24 -0.67 18.14 -11.15
C ASN A 24 -2.03 18.26 -10.46
N GLU A 25 -2.45 19.50 -10.19
CA GLU A 25 -3.75 19.72 -9.55
C GLU A 25 -4.84 18.98 -10.29
N GLU A 26 -4.52 18.57 -11.51
CA GLU A 26 -5.45 17.85 -12.36
C GLU A 26 -5.66 16.44 -11.83
N GLY A 27 -4.56 15.81 -11.48
CA GLY A 27 -4.59 14.46 -10.97
C GLY A 27 -3.46 14.25 -9.95
N LYS A 28 -3.53 14.98 -8.83
CA LYS A 28 -2.49 14.87 -7.82
C LYS A 28 -2.91 13.94 -6.69
N CYS A 29 -1.93 13.54 -5.87
CA CYS A 29 -2.21 12.64 -4.77
C CYS A 29 -1.27 12.88 -3.59
N GLU A 30 -1.79 12.87 -2.38
CA GLU A 30 -0.95 13.08 -1.20
C GLU A 30 -1.51 12.32 0.00
N VAL A 31 -0.64 11.63 0.74
CA VAL A 31 -1.08 10.90 1.93
C VAL A 31 -0.87 11.75 3.18
N THR A 32 -1.84 11.74 4.08
CA THR A 32 -1.73 12.56 5.30
C THR A 32 -1.61 11.71 6.56
N GLU A 33 -1.89 10.41 6.48
CA GLU A 33 -1.82 9.58 7.67
C GLU A 33 -2.00 8.10 7.34
N VAL A 34 -1.13 7.28 7.91
CA VAL A 34 -1.17 5.85 7.71
C VAL A 34 -1.16 5.12 9.03
N SER A 35 -2.02 4.12 9.17
CA SER A 35 -2.05 3.37 10.42
C SER A 35 -0.92 2.34 10.43
N LYS A 36 -1.12 1.25 9.67
CA LYS A 36 -0.13 0.17 9.57
C LYS A 36 -0.88 -1.16 9.30
N LEU A 37 -0.22 -2.10 8.64
CA LEU A 37 -0.85 -3.39 8.35
C LEU A 37 -1.17 -4.09 9.67
N ASP A 38 -2.45 -4.17 10.00
CA ASP A 38 -2.86 -4.78 11.26
C ASP A 38 -3.28 -6.23 11.03
N GLY A 39 -2.45 -7.15 11.51
CA GLY A 39 -2.75 -8.56 11.37
C GLY A 39 -1.48 -9.37 11.59
N GLU A 40 -1.48 -10.61 11.12
CA GLU A 40 -0.31 -11.47 11.30
C GLU A 40 0.30 -11.88 9.96
N ALA A 41 1.55 -11.52 9.77
CA ALA A 41 2.28 -11.89 8.55
C ALA A 41 3.18 -13.08 8.86
N SER A 42 3.36 -13.99 7.91
CA SER A 42 4.19 -15.15 8.20
C SER A 42 4.80 -15.75 6.95
N ILE A 43 6.09 -16.10 7.05
CA ILE A 43 6.79 -16.72 5.94
C ILE A 43 7.19 -18.14 6.30
N ASN A 44 7.33 -19.00 5.30
CA ASN A 44 7.73 -20.39 5.55
C ASN A 44 9.24 -20.44 5.64
N ASN A 45 9.75 -21.57 6.17
CA ASN A 45 11.20 -21.77 6.38
C ASN A 45 12.06 -20.97 5.44
N ARG A 46 13.28 -20.70 5.88
CA ARG A 46 14.20 -19.90 5.11
C ARG A 46 15.32 -20.72 4.50
N LYS A 47 16.18 -20.01 3.83
CA LYS A 47 17.31 -20.59 3.15
C LYS A 47 16.85 -21.34 1.90
N GLY A 48 15.89 -20.75 1.21
CA GLY A 48 15.36 -21.32 -0.04
C GLY A 48 13.99 -21.97 0.13
N LYS A 49 13.46 -21.96 1.35
CA LYS A 49 12.13 -22.51 1.58
C LYS A 49 11.25 -21.38 2.05
N LEU A 50 11.73 -20.15 1.80
CA LEU A 50 11.03 -18.95 2.23
C LEU A 50 9.97 -18.53 1.26
N ILE A 51 8.76 -18.48 1.77
CA ILE A 51 7.63 -18.03 0.96
C ILE A 51 6.82 -17.01 1.73
N PHE A 52 6.16 -16.11 1.03
CA PHE A 52 5.45 -15.02 1.70
C PHE A 52 3.93 -15.11 1.69
N PHE A 53 3.37 -15.67 2.75
CA PHE A 53 1.92 -15.70 2.88
C PHE A 53 1.56 -14.90 4.13
N TYR A 54 0.91 -13.76 3.95
CA TYR A 54 0.54 -12.93 5.10
C TYR A 54 -0.98 -12.80 5.18
N GLU A 55 -1.46 -12.48 6.37
CA GLU A 55 -2.91 -12.32 6.56
C GLU A 55 -3.18 -11.06 7.37
N TRP A 56 -3.04 -9.90 6.73
CA TRP A 56 -3.28 -8.64 7.42
C TRP A 56 -3.99 -7.64 6.54
N SER A 57 -4.62 -6.67 7.18
CA SER A 57 -5.33 -5.61 6.47
C SER A 57 -4.72 -4.26 6.78
N VAL A 58 -4.73 -3.35 5.82
CA VAL A 58 -4.15 -2.01 6.04
C VAL A 58 -5.23 -0.95 6.02
N LYS A 59 -5.01 0.11 6.78
CA LYS A 59 -5.97 1.21 6.81
C LYS A 59 -5.23 2.55 6.80
N LEU A 60 -5.48 3.35 5.77
CA LEU A 60 -4.83 4.65 5.67
C LEU A 60 -5.78 5.71 5.10
N ASN A 61 -5.33 6.96 5.12
CA ASN A 61 -6.12 8.07 4.60
C ASN A 61 -5.29 8.89 3.62
N TRP A 62 -5.91 9.38 2.56
CA TRP A 62 -5.18 10.17 1.57
C TRP A 62 -5.89 11.44 1.17
N THR A 63 -5.23 12.25 0.33
CA THR A 63 -5.79 13.51 -0.15
C THR A 63 -5.48 13.71 -1.63
N GLY A 64 -6.34 14.46 -2.30
CA GLY A 64 -6.15 14.73 -3.71
C GLY A 64 -6.82 16.03 -4.10
N THR A 65 -6.09 16.88 -4.82
CA THR A 65 -6.64 18.16 -5.27
C THR A 65 -7.04 18.05 -6.73
N SER A 66 -8.11 18.75 -7.08
CA SER A 66 -8.62 18.72 -8.44
C SER A 66 -8.37 20.04 -9.15
N LYS A 67 -8.22 19.97 -10.45
CA LYS A 67 -8.03 21.18 -11.23
C LYS A 67 -9.20 22.12 -10.95
N SER A 68 -10.33 21.54 -10.57
CA SER A 68 -11.52 22.32 -10.24
C SER A 68 -11.23 23.21 -9.04
N GLY A 69 -10.30 22.78 -8.20
CA GLY A 69 -9.92 23.56 -7.02
C GLY A 69 -10.47 22.93 -5.74
N VAL A 70 -10.74 21.62 -5.76
CA VAL A 70 -11.27 20.96 -4.59
C VAL A 70 -10.33 19.90 -4.04
N GLN A 71 -10.13 19.92 -2.72
CA GLN A 71 -9.30 18.94 -2.06
C GLN A 71 -10.21 17.94 -1.37
N TYR A 72 -9.92 16.67 -1.50
CA TYR A 72 -10.75 15.67 -0.87
C TYR A 72 -9.89 14.59 -0.26
N LYS A 73 -10.29 14.17 0.92
CA LYS A 73 -9.57 13.14 1.61
C LYS A 73 -10.44 11.91 1.72
N GLY A 74 -10.04 10.90 0.96
CA GLY A 74 -10.77 9.65 0.89
C GLY A 74 -10.19 8.57 1.79
N HIS A 75 -10.73 7.38 1.60
CA HIS A 75 -10.32 6.21 2.37
C HIS A 75 -9.69 5.17 1.44
N VAL A 76 -8.70 4.45 1.96
CA VAL A 76 -8.05 3.42 1.16
C VAL A 76 -7.56 2.29 2.05
N GLU A 77 -8.19 1.12 1.91
CA GLU A 77 -7.80 -0.02 2.73
C GLU A 77 -7.80 -1.32 1.92
N ILE A 78 -7.00 -2.29 2.37
CA ILE A 78 -6.93 -3.59 1.72
C ILE A 78 -7.08 -4.67 2.80
N PRO A 79 -8.10 -5.48 2.75
CA PRO A 79 -8.31 -6.51 3.79
C PRO A 79 -7.13 -7.47 3.99
N ASN A 80 -7.43 -8.64 4.54
CA ASN A 80 -6.43 -9.66 4.85
C ASN A 80 -5.82 -10.31 3.61
N LEU A 81 -5.65 -9.53 2.54
CA LEU A 81 -5.06 -10.08 1.32
C LEU A 81 -3.56 -10.33 1.50
N SER A 82 -3.15 -11.59 1.34
CA SER A 82 -1.74 -11.94 1.50
C SER A 82 -0.92 -11.43 0.32
N ASP A 83 0.31 -11.01 0.60
CA ASP A 83 1.19 -10.51 -0.46
C ASP A 83 1.78 -11.69 -1.23
N GLU A 84 1.23 -12.88 -1.02
CA GLU A 84 1.72 -14.06 -1.71
C GLU A 84 1.61 -13.82 -3.19
N ASN A 85 0.97 -12.71 -3.50
CA ASN A 85 0.76 -12.28 -4.86
C ASN A 85 1.04 -10.79 -4.97
N SER A 86 1.07 -10.27 -6.19
CA SER A 86 1.33 -8.85 -6.37
C SER A 86 0.37 -8.04 -5.51
N VAL A 87 0.92 -7.17 -4.66
CA VAL A 87 0.08 -6.35 -3.79
C VAL A 87 -0.85 -5.48 -4.62
N ASP A 88 -0.37 -5.07 -5.79
CA ASP A 88 -1.16 -4.22 -6.67
C ASP A 88 -2.30 -5.00 -7.31
N GLU A 89 -2.03 -6.23 -7.71
CA GLU A 89 -3.07 -7.06 -8.33
C GLU A 89 -3.98 -7.60 -7.23
N VAL A 90 -3.66 -7.23 -6.00
CA VAL A 90 -4.45 -7.67 -4.86
C VAL A 90 -5.57 -6.68 -4.59
N GLU A 91 -6.69 -7.21 -4.12
CA GLU A 91 -7.86 -6.39 -3.85
C GLU A 91 -7.55 -5.26 -2.88
N ILE A 92 -7.86 -4.07 -3.34
CA ILE A 92 -7.68 -2.86 -2.56
C ILE A 92 -9.00 -2.14 -2.42
N SER A 93 -9.11 -1.27 -1.44
CA SER A 93 -10.33 -0.52 -1.23
C SER A 93 -10.04 0.96 -1.48
N VAL A 94 -10.94 1.63 -2.18
CA VAL A 94 -10.73 3.05 -2.47
C VAL A 94 -12.01 3.84 -2.26
N SER A 95 -11.84 5.10 -1.90
CA SER A 95 -12.97 6.00 -1.73
C SER A 95 -12.49 7.43 -1.73
N LEU A 96 -12.17 7.91 -2.91
CA LEU A 96 -11.68 9.27 -3.06
C LEU A 96 -12.10 9.88 -4.38
N ALA A 97 -12.66 11.08 -4.32
CA ALA A 97 -13.10 11.81 -5.52
C ALA A 97 -14.32 11.17 -6.17
N LYS A 98 -14.55 9.92 -5.82
CA LYS A 98 -15.69 9.18 -6.37
C LYS A 98 -16.96 10.02 -6.29
N ASP A 99 -17.03 10.88 -5.28
CA ASP A 99 -18.19 11.73 -5.06
C ASP A 99 -17.87 13.19 -5.35
N GLU A 100 -16.60 13.54 -5.26
CA GLU A 100 -16.19 14.91 -5.49
C GLU A 100 -16.20 15.21 -6.99
N PRO A 101 -15.99 16.43 -7.38
CA PRO A 101 -16.00 16.82 -8.82
C PRO A 101 -14.74 16.40 -9.58
N ASP A 102 -14.01 15.40 -9.10
CA ASP A 102 -12.80 15.00 -9.81
C ASP A 102 -12.90 13.58 -10.37
N THR A 103 -13.50 12.67 -9.60
CA THR A 103 -13.66 11.27 -10.02
C THR A 103 -12.51 10.78 -10.91
N ASN A 104 -12.42 11.30 -12.14
CA ASN A 104 -11.35 10.88 -13.03
C ASN A 104 -10.04 10.76 -12.26
N LEU A 105 -9.84 11.67 -11.30
CA LEU A 105 -8.65 11.65 -10.47
C LEU A 105 -8.58 10.34 -9.70
N VAL A 106 -9.73 9.89 -9.20
CA VAL A 106 -9.78 8.65 -8.44
C VAL A 106 -9.21 7.51 -9.27
N ALA A 107 -9.34 7.62 -10.58
CA ALA A 107 -8.81 6.62 -11.46
C ALA A 107 -7.29 6.67 -11.40
N LEU A 108 -6.75 7.86 -11.52
CA LEU A 108 -5.31 8.02 -11.45
C LEU A 108 -4.78 7.36 -10.18
N MET A 109 -5.49 7.60 -9.08
CA MET A 109 -5.11 7.01 -7.82
C MET A 109 -5.02 5.50 -7.99
N LYS A 110 -5.79 5.02 -8.96
CA LYS A 110 -5.83 3.59 -9.26
C LYS A 110 -4.55 3.14 -9.95
N GLU A 111 -3.91 4.06 -10.66
CA GLU A 111 -2.69 3.73 -11.36
C GLU A 111 -1.48 4.32 -10.64
N GLU A 112 -1.74 5.20 -9.70
CA GLU A 112 -0.70 5.87 -8.91
C GLU A 112 -0.72 5.46 -7.45
N GLY A 113 -1.88 5.61 -6.82
CA GLY A 113 -2.04 5.31 -5.40
C GLY A 113 -1.86 3.83 -5.13
N VAL A 114 -2.81 3.02 -5.56
CA VAL A 114 -2.71 1.60 -5.38
C VAL A 114 -1.41 1.13 -5.99
N LYS A 115 -0.95 1.88 -7.00
CA LYS A 115 0.30 1.56 -7.66
C LYS A 115 1.45 1.71 -6.67
N LEU A 116 1.49 2.85 -5.98
CA LEU A 116 2.55 3.09 -5.01
C LEU A 116 2.70 1.86 -4.14
N LEU A 117 1.57 1.25 -3.82
CA LEU A 117 1.55 0.05 -3.01
C LEU A 117 2.31 -1.04 -3.74
N ARG A 118 2.22 -1.03 -5.06
CA ARG A 118 2.95 -2.01 -5.85
C ARG A 118 4.39 -1.98 -5.38
N GLU A 119 4.84 -0.76 -5.08
CA GLU A 119 6.18 -0.57 -4.57
C GLU A 119 6.29 -1.23 -3.21
N ALA A 120 5.17 -1.29 -2.48
CA ALA A 120 5.18 -1.93 -1.16
C ALA A 120 5.64 -3.37 -1.32
N MET A 121 5.22 -4.01 -2.38
CA MET A 121 5.65 -5.37 -2.63
C MET A 121 7.16 -5.34 -2.81
N GLY A 122 7.64 -4.24 -3.36
CA GLY A 122 9.07 -4.06 -3.60
C GLY A 122 9.90 -4.29 -2.33
N ILE A 123 9.49 -3.67 -1.22
CA ILE A 123 10.21 -3.80 0.04
C ILE A 123 9.80 -5.06 0.81
N TYR A 124 8.50 -5.31 0.84
CA TYR A 124 7.97 -6.46 1.56
C TYR A 124 8.65 -7.73 1.09
N ILE A 125 8.74 -7.89 -0.23
CA ILE A 125 9.37 -9.05 -0.82
C ILE A 125 10.88 -8.96 -0.76
N SER A 126 11.42 -7.77 -0.96
CA SER A 126 12.87 -7.60 -0.96
C SER A 126 13.45 -7.51 0.45
N THR A 127 12.96 -6.56 1.24
CA THR A 127 13.46 -6.35 2.59
C THR A 127 13.22 -7.56 3.50
N LEU A 128 12.03 -8.12 3.44
CA LEU A 128 11.70 -9.25 4.29
C LEU A 128 12.38 -10.54 3.83
N LYS A 129 12.21 -10.90 2.55
CA LYS A 129 12.79 -12.14 2.04
C LYS A 129 14.31 -12.12 2.08
N THR A 130 14.90 -11.03 1.61
CA THR A 130 16.36 -10.93 1.59
C THR A 130 16.92 -10.88 3.00
N GLU A 131 16.17 -10.28 3.92
CA GLU A 131 16.63 -10.15 5.29
C GLU A 131 16.40 -11.43 6.10
N PHE A 132 15.19 -11.97 6.07
CA PHE A 132 14.90 -13.18 6.86
C PHE A 132 15.93 -14.27 6.55
N THR A 133 16.00 -14.73 5.30
CA THR A 133 16.97 -15.75 4.94
C THR A 133 18.35 -15.13 4.86
N GLN A 134 18.39 -13.80 4.94
CA GLN A 134 19.65 -13.09 4.87
C GLN A 134 20.36 -13.40 3.56
N GLY A 135 19.57 -13.57 2.51
CA GLY A 135 20.14 -13.88 1.19
C GLY A 135 20.99 -15.15 1.25
N THR A 1 4.78 -22.56 9.66
CA THR A 1 5.20 -21.29 9.07
C THR A 1 6.27 -20.64 9.93
N GLU A 2 7.16 -19.89 9.29
CA GLU A 2 8.23 -19.20 10.01
C GLU A 2 7.92 -17.71 10.11
N ARG A 3 8.40 -17.09 11.20
CA ARG A 3 8.15 -15.67 11.41
C ARG A 3 8.78 -14.81 10.33
N ASP A 4 8.07 -13.75 9.96
CA ASP A 4 8.57 -12.82 8.96
C ASP A 4 8.79 -11.47 9.60
N ALA A 5 9.65 -10.66 8.99
CA ALA A 5 9.94 -9.35 9.53
C ALA A 5 8.82 -8.37 9.18
N SER A 6 7.78 -8.34 10.02
CA SER A 6 6.65 -7.45 9.80
C SER A 6 7.02 -6.00 10.02
N ASN A 7 7.86 -5.75 11.02
CA ASN A 7 8.29 -4.39 11.33
C ASN A 7 8.89 -3.72 10.11
N TRP A 8 9.52 -4.53 9.26
CA TRP A 8 10.14 -4.01 8.05
C TRP A 8 9.06 -3.44 7.14
N SER A 9 7.92 -4.11 7.11
CA SER A 9 6.81 -3.68 6.26
C SER A 9 6.18 -2.38 6.74
N THR A 10 5.62 -2.39 7.95
CA THR A 10 4.98 -1.18 8.46
C THR A 10 5.90 0.02 8.33
N ASP A 11 7.12 -0.16 8.77
CA ASP A 11 8.11 0.92 8.72
C ASP A 11 8.17 1.54 7.33
N LYS A 12 8.22 0.71 6.30
CA LYS A 12 8.27 1.22 4.94
C LYS A 12 6.86 1.52 4.45
N LEU A 13 5.99 0.52 4.46
CA LEU A 13 4.62 0.72 4.01
C LEU A 13 4.04 1.99 4.58
N LYS A 14 4.17 2.16 5.89
CA LYS A 14 3.65 3.37 6.54
C LYS A 14 4.30 4.60 5.91
N THR A 15 5.62 4.58 5.81
CA THR A 15 6.35 5.69 5.22
C THR A 15 6.00 5.84 3.75
N LEU A 16 6.13 4.74 3.03
CA LEU A 16 5.82 4.71 1.62
C LEU A 16 4.39 5.18 1.43
N PHE A 17 3.56 4.83 2.41
CA PHE A 17 2.16 5.25 2.36
C PHE A 17 2.08 6.73 2.65
N LEU A 18 2.98 7.23 3.53
CA LEU A 18 3.04 8.65 3.83
C LEU A 18 3.89 9.30 2.75
N ALA A 19 4.25 8.50 1.76
CA ALA A 19 5.08 8.96 0.67
C ALA A 19 4.23 9.11 -0.59
N VAL A 20 2.94 8.86 -0.47
CA VAL A 20 2.07 8.99 -1.64
C VAL A 20 2.36 10.35 -2.26
N GLN A 21 2.85 10.33 -3.48
CA GLN A 21 3.24 11.55 -4.16
C GLN A 21 2.11 12.22 -4.93
N VAL A 22 2.32 13.51 -5.15
CA VAL A 22 1.38 14.36 -5.86
C VAL A 22 1.99 14.85 -7.18
N GLN A 23 1.11 15.10 -8.14
CA GLN A 23 1.52 15.61 -9.45
C GLN A 23 0.84 16.94 -9.72
N ASN A 24 0.06 16.98 -10.79
CA ASN A 24 -0.65 18.20 -11.17
C ASN A 24 -2.03 18.25 -10.50
N GLU A 25 -2.57 19.45 -10.38
CA GLU A 25 -3.88 19.61 -9.75
C GLU A 25 -4.90 18.64 -10.33
N GLU A 26 -4.63 18.16 -11.53
CA GLU A 26 -5.52 17.22 -12.20
C GLU A 26 -5.34 15.82 -11.63
N GLY A 27 -4.09 15.49 -11.31
CA GLY A 27 -3.79 14.17 -10.77
C GLY A 27 -2.86 14.29 -9.57
N LYS A 28 -3.23 15.13 -8.61
CA LYS A 28 -2.39 15.32 -7.45
C LYS A 28 -2.86 14.45 -6.28
N CYS A 29 -1.92 14.10 -5.41
CA CYS A 29 -2.25 13.27 -4.26
C CYS A 29 -1.31 13.52 -3.09
N GLU A 30 -1.87 13.63 -1.90
CA GLU A 30 -1.07 13.84 -0.71
C GLU A 30 -1.61 13.02 0.45
N VAL A 31 -0.73 12.28 1.09
CA VAL A 31 -1.15 11.45 2.23
C VAL A 31 -1.48 12.32 3.44
N THR A 32 -2.38 11.82 4.29
CA THR A 32 -2.76 12.56 5.50
C THR A 32 -2.36 11.80 6.76
N GLU A 33 -2.30 10.46 6.67
CA GLU A 33 -1.94 9.62 7.81
C GLU A 33 -2.11 8.14 7.45
N VAL A 34 -1.25 7.30 8.01
CA VAL A 34 -1.31 5.87 7.75
C VAL A 34 -1.32 5.09 9.06
N SER A 35 -2.18 4.09 9.15
CA SER A 35 -2.23 3.30 10.37
C SER A 35 -1.06 2.33 10.40
N LYS A 36 -1.18 1.24 9.62
CA LYS A 36 -0.14 0.17 9.49
C LYS A 36 -0.84 -1.18 9.38
N LEU A 37 -0.22 -2.13 8.67
CA LEU A 37 -0.81 -3.46 8.51
C LEU A 37 -0.92 -4.17 9.85
N ASP A 38 -2.14 -4.22 10.39
CA ASP A 38 -2.37 -4.86 11.68
C ASP A 38 -2.86 -6.29 11.49
N GLY A 39 -2.06 -7.25 11.95
CA GLY A 39 -2.43 -8.64 11.82
C GLY A 39 -1.22 -9.54 11.99
N GLU A 40 -1.28 -10.73 11.42
CA GLU A 40 -0.17 -11.67 11.54
C GLU A 40 0.46 -11.96 10.17
N ALA A 41 1.72 -11.59 10.02
CA ALA A 41 2.45 -11.82 8.78
C ALA A 41 3.47 -12.94 9.02
N SER A 42 3.59 -13.90 8.09
CA SER A 42 4.54 -14.97 8.31
C SER A 42 4.98 -15.64 7.01
N ILE A 43 6.25 -16.02 6.95
CA ILE A 43 6.77 -16.70 5.77
C ILE A 43 7.26 -18.09 6.16
N ASN A 44 7.27 -19.01 5.21
CA ASN A 44 7.72 -20.38 5.48
C ASN A 44 9.24 -20.44 5.47
N ASN A 45 9.77 -21.54 6.00
CA ASN A 45 11.23 -21.75 6.15
C ASN A 45 12.06 -20.96 5.16
N ARG A 46 13.29 -20.70 5.57
CA ARG A 46 14.20 -19.90 4.78
C ARG A 46 15.22 -20.72 4.04
N LYS A 47 16.00 -20.01 3.26
CA LYS A 47 17.06 -20.57 2.47
C LYS A 47 16.50 -21.37 1.28
N GLY A 48 15.45 -20.83 0.66
CA GLY A 48 14.85 -21.46 -0.51
C GLY A 48 13.52 -22.15 -0.20
N LYS A 49 13.15 -22.22 1.06
CA LYS A 49 11.87 -22.80 1.44
C LYS A 49 11.01 -21.64 1.92
N LEU A 50 11.43 -20.46 1.49
CA LEU A 50 10.79 -19.22 1.89
C LEU A 50 9.66 -18.82 0.98
N ILE A 51 8.51 -18.65 1.58
CA ILE A 51 7.34 -18.20 0.84
C ILE A 51 6.60 -17.16 1.67
N PHE A 52 5.94 -16.23 1.01
CA PHE A 52 5.29 -15.14 1.73
C PHE A 52 3.77 -15.20 1.84
N PHE A 53 3.28 -15.78 2.92
CA PHE A 53 1.85 -15.79 3.16
C PHE A 53 1.60 -14.97 4.42
N TYR A 54 0.93 -13.84 4.26
CA TYR A 54 0.65 -12.98 5.40
C TYR A 54 -0.85 -12.86 5.60
N GLU A 55 -1.24 -12.35 6.76
CA GLU A 55 -2.66 -12.19 7.05
C GLU A 55 -2.92 -10.91 7.84
N TRP A 56 -2.76 -9.75 7.19
CA TRP A 56 -3.00 -8.49 7.87
C TRP A 56 -3.76 -7.51 6.99
N SER A 57 -4.41 -6.56 7.64
CA SER A 57 -5.17 -5.53 6.94
C SER A 57 -4.52 -4.18 7.17
N VAL A 58 -4.57 -3.32 6.16
CA VAL A 58 -3.96 -2.00 6.28
C VAL A 58 -5.01 -0.91 6.17
N LYS A 59 -4.78 0.21 6.86
CA LYS A 59 -5.74 1.31 6.84
C LYS A 59 -5.04 2.66 6.75
N LEU A 60 -5.35 3.43 5.72
CA LEU A 60 -4.74 4.75 5.56
C LEU A 60 -5.72 5.72 4.90
N ASN A 61 -5.29 6.97 4.76
CA ASN A 61 -6.13 8.00 4.14
C ASN A 61 -5.27 8.93 3.29
N TRP A 62 -5.87 9.56 2.29
CA TRP A 62 -5.13 10.47 1.43
C TRP A 62 -5.96 11.67 0.99
N THR A 63 -5.30 12.64 0.35
CA THR A 63 -5.99 13.84 -0.13
C THR A 63 -5.61 14.15 -1.56
N GLY A 64 -6.55 14.75 -2.29
CA GLY A 64 -6.29 15.10 -3.68
C GLY A 64 -7.11 16.32 -4.10
N THR A 65 -6.51 17.16 -4.91
CA THR A 65 -7.19 18.37 -5.38
C THR A 65 -7.46 18.29 -6.87
N SER A 66 -8.61 18.79 -7.27
CA SER A 66 -9.01 18.77 -8.68
C SER A 66 -8.89 20.16 -9.26
N LYS A 67 -8.57 20.23 -10.54
CA LYS A 67 -8.47 21.51 -11.20
C LYS A 67 -9.80 22.23 -11.08
N SER A 68 -10.84 21.44 -10.82
CA SER A 68 -12.17 21.99 -10.66
C SER A 68 -12.16 22.96 -9.48
N GLY A 69 -11.20 22.74 -8.58
CA GLY A 69 -11.04 23.58 -7.41
C GLY A 69 -11.57 22.88 -6.16
N VAL A 70 -11.50 21.55 -6.13
CA VAL A 70 -12.01 20.82 -4.96
C VAL A 70 -10.98 19.85 -4.39
N GLN A 71 -10.90 19.84 -3.05
CA GLN A 71 -10.01 18.92 -2.35
C GLN A 71 -10.85 17.75 -1.87
N TYR A 72 -10.29 16.55 -1.94
CA TYR A 72 -11.04 15.39 -1.51
C TYR A 72 -10.15 14.41 -0.80
N LYS A 73 -10.65 13.90 0.31
CA LYS A 73 -9.89 12.93 1.08
C LYS A 73 -10.61 11.60 1.08
N GLY A 74 -10.01 10.65 0.37
CA GLY A 74 -10.60 9.33 0.23
C GLY A 74 -10.07 8.34 1.25
N HIS A 75 -10.57 7.12 1.13
CA HIS A 75 -10.20 6.04 2.01
C HIS A 75 -9.46 4.94 1.25
N VAL A 76 -8.54 4.28 1.94
CA VAL A 76 -7.79 3.20 1.34
C VAL A 76 -7.57 2.10 2.38
N GLU A 77 -8.23 0.98 2.20
CA GLU A 77 -8.12 -0.11 3.17
C GLU A 77 -8.14 -1.47 2.47
N ILE A 78 -7.14 -2.30 2.77
CA ILE A 78 -7.08 -3.64 2.18
C ILE A 78 -7.12 -4.68 3.31
N PRO A 79 -8.12 -5.51 3.39
CA PRO A 79 -8.22 -6.51 4.48
C PRO A 79 -7.03 -7.46 4.58
N ASN A 80 -7.27 -8.61 5.20
CA ASN A 80 -6.25 -9.62 5.43
C ASN A 80 -5.74 -10.29 4.15
N LEU A 81 -5.65 -9.53 3.06
CA LEU A 81 -5.17 -10.10 1.81
C LEU A 81 -3.66 -10.34 1.88
N SER A 82 -3.24 -11.59 1.66
CA SER A 82 -1.83 -11.95 1.72
C SER A 82 -1.10 -11.45 0.47
N ASP A 83 0.13 -10.98 0.67
CA ASP A 83 0.95 -10.50 -0.44
C ASP A 83 1.55 -11.68 -1.18
N GLU A 84 1.03 -12.86 -0.93
CA GLU A 84 1.54 -14.07 -1.57
C GLU A 84 1.40 -13.88 -3.07
N ASN A 85 0.74 -12.80 -3.42
CA ASN A 85 0.52 -12.43 -4.81
C ASN A 85 0.82 -10.96 -5.00
N SER A 86 0.71 -10.47 -6.23
CA SER A 86 0.99 -9.06 -6.48
C SER A 86 0.21 -8.21 -5.48
N VAL A 87 0.93 -7.35 -4.75
CA VAL A 87 0.28 -6.51 -3.75
C VAL A 87 -0.74 -5.58 -4.40
N ASP A 88 -0.38 -5.02 -5.54
CA ASP A 88 -1.25 -4.09 -6.25
C ASP A 88 -2.57 -4.74 -6.65
N GLU A 89 -2.54 -6.02 -6.98
CA GLU A 89 -3.77 -6.70 -7.39
C GLU A 89 -4.63 -7.01 -6.16
N VAL A 90 -4.12 -6.63 -4.98
CA VAL A 90 -4.84 -6.86 -3.75
C VAL A 90 -6.21 -6.18 -3.77
N GLU A 91 -7.11 -6.68 -2.93
CA GLU A 91 -8.44 -6.11 -2.85
C GLU A 91 -8.39 -4.87 -1.98
N ILE A 92 -8.08 -3.75 -2.60
CA ILE A 92 -7.98 -2.49 -1.89
C ILE A 92 -9.30 -1.74 -1.92
N SER A 93 -9.63 -1.11 -0.80
CA SER A 93 -10.88 -0.37 -0.71
C SER A 93 -10.59 1.11 -0.91
N VAL A 94 -10.64 1.54 -2.17
CA VAL A 94 -10.36 2.93 -2.50
C VAL A 94 -11.64 3.74 -2.60
N SER A 95 -11.66 4.89 -1.94
CA SER A 95 -12.81 5.77 -1.98
C SER A 95 -12.38 7.19 -2.23
N LEU A 96 -12.03 7.49 -3.47
CA LEU A 96 -11.58 8.83 -3.83
C LEU A 96 -12.32 9.37 -5.04
N ALA A 97 -12.77 10.61 -4.91
CA ALA A 97 -13.47 11.29 -6.00
C ALA A 97 -14.91 10.84 -6.13
N LYS A 98 -15.23 9.70 -5.54
CA LYS A 98 -16.60 9.21 -5.61
C LYS A 98 -17.56 10.27 -5.08
N ASP A 99 -17.05 11.06 -4.15
CA ASP A 99 -17.84 12.13 -3.55
C ASP A 99 -17.54 13.49 -4.17
N GLU A 100 -16.40 13.60 -4.86
CA GLU A 100 -16.02 14.89 -5.46
C GLU A 100 -15.83 14.78 -6.99
N PRO A 101 -15.67 15.89 -7.69
CA PRO A 101 -15.50 15.91 -9.19
C PRO A 101 -14.07 15.62 -9.68
N ASP A 102 -13.34 14.77 -8.97
CA ASP A 102 -11.98 14.46 -9.38
C ASP A 102 -11.97 13.41 -10.50
N THR A 103 -12.81 12.38 -10.34
CA THR A 103 -12.96 11.28 -11.31
C THR A 103 -11.68 10.95 -12.08
N ASN A 104 -11.24 11.84 -12.95
CA ASN A 104 -10.02 11.60 -13.73
C ASN A 104 -8.83 11.40 -12.79
N LEU A 105 -8.80 12.16 -11.72
CA LEU A 105 -7.71 12.09 -10.76
C LEU A 105 -7.60 10.70 -10.14
N VAL A 106 -8.69 10.23 -9.53
CA VAL A 106 -8.69 8.92 -8.89
C VAL A 106 -8.19 7.85 -9.85
N ALA A 107 -8.49 8.01 -11.13
CA ALA A 107 -8.05 7.04 -12.13
C ALA A 107 -6.53 6.97 -12.15
N LEU A 108 -5.89 8.11 -12.15
CA LEU A 108 -4.44 8.14 -12.16
C LEU A 108 -3.90 7.51 -10.87
N MET A 109 -4.52 7.86 -9.75
CA MET A 109 -4.11 7.31 -8.47
C MET A 109 -4.24 5.80 -8.51
N LYS A 110 -5.09 5.34 -9.42
CA LYS A 110 -5.31 3.91 -9.59
C LYS A 110 -4.10 3.29 -10.29
N GLU A 111 -3.38 4.11 -11.06
CA GLU A 111 -2.20 3.63 -11.74
C GLU A 111 -0.93 4.09 -11.02
N GLU A 112 -1.10 5.02 -10.09
CA GLU A 112 0.02 5.54 -9.31
C GLU A 112 -0.09 5.22 -7.82
N GLY A 113 -1.31 5.35 -7.29
CA GLY A 113 -1.55 5.13 -5.87
C GLY A 113 -1.56 3.65 -5.54
N VAL A 114 -2.64 2.97 -5.88
CA VAL A 114 -2.70 1.55 -5.59
C VAL A 114 -1.42 0.92 -6.15
N LYS A 115 -0.93 1.48 -7.25
CA LYS A 115 0.30 0.99 -7.83
C LYS A 115 1.46 1.33 -6.93
N LEU A 116 1.43 2.52 -6.33
CA LEU A 116 2.51 2.90 -5.44
C LEU A 116 2.70 1.77 -4.44
N LEU A 117 1.58 1.20 -4.03
CA LEU A 117 1.60 0.08 -3.11
C LEU A 117 2.34 -1.06 -3.77
N ARG A 118 2.25 -1.10 -5.10
CA ARG A 118 2.95 -2.15 -5.83
C ARG A 118 4.40 -2.10 -5.37
N GLU A 119 4.87 -0.88 -5.15
CA GLU A 119 6.22 -0.68 -4.66
C GLU A 119 6.32 -1.32 -3.29
N ALA A 120 5.19 -1.31 -2.56
CA ALA A 120 5.18 -1.93 -1.24
C ALA A 120 5.66 -3.38 -1.37
N MET A 121 5.27 -4.02 -2.45
CA MET A 121 5.71 -5.38 -2.70
C MET A 121 7.23 -5.36 -2.86
N GLY A 122 7.71 -4.25 -3.41
CA GLY A 122 9.14 -4.08 -3.64
C GLY A 122 9.97 -4.28 -2.38
N ILE A 123 9.55 -3.66 -1.28
CA ILE A 123 10.28 -3.78 -0.02
C ILE A 123 9.88 -5.03 0.76
N TYR A 124 8.58 -5.27 0.82
CA TYR A 124 8.06 -6.41 1.56
C TYR A 124 8.76 -7.69 1.13
N ILE A 125 8.82 -7.90 -0.17
CA ILE A 125 9.45 -9.09 -0.72
C ILE A 125 10.96 -9.01 -0.62
N SER A 126 11.52 -7.89 -1.01
CA SER A 126 12.97 -7.72 -0.99
C SER A 126 13.54 -7.52 0.40
N THR A 127 13.07 -6.49 1.10
CA THR A 127 13.60 -6.21 2.43
C THR A 127 13.37 -7.35 3.41
N LEU A 128 12.18 -7.91 3.39
CA LEU A 128 11.87 -8.98 4.31
C LEU A 128 12.58 -10.28 3.95
N LYS A 129 12.22 -10.87 2.83
CA LYS A 129 12.81 -12.15 2.44
C LYS A 129 14.32 -12.11 2.28
N THR A 130 14.84 -11.07 1.62
CA THR A 130 16.28 -11.00 1.44
C THR A 130 16.96 -10.89 2.81
N GLU A 131 16.30 -10.24 3.75
CA GLU A 131 16.84 -10.07 5.08
C GLU A 131 16.63 -11.34 5.92
N PHE A 132 15.43 -11.90 5.88
CA PHE A 132 15.15 -13.10 6.68
C PHE A 132 16.11 -14.24 6.32
N THR A 133 16.07 -14.71 5.07
CA THR A 133 16.98 -15.78 4.66
C THR A 133 18.38 -15.21 4.50
N GLN A 134 18.48 -13.88 4.59
CA GLN A 134 19.75 -13.21 4.45
C GLN A 134 20.37 -13.54 3.11
N GLY A 135 19.52 -13.67 2.10
CA GLY A 135 19.98 -13.98 0.75
C GLY A 135 20.59 -12.76 0.08
N THR A 1 5.59 -22.90 8.07
CA THR A 1 5.27 -21.49 8.29
C THR A 1 6.31 -20.85 9.19
N GLU A 2 7.22 -20.09 8.59
CA GLU A 2 8.27 -19.41 9.36
C GLU A 2 7.93 -17.93 9.53
N ARG A 3 8.32 -17.36 10.68
CA ARG A 3 8.03 -15.96 10.96
C ARG A 3 8.72 -15.04 9.98
N ASP A 4 8.06 -13.93 9.68
CA ASP A 4 8.61 -12.94 8.78
C ASP A 4 8.93 -11.67 9.55
N ALA A 5 9.84 -10.88 9.00
CA ALA A 5 10.21 -9.64 9.65
C ALA A 5 9.26 -8.53 9.24
N SER A 6 8.13 -8.44 9.96
CA SER A 6 7.12 -7.42 9.67
C SER A 6 7.56 -6.04 10.14
N ASN A 7 8.53 -6.00 11.04
CA ASN A 7 9.03 -4.73 11.56
C ASN A 7 9.43 -3.80 10.42
N TRP A 8 9.87 -4.37 9.32
CA TRP A 8 10.28 -3.58 8.17
C TRP A 8 9.08 -2.91 7.53
N SER A 9 7.93 -3.59 7.55
CA SER A 9 6.73 -3.04 6.93
C SER A 9 6.23 -1.81 7.69
N THR A 10 5.83 -1.98 8.94
CA THR A 10 5.36 -0.84 9.71
C THR A 10 6.29 0.33 9.49
N ASP A 11 7.57 0.06 9.46
CA ASP A 11 8.56 1.11 9.26
C ASP A 11 8.50 1.69 7.84
N LYS A 12 8.64 0.83 6.84
CA LYS A 12 8.62 1.28 5.46
C LYS A 12 7.20 1.40 4.93
N LEU A 13 6.40 0.35 5.04
CA LEU A 13 5.03 0.41 4.53
C LEU A 13 4.32 1.63 5.06
N LYS A 14 4.47 1.94 6.35
CA LYS A 14 3.82 3.11 6.91
C LYS A 14 4.38 4.37 6.26
N THR A 15 5.71 4.46 6.23
CA THR A 15 6.37 5.60 5.64
C THR A 15 6.00 5.73 4.17
N LEU A 16 6.14 4.62 3.46
CA LEU A 16 5.83 4.58 2.06
C LEU A 16 4.38 5.00 1.84
N PHE A 17 3.53 4.66 2.81
CA PHE A 17 2.13 5.05 2.71
C PHE A 17 2.01 6.54 2.98
N LEU A 18 2.81 7.05 3.91
CA LEU A 18 2.80 8.47 4.20
C LEU A 18 3.67 9.18 3.18
N ALA A 19 4.16 8.41 2.21
CA ALA A 19 5.01 8.95 1.17
C ALA A 19 4.25 9.04 -0.13
N VAL A 20 2.96 8.75 -0.10
CA VAL A 20 2.17 8.82 -1.32
C VAL A 20 2.45 10.16 -1.98
N GLN A 21 3.02 10.08 -3.17
CA GLN A 21 3.40 11.28 -3.91
C GLN A 21 2.27 11.86 -4.75
N VAL A 22 2.46 13.13 -5.07
CA VAL A 22 1.51 13.89 -5.84
C VAL A 22 2.11 14.28 -7.19
N GLN A 23 1.24 14.43 -8.17
CA GLN A 23 1.63 14.85 -9.50
C GLN A 23 1.14 16.28 -9.71
N ASN A 24 0.29 16.46 -10.71
CA ASN A 24 -0.27 17.78 -10.98
C ASN A 24 -1.70 17.87 -10.46
N GLU A 25 -2.21 19.09 -10.30
CA GLU A 25 -3.57 19.30 -9.80
C GLU A 25 -4.59 18.47 -10.56
N GLU A 26 -4.22 18.05 -11.76
CA GLU A 26 -5.11 17.26 -12.61
C GLU A 26 -5.24 15.84 -12.08
N GLY A 27 -4.16 15.35 -11.51
CA GLY A 27 -4.15 14.00 -10.96
C GLY A 27 -3.07 13.87 -9.89
N LYS A 28 -3.22 14.63 -8.81
CA LYS A 28 -2.23 14.59 -7.73
C LYS A 28 -2.68 13.69 -6.59
N CYS A 29 -1.82 13.54 -5.59
CA CYS A 29 -2.15 12.70 -4.44
C CYS A 29 -1.28 13.06 -3.24
N GLU A 30 -1.90 13.15 -2.07
CA GLU A 30 -1.15 13.46 -0.86
C GLU A 30 -1.72 12.68 0.32
N VAL A 31 -0.85 12.05 1.09
CA VAL A 31 -1.29 11.29 2.24
C VAL A 31 -1.61 12.20 3.43
N THR A 32 -2.67 11.88 4.15
CA THR A 32 -3.05 12.66 5.31
C THR A 32 -2.55 12.00 6.59
N GLU A 33 -2.55 10.65 6.59
CA GLU A 33 -2.09 9.88 7.74
C GLU A 33 -2.34 8.39 7.52
N VAL A 34 -1.42 7.56 8.01
CA VAL A 34 -1.55 6.12 7.89
C VAL A 34 -1.40 5.49 9.26
N SER A 35 -2.26 4.53 9.56
CA SER A 35 -2.21 3.88 10.85
C SER A 35 -1.02 2.92 10.93
N LYS A 36 -1.09 1.86 10.12
CA LYS A 36 -0.06 0.79 10.06
C LYS A 36 -0.78 -0.52 9.83
N LEU A 37 -0.09 -1.47 9.24
CA LEU A 37 -0.66 -2.78 9.00
C LEU A 37 -0.75 -3.56 10.31
N ASP A 38 -1.95 -3.99 10.65
CA ASP A 38 -2.16 -4.76 11.89
C ASP A 38 -2.55 -6.18 11.55
N GLY A 39 -1.66 -7.15 11.81
CA GLY A 39 -1.96 -8.53 11.50
C GLY A 39 -0.83 -9.46 11.88
N GLU A 40 -0.89 -10.67 11.33
CA GLU A 40 0.13 -11.67 11.60
C GLU A 40 0.69 -12.20 10.28
N ALA A 41 1.98 -11.97 10.06
CA ALA A 41 2.62 -12.43 8.83
C ALA A 41 3.51 -13.63 9.10
N SER A 42 3.70 -14.44 8.07
CA SER A 42 4.55 -15.61 8.20
C SER A 42 5.01 -16.09 6.84
N ILE A 43 6.32 -16.32 6.72
CA ILE A 43 6.86 -16.81 5.48
C ILE A 43 7.28 -18.26 5.64
N ASN A 44 7.24 -19.02 4.56
CA ASN A 44 7.63 -20.43 4.62
C ASN A 44 9.14 -20.52 4.55
N ASN A 45 9.68 -21.70 4.88
CA ASN A 45 11.12 -21.94 4.93
C ASN A 45 11.92 -21.03 4.03
N ARG A 46 13.15 -20.80 4.46
CA ARG A 46 14.07 -19.91 3.77
C ARG A 46 15.09 -20.63 2.94
N LYS A 47 15.92 -19.82 2.32
CA LYS A 47 16.98 -20.30 1.48
C LYS A 47 16.41 -20.82 0.16
N GLY A 48 15.40 -20.12 -0.35
CA GLY A 48 14.77 -20.47 -1.63
C GLY A 48 13.40 -21.14 -1.48
N LYS A 49 12.98 -21.43 -0.26
CA LYS A 49 11.66 -22.01 -0.06
C LYS A 49 10.83 -20.97 0.65
N LEU A 50 11.30 -19.73 0.57
CA LEU A 50 10.63 -18.62 1.23
C LEU A 50 9.50 -18.08 0.41
N ILE A 51 8.33 -18.09 1.03
CA ILE A 51 7.14 -17.55 0.37
C ILE A 51 6.43 -16.62 1.32
N PHE A 52 5.71 -15.63 0.79
CA PHE A 52 5.10 -14.63 1.65
C PHE A 52 3.58 -14.67 1.73
N PHE A 53 3.08 -15.29 2.79
CA PHE A 53 1.64 -15.29 3.04
C PHE A 53 1.38 -14.55 4.35
N TYR A 54 0.70 -13.42 4.28
CA TYR A 54 0.42 -12.65 5.49
C TYR A 54 -1.04 -12.17 5.49
N GLU A 55 -1.52 -11.77 6.66
CA GLU A 55 -2.90 -11.31 6.78
C GLU A 55 -2.98 -10.11 7.70
N TRP A 56 -2.68 -8.95 7.14
CA TRP A 56 -2.72 -7.73 7.93
C TRP A 56 -3.61 -6.70 7.25
N SER A 57 -4.59 -6.23 8.01
CA SER A 57 -5.49 -5.23 7.50
C SER A 57 -4.86 -3.85 7.68
N VAL A 58 -4.68 -3.14 6.58
CA VAL A 58 -4.08 -1.80 6.66
C VAL A 58 -5.17 -0.76 6.49
N LYS A 59 -5.09 0.31 7.27
CA LYS A 59 -6.10 1.35 7.20
C LYS A 59 -5.46 2.73 7.12
N LEU A 60 -5.74 3.45 6.03
CA LEU A 60 -5.16 4.77 5.87
C LEU A 60 -6.13 5.73 5.19
N ASN A 61 -5.69 6.97 5.05
CA ASN A 61 -6.49 8.01 4.42
C ASN A 61 -5.59 8.88 3.54
N TRP A 62 -6.14 9.43 2.46
CA TRP A 62 -5.32 10.25 1.57
C TRP A 62 -6.09 11.48 1.07
N THR A 63 -5.38 12.31 0.30
CA THR A 63 -5.96 13.52 -0.26
C THR A 63 -5.60 13.66 -1.73
N GLY A 64 -6.44 14.34 -2.49
CA GLY A 64 -6.18 14.53 -3.91
C GLY A 64 -6.88 15.78 -4.43
N THR A 65 -6.14 16.59 -5.18
CA THR A 65 -6.71 17.80 -5.76
C THR A 65 -7.01 17.57 -7.24
N SER A 66 -8.10 18.13 -7.70
CA SER A 66 -8.49 17.97 -9.10
C SER A 66 -8.34 19.28 -9.86
N LYS A 67 -8.09 19.16 -11.15
CA LYS A 67 -7.96 20.35 -11.98
C LYS A 67 -9.19 21.20 -11.82
N SER A 68 -10.28 20.57 -11.35
CA SER A 68 -11.53 21.26 -11.13
C SER A 68 -11.35 22.34 -10.06
N GLY A 69 -10.36 22.15 -9.20
CA GLY A 69 -10.07 23.10 -8.15
C GLY A 69 -10.61 22.61 -6.81
N VAL A 70 -10.80 21.30 -6.69
CA VAL A 70 -11.33 20.73 -5.46
C VAL A 70 -10.37 19.71 -4.84
N GLN A 71 -10.36 19.70 -3.51
CA GLN A 71 -9.54 18.75 -2.77
C GLN A 71 -10.48 17.70 -2.20
N TYR A 72 -10.02 16.47 -2.16
CA TYR A 72 -10.88 15.41 -1.65
C TYR A 72 -10.07 14.36 -0.92
N LYS A 73 -10.65 13.87 0.15
CA LYS A 73 -10.00 12.86 0.94
C LYS A 73 -10.79 11.57 0.88
N GLY A 74 -10.13 10.52 0.43
CA GLY A 74 -10.76 9.23 0.30
C GLY A 74 -10.25 8.23 1.31
N HIS A 75 -10.69 6.99 1.13
CA HIS A 75 -10.32 5.90 2.03
C HIS A 75 -9.47 4.87 1.32
N VAL A 76 -8.69 4.12 2.09
CA VAL A 76 -7.85 3.07 1.54
C VAL A 76 -7.64 1.99 2.59
N GLU A 77 -8.23 0.83 2.38
CA GLU A 77 -8.11 -0.26 3.34
C GLU A 77 -8.09 -1.62 2.65
N ILE A 78 -7.05 -2.40 2.93
CA ILE A 78 -6.93 -3.74 2.35
C ILE A 78 -6.93 -4.78 3.47
N PRO A 79 -7.98 -5.56 3.60
CA PRO A 79 -8.06 -6.56 4.70
C PRO A 79 -6.93 -7.59 4.71
N ASN A 80 -7.25 -8.77 5.24
CA ASN A 80 -6.30 -9.88 5.37
C ASN A 80 -5.86 -10.46 4.04
N LEU A 81 -5.74 -9.64 3.00
CA LEU A 81 -5.31 -10.15 1.71
C LEU A 81 -3.85 -10.58 1.78
N SER A 82 -3.55 -11.76 1.26
CA SER A 82 -2.18 -12.26 1.29
C SER A 82 -1.31 -11.55 0.26
N ASP A 83 -0.07 -11.28 0.64
CA ASP A 83 0.87 -10.61 -0.25
C ASP A 83 1.47 -11.60 -1.23
N GLU A 84 0.93 -12.81 -1.25
CA GLU A 84 1.43 -13.84 -2.18
C GLU A 84 1.27 -13.30 -3.59
N ASN A 85 0.65 -12.13 -3.65
CA ASN A 85 0.41 -11.44 -4.91
C ASN A 85 0.71 -9.96 -4.75
N SER A 86 0.73 -9.23 -5.86
CA SER A 86 1.01 -7.81 -5.80
C SER A 86 0.00 -7.11 -4.90
N VAL A 87 0.50 -6.33 -3.95
CA VAL A 87 -0.36 -5.61 -3.03
C VAL A 87 -1.33 -4.68 -3.77
N ASP A 88 -0.81 -3.99 -4.77
CA ASP A 88 -1.64 -3.06 -5.53
C ASP A 88 -2.70 -3.78 -6.36
N GLU A 89 -2.36 -4.96 -6.89
CA GLU A 89 -3.34 -5.70 -7.68
C GLU A 89 -4.27 -6.44 -6.73
N VAL A 90 -4.02 -6.24 -5.44
CA VAL A 90 -4.82 -6.87 -4.40
C VAL A 90 -6.09 -6.07 -4.12
N GLU A 91 -6.98 -6.63 -3.31
CA GLU A 91 -8.23 -5.97 -2.99
C GLU A 91 -8.01 -4.83 -2.01
N ILE A 92 -8.24 -3.63 -2.52
CA ILE A 92 -8.07 -2.43 -1.72
C ILE A 92 -9.39 -1.67 -1.66
N SER A 93 -9.70 -1.12 -0.49
CA SER A 93 -10.94 -0.37 -0.34
C SER A 93 -10.70 1.10 -0.64
N VAL A 94 -10.83 1.47 -1.91
CA VAL A 94 -10.60 2.84 -2.33
C VAL A 94 -11.90 3.62 -2.41
N SER A 95 -11.86 4.84 -1.89
CA SER A 95 -13.04 5.71 -1.92
C SER A 95 -12.60 7.14 -2.14
N LEU A 96 -12.25 7.47 -3.38
CA LEU A 96 -11.82 8.82 -3.68
C LEU A 96 -12.40 9.31 -5.01
N ALA A 97 -12.85 10.56 -5.00
CA ALA A 97 -13.42 11.21 -6.18
C ALA A 97 -14.89 10.85 -6.35
N LYS A 98 -15.33 9.78 -5.71
CA LYS A 98 -16.72 9.38 -5.80
C LYS A 98 -17.61 10.51 -5.31
N ASP A 99 -17.09 11.28 -4.38
CA ASP A 99 -17.83 12.41 -3.82
C ASP A 99 -17.45 13.74 -4.48
N GLU A 100 -16.30 13.78 -5.16
CA GLU A 100 -15.87 15.02 -5.80
C GLU A 100 -15.68 14.85 -7.31
N PRO A 101 -15.45 15.94 -8.04
CA PRO A 101 -15.29 15.92 -9.54
C PRO A 101 -13.88 15.54 -10.02
N ASP A 102 -13.23 14.62 -9.32
CA ASP A 102 -11.87 14.21 -9.75
C ASP A 102 -11.93 13.06 -10.74
N THR A 103 -12.86 12.14 -10.51
CA THR A 103 -13.06 10.95 -11.35
C THR A 103 -11.81 10.53 -12.15
N ASN A 104 -11.40 11.34 -13.11
CA ASN A 104 -10.23 11.01 -13.91
C ASN A 104 -9.02 10.76 -13.00
N LEU A 105 -8.94 11.55 -11.93
CA LEU A 105 -7.84 11.43 -10.99
C LEU A 105 -7.81 10.08 -10.29
N VAL A 106 -8.94 9.65 -9.73
CA VAL A 106 -8.99 8.38 -9.04
C VAL A 106 -8.44 7.26 -9.92
N ALA A 107 -8.64 7.41 -11.23
CA ALA A 107 -8.13 6.41 -12.16
C ALA A 107 -6.61 6.41 -12.09
N LEU A 108 -6.03 7.57 -12.26
CA LEU A 108 -4.58 7.68 -12.19
C LEU A 108 -4.10 7.07 -10.88
N MET A 109 -4.79 7.40 -9.80
CA MET A 109 -4.45 6.86 -8.51
C MET A 109 -4.45 5.34 -8.60
N LYS A 110 -5.22 4.84 -9.56
CA LYS A 110 -5.31 3.40 -9.77
C LYS A 110 -3.99 2.87 -10.33
N GLU A 111 -3.30 3.73 -11.06
CA GLU A 111 -2.02 3.33 -11.65
C GLU A 111 -0.86 3.97 -10.88
N GLU A 112 -1.19 4.89 -9.98
CA GLU A 112 -0.18 5.57 -9.18
C GLU A 112 -0.30 5.26 -7.69
N GLY A 113 -1.51 5.45 -7.16
CA GLY A 113 -1.78 5.25 -5.74
C GLY A 113 -1.74 3.78 -5.38
N VAL A 114 -2.81 3.07 -5.71
CA VAL A 114 -2.84 1.66 -5.41
C VAL A 114 -1.53 1.06 -5.87
N LYS A 115 -0.98 1.62 -6.94
CA LYS A 115 0.29 1.17 -7.44
C LYS A 115 1.39 1.54 -6.46
N LEU A 116 1.31 2.74 -5.89
CA LEU A 116 2.30 3.16 -4.92
C LEU A 116 2.49 1.99 -3.96
N LEU A 117 1.37 1.39 -3.59
CA LEU A 117 1.36 0.24 -2.71
C LEU A 117 2.15 -0.89 -3.36
N ARG A 118 2.06 -0.97 -4.68
CA ARG A 118 2.82 -2.00 -5.37
C ARG A 118 4.23 -1.93 -4.85
N GLU A 119 4.67 -0.71 -4.56
CA GLU A 119 6.00 -0.49 -4.03
C GLU A 119 6.08 -1.02 -2.61
N ALA A 120 4.97 -0.93 -1.86
CA ALA A 120 4.98 -1.42 -0.49
C ALA A 120 5.31 -2.92 -0.47
N MET A 121 4.82 -3.63 -1.47
CA MET A 121 5.11 -5.04 -1.58
C MET A 121 6.59 -5.20 -1.92
N GLY A 122 7.12 -4.19 -2.61
CA GLY A 122 8.53 -4.21 -3.02
C GLY A 122 9.47 -4.39 -1.82
N ILE A 123 9.29 -3.56 -0.79
CA ILE A 123 10.15 -3.66 0.39
C ILE A 123 9.76 -4.88 1.22
N TYR A 124 8.46 -5.12 1.29
CA TYR A 124 7.95 -6.25 2.06
C TYR A 124 8.60 -7.53 1.55
N ILE A 125 8.61 -7.67 0.24
CA ILE A 125 9.19 -8.86 -0.38
C ILE A 125 10.70 -8.79 -0.38
N SER A 126 11.24 -7.63 -0.71
CA SER A 126 12.68 -7.47 -0.77
C SER A 126 13.34 -7.37 0.61
N THR A 127 12.90 -6.40 1.41
CA THR A 127 13.52 -6.18 2.72
C THR A 127 13.35 -7.35 3.68
N LEU A 128 12.14 -7.92 3.76
CA LEU A 128 11.94 -9.02 4.70
C LEU A 128 12.51 -10.35 4.21
N LYS A 129 12.29 -10.69 2.94
CA LYS A 129 12.80 -11.97 2.44
C LYS A 129 14.31 -11.96 2.27
N THR A 130 14.85 -10.89 1.69
CA THR A 130 16.29 -10.83 1.49
C THR A 130 16.99 -10.89 2.84
N GLU A 131 16.41 -10.23 3.83
CA GLU A 131 16.96 -10.23 5.17
C GLU A 131 16.69 -11.54 5.89
N PHE A 132 15.48 -12.07 5.77
CA PHE A 132 15.16 -13.32 6.47
C PHE A 132 16.07 -14.45 5.98
N THR A 133 16.04 -14.76 4.68
CA THR A 133 16.91 -15.80 4.16
C THR A 133 18.33 -15.28 4.08
N GLN A 134 18.47 -13.97 4.30
CA GLN A 134 19.78 -13.35 4.26
C GLN A 134 20.44 -13.59 2.92
N GLY A 135 19.63 -13.61 1.86
CA GLY A 135 20.14 -13.84 0.52
C GLY A 135 21.00 -15.11 0.47
#